data_1WFI
#
_entry.id   1WFI
#
_entity_poly.entity_id   1
_entity_poly.type   'polypeptide(L)'
_entity_poly.pdbx_seq_one_letter_code
;GSSGSSGPNYRWTQTLAELDLAVPFRVSFRLKGKDVVVDIQRRHLRVGLKGQPPVVDGELYNEVKVEESSWLIEDGKVVT
VHLEKINKMEWWNRLVTSDPEINTKKINPENSKLSDLDSETRSMVSGPSSG
;
_entity_poly.pdbx_strand_id   A
#
# COMPACT_ATOMS: atom_id res chain seq x y z
N GLY A 1 -12.09 0.01 -2.15
CA GLY A 1 -11.96 -1.38 -2.58
C GLY A 1 -13.27 -2.14 -2.44
N SER A 2 -13.25 -3.39 -2.87
CA SER A 2 -14.44 -4.23 -2.80
C SER A 2 -15.57 -3.60 -3.61
N SER A 3 -15.65 -4.01 -4.86
CA SER A 3 -16.69 -3.48 -5.75
C SER A 3 -17.48 -4.64 -6.37
N GLY A 4 -16.74 -5.55 -7.00
CA GLY A 4 -17.36 -6.70 -7.64
C GLY A 4 -16.46 -7.27 -8.74
N SER A 5 -16.07 -6.40 -9.65
CA SER A 5 -15.22 -6.79 -10.76
C SER A 5 -13.80 -6.25 -10.54
N SER A 6 -12.82 -7.08 -10.88
CA SER A 6 -11.43 -6.68 -10.74
C SER A 6 -11.06 -6.59 -9.25
N GLY A 7 -9.78 -6.70 -8.99
CA GLY A 7 -9.27 -6.63 -7.62
C GLY A 7 -8.08 -5.68 -7.52
N PRO A 8 -7.69 -5.39 -6.24
CA PRO A 8 -6.56 -4.51 -6.00
C PRO A 8 -5.24 -5.22 -6.29
N ASN A 9 -4.17 -4.64 -5.76
CA ASN A 9 -2.84 -5.19 -5.94
C ASN A 9 -2.08 -5.14 -4.63
N TYR A 10 -2.15 -3.98 -3.98
CA TYR A 10 -1.47 -3.78 -2.71
C TYR A 10 -2.47 -3.43 -1.61
N ARG A 11 -2.07 -3.72 -0.39
CA ARG A 11 -2.91 -3.44 0.77
C ARG A 11 -2.64 -2.03 1.30
N TRP A 12 -3.71 -1.38 1.72
CA TRP A 12 -3.61 -0.03 2.24
C TRP A 12 -4.84 0.24 3.11
N THR A 13 -4.73 1.27 3.95
CA THR A 13 -5.82 1.64 4.82
C THR A 13 -5.64 3.08 5.32
N GLN A 14 -6.10 3.31 6.54
CA GLN A 14 -6.00 4.64 7.14
C GLN A 14 -6.66 4.64 8.51
N THR A 15 -6.77 5.84 9.07
CA THR A 15 -7.37 6.01 10.38
C THR A 15 -7.80 7.46 10.60
N LEU A 16 -8.63 7.95 9.68
CA LEU A 16 -9.11 9.31 9.75
C LEU A 16 -7.98 10.22 10.24
N ALA A 17 -6.76 9.83 9.89
CA ALA A 17 -5.59 10.60 10.28
C ALA A 17 -4.42 10.24 9.36
N GLU A 18 -3.72 9.17 9.74
CA GLU A 18 -2.58 8.71 8.97
C GLU A 18 -3.01 7.58 8.04
N LEU A 19 -2.24 7.42 6.97
CA LEU A 19 -2.51 6.37 5.99
C LEU A 19 -1.48 5.26 6.13
N ASP A 20 -1.79 4.12 5.52
CA ASP A 20 -0.91 2.97 5.57
C ASP A 20 -0.98 2.23 4.24
N LEU A 21 0.20 1.97 3.68
CA LEU A 21 0.30 1.25 2.42
C LEU A 21 1.26 0.08 2.57
N ALA A 22 0.95 -1.00 1.87
CA ALA A 22 1.79 -2.18 1.91
C ALA A 22 1.79 -2.84 0.53
N VAL A 23 2.99 -3.16 0.07
CA VAL A 23 3.15 -3.79 -1.23
C VAL A 23 4.10 -4.98 -1.10
N PRO A 24 3.51 -6.20 -1.16
CA PRO A 24 4.30 -7.42 -1.05
C PRO A 24 5.07 -7.70 -2.34
N PHE A 25 6.21 -8.35 -2.19
CA PHE A 25 7.04 -8.68 -3.33
C PHE A 25 7.55 -10.13 -3.24
N ARG A 26 7.68 -10.74 -4.41
CA ARG A 26 8.14 -12.12 -4.48
C ARG A 26 9.68 -12.15 -4.60
N VAL A 27 10.33 -12.08 -3.45
CA VAL A 27 11.78 -12.11 -3.41
C VAL A 27 12.24 -13.27 -2.54
N SER A 28 13.53 -13.55 -2.63
CA SER A 28 14.12 -14.63 -1.84
C SER A 28 15.16 -14.08 -0.87
N PHE A 29 15.18 -12.76 -0.77
CA PHE A 29 16.12 -12.10 0.12
C PHE A 29 15.43 -10.97 0.90
N ARG A 30 16.20 -10.35 1.79
CA ARG A 30 15.69 -9.26 2.60
C ARG A 30 15.99 -7.92 1.92
N LEU A 31 15.03 -7.44 1.16
CA LEU A 31 15.18 -6.18 0.46
C LEU A 31 15.62 -5.11 1.46
N LYS A 32 16.55 -4.27 1.02
CA LYS A 32 17.06 -3.20 1.85
C LYS A 32 16.56 -1.86 1.33
N GLY A 33 16.76 -0.82 2.13
CA GLY A 33 16.33 0.51 1.75
C GLY A 33 17.27 1.12 0.71
N LYS A 34 17.49 0.35 -0.36
CA LYS A 34 18.35 0.80 -1.43
C LYS A 34 17.78 0.33 -2.78
N ASP A 35 17.39 -0.92 -2.80
CA ASP A 35 16.82 -1.50 -4.01
C ASP A 35 15.30 -1.33 -4.00
N VAL A 36 14.85 -0.34 -3.23
CA VAL A 36 13.44 -0.05 -3.11
C VAL A 36 13.15 1.29 -3.79
N VAL A 37 11.86 1.58 -3.92
CA VAL A 37 11.42 2.83 -4.53
C VAL A 37 10.17 3.33 -3.83
N VAL A 38 10.30 4.49 -3.20
CA VAL A 38 9.18 5.09 -2.49
C VAL A 38 9.20 6.61 -2.69
N ASP A 39 8.28 7.07 -3.51
CA ASP A 39 8.18 8.50 -3.80
C ASP A 39 6.95 9.07 -3.10
N ILE A 40 7.11 9.34 -1.81
CA ILE A 40 6.02 9.88 -1.02
C ILE A 40 5.89 11.38 -1.31
N GLN A 41 4.99 11.70 -2.24
CA GLN A 41 4.76 13.09 -2.62
C GLN A 41 3.56 13.65 -1.86
N ARG A 42 3.35 14.94 -2.02
CA ARG A 42 2.25 15.61 -1.36
C ARG A 42 0.91 15.02 -1.83
N ARG A 43 0.78 14.91 -3.14
CA ARG A 43 -0.44 14.36 -3.72
C ARG A 43 -0.09 13.28 -4.75
N HIS A 44 0.74 12.35 -4.33
CA HIS A 44 1.15 11.26 -5.19
C HIS A 44 1.99 10.25 -4.40
N LEU A 45 1.60 8.99 -4.51
CA LEU A 45 2.30 7.93 -3.81
C LEU A 45 2.83 6.92 -4.82
N ARG A 46 4.14 6.95 -5.01
CA ARG A 46 4.79 6.05 -5.94
C ARG A 46 5.68 5.06 -5.20
N VAL A 47 5.35 3.78 -5.35
CA VAL A 47 6.13 2.73 -4.70
C VAL A 47 6.52 1.68 -5.73
N GLY A 48 7.56 0.93 -5.40
CA GLY A 48 8.05 -0.12 -6.28
C GLY A 48 9.47 -0.52 -5.91
N LEU A 49 10.00 -1.47 -6.68
CA LEU A 49 11.35 -1.95 -6.45
C LEU A 49 12.28 -1.39 -7.52
N LYS A 50 13.43 -0.89 -7.06
CA LYS A 50 14.40 -0.32 -7.96
C LYS A 50 14.57 -1.24 -9.18
N GLY A 51 14.40 -0.65 -10.35
CA GLY A 51 14.53 -1.41 -11.59
C GLY A 51 13.19 -2.04 -11.99
N GLN A 52 12.39 -2.32 -10.98
CA GLN A 52 11.08 -2.93 -11.21
C GLN A 52 10.02 -1.84 -11.38
N PRO A 53 8.81 -2.28 -11.81
CA PRO A 53 7.70 -1.37 -12.02
C PRO A 53 7.09 -0.93 -10.69
N PRO A 54 6.70 0.37 -10.63
CA PRO A 54 6.11 0.93 -9.43
C PRO A 54 4.67 0.44 -9.26
N VAL A 55 4.49 -0.42 -8.26
CA VAL A 55 3.17 -0.97 -7.98
C VAL A 55 2.19 0.18 -7.73
N VAL A 56 2.71 1.25 -7.17
CA VAL A 56 1.90 2.42 -6.88
C VAL A 56 2.41 3.61 -7.69
N ASP A 57 1.47 4.35 -8.26
CA ASP A 57 1.81 5.51 -9.06
C ASP A 57 0.53 6.23 -9.48
N GLY A 58 0.19 7.26 -8.71
CA GLY A 58 -1.01 8.03 -9.00
C GLY A 58 -1.16 9.17 -7.99
N GLU A 59 -2.03 10.11 -8.34
CA GLU A 59 -2.28 11.25 -7.49
C GLU A 59 -3.16 10.85 -6.30
N LEU A 60 -2.60 11.01 -5.11
CA LEU A 60 -3.32 10.67 -3.90
C LEU A 60 -4.70 11.33 -3.91
N TYR A 61 -5.54 10.91 -2.97
CA TYR A 61 -6.88 11.46 -2.88
C TYR A 61 -6.86 12.89 -2.35
N ASN A 62 -5.71 13.28 -1.82
CA ASN A 62 -5.54 14.61 -1.28
C ASN A 62 -4.11 14.78 -0.75
N GLU A 63 -3.71 16.03 -0.60
CA GLU A 63 -2.37 16.33 -0.10
C GLU A 63 -2.09 15.54 1.18
N VAL A 64 -0.82 15.24 1.39
CA VAL A 64 -0.40 14.50 2.57
C VAL A 64 1.01 14.95 2.97
N LYS A 65 1.17 15.15 4.27
CA LYS A 65 2.47 15.56 4.80
C LYS A 65 3.53 14.53 4.44
N VAL A 66 4.36 14.89 3.47
CA VAL A 66 5.42 14.00 3.03
C VAL A 66 6.60 14.09 4.00
N GLU A 67 6.81 15.28 4.52
CA GLU A 67 7.89 15.51 5.46
C GLU A 67 7.76 14.58 6.66
N GLU A 68 6.51 14.23 6.97
CA GLU A 68 6.24 13.34 8.08
C GLU A 68 5.87 11.94 7.58
N SER A 69 6.41 11.61 6.42
CA SER A 69 6.14 10.31 5.81
C SER A 69 7.20 9.30 6.28
N SER A 70 7.01 8.06 5.84
CA SER A 70 7.92 6.99 6.20
C SER A 70 7.55 5.71 5.45
N TRP A 71 8.45 4.74 5.52
CA TRP A 71 8.23 3.47 4.85
C TRP A 71 9.29 2.48 5.36
N LEU A 72 8.95 1.20 5.27
CA LEU A 72 9.86 0.15 5.70
C LEU A 72 9.62 -1.10 4.88
N ILE A 73 10.46 -2.10 5.11
CA ILE A 73 10.35 -3.36 4.40
C ILE A 73 9.96 -4.46 5.37
N GLU A 74 8.72 -4.94 5.23
CA GLU A 74 8.21 -5.99 6.09
C GLU A 74 8.62 -7.36 5.54
N ASP A 75 8.96 -8.25 6.46
CA ASP A 75 9.36 -9.60 6.09
C ASP A 75 10.48 -9.52 5.05
N GLY A 76 11.18 -8.39 5.06
CA GLY A 76 12.27 -8.18 4.14
C GLY A 76 11.84 -8.47 2.70
N LYS A 77 10.66 -7.97 2.36
CA LYS A 77 10.13 -8.17 1.02
C LYS A 77 8.98 -7.19 0.78
N VAL A 78 8.01 -7.22 1.69
CA VAL A 78 6.86 -6.34 1.59
C VAL A 78 7.29 -4.91 1.91
N VAL A 79 6.89 -4.00 1.02
CA VAL A 79 7.23 -2.60 1.19
C VAL A 79 6.03 -1.85 1.76
N THR A 80 6.21 -1.32 2.96
CA THR A 80 5.14 -0.58 3.62
C THR A 80 5.45 0.92 3.61
N VAL A 81 4.42 1.70 3.34
CA VAL A 81 4.57 3.15 3.31
C VAL A 81 3.64 3.78 4.34
N HIS A 82 4.13 4.85 4.95
CA HIS A 82 3.35 5.54 5.96
C HIS A 82 3.03 6.97 5.48
N LEU A 83 1.76 7.18 5.17
CA LEU A 83 1.33 8.48 4.69
C LEU A 83 0.62 9.22 5.83
N GLU A 84 0.73 10.54 5.79
CA GLU A 84 0.11 11.38 6.81
C GLU A 84 -0.75 12.46 6.15
N LYS A 85 -1.98 12.57 6.64
CA LYS A 85 -2.90 13.56 6.11
C LYS A 85 -2.49 14.95 6.59
N ILE A 86 -2.92 15.95 5.84
CA ILE A 86 -2.59 17.33 6.17
C ILE A 86 -3.58 17.83 7.25
N ASN A 87 -4.79 17.30 7.17
CA ASN A 87 -5.82 17.68 8.12
C ASN A 87 -5.96 16.59 9.19
N LYS A 88 -5.89 15.34 8.73
CA LYS A 88 -6.01 14.20 9.62
C LYS A 88 -7.44 14.15 10.17
N MET A 89 -8.40 14.28 9.28
CA MET A 89 -9.79 14.25 9.66
C MET A 89 -10.70 14.12 8.43
N GLU A 90 -10.32 13.23 7.53
CA GLU A 90 -11.08 13.01 6.33
C GLU A 90 -10.92 11.57 5.85
N TRP A 91 -12.05 10.98 5.48
CA TRP A 91 -12.06 9.60 5.01
C TRP A 91 -11.80 9.61 3.50
N TRP A 92 -10.88 8.75 3.09
CA TRP A 92 -10.52 8.66 1.68
C TRP A 92 -11.36 7.55 1.06
N ASN A 93 -11.80 7.79 -0.16
CA ASN A 93 -12.61 6.82 -0.88
C ASN A 93 -11.73 6.05 -1.86
N ARG A 94 -10.47 6.44 -1.90
CA ARG A 94 -9.51 5.79 -2.79
C ARG A 94 -8.09 6.25 -2.45
N LEU A 95 -7.14 5.35 -2.69
CA LEU A 95 -5.75 5.63 -2.42
C LEU A 95 -5.26 6.73 -3.38
N VAL A 96 -5.46 6.47 -4.66
CA VAL A 96 -5.04 7.42 -5.69
C VAL A 96 -6.24 7.74 -6.58
N THR A 97 -6.25 8.97 -7.08
CA THR A 97 -7.32 9.42 -7.94
C THR A 97 -7.22 8.75 -9.32
N SER A 98 -5.99 8.49 -9.72
CA SER A 98 -5.74 7.86 -11.00
C SER A 98 -4.84 6.63 -10.82
N ASP A 99 -5.45 5.46 -10.97
CA ASP A 99 -4.72 4.21 -10.82
C ASP A 99 -3.39 4.30 -11.58
N PRO A 100 -2.46 3.38 -11.23
CA PRO A 100 -1.16 3.36 -11.87
C PRO A 100 -1.25 2.76 -13.28
N GLU A 101 -1.18 1.44 -13.34
CA GLU A 101 -1.25 0.75 -14.61
C GLU A 101 -2.01 -0.58 -14.45
N ILE A 102 -1.26 -1.61 -14.13
CA ILE A 102 -1.85 -2.93 -13.94
C ILE A 102 -2.31 -3.08 -12.49
N ASN A 103 -2.99 -4.19 -12.24
CA ASN A 103 -3.50 -4.46 -10.90
C ASN A 103 -3.13 -5.89 -10.51
N THR A 104 -2.03 -6.36 -11.05
CA THR A 104 -1.57 -7.71 -10.78
C THR A 104 -2.71 -8.71 -10.91
N LYS A 105 -2.45 -9.94 -10.47
CA LYS A 105 -3.45 -10.99 -10.55
C LYS A 105 -4.19 -11.07 -9.20
N LYS A 106 -5.13 -12.00 -9.15
CA LYS A 106 -5.92 -12.18 -7.94
C LYS A 106 -4.98 -12.20 -6.73
N ILE A 107 -5.59 -12.11 -5.55
CA ILE A 107 -4.82 -12.10 -4.31
C ILE A 107 -3.70 -13.14 -4.42
N ASN A 108 -4.04 -14.37 -4.11
CA ASN A 108 -3.06 -15.45 -4.16
C ASN A 108 -2.52 -15.58 -5.58
N PRO A 109 -1.17 -15.63 -5.68
CA PRO A 109 -0.52 -15.76 -6.98
C PRO A 109 -0.65 -17.18 -7.52
N GLU A 110 -0.04 -18.11 -6.81
CA GLU A 110 -0.07 -19.51 -7.21
C GLU A 110 0.67 -20.37 -6.19
N ASN A 111 -0.08 -21.25 -5.55
CA ASN A 111 0.50 -22.14 -4.56
C ASN A 111 0.16 -23.58 -4.92
N SER A 112 0.63 -23.99 -6.10
CA SER A 112 0.40 -25.34 -6.58
C SER A 112 1.73 -26.07 -6.75
N LYS A 113 2.70 -25.65 -5.95
CA LYS A 113 4.02 -26.26 -6.00
C LYS A 113 4.29 -26.99 -4.69
N LEU A 114 5.47 -27.59 -4.62
CA LEU A 114 5.88 -28.32 -3.42
C LEU A 114 7.29 -27.89 -3.02
N SER A 115 7.35 -27.15 -1.92
CA SER A 115 8.62 -26.67 -1.42
C SER A 115 9.67 -27.79 -1.48
N ASP A 116 10.59 -27.65 -2.42
CA ASP A 116 11.63 -28.64 -2.59
C ASP A 116 12.67 -28.10 -3.59
N LEU A 117 13.57 -27.29 -3.07
CA LEU A 117 14.62 -26.72 -3.90
C LEU A 117 15.88 -26.51 -3.06
N ASP A 118 16.92 -26.00 -3.71
CA ASP A 118 18.18 -25.76 -3.03
C ASP A 118 19.07 -24.90 -3.92
N SER A 119 19.49 -23.77 -3.38
CA SER A 119 20.36 -22.85 -4.11
C SER A 119 20.62 -21.59 -3.28
N GLU A 120 21.90 -21.30 -3.10
CA GLU A 120 22.30 -20.14 -2.34
C GLU A 120 23.26 -19.27 -3.15
N THR A 121 24.19 -18.65 -2.44
CA THR A 121 25.17 -17.80 -3.08
C THR A 121 26.23 -17.34 -2.07
N ARG A 122 27.30 -16.77 -2.60
CA ARG A 122 28.38 -16.28 -1.76
C ARG A 122 29.56 -15.81 -2.62
N SER A 123 29.85 -14.52 -2.49
CA SER A 123 30.94 -13.93 -3.25
C SER A 123 31.10 -12.45 -2.87
N MET A 124 32.16 -11.86 -3.39
CA MET A 124 32.44 -10.45 -3.11
C MET A 124 32.74 -9.69 -4.40
N VAL A 125 32.78 -8.37 -4.28
CA VAL A 125 33.04 -7.52 -5.42
C VAL A 125 33.66 -6.20 -4.94
N SER A 126 34.89 -5.98 -5.35
CA SER A 126 35.59 -4.76 -4.97
C SER A 126 35.57 -3.76 -6.12
N GLY A 127 35.75 -2.49 -5.76
CA GLY A 127 35.74 -1.43 -6.75
C GLY A 127 37.08 -0.67 -6.75
N PRO A 128 37.96 -1.06 -7.70
CA PRO A 128 39.27 -0.43 -7.82
C PRO A 128 39.15 0.97 -8.44
N SER A 129 40.29 1.64 -8.51
CA SER A 129 40.32 2.99 -9.08
C SER A 129 41.06 2.97 -10.42
N SER A 130 41.08 4.12 -11.07
CA SER A 130 41.74 4.24 -12.36
C SER A 130 42.34 5.64 -12.49
N GLY A 131 43.10 5.83 -13.56
CA GLY A 131 43.74 7.10 -13.82
C GLY A 131 45.23 6.92 -14.12
N GLY A 1 -9.35 -19.67 -14.77
CA GLY A 1 -8.84 -18.36 -14.42
C GLY A 1 -9.95 -17.49 -13.82
N SER A 2 -9.56 -16.71 -12.82
CA SER A 2 -10.51 -15.82 -12.15
C SER A 2 -9.77 -14.62 -11.55
N SER A 3 -10.42 -13.47 -11.60
CA SER A 3 -9.84 -12.26 -11.07
C SER A 3 -10.23 -12.10 -9.60
N GLY A 4 -9.39 -11.38 -8.87
CA GLY A 4 -9.64 -11.15 -7.45
C GLY A 4 -9.10 -12.30 -6.60
N SER A 5 -8.19 -11.95 -5.71
CA SER A 5 -7.59 -12.94 -4.83
C SER A 5 -7.10 -12.27 -3.54
N SER A 6 -8.06 -11.92 -2.70
CA SER A 6 -7.76 -11.27 -1.43
C SER A 6 -6.93 -10.01 -1.67
N GLY A 7 -7.61 -8.87 -1.60
CA GLY A 7 -6.95 -7.60 -1.81
C GLY A 7 -6.31 -7.54 -3.20
N PRO A 8 -6.04 -6.28 -3.65
CA PRO A 8 -5.43 -6.06 -4.95
C PRO A 8 -3.93 -6.40 -4.92
N ASN A 9 -3.24 -5.92 -5.93
CA ASN A 9 -1.80 -6.16 -6.03
C ASN A 9 -1.12 -5.73 -4.73
N TYR A 10 -1.72 -4.73 -4.08
CA TYR A 10 -1.19 -4.22 -2.83
C TYR A 10 -2.31 -3.84 -1.86
N ARG A 11 -1.94 -3.72 -0.61
CA ARG A 11 -2.91 -3.36 0.42
C ARG A 11 -2.70 -1.91 0.87
N TRP A 12 -3.81 -1.24 1.16
CA TRP A 12 -3.76 0.14 1.59
C TRP A 12 -4.98 0.40 2.48
N THR A 13 -4.71 1.01 3.63
CA THR A 13 -5.76 1.32 4.57
C THR A 13 -5.57 2.72 5.15
N GLN A 14 -6.27 2.99 6.25
CA GLN A 14 -6.19 4.28 6.90
C GLN A 14 -7.07 4.30 8.16
N THR A 15 -6.79 5.26 9.01
CA THR A 15 -7.55 5.41 10.25
C THR A 15 -8.19 6.79 10.33
N LEU A 16 -8.60 7.29 9.17
CA LEU A 16 -9.22 8.60 9.10
C LEU A 16 -8.23 9.66 9.59
N ALA A 17 -6.97 9.26 9.65
CA ALA A 17 -5.92 10.16 10.10
C ALA A 17 -4.62 9.83 9.36
N GLU A 18 -4.24 8.56 9.44
CA GLU A 18 -3.03 8.10 8.79
C GLU A 18 -3.36 7.11 7.67
N LEU A 19 -2.42 6.96 6.75
CA LEU A 19 -2.60 6.04 5.64
C LEU A 19 -1.53 4.95 5.70
N ASP A 20 -1.98 3.71 5.62
CA ASP A 20 -1.07 2.58 5.67
C ASP A 20 -1.07 1.88 4.31
N LEU A 21 0.12 1.64 3.80
CA LEU A 21 0.26 0.99 2.51
C LEU A 21 1.36 -0.08 2.61
N ALA A 22 1.14 -1.18 1.90
CA ALA A 22 2.09 -2.27 1.89
C ALA A 22 2.11 -2.93 0.52
N VAL A 23 3.31 -3.25 0.07
CA VAL A 23 3.48 -3.88 -1.24
C VAL A 23 4.47 -5.04 -1.11
N PRO A 24 3.90 -6.28 -1.08
CA PRO A 24 4.71 -7.48 -0.97
C PRO A 24 5.42 -7.79 -2.29
N PHE A 25 6.65 -8.27 -2.18
CA PHE A 25 7.44 -8.61 -3.34
C PHE A 25 7.94 -10.05 -3.26
N ARG A 26 8.09 -10.66 -4.44
CA ARG A 26 8.56 -12.03 -4.51
C ARG A 26 10.08 -12.07 -4.40
N VAL A 27 10.55 -12.14 -3.16
CA VAL A 27 11.98 -12.18 -2.90
C VAL A 27 12.27 -13.29 -1.89
N SER A 28 13.55 -13.66 -1.82
CA SER A 28 13.98 -14.69 -0.90
C SER A 28 14.93 -14.12 0.14
N PHE A 29 15.02 -12.79 0.14
CA PHE A 29 15.89 -12.11 1.08
C PHE A 29 15.20 -10.89 1.68
N ARG A 30 15.94 -10.17 2.51
CA ARG A 30 15.40 -8.98 3.15
C ARG A 30 15.70 -7.75 2.30
N LEU A 31 14.70 -7.33 1.54
CA LEU A 31 14.83 -6.16 0.68
C LEU A 31 15.22 -4.95 1.54
N LYS A 32 16.12 -4.14 0.98
CA LYS A 32 16.59 -2.95 1.68
C LYS A 32 15.89 -1.73 1.10
N GLY A 33 16.34 -0.56 1.53
CA GLY A 33 15.78 0.70 1.05
C GLY A 33 16.60 1.27 -0.10
N LYS A 34 17.27 0.37 -0.81
CA LYS A 34 18.10 0.79 -1.93
C LYS A 34 17.58 0.12 -3.20
N ASP A 35 17.15 -1.12 -3.06
CA ASP A 35 16.64 -1.89 -4.18
C ASP A 35 15.12 -1.68 -4.27
N VAL A 36 14.70 -0.46 -3.95
CA VAL A 36 13.29 -0.13 -3.99
C VAL A 36 13.13 1.34 -4.38
N VAL A 37 11.91 1.70 -4.74
CA VAL A 37 11.61 3.07 -5.14
C VAL A 37 10.31 3.52 -4.49
N VAL A 38 10.44 4.21 -3.38
CA VAL A 38 9.28 4.70 -2.65
C VAL A 38 9.29 6.22 -2.64
N ASP A 39 8.50 6.80 -3.53
CA ASP A 39 8.41 8.25 -3.64
C ASP A 39 7.16 8.73 -2.92
N ILE A 40 7.39 9.42 -1.80
CA ILE A 40 6.29 9.94 -1.01
C ILE A 40 6.18 11.45 -1.23
N GLN A 41 5.34 11.82 -2.18
CA GLN A 41 5.13 13.21 -2.50
C GLN A 41 3.93 13.77 -1.73
N ARG A 42 3.77 15.08 -1.80
CA ARG A 42 2.68 15.73 -1.11
C ARG A 42 1.33 15.18 -1.58
N ARG A 43 1.17 15.12 -2.89
CA ARG A 43 -0.05 14.60 -3.47
C ARG A 43 0.28 13.61 -4.60
N HIS A 44 1.12 12.64 -4.26
CA HIS A 44 1.52 11.64 -5.22
C HIS A 44 2.36 10.56 -4.52
N LEU A 45 2.07 9.31 -4.87
CA LEU A 45 2.78 8.19 -4.29
C LEU A 45 3.32 7.30 -5.40
N ARG A 46 4.53 6.80 -5.19
CA ARG A 46 5.17 5.94 -6.17
C ARG A 46 6.01 4.87 -5.46
N VAL A 47 5.50 3.64 -5.51
CA VAL A 47 6.18 2.52 -4.88
C VAL A 47 6.50 1.46 -5.94
N GLY A 48 7.59 0.75 -5.71
CA GLY A 48 8.01 -0.29 -6.64
C GLY A 48 9.51 -0.59 -6.48
N LEU A 49 9.91 -1.70 -7.07
CA LEU A 49 11.31 -2.11 -7.00
C LEU A 49 12.09 -1.41 -8.10
N LYS A 50 13.30 -0.98 -7.74
CA LYS A 50 14.16 -0.28 -8.69
C LYS A 50 14.13 -1.02 -10.03
N GLY A 51 13.83 -0.27 -11.08
CA GLY A 51 13.78 -0.85 -12.42
C GLY A 51 12.41 -1.50 -12.67
N GLN A 52 11.93 -2.20 -11.65
CA GLN A 52 10.64 -2.87 -11.76
C GLN A 52 9.52 -1.84 -11.86
N PRO A 53 8.30 -2.36 -12.21
CA PRO A 53 7.14 -1.50 -12.34
C PRO A 53 6.61 -1.09 -10.96
N PRO A 54 6.26 0.22 -10.85
CA PRO A 54 5.73 0.74 -9.59
C PRO A 54 4.29 0.30 -9.38
N VAL A 55 4.10 -0.57 -8.40
CA VAL A 55 2.78 -1.08 -8.09
C VAL A 55 1.86 0.10 -7.78
N VAL A 56 2.42 1.10 -7.13
CA VAL A 56 1.66 2.29 -6.77
C VAL A 56 2.19 3.49 -7.55
N ASP A 57 1.26 4.20 -8.18
CA ASP A 57 1.63 5.37 -8.96
C ASP A 57 0.35 6.11 -9.40
N GLY A 58 0.10 7.22 -8.74
CA GLY A 58 -1.08 8.03 -9.04
C GLY A 58 -1.18 9.23 -8.11
N GLU A 59 -2.14 10.10 -8.42
CA GLU A 59 -2.35 11.29 -7.62
C GLU A 59 -3.24 10.97 -6.41
N LEU A 60 -2.67 11.19 -5.23
CA LEU A 60 -3.40 10.94 -4.00
C LEU A 60 -4.67 11.77 -3.98
N TYR A 61 -5.56 11.42 -3.05
CA TYR A 61 -6.83 12.14 -2.91
C TYR A 61 -6.59 13.56 -2.43
N ASN A 62 -5.62 13.70 -1.55
CA ASN A 62 -5.28 15.01 -1.00
C ASN A 62 -3.80 15.05 -0.63
N GLU A 63 -3.39 16.18 -0.08
CA GLU A 63 -2.01 16.36 0.32
C GLU A 63 -1.72 15.57 1.61
N VAL A 64 -0.47 15.19 1.76
CA VAL A 64 -0.05 14.42 2.94
C VAL A 64 1.35 14.87 3.35
N LYS A 65 1.50 15.10 4.65
CA LYS A 65 2.78 15.53 5.18
C LYS A 65 3.86 14.52 4.81
N VAL A 66 4.66 14.88 3.82
CA VAL A 66 5.73 14.02 3.36
C VAL A 66 6.91 14.12 4.31
N GLU A 67 6.96 15.23 5.04
CA GLU A 67 8.03 15.45 5.99
C GLU A 67 7.87 14.53 7.20
N GLU A 68 6.65 14.08 7.40
CA GLU A 68 6.36 13.19 8.51
C GLU A 68 6.08 11.78 8.00
N SER A 69 6.07 11.65 6.68
CA SER A 69 5.81 10.37 6.05
C SER A 69 7.06 9.48 6.14
N SER A 70 6.83 8.21 6.40
CA SER A 70 7.93 7.26 6.51
C SER A 70 7.47 5.88 6.02
N TRP A 71 8.38 5.22 5.31
CA TRP A 71 8.08 3.89 4.78
C TRP A 71 9.18 2.94 5.24
N LEU A 72 8.86 1.65 5.20
CA LEU A 72 9.81 0.63 5.63
C LEU A 72 9.48 -0.68 4.92
N ILE A 73 10.35 -1.66 5.12
CA ILE A 73 10.16 -2.97 4.51
C ILE A 73 9.97 -4.01 5.62
N GLU A 74 8.72 -4.45 5.77
CA GLU A 74 8.40 -5.44 6.77
C GLU A 74 8.93 -6.81 6.36
N ASP A 75 9.56 -7.48 7.33
CA ASP A 75 10.12 -8.80 7.07
C ASP A 75 10.94 -8.77 5.79
N GLY A 76 11.41 -7.57 5.45
CA GLY A 76 12.21 -7.39 4.25
C GLY A 76 11.61 -8.18 3.08
N LYS A 77 10.31 -8.03 2.90
CA LYS A 77 9.62 -8.71 1.83
C LYS A 77 8.61 -7.76 1.18
N VAL A 78 7.86 -7.08 2.04
CA VAL A 78 6.86 -6.13 1.56
C VAL A 78 7.26 -4.72 1.98
N VAL A 79 7.02 -3.78 1.08
CA VAL A 79 7.35 -2.39 1.34
C VAL A 79 6.12 -1.68 1.93
N THR A 80 6.26 -1.28 3.19
CA THR A 80 5.18 -0.58 3.88
C THR A 80 5.39 0.93 3.81
N VAL A 81 4.32 1.63 3.48
CA VAL A 81 4.35 3.07 3.37
C VAL A 81 3.33 3.68 4.34
N HIS A 82 3.78 4.69 5.07
CA HIS A 82 2.91 5.36 6.02
C HIS A 82 2.79 6.84 5.64
N LEU A 83 1.64 7.18 5.10
CA LEU A 83 1.38 8.55 4.70
C LEU A 83 0.69 9.30 5.84
N GLU A 84 1.21 10.49 6.12
CA GLU A 84 0.66 11.31 7.18
C GLU A 84 -0.18 12.45 6.60
N LYS A 85 -1.49 12.28 6.68
CA LYS A 85 -2.42 13.27 6.18
C LYS A 85 -2.04 14.65 6.73
N ILE A 86 -2.44 15.67 5.98
CA ILE A 86 -2.14 17.04 6.39
C ILE A 86 -3.05 17.44 7.54
N ASN A 87 -4.35 17.47 7.25
CA ASN A 87 -5.34 17.84 8.25
C ASN A 87 -5.81 16.57 8.97
N LYS A 88 -5.50 15.44 8.37
CA LYS A 88 -5.88 14.15 8.95
C LYS A 88 -7.36 14.21 9.36
N MET A 89 -8.10 15.08 8.70
CA MET A 89 -9.51 15.26 8.99
C MET A 89 -10.36 15.07 7.73
N GLU A 90 -10.06 14.01 7.00
CA GLU A 90 -10.78 13.71 5.77
C GLU A 90 -10.71 12.22 5.46
N TRP A 91 -11.80 11.70 4.91
CA TRP A 91 -11.88 10.29 4.56
C TRP A 91 -11.59 10.16 3.07
N TRP A 92 -10.80 9.16 2.73
CA TRP A 92 -10.44 8.91 1.35
C TRP A 92 -11.33 7.78 0.82
N ASN A 93 -11.71 7.92 -0.44
CA ASN A 93 -12.56 6.91 -1.07
C ASN A 93 -11.74 6.13 -2.09
N ARG A 94 -10.48 6.52 -2.21
CA ARG A 94 -9.58 5.85 -3.14
C ARG A 94 -8.13 6.30 -2.90
N LEU A 95 -7.27 5.32 -2.73
CA LEU A 95 -5.86 5.60 -2.48
C LEU A 95 -5.40 6.71 -3.44
N VAL A 96 -5.61 6.47 -4.72
CA VAL A 96 -5.22 7.44 -5.73
C VAL A 96 -6.41 7.72 -6.65
N THR A 97 -6.41 8.91 -7.23
CA THR A 97 -7.48 9.30 -8.12
C THR A 97 -7.31 8.63 -9.49
N SER A 98 -6.05 8.36 -9.82
CA SER A 98 -5.75 7.72 -11.09
C SER A 98 -4.94 6.44 -10.85
N ASP A 99 -5.67 5.36 -10.58
CA ASP A 99 -5.04 4.08 -10.32
C ASP A 99 -4.33 3.61 -11.59
N PRO A 100 -3.13 2.99 -11.38
CA PRO A 100 -2.34 2.50 -12.50
C PRO A 100 -2.94 1.20 -13.05
N GLU A 101 -3.00 0.20 -12.19
CA GLU A 101 -3.55 -1.09 -12.57
C GLU A 101 -4.74 -0.90 -13.50
N ILE A 102 -5.66 -0.06 -13.05
CA ILE A 102 -6.86 0.20 -13.84
C ILE A 102 -7.69 -1.08 -13.95
N ASN A 103 -8.94 -0.91 -14.39
CA ASN A 103 -9.84 -2.03 -14.54
C ASN A 103 -9.12 -3.14 -15.32
N THR A 104 -8.65 -2.78 -16.50
CA THR A 104 -7.95 -3.74 -17.36
C THR A 104 -6.57 -4.05 -16.76
N LYS A 105 -6.33 -5.35 -16.61
CA LYS A 105 -5.06 -5.80 -16.06
C LYS A 105 -4.78 -7.23 -16.54
N LYS A 106 -3.67 -7.78 -16.06
CA LYS A 106 -3.29 -9.12 -16.44
C LYS A 106 -4.47 -10.07 -16.21
N ILE A 107 -5.16 -10.38 -17.31
CA ILE A 107 -6.30 -11.27 -17.24
C ILE A 107 -6.06 -12.32 -16.15
N ASN A 108 -5.29 -13.33 -16.50
CA ASN A 108 -4.98 -14.40 -15.57
C ASN A 108 -3.46 -14.61 -15.53
N PRO A 109 -2.95 -14.80 -14.28
CA PRO A 109 -1.52 -15.01 -14.08
C PRO A 109 -1.12 -16.42 -14.51
N GLU A 110 -1.84 -17.41 -13.99
CA GLU A 110 -1.57 -18.79 -14.31
C GLU A 110 -0.25 -19.23 -13.66
N ASN A 111 -0.39 -20.09 -12.66
CA ASN A 111 0.77 -20.60 -11.96
C ASN A 111 0.33 -21.64 -10.92
N SER A 112 1.30 -22.27 -10.29
CA SER A 112 1.02 -23.28 -9.29
C SER A 112 1.49 -22.79 -7.92
N LYS A 113 0.58 -22.14 -7.22
CA LYS A 113 0.88 -21.62 -5.89
C LYS A 113 0.04 -22.36 -4.85
N LEU A 114 0.28 -22.03 -3.59
CA LEU A 114 -0.44 -22.65 -2.50
C LEU A 114 -0.75 -21.60 -1.44
N SER A 115 -2.02 -21.26 -1.33
CA SER A 115 -2.47 -20.28 -0.36
C SER A 115 -3.47 -20.90 0.61
N ASP A 116 -2.92 -21.52 1.66
CA ASP A 116 -3.75 -22.16 2.65
C ASP A 116 -3.28 -21.73 4.05
N LEU A 117 -3.85 -20.63 4.52
CA LEU A 117 -3.50 -20.11 5.83
C LEU A 117 -4.71 -20.23 6.76
N ASP A 118 -4.41 -20.27 8.05
CA ASP A 118 -5.46 -20.38 9.05
C ASP A 118 -4.93 -19.91 10.40
N SER A 119 -5.83 -19.43 11.23
CA SER A 119 -5.48 -18.94 12.55
C SER A 119 -6.73 -18.58 13.34
N GLU A 120 -6.89 -19.24 14.48
CA GLU A 120 -8.04 -19.00 15.33
C GLU A 120 -7.84 -19.66 16.69
N THR A 121 -7.94 -18.84 17.73
CA THR A 121 -7.78 -19.34 19.08
C THR A 121 -8.79 -18.67 20.03
N ARG A 122 -8.90 -19.23 21.22
CA ARG A 122 -9.82 -18.71 22.22
C ARG A 122 -9.27 -18.94 23.62
N SER A 123 -9.96 -18.36 24.60
CA SER A 123 -9.55 -18.50 25.98
C SER A 123 -10.77 -18.38 26.90
N MET A 124 -10.54 -18.63 28.18
CA MET A 124 -11.59 -18.55 29.17
C MET A 124 -11.06 -18.86 30.57
N VAL A 125 -11.08 -17.83 31.40
CA VAL A 125 -10.62 -17.98 32.77
C VAL A 125 -11.52 -17.19 33.72
N SER A 126 -12.41 -17.91 34.37
CA SER A 126 -13.34 -17.30 35.31
C SER A 126 -13.30 -18.03 36.64
N GLY A 127 -13.52 -17.25 37.71
CA GLY A 127 -13.52 -17.81 39.05
C GLY A 127 -14.07 -16.81 40.06
N PRO A 128 -15.37 -16.98 40.39
CA PRO A 128 -16.03 -16.10 41.33
C PRO A 128 -15.61 -16.42 42.76
N SER A 129 -16.26 -15.75 43.71
CA SER A 129 -15.96 -15.95 45.11
C SER A 129 -16.97 -15.20 45.99
N SER A 130 -16.92 -15.49 47.27
CA SER A 130 -17.83 -14.85 48.22
C SER A 130 -17.51 -15.32 49.64
N GLY A 131 -18.14 -14.66 50.60
CA GLY A 131 -17.93 -14.99 52.00
C GLY A 131 -16.46 -15.28 52.29
N GLY A 1 -8.67 -4.80 -27.88
CA GLY A 1 -8.54 -4.39 -26.49
C GLY A 1 -9.71 -4.94 -25.65
N SER A 2 -9.36 -5.80 -24.73
CA SER A 2 -10.35 -6.41 -23.85
C SER A 2 -10.94 -5.35 -22.93
N SER A 3 -12.20 -5.55 -22.57
CA SER A 3 -12.90 -4.62 -21.70
C SER A 3 -13.62 -5.39 -20.59
N GLY A 4 -13.23 -5.08 -19.36
CA GLY A 4 -13.82 -5.72 -18.20
C GLY A 4 -13.78 -4.81 -16.97
N SER A 5 -13.60 -5.42 -15.83
CA SER A 5 -13.54 -4.67 -14.58
C SER A 5 -12.08 -4.44 -14.17
N SER A 6 -11.92 -3.91 -12.97
CA SER A 6 -10.59 -3.62 -12.45
C SER A 6 -10.52 -3.96 -10.96
N GLY A 7 -9.31 -3.97 -10.44
CA GLY A 7 -9.10 -4.26 -9.03
C GLY A 7 -7.65 -3.99 -8.62
N PRO A 8 -7.47 -3.57 -7.34
CA PRO A 8 -6.15 -3.28 -6.82
C PRO A 8 -5.38 -4.57 -6.53
N ASN A 9 -4.32 -4.44 -5.75
CA ASN A 9 -3.49 -5.57 -5.39
C ASN A 9 -2.83 -5.32 -4.04
N TYR A 10 -2.27 -4.11 -3.91
CA TYR A 10 -1.61 -3.74 -2.68
C TYR A 10 -2.63 -3.36 -1.59
N ARG A 11 -2.16 -3.43 -0.35
CA ARG A 11 -3.02 -3.10 0.78
C ARG A 11 -2.73 -1.69 1.28
N TRP A 12 -3.80 -0.97 1.59
CA TRP A 12 -3.67 0.40 2.08
C TRP A 12 -4.85 0.67 3.02
N THR A 13 -4.52 1.17 4.20
CA THR A 13 -5.53 1.48 5.19
C THR A 13 -5.44 2.95 5.60
N GLN A 14 -6.10 3.27 6.71
CA GLN A 14 -6.10 4.62 7.22
C GLN A 14 -6.93 4.71 8.49
N THR A 15 -6.87 5.87 9.13
CA THR A 15 -7.60 6.10 10.36
C THR A 15 -8.11 7.54 10.42
N LEU A 16 -8.58 8.02 9.28
CA LEU A 16 -9.09 9.37 9.19
C LEU A 16 -7.99 10.36 9.59
N ALA A 17 -6.76 9.85 9.59
CA ALA A 17 -5.61 10.67 9.95
C ALA A 17 -4.38 10.17 9.20
N GLU A 18 -3.92 9.00 9.60
CA GLU A 18 -2.76 8.39 8.98
C GLU A 18 -3.18 7.43 7.88
N LEU A 19 -2.27 7.21 6.95
CA LEU A 19 -2.53 6.31 5.84
C LEU A 19 -1.49 5.19 5.83
N ASP A 20 -1.97 3.96 5.93
CA ASP A 20 -1.09 2.81 5.94
C ASP A 20 -1.07 2.18 4.54
N LEU A 21 0.10 1.68 4.17
CA LEU A 21 0.26 1.04 2.87
C LEU A 21 1.28 -0.10 2.99
N ALA A 22 0.93 -1.22 2.35
CA ALA A 22 1.80 -2.38 2.38
C ALA A 22 1.72 -3.10 1.03
N VAL A 23 2.86 -3.16 0.37
CA VAL A 23 2.93 -3.81 -0.93
C VAL A 23 3.92 -4.97 -0.86
N PRO A 24 3.34 -6.21 -0.83
CA PRO A 24 4.16 -7.41 -0.76
C PRO A 24 4.81 -7.71 -2.11
N PHE A 25 5.93 -8.41 -2.04
CA PHE A 25 6.66 -8.77 -3.24
C PHE A 25 7.12 -10.23 -3.19
N ARG A 26 7.46 -10.75 -4.36
CA ARG A 26 7.91 -12.13 -4.46
C ARG A 26 9.41 -12.17 -4.76
N VAL A 27 10.17 -12.38 -3.70
CA VAL A 27 11.62 -12.44 -3.82
C VAL A 27 12.17 -13.52 -2.88
N SER A 28 13.42 -13.88 -3.10
CA SER A 28 14.06 -14.89 -2.29
C SER A 28 15.15 -14.25 -1.42
N PHE A 29 15.11 -12.93 -1.36
CA PHE A 29 16.07 -12.19 -0.57
C PHE A 29 15.40 -11.06 0.20
N ARG A 30 16.19 -10.39 1.02
CA ARG A 30 15.68 -9.28 1.81
C ARG A 30 15.74 -7.98 1.02
N LEU A 31 14.60 -7.30 0.97
CA LEU A 31 14.50 -6.05 0.24
C LEU A 31 15.35 -4.98 0.96
N LYS A 32 16.20 -4.33 0.18
CA LYS A 32 17.07 -3.30 0.71
C LYS A 32 16.48 -1.93 0.38
N GLY A 33 16.77 -0.97 1.25
CA GLY A 33 16.28 0.38 1.06
C GLY A 33 16.95 1.05 -0.14
N LYS A 34 18.06 0.47 -0.55
CA LYS A 34 18.81 0.98 -1.69
C LYS A 34 18.34 0.26 -2.96
N ASP A 35 17.43 -0.67 -2.78
CA ASP A 35 16.89 -1.43 -3.89
C ASP A 35 15.39 -1.17 -4.02
N VAL A 36 14.87 -0.41 -3.06
CA VAL A 36 13.45 -0.07 -3.06
C VAL A 36 13.27 1.35 -3.58
N VAL A 37 12.02 1.69 -3.84
CA VAL A 37 11.70 3.02 -4.35
C VAL A 37 10.34 3.45 -3.79
N VAL A 38 10.35 4.53 -3.03
CA VAL A 38 9.14 5.06 -2.44
C VAL A 38 9.15 6.58 -2.53
N ASP A 39 8.34 7.11 -3.44
CA ASP A 39 8.25 8.54 -3.63
C ASP A 39 7.01 9.07 -2.91
N ILE A 40 7.23 9.57 -1.71
CA ILE A 40 6.15 10.10 -0.89
C ILE A 40 6.05 11.61 -1.12
N GLN A 41 5.14 11.98 -2.02
CA GLN A 41 4.93 13.39 -2.35
C GLN A 41 3.69 13.91 -1.63
N ARG A 42 3.45 15.20 -1.81
CA ARG A 42 2.29 15.84 -1.20
C ARG A 42 1.00 15.19 -1.69
N ARG A 43 0.87 15.12 -3.01
CA ARG A 43 -0.31 14.53 -3.61
C ARG A 43 0.09 13.57 -4.73
N HIS A 44 1.03 12.69 -4.41
CA HIS A 44 1.51 11.71 -5.38
C HIS A 44 2.30 10.62 -4.66
N LEU A 45 1.94 9.38 -4.95
CA LEU A 45 2.61 8.24 -4.35
C LEU A 45 3.25 7.38 -5.43
N ARG A 46 4.36 6.75 -5.08
CA ARG A 46 5.07 5.90 -6.03
C ARG A 46 5.94 4.89 -5.27
N VAL A 47 5.55 3.63 -5.38
CA VAL A 47 6.28 2.56 -4.71
C VAL A 47 6.73 1.54 -5.76
N GLY A 48 7.72 0.75 -5.37
CA GLY A 48 8.25 -0.27 -6.26
C GLY A 48 9.74 -0.50 -6.00
N LEU A 49 10.22 -1.63 -6.48
CA LEU A 49 11.62 -1.98 -6.32
C LEU A 49 12.45 -1.32 -7.43
N LYS A 50 13.53 -0.68 -7.02
CA LYS A 50 14.41 0.00 -7.96
C LYS A 50 14.55 -0.86 -9.22
N GLY A 51 14.35 -0.21 -10.35
CA GLY A 51 14.45 -0.90 -11.63
C GLY A 51 13.13 -1.57 -12.00
N GLN A 52 12.52 -2.19 -11.00
CA GLN A 52 11.25 -2.88 -11.20
C GLN A 52 10.12 -1.86 -11.37
N PRO A 53 8.96 -2.38 -11.83
CA PRO A 53 7.80 -1.54 -12.05
C PRO A 53 7.14 -1.17 -10.72
N PRO A 54 6.81 0.15 -10.58
CA PRO A 54 6.19 0.65 -9.37
C PRO A 54 4.71 0.25 -9.32
N VAL A 55 4.42 -0.68 -8.41
CA VAL A 55 3.06 -1.16 -8.24
C VAL A 55 2.14 0.03 -7.97
N VAL A 56 2.69 1.03 -7.29
CA VAL A 56 1.93 2.23 -6.97
C VAL A 56 2.52 3.43 -7.71
N ASP A 57 1.64 4.22 -8.29
CA ASP A 57 2.07 5.41 -9.02
C ASP A 57 0.84 6.14 -9.55
N GLY A 58 0.24 6.93 -8.67
CA GLY A 58 -0.95 7.69 -9.04
C GLY A 58 -1.12 8.90 -8.12
N GLU A 59 -1.99 9.81 -8.53
CA GLU A 59 -2.25 11.01 -7.76
C GLU A 59 -3.14 10.68 -6.57
N LEU A 60 -2.56 10.81 -5.39
CA LEU A 60 -3.29 10.54 -4.16
C LEU A 60 -4.67 11.21 -4.22
N TYR A 61 -5.54 10.80 -3.31
CA TYR A 61 -6.88 11.36 -3.26
C TYR A 61 -6.85 12.77 -2.68
N ASN A 62 -5.84 13.03 -1.87
CA ASN A 62 -5.69 14.34 -1.26
C ASN A 62 -4.24 14.54 -0.82
N GLU A 63 -3.94 15.75 -0.38
CA GLU A 63 -2.60 16.07 0.06
C GLU A 63 -2.26 15.31 1.34
N VAL A 64 -0.96 15.11 1.56
CA VAL A 64 -0.50 14.39 2.73
C VAL A 64 0.88 14.91 3.13
N LYS A 65 1.04 15.11 4.44
CA LYS A 65 2.30 15.60 4.96
C LYS A 65 3.42 14.60 4.63
N VAL A 66 4.28 15.01 3.71
CA VAL A 66 5.38 14.17 3.30
C VAL A 66 6.50 14.26 4.34
N GLU A 67 6.68 15.47 4.86
CA GLU A 67 7.70 15.71 5.86
C GLU A 67 7.52 14.76 7.05
N GLU A 68 6.31 14.25 7.16
CA GLU A 68 5.99 13.33 8.25
C GLU A 68 5.64 11.95 7.70
N SER A 69 6.18 11.66 6.52
CA SER A 69 5.93 10.39 5.86
C SER A 69 7.17 9.50 6.00
N SER A 70 6.95 8.20 5.79
CA SER A 70 8.04 7.24 5.88
C SER A 70 7.63 5.93 5.19
N TRP A 71 8.54 4.98 5.22
CA TRP A 71 8.29 3.68 4.61
C TRP A 71 9.38 2.71 5.09
N LEU A 72 9.03 1.43 5.10
CA LEU A 72 9.95 0.41 5.53
C LEU A 72 9.58 -0.92 4.86
N ILE A 73 10.40 -1.93 5.11
CA ILE A 73 10.18 -3.24 4.55
C ILE A 73 9.80 -4.22 5.66
N GLU A 74 8.68 -4.89 5.47
CA GLU A 74 8.19 -5.85 6.45
C GLU A 74 8.65 -7.26 6.08
N ASP A 75 8.95 -8.05 7.10
CA ASP A 75 9.38 -9.42 6.89
C ASP A 75 10.52 -9.43 5.86
N GLY A 76 11.18 -8.28 5.74
CA GLY A 76 12.29 -8.15 4.81
C GLY A 76 11.92 -8.71 3.43
N LYS A 77 10.79 -8.22 2.91
CA LYS A 77 10.32 -8.67 1.62
C LYS A 77 9.13 -7.79 1.19
N VAL A 78 8.29 -7.49 2.17
CA VAL A 78 7.12 -6.67 1.90
C VAL A 78 7.48 -5.20 2.11
N VAL A 79 6.88 -4.35 1.27
CA VAL A 79 7.12 -2.92 1.37
C VAL A 79 5.95 -2.25 2.08
N THR A 80 6.30 -1.30 2.94
CA THR A 80 5.28 -0.58 3.69
C THR A 80 5.56 0.92 3.65
N VAL A 81 4.48 1.68 3.52
CA VAL A 81 4.60 3.14 3.46
C VAL A 81 3.72 3.75 4.56
N HIS A 82 4.12 4.93 4.99
CA HIS A 82 3.38 5.64 6.02
C HIS A 82 3.10 7.07 5.57
N LEU A 83 1.84 7.32 5.24
CA LEU A 83 1.43 8.65 4.79
C LEU A 83 0.68 9.36 5.92
N GLU A 84 0.71 10.68 5.86
CA GLU A 84 0.04 11.49 6.87
C GLU A 84 -0.84 12.54 6.21
N LYS A 85 -2.07 12.62 6.69
CA LYS A 85 -3.03 13.59 6.15
C LYS A 85 -2.68 14.98 6.67
N ILE A 86 -3.04 15.98 5.87
CA ILE A 86 -2.78 17.36 6.24
C ILE A 86 -3.78 17.80 7.30
N ASN A 87 -5.05 17.52 7.02
CA ASN A 87 -6.12 17.90 7.94
C ASN A 87 -6.34 16.75 8.93
N LYS A 88 -6.27 15.54 8.41
CA LYS A 88 -6.46 14.36 9.24
C LYS A 88 -7.91 14.33 9.75
N MET A 89 -8.83 14.50 8.81
CA MET A 89 -10.24 14.50 9.15
C MET A 89 -11.10 14.26 7.90
N GLU A 90 -10.50 13.58 6.93
CA GLU A 90 -11.20 13.28 5.69
C GLU A 90 -11.03 11.80 5.33
N TRP A 91 -12.13 11.21 4.89
CA TRP A 91 -12.12 9.80 4.51
C TRP A 91 -11.79 9.72 3.02
N TRP A 92 -10.88 8.80 2.69
CA TRP A 92 -10.49 8.61 1.31
C TRP A 92 -11.32 7.46 0.73
N ASN A 93 -11.69 7.63 -0.53
CA ASN A 93 -12.49 6.62 -1.21
C ASN A 93 -11.57 5.75 -2.07
N ARG A 94 -10.30 6.12 -2.09
CA ARG A 94 -9.31 5.40 -2.87
C ARG A 94 -7.91 5.94 -2.60
N LEU A 95 -6.94 5.05 -2.73
CA LEU A 95 -5.55 5.42 -2.50
C LEU A 95 -5.13 6.47 -3.52
N VAL A 96 -5.28 6.10 -4.78
CA VAL A 96 -4.92 7.00 -5.88
C VAL A 96 -6.10 7.13 -6.83
N THR A 97 -6.16 8.27 -7.50
CA THR A 97 -7.23 8.53 -8.46
C THR A 97 -7.01 7.74 -9.74
N SER A 98 -5.74 7.52 -10.05
CA SER A 98 -5.37 6.78 -11.24
C SER A 98 -4.23 5.81 -10.93
N ASP A 99 -4.50 4.52 -11.13
CA ASP A 99 -3.51 3.50 -10.87
C ASP A 99 -2.62 3.34 -12.11
N PRO A 100 -1.40 2.77 -11.87
CA PRO A 100 -0.46 2.56 -12.95
C PRO A 100 -0.88 1.37 -13.83
N GLU A 101 -0.74 0.19 -13.27
CA GLU A 101 -1.09 -1.03 -13.99
C GLU A 101 -1.55 -2.11 -13.01
N ILE A 102 -2.85 -2.34 -12.99
CA ILE A 102 -3.43 -3.34 -12.10
C ILE A 102 -3.06 -4.73 -12.61
N ASN A 103 -2.93 -5.66 -11.67
CA ASN A 103 -2.58 -7.03 -12.01
C ASN A 103 -3.80 -7.92 -11.82
N THR A 104 -4.65 -7.52 -10.87
CA THR A 104 -5.86 -8.28 -10.59
C THR A 104 -6.93 -7.97 -11.63
N LYS A 105 -8.05 -8.70 -11.51
CA LYS A 105 -9.15 -8.51 -12.43
C LYS A 105 -10.46 -8.89 -11.73
N LYS A 106 -11.56 -8.44 -12.32
CA LYS A 106 -12.87 -8.73 -11.76
C LYS A 106 -12.98 -8.08 -10.38
N ILE A 107 -14.20 -7.66 -10.05
CA ILE A 107 -14.44 -7.03 -8.76
C ILE A 107 -14.16 -8.03 -7.65
N ASN A 108 -15.14 -8.89 -7.41
CA ASN A 108 -15.02 -9.90 -6.37
C ASN A 108 -16.05 -11.00 -6.62
N PRO A 109 -15.71 -12.24 -6.16
CA PRO A 109 -16.59 -13.37 -6.33
C PRO A 109 -17.75 -13.31 -5.34
N GLU A 110 -17.42 -12.93 -4.11
CA GLU A 110 -18.41 -12.82 -3.06
C GLU A 110 -18.41 -11.41 -2.46
N ASN A 111 -18.52 -11.36 -1.14
CA ASN A 111 -18.52 -10.08 -0.44
C ASN A 111 -18.98 -10.31 1.00
N SER A 112 -18.82 -9.27 1.80
CA SER A 112 -19.20 -9.34 3.21
C SER A 112 -20.08 -8.14 3.56
N LYS A 113 -21.38 -8.35 3.45
CA LYS A 113 -22.34 -7.30 3.75
C LYS A 113 -23.30 -7.78 4.84
N LEU A 114 -23.50 -6.93 5.83
CA LEU A 114 -24.39 -7.26 6.93
C LEU A 114 -25.58 -6.30 6.94
N SER A 115 -26.48 -6.54 6.00
CA SER A 115 -27.67 -5.71 5.88
C SER A 115 -28.65 -6.35 4.88
N ASP A 116 -29.34 -7.37 5.36
CA ASP A 116 -30.31 -8.07 4.54
C ASP A 116 -31.68 -8.03 5.22
N LEU A 117 -32.45 -6.99 4.89
CA LEU A 117 -33.77 -6.83 5.47
C LEU A 117 -34.81 -7.45 4.53
N ASP A 118 -36.07 -7.34 4.92
CA ASP A 118 -37.16 -7.88 4.14
C ASP A 118 -37.17 -7.21 2.76
N SER A 119 -37.18 -8.05 1.73
CA SER A 119 -37.20 -7.55 0.36
C SER A 119 -37.09 -8.72 -0.62
N GLU A 120 -38.24 -9.08 -1.17
CA GLU A 120 -38.29 -10.19 -2.13
C GLU A 120 -39.65 -10.20 -2.84
N THR A 121 -39.65 -9.62 -4.03
CA THR A 121 -40.88 -9.56 -4.83
C THR A 121 -41.28 -10.96 -5.29
N ARG A 122 -42.54 -11.07 -5.69
CA ARG A 122 -43.06 -12.34 -6.16
C ARG A 122 -44.07 -12.12 -7.27
N SER A 123 -44.11 -13.08 -8.20
CA SER A 123 -45.04 -12.99 -9.32
C SER A 123 -44.76 -14.14 -10.30
N MET A 124 -45.86 -14.69 -10.81
CA MET A 124 -45.76 -15.80 -11.76
C MET A 124 -46.98 -15.84 -12.68
N VAL A 125 -46.73 -16.19 -13.93
CA VAL A 125 -47.79 -16.28 -14.91
C VAL A 125 -47.73 -17.64 -15.60
N SER A 126 -48.11 -17.63 -16.88
CA SER A 126 -48.09 -18.85 -17.67
C SER A 126 -48.50 -18.56 -19.11
N GLY A 127 -48.33 -19.55 -19.96
CA GLY A 127 -48.67 -19.40 -21.37
C GLY A 127 -49.03 -20.76 -21.99
N PRO A 128 -50.35 -21.04 -22.03
CA PRO A 128 -50.84 -22.30 -22.60
C PRO A 128 -50.75 -22.27 -24.12
N SER A 129 -51.11 -23.40 -24.72
CA SER A 129 -51.08 -23.52 -26.16
C SER A 129 -52.02 -24.65 -26.61
N SER A 130 -52.28 -24.68 -27.91
CA SER A 130 -53.16 -25.68 -28.47
C SER A 130 -52.96 -25.76 -29.99
N GLY A 131 -53.56 -26.78 -30.58
CA GLY A 131 -53.45 -26.99 -32.02
C GLY A 131 -54.36 -26.02 -32.78
N GLY A 1 -19.76 -4.11 -20.94
CA GLY A 1 -19.52 -3.81 -19.54
C GLY A 1 -18.06 -4.11 -19.16
N SER A 2 -17.85 -5.32 -18.67
CA SER A 2 -16.52 -5.73 -18.26
C SER A 2 -16.08 -4.97 -17.01
N SER A 3 -15.99 -3.66 -17.17
CA SER A 3 -15.59 -2.80 -16.07
C SER A 3 -16.53 -3.00 -14.88
N GLY A 4 -15.93 -3.32 -13.74
CA GLY A 4 -16.70 -3.53 -12.53
C GLY A 4 -15.82 -3.44 -11.28
N SER A 5 -15.11 -4.54 -11.02
CA SER A 5 -14.22 -4.59 -9.87
C SER A 5 -13.33 -3.36 -9.84
N SER A 6 -12.77 -3.10 -8.67
CA SER A 6 -11.90 -1.96 -8.49
C SER A 6 -10.99 -2.17 -7.27
N GLY A 7 -9.69 -2.14 -7.53
CA GLY A 7 -8.72 -2.33 -6.47
C GLY A 7 -7.34 -2.63 -7.04
N PRO A 8 -6.29 -2.06 -6.39
CA PRO A 8 -4.92 -2.27 -6.82
C PRO A 8 -4.43 -3.67 -6.45
N ASN A 9 -3.11 -3.82 -6.47
CA ASN A 9 -2.51 -5.10 -6.14
C ASN A 9 -1.77 -4.98 -4.80
N TYR A 10 -2.36 -4.20 -3.90
CA TYR A 10 -1.77 -3.99 -2.60
C TYR A 10 -2.84 -3.59 -1.58
N ARG A 11 -2.44 -3.59 -0.32
CA ARG A 11 -3.34 -3.22 0.76
C ARG A 11 -3.03 -1.81 1.25
N TRP A 12 -4.09 -1.10 1.63
CA TRP A 12 -3.94 0.26 2.12
C TRP A 12 -5.13 0.56 3.04
N THR A 13 -4.81 1.03 4.24
CA THR A 13 -5.84 1.35 5.20
C THR A 13 -5.66 2.79 5.71
N GLN A 14 -6.26 3.07 6.86
CA GLN A 14 -6.18 4.39 7.45
C GLN A 14 -7.07 4.47 8.68
N THR A 15 -6.92 5.57 9.41
CA THR A 15 -7.70 5.78 10.62
C THR A 15 -8.38 7.16 10.58
N LEU A 16 -8.75 7.57 9.38
CA LEU A 16 -9.41 8.85 9.19
C LEU A 16 -8.42 9.97 9.54
N ALA A 17 -7.16 9.59 9.68
CA ALA A 17 -6.11 10.54 10.02
C ALA A 17 -4.82 10.15 9.29
N GLU A 18 -4.40 8.92 9.53
CA GLU A 18 -3.18 8.42 8.91
C GLU A 18 -3.52 7.41 7.82
N LEU A 19 -2.60 7.25 6.89
CA LEU A 19 -2.80 6.32 5.78
C LEU A 19 -1.75 5.21 5.87
N ASP A 20 -2.23 3.98 5.76
CA ASP A 20 -1.34 2.83 5.83
C ASP A 20 -1.34 2.12 4.47
N LEU A 21 -0.18 1.57 4.14
CA LEU A 21 -0.03 0.86 2.87
C LEU A 21 1.01 -0.24 3.03
N ALA A 22 0.75 -1.37 2.40
CA ALA A 22 1.65 -2.51 2.46
C ALA A 22 1.64 -3.23 1.11
N VAL A 23 2.80 -3.24 0.48
CA VAL A 23 2.94 -3.89 -0.82
C VAL A 23 3.94 -5.04 -0.69
N PRO A 24 3.39 -6.28 -0.65
CA PRO A 24 4.22 -7.47 -0.55
C PRO A 24 4.93 -7.78 -1.86
N PHE A 25 6.08 -8.42 -1.75
CA PHE A 25 6.86 -8.77 -2.92
C PHE A 25 7.35 -10.22 -2.84
N ARG A 26 7.40 -10.86 -4.00
CA ARG A 26 7.86 -12.24 -4.06
C ARG A 26 9.37 -12.30 -4.31
N VAL A 27 10.12 -12.35 -3.21
CA VAL A 27 11.56 -12.40 -3.29
C VAL A 27 12.08 -13.42 -2.27
N SER A 28 13.35 -13.77 -2.43
CA SER A 28 13.99 -14.73 -1.54
C SER A 28 15.11 -14.04 -0.75
N PHE A 29 15.28 -12.75 -1.03
CA PHE A 29 16.31 -11.98 -0.36
C PHE A 29 15.70 -10.81 0.40
N ARG A 30 16.55 -10.18 1.21
CA ARG A 30 16.10 -9.04 2.01
C ARG A 30 16.27 -7.74 1.22
N LEU A 31 15.15 -7.19 0.82
CA LEU A 31 15.16 -5.94 0.05
C LEU A 31 15.69 -4.81 0.94
N LYS A 32 16.69 -4.12 0.42
CA LYS A 32 17.29 -3.01 1.15
C LYS A 32 16.60 -1.70 0.75
N GLY A 33 17.01 -0.63 1.42
CA GLY A 33 16.44 0.68 1.15
C GLY A 33 16.96 1.23 -0.18
N LYS A 34 17.99 0.58 -0.69
CA LYS A 34 18.60 1.00 -1.95
C LYS A 34 18.19 0.03 -3.05
N ASP A 35 17.21 -0.82 -2.72
CA ASP A 35 16.73 -1.81 -3.68
C ASP A 35 15.27 -1.49 -4.03
N VAL A 36 14.69 -0.59 -3.25
CA VAL A 36 13.31 -0.19 -3.47
C VAL A 36 13.27 1.31 -3.80
N VAL A 37 12.11 1.74 -4.28
CA VAL A 37 11.92 3.13 -4.65
C VAL A 37 10.58 3.62 -4.09
N VAL A 38 10.65 4.27 -2.93
CA VAL A 38 9.46 4.79 -2.30
C VAL A 38 9.49 6.32 -2.35
N ASP A 39 8.73 6.87 -3.29
CA ASP A 39 8.67 8.31 -3.45
C ASP A 39 7.37 8.83 -2.84
N ILE A 40 7.49 9.38 -1.64
CA ILE A 40 6.33 9.91 -0.93
C ILE A 40 6.27 11.42 -1.14
N GLN A 41 5.43 11.83 -2.08
CA GLN A 41 5.27 13.24 -2.39
C GLN A 41 4.01 13.79 -1.70
N ARG A 42 3.83 15.09 -1.85
CA ARG A 42 2.68 15.75 -1.25
C ARG A 42 1.38 15.19 -1.82
N ARG A 43 1.31 15.18 -3.15
CA ARG A 43 0.13 14.67 -3.83
C ARG A 43 0.54 13.63 -4.88
N HIS A 44 1.31 12.66 -4.43
CA HIS A 44 1.77 11.60 -5.32
C HIS A 44 2.54 10.54 -4.51
N LEU A 45 2.25 9.28 -4.82
CA LEU A 45 2.90 8.18 -4.13
C LEU A 45 3.45 7.19 -5.17
N ARG A 46 4.76 7.04 -5.16
CA ARG A 46 5.42 6.14 -6.09
C ARG A 46 6.20 5.07 -5.33
N VAL A 47 5.76 3.83 -5.51
CA VAL A 47 6.40 2.71 -4.83
C VAL A 47 6.71 1.62 -5.86
N GLY A 48 7.78 0.89 -5.59
CA GLY A 48 8.19 -0.19 -6.48
C GLY A 48 9.68 -0.49 -6.33
N LEU A 49 10.05 -1.72 -6.66
CA LEU A 49 11.43 -2.14 -6.55
C LEU A 49 12.23 -1.57 -7.73
N LYS A 50 13.33 -0.92 -7.39
CA LYS A 50 14.18 -0.32 -8.41
C LYS A 50 14.24 -1.25 -9.62
N GLY A 51 13.99 -0.66 -10.78
CA GLY A 51 14.01 -1.42 -12.02
C GLY A 51 12.65 -2.05 -12.31
N GLN A 52 12.04 -2.54 -11.24
CA GLN A 52 10.73 -3.18 -11.36
C GLN A 52 9.64 -2.12 -11.51
N PRO A 53 8.43 -2.60 -11.88
CA PRO A 53 7.29 -1.71 -12.07
C PRO A 53 6.73 -1.26 -10.72
N PRO A 54 6.47 0.07 -10.62
CA PRO A 54 5.92 0.64 -9.40
C PRO A 54 4.45 0.31 -9.25
N VAL A 55 4.13 -0.40 -8.17
CA VAL A 55 2.77 -0.79 -7.89
C VAL A 55 1.93 0.47 -7.63
N VAL A 56 2.57 1.48 -7.07
CA VAL A 56 1.90 2.72 -6.77
C VAL A 56 2.59 3.86 -7.53
N ASP A 57 1.76 4.76 -8.06
CA ASP A 57 2.28 5.89 -8.80
C ASP A 57 1.10 6.74 -9.30
N GLY A 58 0.08 6.85 -8.45
CA GLY A 58 -1.09 7.61 -8.79
C GLY A 58 -1.21 8.86 -7.92
N GLU A 59 -2.05 9.78 -8.36
CA GLU A 59 -2.26 11.02 -7.62
C GLU A 59 -3.06 10.76 -6.35
N LEU A 60 -2.36 10.79 -5.22
CA LEU A 60 -2.99 10.56 -3.94
C LEU A 60 -4.31 11.32 -3.88
N TYR A 61 -5.18 10.88 -2.98
CA TYR A 61 -6.48 11.50 -2.82
C TYR A 61 -6.34 13.02 -2.66
N ASN A 62 -5.24 13.41 -2.02
CA ASN A 62 -4.98 14.83 -1.80
C ASN A 62 -3.61 14.98 -1.14
N GLU A 63 -3.27 16.23 -0.84
CA GLU A 63 -2.00 16.53 -0.21
C GLU A 63 -1.83 15.71 1.06
N VAL A 64 -0.59 15.32 1.33
CA VAL A 64 -0.27 14.53 2.50
C VAL A 64 1.12 14.90 3.00
N LYS A 65 1.23 15.09 4.30
CA LYS A 65 2.50 15.42 4.92
C LYS A 65 3.55 14.38 4.55
N VAL A 66 4.43 14.76 3.64
CA VAL A 66 5.48 13.86 3.19
C VAL A 66 6.56 13.78 4.27
N GLU A 67 6.81 14.92 4.90
CA GLU A 67 7.82 14.99 5.96
C GLU A 67 7.48 14.02 7.08
N GLU A 68 6.21 14.02 7.47
CA GLU A 68 5.76 13.14 8.54
C GLU A 68 5.55 11.73 8.00
N SER A 69 5.89 11.55 6.73
CA SER A 69 5.74 10.25 6.09
C SER A 69 6.90 9.33 6.50
N SER A 70 6.68 8.04 6.28
CA SER A 70 7.68 7.05 6.63
C SER A 70 7.32 5.70 6.00
N TRP A 71 8.33 5.07 5.42
CA TRP A 71 8.13 3.76 4.80
C TRP A 71 9.23 2.82 5.29
N LEU A 72 8.97 1.54 5.13
CA LEU A 72 9.92 0.53 5.56
C LEU A 72 9.68 -0.76 4.78
N ILE A 73 10.63 -1.69 4.90
CA ILE A 73 10.53 -2.96 4.22
C ILE A 73 10.26 -4.07 5.24
N GLU A 74 9.08 -4.65 5.14
CA GLU A 74 8.68 -5.71 6.05
C GLU A 74 9.23 -7.06 5.54
N ASP A 75 9.58 -7.90 6.49
CA ASP A 75 10.10 -9.22 6.17
C ASP A 75 11.10 -9.09 5.01
N GLY A 76 11.75 -7.94 4.96
CA GLY A 76 12.74 -7.67 3.93
C GLY A 76 12.21 -8.10 2.55
N LYS A 77 10.92 -7.87 2.35
CA LYS A 77 10.29 -8.22 1.09
C LYS A 77 9.09 -7.29 0.84
N VAL A 78 8.25 -7.17 1.87
CA VAL A 78 7.08 -6.32 1.77
C VAL A 78 7.50 -4.87 1.97
N VAL A 79 6.79 -3.99 1.27
CA VAL A 79 7.07 -2.57 1.35
C VAL A 79 5.84 -1.84 1.91
N THR A 80 6.01 -1.26 3.09
CA THR A 80 4.93 -0.54 3.73
C THR A 80 5.15 0.97 3.60
N VAL A 81 4.05 1.70 3.62
CA VAL A 81 4.10 3.14 3.50
C VAL A 81 3.13 3.77 4.50
N HIS A 82 3.54 4.90 5.05
CA HIS A 82 2.71 5.60 6.02
C HIS A 82 2.52 7.05 5.57
N LEU A 83 1.34 7.31 5.02
CA LEU A 83 1.01 8.64 4.54
C LEU A 83 0.27 9.40 5.64
N GLU A 84 0.55 10.69 5.71
CA GLU A 84 -0.08 11.55 6.71
C GLU A 84 -0.96 12.60 6.03
N LYS A 85 -2.24 12.58 6.40
CA LYS A 85 -3.18 13.53 5.84
C LYS A 85 -2.88 14.93 6.38
N ILE A 86 -2.95 15.91 5.48
CA ILE A 86 -2.69 17.28 5.85
C ILE A 86 -3.75 17.75 6.84
N ASN A 87 -5.00 17.51 6.48
CA ASN A 87 -6.12 17.90 7.32
C ASN A 87 -6.44 16.76 8.30
N LYS A 88 -6.23 15.54 7.83
CA LYS A 88 -6.49 14.36 8.64
C LYS A 88 -7.83 14.53 9.36
N MET A 89 -8.88 14.68 8.55
CA MET A 89 -10.21 14.84 9.10
C MET A 89 -11.27 14.42 8.08
N GLU A 90 -10.85 13.56 7.15
CA GLU A 90 -11.76 13.07 6.13
C GLU A 90 -11.28 11.72 5.60
N TRP A 91 -12.16 10.74 5.66
CA TRP A 91 -11.85 9.40 5.20
C TRP A 91 -11.74 9.44 3.67
N TRP A 92 -10.79 8.67 3.16
CA TRP A 92 -10.57 8.62 1.73
C TRP A 92 -11.42 7.47 1.17
N ASN A 93 -11.77 7.61 -0.10
CA ASN A 93 -12.59 6.60 -0.77
C ASN A 93 -11.81 6.04 -1.96
N ARG A 94 -10.52 6.32 -1.97
CA ARG A 94 -9.65 5.84 -3.03
C ARG A 94 -8.21 6.26 -2.78
N LEU A 95 -7.33 5.27 -2.77
CA LEU A 95 -5.91 5.52 -2.54
C LEU A 95 -5.43 6.60 -3.50
N VAL A 96 -5.74 6.40 -4.78
CA VAL A 96 -5.35 7.35 -5.81
C VAL A 96 -6.60 7.89 -6.50
N THR A 97 -6.37 8.85 -7.38
CA THR A 97 -7.47 9.45 -8.12
C THR A 97 -7.29 9.21 -9.63
N SER A 98 -6.04 9.12 -10.04
CA SER A 98 -5.73 8.88 -11.43
C SER A 98 -4.94 7.58 -11.58
N ASP A 99 -4.91 6.82 -10.50
CA ASP A 99 -4.20 5.55 -10.50
C ASP A 99 -2.77 5.77 -11.01
N PRO A 100 -1.96 4.68 -10.91
CA PRO A 100 -0.58 4.74 -11.37
C PRO A 100 -0.49 4.71 -12.90
N GLU A 101 -0.61 3.50 -13.43
CA GLU A 101 -0.56 3.31 -14.87
C GLU A 101 -1.52 2.21 -15.30
N ILE A 102 -1.41 1.07 -14.63
CA ILE A 102 -2.26 -0.07 -14.93
C ILE A 102 -3.23 -0.29 -13.77
N ASN A 103 -4.29 -1.04 -14.05
CA ASN A 103 -5.29 -1.33 -13.06
C ASN A 103 -6.28 -2.36 -13.62
N THR A 104 -6.88 -1.99 -14.74
CA THR A 104 -7.85 -2.88 -15.39
C THR A 104 -8.77 -3.50 -14.35
N LYS A 105 -9.48 -4.54 -14.79
CA LYS A 105 -10.41 -5.23 -13.91
C LYS A 105 -9.73 -6.48 -13.33
N LYS A 106 -8.54 -6.25 -12.78
CA LYS A 106 -7.77 -7.34 -12.20
C LYS A 106 -7.04 -6.83 -10.96
N ILE A 107 -7.39 -7.40 -9.82
CA ILE A 107 -6.78 -7.02 -8.56
C ILE A 107 -5.45 -7.74 -8.40
N ASN A 108 -5.54 -9.06 -8.28
CA ASN A 108 -4.36 -9.89 -8.12
C ASN A 108 -4.75 -11.36 -8.20
N PRO A 109 -3.77 -12.19 -8.64
CA PRO A 109 -4.01 -13.63 -8.76
C PRO A 109 -4.02 -14.30 -7.40
N GLU A 110 -3.10 -13.85 -6.55
CA GLU A 110 -2.98 -14.40 -5.20
C GLU A 110 -2.74 -15.91 -5.27
N ASN A 111 -1.53 -16.30 -4.88
CA ASN A 111 -1.16 -17.70 -4.90
C ASN A 111 -0.13 -17.95 -3.79
N SER A 112 -0.63 -18.42 -2.66
CA SER A 112 0.23 -18.71 -1.52
C SER A 112 -0.52 -19.58 -0.51
N LYS A 113 0.23 -20.09 0.46
CA LYS A 113 -0.35 -20.94 1.49
C LYS A 113 -0.56 -20.11 2.76
N LEU A 114 -1.09 -20.77 3.78
CA LEU A 114 -1.35 -20.11 5.04
C LEU A 114 -1.06 -21.08 6.18
N SER A 115 0.02 -20.78 6.90
CA SER A 115 0.42 -21.62 8.02
C SER A 115 0.44 -20.80 9.32
N ASP A 116 -0.75 -20.57 9.84
CA ASP A 116 -0.89 -19.80 11.06
C ASP A 116 -1.78 -20.56 12.05
N LEU A 117 -1.15 -21.38 12.87
CA LEU A 117 -1.86 -22.17 13.85
C LEU A 117 -1.59 -21.61 15.25
N ASP A 118 -2.33 -22.13 16.21
CA ASP A 118 -2.18 -21.69 17.59
C ASP A 118 -2.97 -22.64 18.51
N SER A 119 -2.70 -22.50 19.81
CA SER A 119 -3.37 -23.33 20.79
C SER A 119 -3.09 -22.80 22.20
N GLU A 120 -4.03 -22.02 22.70
CA GLU A 120 -3.88 -21.44 24.03
C GLU A 120 -5.10 -21.80 24.89
N THR A 121 -4.91 -22.81 25.73
CA THR A 121 -5.97 -23.26 26.61
C THR A 121 -5.49 -23.29 28.06
N ARG A 122 -6.45 -23.37 28.98
CA ARG A 122 -6.13 -23.42 30.39
C ARG A 122 -7.39 -23.17 31.22
N SER A 123 -7.49 -23.92 32.31
CA SER A 123 -8.63 -23.78 33.21
C SER A 123 -8.44 -24.67 34.44
N MET A 124 -9.28 -24.42 35.44
CA MET A 124 -9.21 -25.19 36.67
C MET A 124 -10.43 -24.91 37.55
N VAL A 125 -11.01 -25.99 38.06
CA VAL A 125 -12.18 -25.87 38.92
C VAL A 125 -11.95 -26.69 40.19
N SER A 126 -13.04 -27.26 40.69
CA SER A 126 -12.97 -28.07 41.89
C SER A 126 -14.39 -28.41 42.37
N GLY A 127 -14.65 -29.71 42.50
CA GLY A 127 -15.95 -30.18 42.95
C GLY A 127 -15.90 -30.59 44.43
N PRO A 128 -16.55 -29.75 45.28
CA PRO A 128 -16.59 -30.02 46.70
C PRO A 128 -17.57 -31.16 47.02
N SER A 129 -17.68 -31.45 48.30
CA SER A 129 -18.58 -32.50 48.76
C SER A 129 -19.06 -32.21 50.18
N SER A 130 -20.11 -32.92 50.57
CA SER A 130 -20.68 -32.75 51.90
C SER A 130 -21.90 -33.65 52.07
N GLY A 131 -22.29 -33.83 53.32
CA GLY A 131 -23.45 -34.66 53.63
C GLY A 131 -23.51 -35.88 52.72
N GLY A 1 -13.86 -6.33 9.84
CA GLY A 1 -14.77 -7.46 9.72
C GLY A 1 -14.62 -8.15 8.36
N SER A 2 -13.41 -8.60 8.10
CA SER A 2 -13.11 -9.27 6.84
C SER A 2 -11.81 -10.05 6.96
N SER A 3 -11.91 -11.36 6.79
CA SER A 3 -10.74 -12.22 6.87
C SER A 3 -9.54 -11.55 6.21
N GLY A 4 -8.54 -11.26 7.02
CA GLY A 4 -7.33 -10.62 6.52
C GLY A 4 -6.52 -11.58 5.65
N SER A 5 -6.87 -11.60 4.37
CA SER A 5 -6.20 -12.46 3.42
C SER A 5 -6.51 -12.02 1.99
N SER A 6 -5.54 -12.24 1.11
CA SER A 6 -5.69 -11.87 -0.27
C SER A 6 -6.03 -10.38 -0.39
N GLY A 7 -5.96 -9.88 -1.61
CA GLY A 7 -6.25 -8.48 -1.87
C GLY A 7 -5.79 -8.07 -3.27
N PRO A 8 -5.81 -6.73 -3.50
CA PRO A 8 -5.38 -6.19 -4.79
C PRO A 8 -3.86 -6.24 -4.93
N ASN A 9 -3.36 -5.46 -5.87
CA ASN A 9 -1.93 -5.41 -6.13
C ASN A 9 -1.20 -5.09 -4.83
N TYR A 10 -1.93 -4.44 -3.93
CA TYR A 10 -1.35 -4.06 -2.64
C TYR A 10 -2.45 -3.65 -1.66
N ARG A 11 -2.10 -3.69 -0.38
CA ARG A 11 -3.05 -3.31 0.66
C ARG A 11 -2.79 -1.87 1.12
N TRP A 12 -3.87 -1.22 1.51
CA TRP A 12 -3.78 0.16 1.97
C TRP A 12 -5.00 0.46 2.83
N THR A 13 -4.76 1.09 3.97
CA THR A 13 -5.83 1.44 4.88
C THR A 13 -5.63 2.86 5.43
N GLN A 14 -6.30 3.14 6.53
CA GLN A 14 -6.21 4.44 7.16
C GLN A 14 -7.07 4.50 8.42
N THR A 15 -6.86 5.55 9.20
CA THR A 15 -7.61 5.72 10.43
C THR A 15 -8.17 7.15 10.52
N LEU A 16 -8.92 7.51 9.49
CA LEU A 16 -9.52 8.84 9.44
C LEU A 16 -8.51 9.86 9.96
N ALA A 17 -7.24 9.59 9.69
CA ALA A 17 -6.18 10.48 10.13
C ALA A 17 -4.93 10.23 9.28
N GLU A 18 -4.34 9.06 9.49
CA GLU A 18 -3.14 8.69 8.76
C GLU A 18 -3.48 7.64 7.69
N LEU A 19 -2.49 7.33 6.87
CA LEU A 19 -2.66 6.35 5.81
C LEU A 19 -1.58 5.28 5.93
N ASP A 20 -1.99 4.04 5.69
CA ASP A 20 -1.08 2.91 5.77
C ASP A 20 -1.11 2.13 4.45
N LEU A 21 0.06 1.91 3.89
CA LEU A 21 0.17 1.18 2.64
C LEU A 21 1.24 0.10 2.78
N ALA A 22 0.97 -1.03 2.14
CA ALA A 22 1.91 -2.15 2.18
C ALA A 22 1.88 -2.87 0.83
N VAL A 23 3.07 -3.07 0.28
CA VAL A 23 3.22 -3.73 -0.99
C VAL A 23 4.22 -4.87 -0.86
N PRO A 24 3.68 -6.13 -0.82
CA PRO A 24 4.51 -7.30 -0.70
C PRO A 24 5.22 -7.62 -2.02
N PHE A 25 6.37 -8.26 -1.90
CA PHE A 25 7.16 -8.62 -3.07
C PHE A 25 7.61 -10.08 -2.99
N ARG A 26 7.58 -10.74 -4.14
CA ARG A 26 7.99 -12.13 -4.22
C ARG A 26 9.51 -12.23 -4.32
N VAL A 27 10.16 -12.22 -3.18
CA VAL A 27 11.61 -12.31 -3.14
C VAL A 27 12.03 -13.43 -2.18
N SER A 28 13.27 -13.85 -2.32
CA SER A 28 13.81 -14.91 -1.47
C SER A 28 14.90 -14.37 -0.57
N PHE A 29 15.04 -13.05 -0.60
CA PHE A 29 16.06 -12.39 0.22
C PHE A 29 15.49 -11.13 0.87
N ARG A 30 16.26 -10.60 1.81
CA ARG A 30 15.85 -9.40 2.52
C ARG A 30 16.03 -8.17 1.62
N LEU A 31 14.90 -7.54 1.29
CA LEU A 31 14.92 -6.37 0.44
C LEU A 31 15.46 -5.17 1.24
N LYS A 32 16.39 -4.47 0.63
CA LYS A 32 16.99 -3.31 1.27
C LYS A 32 16.19 -2.07 0.91
N GLY A 33 16.71 -0.91 1.32
CA GLY A 33 16.06 0.35 1.05
C GLY A 33 16.70 1.05 -0.14
N LYS A 34 17.50 0.29 -0.87
CA LYS A 34 18.19 0.83 -2.04
C LYS A 34 17.71 0.09 -3.29
N ASP A 35 17.25 -1.13 -3.07
CA ASP A 35 16.77 -1.96 -4.17
C ASP A 35 15.27 -1.73 -4.34
N VAL A 36 14.81 -0.61 -3.80
CA VAL A 36 13.39 -0.27 -3.89
C VAL A 36 13.24 1.21 -4.22
N VAL A 37 12.03 1.59 -4.61
CA VAL A 37 11.76 2.97 -4.95
C VAL A 37 10.46 3.40 -4.28
N VAL A 38 10.60 4.12 -3.18
CA VAL A 38 9.45 4.60 -2.43
C VAL A 38 9.45 6.13 -2.43
N ASP A 39 8.65 6.69 -3.33
CA ASP A 39 8.56 8.14 -3.43
C ASP A 39 7.30 8.62 -2.71
N ILE A 40 7.53 9.33 -1.61
CA ILE A 40 6.44 9.85 -0.80
C ILE A 40 6.31 11.36 -1.03
N GLN A 41 5.39 11.73 -1.90
CA GLN A 41 5.17 13.13 -2.21
C GLN A 41 3.91 13.64 -1.50
N ARG A 42 3.66 14.94 -1.64
CA ARG A 42 2.50 15.55 -1.02
C ARG A 42 1.21 14.95 -1.58
N ARG A 43 1.14 14.94 -2.91
CA ARG A 43 -0.03 14.39 -3.57
C ARG A 43 0.39 13.42 -4.68
N HIS A 44 1.25 12.49 -4.30
CA HIS A 44 1.74 11.50 -5.25
C HIS A 44 2.56 10.43 -4.49
N LEU A 45 2.27 9.18 -4.82
CA LEU A 45 2.96 8.07 -4.20
C LEU A 45 3.49 7.12 -5.28
N ARG A 46 4.78 6.83 -5.20
CA ARG A 46 5.41 5.94 -6.16
C ARG A 46 6.20 4.85 -5.44
N VAL A 47 5.64 3.65 -5.45
CA VAL A 47 6.28 2.52 -4.80
C VAL A 47 6.60 1.45 -5.85
N GLY A 48 7.66 0.69 -5.58
CA GLY A 48 8.06 -0.37 -6.48
C GLY A 48 9.52 -0.76 -6.24
N LEU A 49 10.02 -1.65 -7.10
CA LEU A 49 11.39 -2.11 -6.98
C LEU A 49 12.23 -1.49 -8.10
N LYS A 50 13.35 -0.91 -7.70
CA LYS A 50 14.25 -0.29 -8.65
C LYS A 50 14.31 -1.13 -9.92
N GLY A 51 14.13 -0.46 -11.06
CA GLY A 51 14.16 -1.13 -12.34
C GLY A 51 12.79 -1.72 -12.68
N GLN A 52 12.15 -2.27 -11.66
CA GLN A 52 10.84 -2.87 -11.84
C GLN A 52 9.76 -1.78 -11.87
N PRO A 53 8.52 -2.21 -12.27
CA PRO A 53 7.40 -1.29 -12.35
C PRO A 53 6.86 -0.96 -10.96
N PRO A 54 6.46 0.33 -10.79
CA PRO A 54 5.93 0.77 -9.52
C PRO A 54 4.50 0.26 -9.31
N VAL A 55 4.34 -0.54 -8.27
CA VAL A 55 3.04 -1.10 -7.94
C VAL A 55 2.06 0.04 -7.64
N VAL A 56 2.59 1.07 -6.99
CA VAL A 56 1.78 2.22 -6.64
C VAL A 56 2.25 3.44 -7.42
N ASP A 57 1.31 4.08 -8.09
CA ASP A 57 1.63 5.26 -8.89
C ASP A 57 0.33 5.99 -9.25
N GLY A 58 0.25 7.24 -8.83
CA GLY A 58 -0.92 8.05 -9.09
C GLY A 58 -1.03 9.20 -8.09
N GLU A 59 -1.73 10.24 -8.51
CA GLU A 59 -1.92 11.41 -7.66
C GLU A 59 -2.87 11.07 -6.51
N LEU A 60 -2.32 11.07 -5.31
CA LEU A 60 -3.09 10.78 -4.12
C LEU A 60 -4.40 11.57 -4.16
N TYR A 61 -5.34 11.14 -3.32
CA TYR A 61 -6.63 11.80 -3.26
C TYR A 61 -6.51 13.18 -2.62
N ASN A 62 -5.62 13.27 -1.64
CA ASN A 62 -5.39 14.53 -0.94
C ASN A 62 -3.93 14.60 -0.50
N GLU A 63 -3.50 15.82 -0.19
CA GLU A 63 -2.14 16.04 0.24
C GLU A 63 -1.85 15.27 1.53
N VAL A 64 -0.64 14.77 1.62
CA VAL A 64 -0.23 14.01 2.79
C VAL A 64 1.14 14.51 3.26
N LYS A 65 1.24 14.70 4.57
CA LYS A 65 2.49 15.18 5.16
C LYS A 65 3.61 14.22 4.79
N VAL A 66 4.44 14.66 3.84
CA VAL A 66 5.57 13.87 3.40
C VAL A 66 6.69 13.94 4.44
N GLU A 67 6.83 15.11 5.02
CA GLU A 67 7.85 15.33 6.03
C GLU A 67 7.70 14.33 7.18
N GLU A 68 6.44 14.06 7.52
CA GLU A 68 6.14 13.13 8.60
C GLU A 68 6.00 11.71 8.03
N SER A 69 5.87 11.64 6.72
CA SER A 69 5.73 10.35 6.05
C SER A 69 7.02 9.53 6.22
N SER A 70 6.82 8.23 6.37
CA SER A 70 7.95 7.32 6.54
C SER A 70 7.58 5.93 6.04
N TRP A 71 8.46 5.38 5.21
CA TRP A 71 8.24 4.06 4.65
C TRP A 71 9.30 3.13 5.23
N LEU A 72 9.04 1.83 5.10
CA LEU A 72 9.95 0.82 5.61
C LEU A 72 9.75 -0.48 4.85
N ILE A 73 10.52 -1.48 5.22
CA ILE A 73 10.43 -2.79 4.58
C ILE A 73 10.15 -3.85 5.64
N GLU A 74 8.96 -4.42 5.56
CA GLU A 74 8.56 -5.45 6.50
C GLU A 74 8.88 -6.84 5.94
N ASP A 75 9.41 -7.68 6.81
CA ASP A 75 9.76 -9.04 6.42
C ASP A 75 10.87 -8.98 5.36
N GLY A 76 11.44 -7.80 5.21
CA GLY A 76 12.51 -7.60 4.25
C GLY A 76 12.04 -7.96 2.83
N LYS A 77 10.85 -7.48 2.50
CA LYS A 77 10.28 -7.74 1.19
C LYS A 77 9.03 -6.88 1.00
N VAL A 78 8.24 -6.80 2.06
CA VAL A 78 7.01 -6.03 2.03
C VAL A 78 7.34 -4.55 2.29
N VAL A 79 7.07 -3.73 1.28
CA VAL A 79 7.33 -2.31 1.38
C VAL A 79 6.09 -1.60 1.92
N THR A 80 6.25 -1.01 3.10
CA THR A 80 5.16 -0.29 3.74
C THR A 80 5.35 1.22 3.59
N VAL A 81 4.23 1.90 3.41
CA VAL A 81 4.27 3.35 3.26
C VAL A 81 3.28 3.98 4.25
N HIS A 82 3.76 4.99 4.96
CA HIS A 82 2.93 5.69 5.93
C HIS A 82 2.72 7.14 5.49
N LEU A 83 1.47 7.47 5.23
CA LEU A 83 1.12 8.81 4.79
C LEU A 83 0.27 9.48 5.86
N GLU A 84 0.44 10.79 5.98
CA GLU A 84 -0.32 11.56 6.96
C GLU A 84 -1.23 12.57 6.26
N LYS A 85 -2.51 12.33 6.36
CA LYS A 85 -3.50 13.21 5.75
C LYS A 85 -3.29 14.64 6.25
N ILE A 86 -3.10 15.55 5.31
CA ILE A 86 -2.89 16.95 5.65
C ILE A 86 -4.13 17.50 6.34
N ASN A 87 -5.25 16.85 6.06
CA ASN A 87 -6.52 17.26 6.66
C ASN A 87 -6.81 16.40 7.89
N LYS A 88 -6.89 15.11 7.66
CA LYS A 88 -7.16 14.17 8.75
C LYS A 88 -8.67 13.97 8.88
N MET A 89 -9.07 12.71 8.88
CA MET A 89 -10.47 12.37 9.00
C MET A 89 -11.22 12.62 7.68
N GLU A 90 -10.68 12.03 6.62
CA GLU A 90 -11.27 12.18 5.30
C GLU A 90 -11.19 10.86 4.53
N TRP A 91 -12.27 10.11 4.58
CA TRP A 91 -12.32 8.83 3.89
C TRP A 91 -11.97 9.07 2.42
N TRP A 92 -10.86 8.47 2.02
CA TRP A 92 -10.38 8.62 0.65
C TRP A 92 -11.21 7.68 -0.23
N ASN A 93 -11.75 8.25 -1.29
CA ASN A 93 -12.57 7.48 -2.23
C ASN A 93 -11.66 6.63 -3.11
N ARG A 94 -10.37 6.94 -3.05
CA ARG A 94 -9.39 6.22 -3.84
C ARG A 94 -7.98 6.72 -3.53
N LEU A 95 -7.13 5.79 -3.13
CA LEU A 95 -5.76 6.12 -2.79
C LEU A 95 -5.20 7.08 -3.83
N VAL A 96 -5.27 6.66 -5.09
CA VAL A 96 -4.77 7.47 -6.18
C VAL A 96 -5.91 7.73 -7.17
N THR A 97 -5.70 8.73 -8.02
CA THR A 97 -6.70 9.09 -9.01
C THR A 97 -6.44 8.35 -10.32
N SER A 98 -5.17 8.03 -10.54
CA SER A 98 -4.78 7.33 -11.75
C SER A 98 -4.13 5.99 -11.39
N ASP A 99 -4.93 4.94 -11.49
CA ASP A 99 -4.46 3.60 -11.17
C ASP A 99 -3.39 3.19 -12.19
N PRO A 100 -2.54 2.22 -11.79
CA PRO A 100 -1.48 1.73 -12.65
C PRO A 100 -2.05 0.82 -13.74
N GLU A 101 -2.39 -0.39 -13.34
CA GLU A 101 -2.94 -1.36 -14.27
C GLU A 101 -4.38 -1.71 -13.89
N ILE A 102 -4.52 -2.22 -12.67
CA ILE A 102 -5.84 -2.60 -12.17
C ILE A 102 -6.29 -1.59 -11.11
N ASN A 103 -7.60 -1.50 -10.95
CA ASN A 103 -8.17 -0.58 -9.98
C ASN A 103 -8.56 -1.35 -8.73
N THR A 104 -9.16 -2.51 -8.94
CA THR A 104 -9.58 -3.35 -7.84
C THR A 104 -9.89 -4.77 -8.33
N LYS A 105 -10.53 -5.55 -7.46
CA LYS A 105 -10.88 -6.91 -7.79
C LYS A 105 -12.40 -7.06 -7.79
N LYS A 106 -12.88 -8.02 -8.56
CA LYS A 106 -14.30 -8.27 -8.65
C LYS A 106 -14.77 -8.98 -7.37
N ILE A 107 -15.56 -8.25 -6.59
CA ILE A 107 -16.09 -8.81 -5.35
C ILE A 107 -17.47 -9.39 -5.60
N ASN A 108 -18.42 -8.49 -5.83
CA ASN A 108 -19.79 -8.90 -6.08
C ASN A 108 -19.93 -9.36 -7.53
N PRO A 109 -20.96 -10.21 -7.78
CA PRO A 109 -21.20 -10.73 -9.12
C PRO A 109 -21.83 -9.66 -10.00
N GLU A 110 -22.94 -9.11 -9.53
CA GLU A 110 -23.65 -8.08 -10.26
C GLU A 110 -23.84 -6.84 -9.40
N ASN A 111 -25.02 -6.24 -9.52
CA ASN A 111 -25.34 -5.05 -8.75
C ASN A 111 -26.67 -4.48 -9.24
N SER A 112 -27.42 -3.93 -8.30
CA SER A 112 -28.71 -3.34 -8.61
C SER A 112 -29.00 -2.17 -7.68
N LYS A 113 -28.34 -1.06 -7.97
CA LYS A 113 -28.51 0.15 -7.17
C LYS A 113 -28.39 1.38 -8.07
N LEU A 114 -28.56 2.54 -7.46
CA LEU A 114 -28.47 3.79 -8.19
C LEU A 114 -27.75 4.84 -7.33
N SER A 115 -26.54 5.17 -7.75
CA SER A 115 -25.75 6.15 -7.02
C SER A 115 -24.37 6.29 -7.67
N ASP A 116 -24.32 7.10 -8.71
CA ASP A 116 -23.06 7.32 -9.42
C ASP A 116 -22.81 8.82 -9.54
N LEU A 117 -22.14 9.36 -8.54
CA LEU A 117 -21.83 10.78 -8.51
C LEU A 117 -20.34 10.97 -8.79
N ASP A 118 -20.06 11.74 -9.84
CA ASP A 118 -18.67 12.00 -10.22
C ASP A 118 -18.66 13.07 -11.31
N SER A 119 -17.94 14.15 -11.03
CA SER A 119 -17.84 15.25 -11.98
C SER A 119 -16.99 16.38 -11.39
N GLU A 120 -15.72 16.38 -11.76
CA GLU A 120 -14.80 17.40 -11.28
C GLU A 120 -14.05 18.03 -12.44
N THR A 121 -12.80 18.41 -12.17
CA THR A 121 -11.97 19.03 -13.18
C THR A 121 -10.55 19.18 -12.68
N ARG A 122 -9.65 19.53 -13.59
CA ARG A 122 -8.25 19.71 -13.26
C ARG A 122 -7.78 21.10 -13.68
N SER A 123 -7.25 21.84 -12.71
CA SER A 123 -6.76 23.18 -12.97
C SER A 123 -6.21 23.80 -11.68
N MET A 124 -5.57 24.95 -11.83
CA MET A 124 -5.00 25.64 -10.69
C MET A 124 -5.89 26.80 -10.25
N VAL A 125 -5.79 27.13 -8.97
CA VAL A 125 -6.58 28.22 -8.41
C VAL A 125 -5.65 29.21 -7.73
N SER A 126 -6.12 29.72 -6.59
CA SER A 126 -5.35 30.70 -5.83
C SER A 126 -6.15 31.19 -4.63
N GLY A 127 -5.57 31.00 -3.45
CA GLY A 127 -6.23 31.42 -2.22
C GLY A 127 -5.24 31.49 -1.06
N PRO A 128 -4.89 32.75 -0.67
CA PRO A 128 -3.95 32.96 0.41
C PRO A 128 -4.60 32.69 1.76
N SER A 129 -3.84 32.91 2.82
CA SER A 129 -4.33 32.69 4.17
C SER A 129 -3.83 33.81 5.09
N SER A 130 -4.34 33.78 6.31
CA SER A 130 -3.96 34.78 7.30
C SER A 130 -4.36 36.17 6.82
N GLY A 131 -4.54 37.07 7.78
CA GLY A 131 -4.93 38.44 7.46
C GLY A 131 -4.63 39.37 8.63
N GLY A 1 -5.74 -17.91 1.62
CA GLY A 1 -5.72 -17.60 0.20
C GLY A 1 -4.31 -17.70 -0.35
N SER A 2 -4.22 -18.08 -1.62
CA SER A 2 -2.93 -18.21 -2.29
C SER A 2 -2.84 -17.22 -3.45
N SER A 3 -3.77 -17.37 -4.39
CA SER A 3 -3.80 -16.50 -5.56
C SER A 3 -4.60 -15.24 -5.24
N GLY A 4 -5.86 -15.45 -4.86
CA GLY A 4 -6.73 -14.33 -4.53
C GLY A 4 -6.05 -13.37 -3.55
N SER A 5 -6.76 -12.29 -3.25
CA SER A 5 -6.24 -11.30 -2.33
C SER A 5 -7.31 -10.23 -2.05
N SER A 6 -7.08 -9.47 -1.00
CA SER A 6 -8.00 -8.42 -0.61
C SER A 6 -7.66 -7.13 -1.33
N GLY A 7 -8.65 -6.25 -1.42
CA GLY A 7 -8.48 -4.97 -2.08
C GLY A 7 -7.74 -5.14 -3.42
N PRO A 8 -6.96 -4.09 -3.78
CA PRO A 8 -6.21 -4.11 -5.02
C PRO A 8 -4.98 -5.02 -4.90
N ASN A 9 -4.05 -4.83 -5.83
CA ASN A 9 -2.83 -5.63 -5.84
C ASN A 9 -2.09 -5.43 -4.51
N TYR A 10 -2.44 -4.36 -3.82
CA TYR A 10 -1.83 -4.05 -2.55
C TYR A 10 -2.87 -3.63 -1.52
N ARG A 11 -2.49 -3.73 -0.26
CA ARG A 11 -3.38 -3.36 0.83
C ARG A 11 -3.06 -1.95 1.33
N TRP A 12 -4.12 -1.19 1.60
CA TRP A 12 -3.96 0.17 2.07
C TRP A 12 -5.22 0.54 2.86
N THR A 13 -5.00 1.07 4.06
CA THR A 13 -6.09 1.47 4.92
C THR A 13 -5.87 2.90 5.43
N GLN A 14 -6.45 3.16 6.60
CA GLN A 14 -6.33 4.48 7.20
C GLN A 14 -7.23 4.57 8.44
N THR A 15 -7.25 5.76 9.02
CA THR A 15 -8.06 6.00 10.20
C THR A 15 -8.41 7.49 10.32
N LEU A 16 -8.97 8.02 9.25
CA LEU A 16 -9.37 9.42 9.22
C LEU A 16 -8.24 10.27 9.81
N ALA A 17 -7.03 9.74 9.71
CA ALA A 17 -5.86 10.44 10.22
C ALA A 17 -4.63 10.05 9.40
N GLU A 18 -4.12 8.86 9.68
CA GLU A 18 -2.95 8.37 8.97
C GLU A 18 -3.36 7.33 7.92
N LEU A 19 -2.49 7.17 6.93
CA LEU A 19 -2.76 6.22 5.86
C LEU A 19 -1.75 5.07 5.94
N ASP A 20 -2.27 3.86 5.81
CA ASP A 20 -1.43 2.68 5.87
C ASP A 20 -1.40 2.02 4.49
N LEU A 21 -0.23 1.48 4.16
CA LEU A 21 -0.05 0.82 2.88
C LEU A 21 1.02 -0.27 3.02
N ALA A 22 0.76 -1.39 2.35
CA ALA A 22 1.69 -2.51 2.39
C ALA A 22 1.72 -3.19 1.02
N VAL A 23 2.88 -3.13 0.39
CA VAL A 23 3.06 -3.73 -0.92
C VAL A 23 4.05 -4.90 -0.81
N PRO A 24 3.49 -6.13 -0.88
CA PRO A 24 4.31 -7.33 -0.79
C PRO A 24 5.07 -7.58 -2.09
N PHE A 25 6.20 -8.24 -1.96
CA PHE A 25 7.03 -8.55 -3.12
C PHE A 25 7.56 -9.98 -3.05
N ARG A 26 7.72 -10.59 -4.22
CA ARG A 26 8.21 -11.94 -4.31
C ARG A 26 9.73 -11.94 -4.54
N VAL A 27 10.45 -11.68 -3.46
CA VAL A 27 11.90 -11.64 -3.52
C VAL A 27 12.47 -12.85 -2.76
N SER A 28 13.74 -13.13 -3.02
CA SER A 28 14.41 -14.24 -2.37
C SER A 28 15.51 -13.72 -1.45
N PHE A 29 15.48 -12.42 -1.20
CA PHE A 29 16.47 -11.78 -0.35
C PHE A 29 15.81 -10.77 0.58
N ARG A 30 16.65 -10.14 1.41
CA ARG A 30 16.17 -9.15 2.35
C ARG A 30 16.38 -7.74 1.78
N LEU A 31 15.30 -7.14 1.34
CA LEU A 31 15.35 -5.80 0.78
C LEU A 31 15.99 -4.86 1.79
N LYS A 32 17.03 -4.16 1.34
CA LYS A 32 17.73 -3.22 2.19
C LYS A 32 17.05 -1.86 2.12
N GLY A 33 16.77 -1.44 0.89
CA GLY A 33 16.13 -0.15 0.67
C GLY A 33 16.79 0.61 -0.46
N LYS A 34 17.97 0.14 -0.84
CA LYS A 34 18.73 0.77 -1.91
C LYS A 34 18.28 0.19 -3.25
N ASP A 35 17.49 -0.88 -3.17
CA ASP A 35 17.00 -1.53 -4.37
C ASP A 35 15.49 -1.29 -4.49
N VAL A 36 14.98 -0.50 -3.56
CA VAL A 36 13.56 -0.18 -3.55
C VAL A 36 13.38 1.31 -3.87
N VAL A 37 12.14 1.66 -4.19
CA VAL A 37 11.81 3.03 -4.51
C VAL A 37 10.44 3.39 -3.92
N VAL A 38 10.42 4.47 -3.17
CA VAL A 38 9.19 4.93 -2.54
C VAL A 38 9.18 6.46 -2.48
N ASP A 39 8.61 7.06 -3.51
CA ASP A 39 8.53 8.51 -3.59
C ASP A 39 7.25 8.98 -2.90
N ILE A 40 7.42 9.43 -1.66
CA ILE A 40 6.30 9.91 -0.88
C ILE A 40 6.19 11.43 -1.04
N GLN A 41 5.42 11.82 -2.05
CA GLN A 41 5.21 13.24 -2.33
C GLN A 41 3.93 13.74 -1.65
N ARG A 42 3.79 15.05 -1.63
CA ARG A 42 2.62 15.66 -1.02
C ARG A 42 1.33 15.08 -1.62
N ARG A 43 1.33 15.02 -2.95
CA ARG A 43 0.18 14.49 -3.66
C ARG A 43 0.63 13.53 -4.76
N HIS A 44 1.47 12.59 -4.38
CA HIS A 44 1.97 11.61 -5.31
C HIS A 44 2.78 10.54 -4.57
N LEU A 45 2.50 9.28 -4.91
CA LEU A 45 3.18 8.16 -4.27
C LEU A 45 3.59 7.16 -5.35
N ARG A 46 4.90 7.05 -5.53
CA ARG A 46 5.45 6.13 -6.53
C ARG A 46 6.34 5.09 -5.84
N VAL A 47 5.90 3.84 -5.93
CA VAL A 47 6.65 2.75 -5.33
C VAL A 47 6.73 1.59 -6.32
N GLY A 48 7.97 1.24 -6.67
CA GLY A 48 8.20 0.16 -7.61
C GLY A 48 9.65 -0.30 -7.56
N LEU A 49 9.90 -1.31 -6.73
CA LEU A 49 11.24 -1.85 -6.58
C LEU A 49 12.08 -1.48 -7.80
N LYS A 50 13.09 -0.66 -7.54
CA LYS A 50 13.98 -0.22 -8.60
C LYS A 50 14.19 -1.36 -9.60
N GLY A 51 13.77 -1.11 -10.83
CA GLY A 51 13.91 -2.12 -11.89
C GLY A 51 12.57 -2.83 -12.14
N GLN A 52 11.76 -2.86 -11.10
CA GLN A 52 10.45 -3.51 -11.20
C GLN A 52 9.36 -2.46 -11.41
N PRO A 53 8.13 -2.97 -11.72
CA PRO A 53 7.00 -2.09 -11.95
C PRO A 53 6.47 -1.53 -10.63
N PRO A 54 6.14 -0.21 -10.66
CA PRO A 54 5.62 0.45 -9.47
C PRO A 54 4.17 0.06 -9.22
N VAL A 55 3.97 -0.65 -8.12
CA VAL A 55 2.63 -1.09 -7.75
C VAL A 55 1.77 0.13 -7.37
N VAL A 56 2.44 1.12 -6.80
CA VAL A 56 1.76 2.34 -6.39
C VAL A 56 2.24 3.50 -7.26
N ASP A 57 1.36 3.96 -8.13
CA ASP A 57 1.69 5.06 -9.02
C ASP A 57 0.40 5.80 -9.39
N GLY A 58 0.29 7.02 -8.89
CA GLY A 58 -0.88 7.84 -9.16
C GLY A 58 -0.92 9.06 -8.23
N GLU A 59 -1.89 9.92 -8.49
CA GLU A 59 -2.05 11.13 -7.70
C GLU A 59 -2.92 10.85 -6.47
N LEU A 60 -2.31 11.03 -5.30
CA LEU A 60 -3.01 10.80 -4.05
C LEU A 60 -4.34 11.56 -4.07
N TYR A 61 -5.18 11.23 -3.10
CA TYR A 61 -6.49 11.88 -3.00
C TYR A 61 -6.34 13.37 -2.68
N ASN A 62 -5.28 13.68 -1.94
CA ASN A 62 -5.02 15.06 -1.57
C ASN A 62 -3.59 15.16 -0.99
N GLU A 63 -3.28 16.35 -0.50
CA GLU A 63 -1.96 16.59 0.07
C GLU A 63 -1.80 15.79 1.37
N VAL A 64 -0.59 15.29 1.56
CA VAL A 64 -0.28 14.51 2.75
C VAL A 64 1.09 14.92 3.28
N LYS A 65 1.14 15.13 4.60
CA LYS A 65 2.38 15.52 5.24
C LYS A 65 3.45 14.47 4.95
N VAL A 66 4.31 14.79 3.98
CA VAL A 66 5.37 13.89 3.59
C VAL A 66 6.48 13.94 4.64
N GLU A 67 6.61 15.11 5.27
CA GLU A 67 7.62 15.30 6.29
C GLU A 67 7.39 14.34 7.46
N GLU A 68 6.17 13.82 7.51
CA GLU A 68 5.81 12.90 8.57
C GLU A 68 5.62 11.48 8.01
N SER A 69 5.75 11.39 6.69
CA SER A 69 5.61 10.11 6.02
C SER A 69 6.91 9.31 6.14
N SER A 70 6.77 7.99 6.05
CA SER A 70 7.92 7.11 6.16
C SER A 70 7.52 5.69 5.71
N TRP A 71 8.45 5.05 5.01
CA TRP A 71 8.22 3.70 4.52
C TRP A 71 9.28 2.79 5.13
N LEU A 72 9.00 1.50 5.09
CA LEU A 72 9.92 0.52 5.64
C LEU A 72 9.64 -0.85 5.00
N ILE A 73 10.65 -1.70 5.02
CA ILE A 73 10.53 -3.03 4.45
C ILE A 73 10.11 -4.01 5.54
N GLU A 74 9.02 -4.72 5.28
CA GLU A 74 8.49 -5.69 6.23
C GLU A 74 8.85 -7.11 5.79
N ASP A 75 9.26 -7.91 6.75
CA ASP A 75 9.63 -9.29 6.47
C ASP A 75 10.79 -9.31 5.48
N GLY A 76 11.44 -8.16 5.34
CA GLY A 76 12.57 -8.03 4.45
C GLY A 76 12.18 -8.43 3.02
N LYS A 77 11.02 -7.94 2.61
CA LYS A 77 10.52 -8.24 1.27
C LYS A 77 9.33 -7.34 0.96
N VAL A 78 8.44 -7.24 1.94
CA VAL A 78 7.25 -6.41 1.79
C VAL A 78 7.61 -4.95 2.07
N VAL A 79 6.86 -4.06 1.43
CA VAL A 79 7.10 -2.63 1.60
C VAL A 79 5.86 -2.00 2.24
N THR A 80 6.11 -1.15 3.24
CA THR A 80 5.04 -0.48 3.93
C THR A 80 5.22 1.04 3.86
N VAL A 81 4.10 1.72 3.65
CA VAL A 81 4.13 3.18 3.55
C VAL A 81 3.19 3.78 4.59
N HIS A 82 3.57 4.94 5.10
CA HIS A 82 2.78 5.62 6.10
C HIS A 82 2.58 7.08 5.69
N LEU A 83 1.40 7.36 5.17
CA LEU A 83 1.07 8.71 4.74
C LEU A 83 0.26 9.40 5.83
N GLU A 84 0.40 10.73 5.89
CA GLU A 84 -0.31 11.51 6.87
C GLU A 84 -1.07 12.66 6.19
N LYS A 85 -2.37 12.71 6.46
CA LYS A 85 -3.21 13.74 5.88
C LYS A 85 -2.86 15.10 6.51
N ILE A 86 -3.11 16.14 5.75
CA ILE A 86 -2.83 17.49 6.21
C ILE A 86 -3.94 17.95 7.16
N ASN A 87 -5.14 17.46 6.90
CA ASN A 87 -6.29 17.80 7.72
C ASN A 87 -6.51 16.70 8.77
N LYS A 88 -6.50 15.46 8.29
CA LYS A 88 -6.69 14.32 9.17
C LYS A 88 -8.12 14.35 9.72
N MET A 89 -9.06 14.25 8.80
CA MET A 89 -10.47 14.26 9.18
C MET A 89 -11.34 13.69 8.06
N GLU A 90 -11.02 14.10 6.84
CA GLU A 90 -11.76 13.63 5.68
C GLU A 90 -11.51 12.14 5.44
N TRP A 91 -12.49 11.50 4.83
CA TRP A 91 -12.38 10.08 4.54
C TRP A 91 -12.06 9.92 3.06
N TRP A 92 -10.97 9.21 2.80
CA TRP A 92 -10.54 8.97 1.43
C TRP A 92 -11.41 7.86 0.85
N ASN A 93 -11.71 8.00 -0.43
CA ASN A 93 -12.54 7.03 -1.12
C ASN A 93 -11.66 6.22 -2.07
N ARG A 94 -10.38 6.52 -2.05
CA ARG A 94 -9.42 5.83 -2.90
C ARG A 94 -8.00 6.29 -2.59
N LEU A 95 -7.05 5.41 -2.87
CA LEU A 95 -5.65 5.72 -2.63
C LEU A 95 -5.20 6.84 -3.57
N VAL A 96 -5.39 6.59 -4.86
CA VAL A 96 -5.01 7.56 -5.86
C VAL A 96 -6.24 7.93 -6.69
N THR A 97 -6.26 9.18 -7.15
CA THR A 97 -7.37 9.67 -7.95
C THR A 97 -7.34 9.05 -9.35
N SER A 98 -6.13 8.77 -9.80
CA SER A 98 -5.94 8.18 -11.12
C SER A 98 -5.29 6.80 -10.99
N ASP A 99 -6.16 5.78 -10.96
CA ASP A 99 -5.68 4.41 -10.84
C ASP A 99 -4.89 4.04 -12.09
N PRO A 100 -3.77 3.29 -11.86
CA PRO A 100 -2.92 2.86 -12.96
C PRO A 100 -3.57 1.71 -13.74
N GLU A 101 -3.29 0.50 -13.29
CA GLU A 101 -3.83 -0.68 -13.93
C GLU A 101 -4.99 -1.25 -13.11
N ILE A 102 -4.82 -1.19 -11.80
CA ILE A 102 -5.85 -1.69 -10.90
C ILE A 102 -6.34 -0.55 -10.01
N ASN A 103 -7.51 -0.75 -9.44
CA ASN A 103 -8.11 0.25 -8.57
C ASN A 103 -9.03 -0.44 -7.55
N THR A 104 -10.06 -1.08 -8.08
CA THR A 104 -11.01 -1.78 -7.23
C THR A 104 -11.03 -3.27 -7.57
N LYS A 105 -11.28 -4.07 -6.54
CA LYS A 105 -11.32 -5.52 -6.72
C LYS A 105 -12.20 -6.14 -5.63
N LYS A 106 -13.01 -7.09 -6.05
CA LYS A 106 -13.91 -7.76 -5.12
C LYS A 106 -13.16 -8.07 -3.82
N ILE A 107 -13.89 -8.00 -2.72
CA ILE A 107 -13.32 -8.25 -1.41
C ILE A 107 -12.51 -9.55 -1.47
N ASN A 108 -13.22 -10.65 -1.71
CA ASN A 108 -12.58 -11.95 -1.79
C ASN A 108 -13.20 -12.74 -2.95
N PRO A 109 -12.33 -13.48 -3.67
CA PRO A 109 -12.78 -14.28 -4.80
C PRO A 109 -13.49 -15.55 -4.32
N GLU A 110 -12.72 -16.45 -3.73
CA GLU A 110 -13.26 -17.69 -3.22
C GLU A 110 -12.35 -18.28 -2.16
N ASN A 111 -12.80 -18.19 -0.91
CA ASN A 111 -12.04 -18.71 0.21
C ASN A 111 -12.98 -19.37 1.20
N SER A 112 -12.40 -20.19 2.07
CA SER A 112 -13.18 -20.90 3.08
C SER A 112 -12.46 -20.84 4.42
N LYS A 113 -12.91 -19.91 5.25
CA LYS A 113 -12.33 -19.74 6.58
C LYS A 113 -13.08 -20.61 7.58
N LEU A 114 -12.58 -20.61 8.81
CA LEU A 114 -13.20 -21.40 9.86
C LEU A 114 -13.75 -20.45 10.93
N SER A 115 -15.04 -20.17 10.83
CA SER A 115 -15.69 -19.29 11.79
C SER A 115 -16.72 -20.06 12.60
N ASP A 116 -16.22 -20.75 13.61
CA ASP A 116 -17.09 -21.54 14.48
C ASP A 116 -16.81 -21.18 15.94
N LEU A 117 -17.17 -19.95 16.29
CA LEU A 117 -16.97 -19.47 17.65
C LEU A 117 -18.07 -20.02 18.54
N ASP A 118 -17.75 -20.10 19.83
CA ASP A 118 -18.70 -20.60 20.81
C ASP A 118 -18.90 -19.56 21.91
N SER A 119 -20.14 -19.43 22.35
CA SER A 119 -20.47 -18.48 23.40
C SER A 119 -21.98 -18.50 23.67
N GLU A 120 -22.32 -18.77 24.93
CA GLU A 120 -23.71 -18.82 25.33
C GLU A 120 -23.83 -18.79 26.86
N THR A 121 -24.20 -17.63 27.36
CA THR A 121 -24.35 -17.45 28.80
C THR A 121 -25.76 -16.93 29.13
N ARG A 122 -26.19 -17.25 30.35
CA ARG A 122 -27.51 -16.83 30.80
C ARG A 122 -27.74 -17.27 32.25
N SER A 123 -28.75 -16.67 32.86
CA SER A 123 -29.09 -17.00 34.24
C SER A 123 -30.51 -16.54 34.54
N MET A 124 -31.05 -17.07 35.64
CA MET A 124 -32.40 -16.72 36.06
C MET A 124 -32.61 -17.06 37.53
N VAL A 125 -33.14 -16.08 38.25
CA VAL A 125 -33.40 -16.26 39.68
C VAL A 125 -34.13 -15.04 40.22
N SER A 126 -35.31 -15.29 40.77
CA SER A 126 -36.11 -14.22 41.33
C SER A 126 -37.19 -14.80 42.25
N GLY A 127 -37.58 -13.99 43.22
CA GLY A 127 -38.60 -14.39 44.18
C GLY A 127 -38.91 -13.28 45.17
N PRO A 128 -40.14 -13.34 45.74
CA PRO A 128 -40.57 -12.33 46.70
C PRO A 128 -39.90 -12.55 48.06
N SER A 129 -40.30 -11.73 49.02
CA SER A 129 -39.76 -11.83 50.36
C SER A 129 -40.74 -11.24 51.37
N SER A 130 -40.45 -11.49 52.64
CA SER A 130 -41.30 -11.00 53.71
C SER A 130 -40.50 -10.87 55.01
N GLY A 131 -41.06 -10.13 55.95
CA GLY A 131 -40.41 -9.92 57.23
C GLY A 131 -39.99 -8.46 57.40
N GLY A 1 -16.97 -18.81 -14.38
CA GLY A 1 -15.78 -19.17 -15.14
C GLY A 1 -14.52 -18.57 -14.49
N SER A 2 -14.51 -17.25 -14.40
CA SER A 2 -13.39 -16.56 -13.81
C SER A 2 -13.82 -15.83 -12.53
N SER A 3 -12.93 -15.86 -11.55
CA SER A 3 -13.21 -15.21 -10.28
C SER A 3 -13.25 -13.70 -10.45
N GLY A 4 -13.73 -13.03 -9.41
CA GLY A 4 -13.83 -11.58 -9.44
C GLY A 4 -12.88 -10.95 -8.42
N SER A 5 -12.85 -9.62 -8.44
CA SER A 5 -11.99 -8.88 -7.52
C SER A 5 -12.29 -7.38 -7.62
N SER A 6 -11.70 -6.63 -6.69
CA SER A 6 -11.89 -5.20 -6.66
C SER A 6 -10.79 -4.54 -5.83
N GLY A 7 -9.89 -3.86 -6.54
CA GLY A 7 -8.78 -3.19 -5.88
C GLY A 7 -7.47 -3.44 -6.63
N PRO A 8 -6.41 -2.72 -6.16
CA PRO A 8 -5.09 -2.86 -6.77
C PRO A 8 -4.43 -4.17 -6.37
N ASN A 9 -3.13 -4.22 -6.58
CA ASN A 9 -2.36 -5.42 -6.24
C ASN A 9 -1.59 -5.17 -4.94
N TYR A 10 -2.24 -4.46 -4.04
CA TYR A 10 -1.62 -4.16 -2.75
C TYR A 10 -2.69 -3.73 -1.73
N ARG A 11 -2.27 -3.73 -0.47
CA ARG A 11 -3.17 -3.35 0.61
C ARG A 11 -2.86 -1.92 1.07
N TRP A 12 -3.93 -1.20 1.42
CA TRP A 12 -3.79 0.17 1.87
C TRP A 12 -4.93 0.45 2.86
N THR A 13 -4.58 1.14 3.93
CA THR A 13 -5.56 1.48 4.95
C THR A 13 -5.33 2.91 5.45
N GLN A 14 -6.26 3.37 6.27
CA GLN A 14 -6.18 4.71 6.83
C GLN A 14 -7.11 4.85 8.04
N THR A 15 -6.73 5.76 8.92
CA THR A 15 -7.52 5.99 10.12
C THR A 15 -7.89 7.48 10.24
N LEU A 16 -8.57 7.96 9.21
CA LEU A 16 -8.98 9.36 9.19
C LEU A 16 -7.84 10.23 9.70
N ALA A 17 -6.62 9.75 9.49
CA ALA A 17 -5.45 10.48 9.92
C ALA A 17 -4.25 10.05 9.08
N GLU A 18 -3.72 8.87 9.41
CA GLU A 18 -2.57 8.34 8.68
C GLU A 18 -3.03 7.28 7.68
N LEU A 19 -2.16 7.02 6.72
CA LEU A 19 -2.46 6.04 5.69
C LEU A 19 -1.40 4.93 5.72
N ASP A 20 -1.89 3.70 5.80
CA ASP A 20 -1.01 2.55 5.85
C ASP A 20 -1.05 1.82 4.50
N LEU A 21 0.13 1.53 3.98
CA LEU A 21 0.24 0.85 2.70
C LEU A 21 1.29 -0.25 2.81
N ALA A 22 1.01 -1.37 2.16
CA ALA A 22 1.91 -2.51 2.18
C ALA A 22 1.87 -3.21 0.82
N VAL A 23 3.05 -3.38 0.24
CA VAL A 23 3.16 -4.04 -1.05
C VAL A 23 4.23 -5.13 -0.98
N PRO A 24 3.74 -6.40 -0.89
CA PRO A 24 4.64 -7.54 -0.82
C PRO A 24 5.27 -7.83 -2.18
N PHE A 25 6.43 -8.46 -2.13
CA PHE A 25 7.15 -8.81 -3.34
C PHE A 25 7.66 -10.26 -3.30
N ARG A 26 8.09 -10.73 -4.45
CA ARG A 26 8.61 -12.09 -4.54
C ARG A 26 10.13 -12.09 -4.48
N VAL A 27 10.64 -12.18 -3.26
CA VAL A 27 12.08 -12.20 -3.04
C VAL A 27 12.44 -13.33 -2.08
N SER A 28 13.74 -13.58 -1.98
CA SER A 28 14.23 -14.63 -1.11
C SER A 28 15.19 -14.05 -0.07
N PHE A 29 15.28 -12.74 -0.07
CA PHE A 29 16.15 -12.04 0.87
C PHE A 29 15.48 -10.78 1.42
N ARG A 30 16.16 -10.15 2.36
CA ARG A 30 15.65 -8.94 2.97
C ARG A 30 15.93 -7.73 2.08
N LEU A 31 14.90 -7.34 1.33
CA LEU A 31 15.02 -6.20 0.43
C LEU A 31 15.59 -5.01 1.19
N LYS A 32 16.48 -4.28 0.51
CA LYS A 32 17.10 -3.12 1.12
C LYS A 32 16.27 -1.88 0.81
N GLY A 33 16.64 -0.77 1.45
CA GLY A 33 15.94 0.48 1.25
C GLY A 33 16.53 1.26 0.08
N LYS A 34 17.09 0.53 -0.86
CA LYS A 34 17.71 1.14 -2.03
C LYS A 34 17.24 0.41 -3.29
N ASP A 35 17.21 -0.91 -3.20
CA ASP A 35 16.78 -1.73 -4.31
C ASP A 35 15.32 -1.42 -4.63
N VAL A 36 14.68 -0.69 -3.73
CA VAL A 36 13.29 -0.32 -3.90
C VAL A 36 13.19 1.17 -4.21
N VAL A 37 12.01 1.57 -4.66
CA VAL A 37 11.78 2.96 -5.00
C VAL A 37 10.44 3.41 -4.41
N VAL A 38 10.53 4.19 -3.33
CA VAL A 38 9.33 4.69 -2.67
C VAL A 38 9.35 6.21 -2.68
N ASP A 39 8.59 6.78 -3.59
CA ASP A 39 8.51 8.22 -3.71
C ASP A 39 7.23 8.71 -3.03
N ILE A 40 7.44 9.45 -1.93
CA ILE A 40 6.32 9.98 -1.17
C ILE A 40 6.32 11.51 -1.28
N GLN A 41 5.47 12.01 -2.16
CA GLN A 41 5.36 13.44 -2.36
C GLN A 41 4.13 13.99 -1.63
N ARG A 42 4.01 15.31 -1.67
CA ARG A 42 2.89 15.98 -1.02
C ARG A 42 1.57 15.38 -1.49
N ARG A 43 1.37 15.43 -2.80
CA ARG A 43 0.16 14.90 -3.40
C ARG A 43 0.49 13.95 -4.56
N HIS A 44 1.33 12.97 -4.25
CA HIS A 44 1.74 12.00 -5.25
C HIS A 44 2.57 10.91 -4.59
N LEU A 45 2.07 9.68 -4.68
CA LEU A 45 2.76 8.54 -4.10
C LEU A 45 3.34 7.68 -5.22
N ARG A 46 4.27 6.82 -4.83
CA ARG A 46 4.92 5.94 -5.79
C ARG A 46 5.76 4.89 -5.06
N VAL A 47 5.53 3.64 -5.41
CA VAL A 47 6.25 2.54 -4.79
C VAL A 47 6.54 1.47 -5.85
N GLY A 48 7.67 0.80 -5.67
CA GLY A 48 8.07 -0.25 -6.61
C GLY A 48 9.54 -0.61 -6.40
N LEU A 49 9.95 -1.67 -7.11
CA LEU A 49 11.32 -2.14 -7.01
C LEU A 49 12.14 -1.55 -8.15
N LYS A 50 13.28 -0.99 -7.80
CA LYS A 50 14.17 -0.38 -8.78
C LYS A 50 14.20 -1.25 -10.04
N GLY A 51 13.94 -0.60 -11.17
CA GLY A 51 13.93 -1.30 -12.44
C GLY A 51 12.55 -1.88 -12.73
N GLN A 52 11.89 -2.36 -11.68
CA GLN A 52 10.57 -2.94 -11.81
C GLN A 52 9.51 -1.84 -11.87
N PRO A 53 8.26 -2.26 -12.22
CA PRO A 53 7.16 -1.32 -12.32
C PRO A 53 6.67 -0.92 -10.92
N PRO A 54 6.35 0.39 -10.79
CA PRO A 54 5.87 0.92 -9.52
C PRO A 54 4.41 0.52 -9.28
N VAL A 55 4.23 -0.39 -8.33
CA VAL A 55 2.91 -0.86 -7.99
C VAL A 55 2.00 0.34 -7.68
N VAL A 56 2.61 1.34 -7.06
CA VAL A 56 1.88 2.55 -6.69
C VAL A 56 2.43 3.74 -7.48
N ASP A 57 1.53 4.62 -7.88
CA ASP A 57 1.92 5.80 -8.64
C ASP A 57 0.66 6.56 -9.06
N GLY A 58 0.37 7.61 -8.31
CA GLY A 58 -0.80 8.43 -8.59
C GLY A 58 -0.96 9.53 -7.55
N GLU A 59 -1.63 10.61 -7.96
CA GLU A 59 -1.87 11.73 -7.06
C GLU A 59 -2.75 11.30 -5.88
N LEU A 60 -2.41 11.83 -4.72
CA LEU A 60 -3.17 11.50 -3.52
C LEU A 60 -4.50 12.26 -3.54
N TYR A 61 -5.52 11.61 -2.99
CA TYR A 61 -6.85 12.20 -2.94
C TYR A 61 -6.85 13.46 -2.07
N ASN A 62 -5.73 13.68 -1.39
CA ASN A 62 -5.60 14.83 -0.51
C ASN A 62 -4.14 14.99 -0.11
N GLU A 63 -3.61 16.17 -0.39
CA GLU A 63 -2.22 16.47 -0.05
C GLU A 63 -1.82 15.75 1.24
N VAL A 64 -0.86 14.84 1.10
CA VAL A 64 -0.38 14.09 2.24
C VAL A 64 0.96 14.66 2.70
N LYS A 65 1.13 14.73 4.01
CA LYS A 65 2.36 15.24 4.58
C LYS A 65 3.50 14.26 4.34
N VAL A 66 4.39 14.62 3.43
CA VAL A 66 5.52 13.78 3.10
C VAL A 66 6.47 13.70 4.30
N GLU A 67 6.54 14.79 5.02
CA GLU A 67 7.40 14.87 6.20
C GLU A 67 6.99 13.81 7.22
N GLU A 68 5.68 13.71 7.43
CA GLU A 68 5.14 12.75 8.38
C GLU A 68 5.02 11.37 7.72
N SER A 69 5.57 11.27 6.52
CA SER A 69 5.53 10.02 5.78
C SER A 69 6.76 9.17 6.12
N SER A 70 6.59 7.87 6.00
CA SER A 70 7.66 6.94 6.29
C SER A 70 7.31 5.54 5.77
N TRP A 71 8.27 4.94 5.08
CA TRP A 71 8.08 3.61 4.52
C TRP A 71 9.18 2.70 5.06
N LEU A 72 8.91 1.41 5.05
CA LEU A 72 9.87 0.44 5.52
C LEU A 72 9.55 -0.93 4.91
N ILE A 73 10.54 -1.80 4.95
CA ILE A 73 10.39 -3.14 4.40
C ILE A 73 10.23 -4.15 5.54
N GLU A 74 8.98 -4.57 5.74
CA GLU A 74 8.68 -5.52 6.80
C GLU A 74 9.29 -6.88 6.47
N ASP A 75 10.02 -7.43 7.43
CA ASP A 75 10.65 -8.72 7.26
C ASP A 75 11.38 -8.75 5.92
N GLY A 76 11.72 -7.55 5.43
CA GLY A 76 12.42 -7.43 4.17
C GLY A 76 11.76 -8.31 3.09
N LYS A 77 10.44 -8.37 3.14
CA LYS A 77 9.69 -9.18 2.19
C LYS A 77 8.63 -8.30 1.53
N VAL A 78 8.05 -7.42 2.32
CA VAL A 78 7.01 -6.52 1.83
C VAL A 78 7.41 -5.08 2.16
N VAL A 79 6.95 -4.17 1.31
CA VAL A 79 7.25 -2.76 1.49
C VAL A 79 6.03 -2.07 2.10
N THR A 80 6.24 -1.47 3.26
CA THR A 80 5.18 -0.77 3.96
C THR A 80 5.40 0.74 3.88
N VAL A 81 4.30 1.46 3.66
CA VAL A 81 4.35 2.90 3.56
C VAL A 81 3.35 3.51 4.54
N HIS A 82 3.77 4.61 5.16
CA HIS A 82 2.91 5.29 6.13
C HIS A 82 2.68 6.73 5.67
N LEU A 83 1.57 6.94 4.99
CA LEU A 83 1.22 8.26 4.49
C LEU A 83 0.45 9.01 5.57
N GLU A 84 0.40 10.33 5.40
CA GLU A 84 -0.31 11.17 6.35
C GLU A 84 -1.12 12.25 5.62
N LYS A 85 -2.37 12.36 6.01
CA LYS A 85 -3.25 13.34 5.39
C LYS A 85 -2.98 14.72 5.98
N ILE A 86 -2.74 15.68 5.10
CA ILE A 86 -2.46 17.04 5.52
C ILE A 86 -3.59 17.53 6.42
N ASN A 87 -4.74 16.89 6.27
CA ASN A 87 -5.90 17.26 7.06
C ASN A 87 -6.61 15.99 7.53
N LYS A 88 -6.46 15.70 8.81
CA LYS A 88 -7.07 14.51 9.39
C LYS A 88 -8.50 14.86 9.82
N MET A 89 -9.30 15.25 8.84
CA MET A 89 -10.68 15.61 9.11
C MET A 89 -11.61 14.99 8.07
N GLU A 90 -11.21 15.09 6.81
CA GLU A 90 -11.99 14.53 5.71
C GLU A 90 -11.76 13.03 5.60
N TRP A 91 -12.51 12.41 4.70
CA TRP A 91 -12.40 10.98 4.49
C TRP A 91 -12.00 10.75 3.02
N TRP A 92 -11.00 9.92 2.83
CA TRP A 92 -10.52 9.61 1.50
C TRP A 92 -11.51 8.65 0.85
N ASN A 93 -11.62 8.76 -0.47
CA ASN A 93 -12.52 7.91 -1.22
C ASN A 93 -11.73 6.77 -1.86
N ARG A 94 -10.41 6.88 -1.77
CA ARG A 94 -9.54 5.87 -2.34
C ARG A 94 -8.10 6.08 -1.84
N LEU A 95 -7.17 5.49 -2.59
CA LEU A 95 -5.76 5.61 -2.24
C LEU A 95 -5.13 6.74 -3.06
N VAL A 96 -5.32 6.66 -4.37
CA VAL A 96 -4.79 7.67 -5.27
C VAL A 96 -5.89 8.15 -6.20
N THR A 97 -5.88 9.46 -6.45
CA THR A 97 -6.87 10.06 -7.33
C THR A 97 -7.01 9.24 -8.61
N SER A 98 -5.89 8.68 -9.04
CA SER A 98 -5.88 7.87 -10.25
C SER A 98 -4.99 6.65 -10.06
N ASP A 99 -5.52 5.49 -10.40
CA ASP A 99 -4.78 4.24 -10.27
C ASP A 99 -3.50 4.33 -11.11
N PRO A 100 -2.49 3.53 -10.69
CA PRO A 100 -1.21 3.50 -11.39
C PRO A 100 -1.33 2.72 -12.70
N GLU A 101 -1.51 1.41 -12.55
CA GLU A 101 -1.63 0.54 -13.72
C GLU A 101 -3.08 0.09 -13.88
N ILE A 102 -3.49 -0.82 -13.00
CA ILE A 102 -4.84 -1.34 -13.04
C ILE A 102 -5.64 -0.79 -11.85
N ASN A 103 -6.95 -0.84 -11.98
CA ASN A 103 -7.83 -0.35 -10.93
C ASN A 103 -8.62 -1.52 -10.34
N THR A 104 -9.27 -2.27 -11.23
CA THR A 104 -10.05 -3.42 -10.81
C THR A 104 -9.60 -4.67 -11.56
N LYS A 105 -10.30 -5.77 -11.29
CA LYS A 105 -9.98 -7.03 -11.93
C LYS A 105 -8.47 -7.24 -11.91
N LYS A 106 -8.01 -7.92 -10.86
CA LYS A 106 -6.59 -8.19 -10.70
C LYS A 106 -6.10 -8.98 -11.92
N ILE A 107 -4.80 -9.24 -11.93
CA ILE A 107 -4.19 -9.99 -13.02
C ILE A 107 -4.04 -11.46 -12.61
N ASN A 108 -3.22 -11.68 -11.60
CA ASN A 108 -2.98 -13.02 -11.11
C ASN A 108 -4.19 -13.48 -10.28
N PRO A 109 -4.35 -14.82 -10.20
CA PRO A 109 -5.46 -15.40 -9.44
C PRO A 109 -5.20 -15.29 -7.93
N GLU A 110 -4.00 -15.73 -7.54
CA GLU A 110 -3.63 -15.69 -6.14
C GLU A 110 -2.24 -16.31 -5.96
N ASN A 111 -1.32 -15.47 -5.48
CA ASN A 111 0.05 -15.91 -5.26
C ASN A 111 0.42 -15.66 -3.80
N SER A 112 0.35 -16.73 -3.01
CA SER A 112 0.68 -16.63 -1.60
C SER A 112 1.58 -17.79 -1.20
N LYS A 113 2.16 -17.67 -0.02
CA LYS A 113 3.05 -18.69 0.50
C LYS A 113 2.94 -18.76 2.02
N LEU A 114 3.21 -19.94 2.56
CA LEU A 114 3.14 -20.14 3.99
C LEU A 114 4.56 -20.24 4.57
N SER A 115 5.49 -19.65 3.83
CA SER A 115 6.88 -19.66 4.25
C SER A 115 7.06 -18.83 5.52
N ASP A 116 6.67 -19.42 6.64
CA ASP A 116 6.77 -18.75 7.92
C ASP A 116 7.76 -19.51 8.81
N LEU A 117 9.02 -19.11 8.72
CA LEU A 117 10.07 -19.74 9.51
C LEU A 117 9.86 -19.40 10.99
N ASP A 118 10.70 -20.00 11.82
CA ASP A 118 10.62 -19.77 13.26
C ASP A 118 11.94 -19.19 13.75
N SER A 119 11.92 -18.72 14.98
CA SER A 119 13.11 -18.14 15.58
C SER A 119 13.20 -18.52 17.06
N GLU A 120 14.07 -19.49 17.33
CA GLU A 120 14.26 -19.96 18.68
C GLU A 120 15.72 -19.82 19.10
N THR A 121 16.00 -18.75 19.84
CA THR A 121 17.36 -18.50 20.30
C THR A 121 17.49 -18.86 21.78
N ARG A 122 18.73 -19.09 22.18
CA ARG A 122 19.01 -19.45 23.56
C ARG A 122 20.09 -18.53 24.14
N SER A 123 20.32 -18.69 25.44
CA SER A 123 21.31 -17.88 26.13
C SER A 123 22.04 -18.73 27.18
N MET A 124 23.13 -18.18 27.67
CA MET A 124 23.92 -18.86 28.68
C MET A 124 24.20 -17.95 29.88
N VAL A 125 24.62 -18.57 30.97
CA VAL A 125 24.92 -17.84 32.19
C VAL A 125 26.37 -18.11 32.60
N SER A 126 26.62 -18.00 33.90
CA SER A 126 27.95 -18.23 34.43
C SER A 126 27.95 -18.02 35.95
N GLY A 127 28.72 -18.86 36.63
CA GLY A 127 28.82 -18.77 38.07
C GLY A 127 30.28 -18.77 38.53
N PRO A 128 30.57 -17.86 39.49
CA PRO A 128 31.93 -17.73 40.02
C PRO A 128 32.26 -18.90 40.96
N SER A 129 33.45 -18.83 41.53
CA SER A 129 33.89 -19.86 42.46
C SER A 129 34.76 -19.25 43.55
N SER A 130 34.95 -20.01 44.61
CA SER A 130 35.75 -19.55 45.74
C SER A 130 36.62 -20.70 46.26
N GLY A 131 37.82 -20.35 46.68
CA GLY A 131 38.76 -21.33 47.20
C GLY A 131 38.04 -22.33 48.11
N GLY A 1 -24.43 -13.50 -13.81
CA GLY A 1 -24.42 -12.06 -13.92
C GLY A 1 -22.99 -11.52 -13.98
N SER A 2 -22.65 -10.72 -12.98
CA SER A 2 -21.32 -10.14 -12.91
C SER A 2 -20.37 -11.09 -12.18
N SER A 3 -19.08 -10.84 -12.36
CA SER A 3 -18.07 -11.67 -11.73
C SER A 3 -17.13 -10.81 -10.90
N GLY A 4 -16.51 -9.84 -11.58
CA GLY A 4 -15.58 -8.95 -10.92
C GLY A 4 -14.36 -8.67 -11.79
N SER A 5 -14.13 -7.38 -12.04
CA SER A 5 -13.00 -6.98 -12.87
C SER A 5 -12.49 -5.61 -12.40
N SER A 6 -11.23 -5.34 -12.74
CA SER A 6 -10.61 -4.09 -12.37
C SER A 6 -10.46 -4.00 -10.85
N GLY A 7 -9.41 -3.32 -10.42
CA GLY A 7 -9.14 -3.15 -9.01
C GLY A 7 -7.65 -3.07 -8.73
N PRO A 8 -7.31 -2.68 -7.47
CA PRO A 8 -5.92 -2.55 -7.07
C PRO A 8 -5.28 -3.93 -6.87
N ASN A 9 -4.14 -3.92 -6.18
CA ASN A 9 -3.43 -5.15 -5.91
C ASN A 9 -2.82 -5.09 -4.50
N TYR A 10 -2.18 -3.96 -4.23
CA TYR A 10 -1.55 -3.75 -2.93
C TYR A 10 -2.60 -3.42 -1.86
N ARG A 11 -2.21 -3.64 -0.62
CA ARG A 11 -3.09 -3.38 0.50
C ARG A 11 -2.77 -2.03 1.13
N TRP A 12 -3.78 -1.42 1.73
CA TRP A 12 -3.61 -0.13 2.37
C TRP A 12 -4.86 0.15 3.23
N THR A 13 -4.64 0.88 4.30
CA THR A 13 -5.72 1.23 5.21
C THR A 13 -5.62 2.69 5.64
N GLN A 14 -6.42 3.04 6.63
CA GLN A 14 -6.43 4.39 7.15
C GLN A 14 -7.44 4.52 8.29
N THR A 15 -7.20 5.50 9.15
CA THR A 15 -8.06 5.74 10.29
C THR A 15 -8.57 7.18 10.28
N LEU A 16 -9.26 7.52 9.21
CA LEU A 16 -9.81 8.87 9.07
C LEU A 16 -8.78 9.89 9.57
N ALA A 17 -7.51 9.52 9.43
CA ALA A 17 -6.43 10.39 9.88
C ALA A 17 -5.13 9.94 9.22
N GLU A 18 -4.66 8.77 9.66
CA GLU A 18 -3.42 8.23 9.12
C GLU A 18 -3.73 7.25 7.99
N LEU A 19 -2.71 6.99 7.19
CA LEU A 19 -2.85 6.07 6.07
C LEU A 19 -1.74 5.03 6.13
N ASP A 20 -2.13 3.78 5.85
CA ASP A 20 -1.19 2.68 5.87
C ASP A 20 -1.19 1.99 4.51
N LEU A 21 0.01 1.68 4.04
CA LEU A 21 0.17 1.02 2.76
C LEU A 21 1.20 -0.10 2.88
N ALA A 22 0.94 -1.18 2.15
CA ALA A 22 1.83 -2.33 2.19
C ALA A 22 1.86 -2.99 0.80
N VAL A 23 3.06 -3.22 0.31
CA VAL A 23 3.24 -3.83 -0.99
C VAL A 23 4.25 -4.98 -0.88
N PRO A 24 3.71 -6.22 -0.85
CA PRO A 24 4.56 -7.40 -0.75
C PRO A 24 5.25 -7.69 -2.08
N PHE A 25 6.45 -8.26 -1.98
CA PHE A 25 7.21 -8.60 -3.16
C PHE A 25 7.72 -10.05 -3.10
N ARG A 26 7.65 -10.71 -4.24
CA ARG A 26 8.09 -12.10 -4.33
C ARG A 26 9.61 -12.16 -4.50
N VAL A 27 10.31 -12.02 -3.37
CA VAL A 27 11.76 -12.06 -3.40
C VAL A 27 12.25 -13.21 -2.51
N SER A 28 13.52 -13.54 -2.67
CA SER A 28 14.12 -14.61 -1.89
C SER A 28 15.16 -14.04 -0.93
N PHE A 29 15.16 -12.72 -0.82
CA PHE A 29 16.11 -12.05 0.05
C PHE A 29 15.43 -10.87 0.78
N ARG A 30 16.17 -10.30 1.72
CA ARG A 30 15.65 -9.17 2.48
C ARG A 30 15.85 -7.87 1.70
N LEU A 31 14.83 -7.51 0.95
CA LEU A 31 14.87 -6.29 0.15
C LEU A 31 15.51 -5.18 0.97
N LYS A 32 16.54 -4.58 0.38
CA LYS A 32 17.25 -3.49 1.05
C LYS A 32 16.55 -2.16 0.73
N GLY A 33 16.93 -1.14 1.48
CA GLY A 33 16.36 0.18 1.29
C GLY A 33 16.94 0.86 0.05
N LYS A 34 17.79 0.12 -0.64
CA LYS A 34 18.43 0.64 -1.85
C LYS A 34 18.00 -0.21 -3.05
N ASP A 35 17.12 -1.16 -2.77
CA ASP A 35 16.63 -2.03 -3.82
C ASP A 35 15.16 -1.71 -4.11
N VAL A 36 14.68 -0.64 -3.47
CA VAL A 36 13.31 -0.21 -3.65
C VAL A 36 13.29 1.28 -4.00
N VAL A 37 12.13 1.73 -4.46
CA VAL A 37 11.97 3.12 -4.84
C VAL A 37 10.62 3.64 -4.31
N VAL A 38 10.70 4.37 -3.20
CA VAL A 38 9.51 4.92 -2.58
C VAL A 38 9.63 6.45 -2.55
N ASP A 39 8.90 7.08 -3.44
CA ASP A 39 8.91 8.53 -3.54
C ASP A 39 7.52 9.07 -3.16
N ILE A 40 7.25 9.07 -1.87
CA ILE A 40 5.97 9.56 -1.38
C ILE A 40 5.88 11.07 -1.61
N GLN A 41 5.05 11.43 -2.59
CA GLN A 41 4.86 12.83 -2.92
C GLN A 41 3.68 13.41 -2.14
N ARG A 42 3.70 14.73 -1.98
CA ARG A 42 2.64 15.42 -1.26
C ARG A 42 1.28 15.07 -1.87
N ARG A 43 1.20 15.21 -3.19
CA ARG A 43 -0.03 14.93 -3.90
C ARG A 43 0.18 13.77 -4.88
N HIS A 44 1.07 12.87 -4.49
CA HIS A 44 1.37 11.71 -5.32
C HIS A 44 2.19 10.71 -4.52
N LEU A 45 2.19 9.47 -4.99
CA LEU A 45 2.93 8.40 -4.33
C LEU A 45 3.51 7.46 -5.38
N ARG A 46 4.79 7.20 -5.25
CA ARG A 46 5.48 6.30 -6.18
C ARG A 46 6.30 5.27 -5.41
N VAL A 47 5.80 4.05 -5.40
CA VAL A 47 6.48 2.97 -4.71
C VAL A 47 6.69 1.80 -5.68
N GLY A 48 7.79 1.10 -5.48
CA GLY A 48 8.13 -0.03 -6.32
C GLY A 48 9.56 -0.49 -6.08
N LEU A 49 10.00 -1.42 -6.92
CA LEU A 49 11.36 -1.95 -6.81
C LEU A 49 12.20 -1.40 -7.96
N LYS A 50 13.36 -0.88 -7.61
CA LYS A 50 14.27 -0.32 -8.59
C LYS A 50 14.27 -1.20 -9.84
N GLY A 51 14.02 -0.56 -10.97
CA GLY A 51 13.99 -1.28 -12.24
C GLY A 51 12.59 -1.85 -12.51
N GLN A 52 11.99 -2.37 -11.44
CA GLN A 52 10.67 -2.96 -11.55
C GLN A 52 9.60 -1.86 -11.61
N PRO A 53 8.35 -2.28 -11.94
CA PRO A 53 7.24 -1.35 -12.04
C PRO A 53 6.77 -0.92 -10.66
N PRO A 54 6.44 0.40 -10.55
CA PRO A 54 5.97 0.96 -9.29
C PRO A 54 4.52 0.53 -9.01
N VAL A 55 4.38 -0.33 -8.01
CA VAL A 55 3.07 -0.82 -7.63
C VAL A 55 2.15 0.38 -7.34
N VAL A 56 2.72 1.38 -6.70
CA VAL A 56 1.97 2.57 -6.36
C VAL A 56 2.42 3.73 -7.25
N ASP A 57 1.44 4.34 -7.91
CA ASP A 57 1.72 5.46 -8.81
C ASP A 57 0.40 6.09 -9.24
N GLY A 58 0.11 7.25 -8.65
CA GLY A 58 -1.10 7.97 -8.96
C GLY A 58 -1.31 9.13 -7.99
N GLU A 59 -1.83 10.23 -8.53
CA GLU A 59 -2.09 11.41 -7.73
C GLU A 59 -2.89 11.04 -6.47
N LEU A 60 -2.30 11.36 -5.32
CA LEU A 60 -2.94 11.06 -4.05
C LEU A 60 -4.31 11.75 -4.01
N TYR A 61 -5.18 11.22 -3.17
CA TYR A 61 -6.51 11.78 -3.01
C TYR A 61 -6.46 13.18 -2.41
N ASN A 62 -5.52 13.37 -1.51
CA ASN A 62 -5.35 14.65 -0.86
C ASN A 62 -3.90 14.80 -0.39
N GLU A 63 -3.44 16.04 -0.35
CA GLU A 63 -2.08 16.33 0.07
C GLU A 63 -1.79 15.64 1.40
N VAL A 64 -0.61 15.04 1.48
CA VAL A 64 -0.18 14.35 2.68
C VAL A 64 1.21 14.84 3.09
N LYS A 65 1.38 14.98 4.40
CA LYS A 65 2.66 15.44 4.93
C LYS A 65 3.73 14.37 4.67
N VAL A 66 4.43 14.55 3.55
CA VAL A 66 5.48 13.62 3.18
C VAL A 66 6.65 13.76 4.14
N GLU A 67 6.90 15.00 4.54
CA GLU A 67 8.00 15.29 5.45
C GLU A 67 7.91 14.39 6.68
N GLU A 68 6.70 13.88 6.92
CA GLU A 68 6.47 13.01 8.06
C GLU A 68 6.31 11.56 7.58
N SER A 69 5.93 11.42 6.32
CA SER A 69 5.74 10.11 5.74
C SER A 69 7.00 9.25 5.92
N SER A 70 6.77 7.96 6.08
CA SER A 70 7.87 7.03 6.27
C SER A 70 7.48 5.65 5.74
N TRP A 71 8.44 5.02 5.08
CA TRP A 71 8.21 3.69 4.52
C TRP A 71 9.31 2.76 5.03
N LEU A 72 9.11 1.47 4.81
CA LEU A 72 10.06 0.48 5.25
C LEU A 72 9.63 -0.91 4.75
N ILE A 73 10.62 -1.77 4.58
CA ILE A 73 10.36 -3.12 4.11
C ILE A 73 10.19 -4.05 5.31
N GLU A 74 8.95 -4.45 5.54
CA GLU A 74 8.63 -5.34 6.64
C GLU A 74 9.19 -6.73 6.38
N ASP A 75 9.83 -7.29 7.41
CA ASP A 75 10.41 -8.61 7.29
C ASP A 75 11.18 -8.71 5.98
N GLY A 76 11.63 -7.56 5.50
CA GLY A 76 12.38 -7.51 4.25
C GLY A 76 11.71 -8.35 3.17
N LYS A 77 10.42 -8.09 2.99
CA LYS A 77 9.66 -8.83 1.99
C LYS A 77 8.62 -7.88 1.36
N VAL A 78 7.89 -7.20 2.22
CA VAL A 78 6.87 -6.27 1.77
C VAL A 78 7.28 -4.85 2.16
N VAL A 79 6.88 -3.90 1.32
CA VAL A 79 7.19 -2.50 1.57
C VAL A 79 5.97 -1.81 2.17
N THR A 80 6.20 -1.14 3.29
CA THR A 80 5.13 -0.43 3.98
C THR A 80 5.34 1.08 3.88
N VAL A 81 4.24 1.79 3.77
CA VAL A 81 4.29 3.24 3.67
C VAL A 81 3.28 3.85 4.66
N HIS A 82 3.76 4.86 5.37
CA HIS A 82 2.92 5.54 6.36
C HIS A 82 2.69 7.00 5.91
N LEU A 83 1.50 7.25 5.40
CA LEU A 83 1.14 8.58 4.95
C LEU A 83 0.53 9.36 6.10
N GLU A 84 0.58 10.68 5.99
CA GLU A 84 0.03 11.56 7.01
C GLU A 84 -0.85 12.63 6.38
N LYS A 85 -2.15 12.46 6.54
CA LYS A 85 -3.11 13.41 6.00
C LYS A 85 -2.80 14.81 6.53
N ILE A 86 -2.95 15.79 5.66
CA ILE A 86 -2.69 17.17 6.02
C ILE A 86 -3.81 17.66 6.95
N ASN A 87 -5.04 17.41 6.53
CA ASN A 87 -6.19 17.82 7.31
C ASN A 87 -6.62 16.66 8.22
N LYS A 88 -6.19 15.47 7.85
CA LYS A 88 -6.53 14.28 8.62
C LYS A 88 -7.93 14.44 9.21
N MET A 89 -8.88 14.68 8.32
CA MET A 89 -10.27 14.85 8.74
C MET A 89 -11.22 14.66 7.55
N GLU A 90 -10.83 13.76 6.66
CA GLU A 90 -11.63 13.48 5.49
C GLU A 90 -11.37 12.04 5.00
N TRP A 91 -12.46 11.33 4.78
CA TRP A 91 -12.36 9.95 4.31
C TRP A 91 -11.70 9.97 2.92
N TRP A 92 -11.20 8.80 2.54
CA TRP A 92 -10.55 8.67 1.25
C TRP A 92 -11.27 7.59 0.45
N ASN A 93 -11.77 7.99 -0.71
CA ASN A 93 -12.50 7.06 -1.57
C ASN A 93 -11.50 6.22 -2.36
N ARG A 94 -10.22 6.51 -2.14
CA ARG A 94 -9.16 5.79 -2.82
C ARG A 94 -7.80 6.36 -2.44
N LEU A 95 -6.80 5.49 -2.43
CA LEU A 95 -5.45 5.90 -2.09
C LEU A 95 -5.03 7.07 -2.98
N VAL A 96 -5.22 6.88 -4.28
CA VAL A 96 -4.87 7.90 -5.25
C VAL A 96 -6.14 8.61 -5.72
N THR A 97 -6.37 8.55 -7.02
CA THR A 97 -7.54 9.18 -7.62
C THR A 97 -7.88 8.52 -8.96
N SER A 98 -6.83 8.21 -9.71
CA SER A 98 -7.00 7.59 -11.01
C SER A 98 -5.98 6.46 -11.18
N ASP A 99 -6.48 5.24 -11.11
CA ASP A 99 -5.64 4.07 -11.26
C ASP A 99 -4.65 4.29 -12.40
N PRO A 100 -3.43 3.74 -12.22
CA PRO A 100 -2.39 3.88 -13.23
C PRO A 100 -2.67 2.97 -14.43
N GLU A 101 -2.15 1.76 -14.34
CA GLU A 101 -2.34 0.79 -15.42
C GLU A 101 -2.86 -0.54 -14.85
N ILE A 102 -2.28 -0.94 -13.74
CA ILE A 102 -2.68 -2.17 -13.09
C ILE A 102 -2.53 -3.34 -14.07
N ASN A 103 -2.59 -4.54 -13.53
CA ASN A 103 -2.48 -5.73 -14.36
C ASN A 103 -3.76 -6.56 -14.23
N THR A 104 -4.19 -6.75 -13.00
CA THR A 104 -5.39 -7.53 -12.74
C THR A 104 -6.01 -7.12 -11.40
N LYS A 105 -6.91 -7.97 -10.92
CA LYS A 105 -7.57 -7.72 -9.65
C LYS A 105 -7.26 -8.87 -8.68
N LYS A 106 -6.85 -8.49 -7.48
CA LYS A 106 -6.53 -9.46 -6.45
C LYS A 106 -6.76 -8.86 -5.07
N ILE A 107 -8.02 -8.86 -4.67
CA ILE A 107 -8.39 -8.31 -3.37
C ILE A 107 -7.26 -8.58 -2.37
N ASN A 108 -7.33 -9.76 -1.77
CA ASN A 108 -6.33 -10.16 -0.80
C ASN A 108 -6.53 -11.64 -0.43
N PRO A 109 -5.46 -12.25 0.12
CA PRO A 109 -5.50 -13.65 0.50
C PRO A 109 -6.31 -13.83 1.80
N GLU A 110 -6.03 -12.95 2.75
CA GLU A 110 -6.70 -13.00 4.04
C GLU A 110 -6.38 -14.29 4.77
N ASN A 111 -5.61 -14.16 5.83
CA ASN A 111 -5.22 -15.32 6.62
C ASN A 111 -4.87 -14.86 8.05
N SER A 112 -5.89 -14.87 8.90
CA SER A 112 -5.71 -14.47 10.28
C SER A 112 -6.98 -14.77 11.08
N LYS A 113 -6.85 -14.66 12.40
CA LYS A 113 -7.96 -14.91 13.28
C LYS A 113 -8.34 -13.62 14.02
N LEU A 114 -9.37 -13.73 14.85
CA LEU A 114 -9.83 -12.58 15.61
C LEU A 114 -10.06 -13.00 17.06
N SER A 115 -9.18 -12.53 17.93
CA SER A 115 -9.28 -12.84 19.35
C SER A 115 -9.60 -11.57 20.15
N ASP A 116 -10.86 -11.20 20.12
CA ASP A 116 -11.31 -10.01 20.83
C ASP A 116 -12.52 -10.36 21.69
N LEU A 117 -12.23 -10.76 22.93
CA LEU A 117 -13.29 -11.13 23.86
C LEU A 117 -13.62 -9.94 24.76
N ASP A 118 -14.86 -9.90 25.23
CA ASP A 118 -15.30 -8.82 26.08
C ASP A 118 -16.40 -9.35 27.03
N SER A 119 -16.63 -8.59 28.08
CA SER A 119 -17.64 -8.95 29.06
C SER A 119 -17.66 -7.95 30.21
N GLU A 120 -18.83 -7.36 30.43
CA GLU A 120 -19.00 -6.39 31.49
C GLU A 120 -20.15 -6.78 32.40
N THR A 121 -20.84 -5.76 32.89
CA THR A 121 -21.98 -5.99 33.78
C THR A 121 -22.69 -4.67 34.07
N ARG A 122 -23.89 -4.79 34.63
CA ARG A 122 -24.68 -3.63 34.96
C ARG A 122 -25.70 -3.96 36.05
N SER A 123 -26.27 -2.92 36.64
CA SER A 123 -27.26 -3.10 37.69
C SER A 123 -28.30 -1.98 37.62
N MET A 124 -29.35 -2.15 38.40
CA MET A 124 -30.42 -1.17 38.44
C MET A 124 -31.51 -1.58 39.43
N VAL A 125 -32.10 -0.57 40.07
CA VAL A 125 -33.16 -0.82 41.04
C VAL A 125 -34.48 -0.31 40.49
N SER A 126 -35.33 0.15 41.40
CA SER A 126 -36.64 0.66 41.01
C SER A 126 -37.40 1.14 42.25
N GLY A 127 -38.29 2.09 42.03
CA GLY A 127 -39.09 2.64 43.11
C GLY A 127 -40.57 2.71 42.73
N PRO A 128 -41.33 1.67 43.18
CA PRO A 128 -42.74 1.60 42.88
C PRO A 128 -43.54 2.59 43.75
N SER A 129 -44.84 2.55 43.59
CA SER A 129 -45.71 3.44 44.34
C SER A 129 -47.17 3.04 44.14
N SER A 130 -48.04 3.57 45.00
CA SER A 130 -49.45 3.28 44.92
C SER A 130 -50.24 4.35 45.68
N GLY A 131 -51.57 4.26 45.54
CA GLY A 131 -52.45 5.21 46.20
C GLY A 131 -53.14 4.57 47.40
N GLY A 1 -9.53 -9.37 -20.61
CA GLY A 1 -9.96 -9.58 -19.23
C GLY A 1 -9.35 -10.86 -18.67
N SER A 2 -8.97 -10.79 -17.40
CA SER A 2 -8.37 -11.93 -16.73
C SER A 2 -8.11 -11.60 -15.26
N SER A 3 -7.32 -10.56 -15.05
CA SER A 3 -7.00 -10.12 -13.70
C SER A 3 -7.59 -8.74 -13.43
N GLY A 4 -8.33 -8.66 -12.34
CA GLY A 4 -8.97 -7.40 -11.96
C GLY A 4 -8.87 -7.17 -10.45
N SER A 5 -9.71 -7.89 -9.72
CA SER A 5 -9.72 -7.76 -8.27
C SER A 5 -10.11 -6.35 -7.86
N SER A 6 -11.05 -6.25 -6.93
CA SER A 6 -11.51 -4.97 -6.45
C SER A 6 -10.39 -4.25 -5.71
N GLY A 7 -9.98 -3.12 -6.28
CA GLY A 7 -8.91 -2.32 -5.69
C GLY A 7 -7.60 -2.55 -6.44
N PRO A 8 -6.51 -1.98 -5.84
CA PRO A 8 -5.19 -2.11 -6.43
C PRO A 8 -4.62 -3.51 -6.19
N ASN A 9 -3.31 -3.62 -6.39
CA ASN A 9 -2.64 -4.90 -6.19
C ASN A 9 -1.85 -4.85 -4.88
N TYR A 10 -2.40 -4.14 -3.92
CA TYR A 10 -1.76 -4.02 -2.62
C TYR A 10 -2.78 -3.66 -1.54
N ARG A 11 -2.36 -3.82 -0.29
CA ARG A 11 -3.23 -3.52 0.84
C ARG A 11 -2.86 -2.17 1.45
N TRP A 12 -3.89 -1.45 1.88
CA TRP A 12 -3.69 -0.15 2.49
C TRP A 12 -4.90 0.15 3.38
N THR A 13 -4.67 1.03 4.35
CA THR A 13 -5.73 1.40 5.27
C THR A 13 -5.57 2.86 5.70
N GLN A 14 -6.23 3.21 6.79
CA GLN A 14 -6.17 4.57 7.32
C GLN A 14 -7.17 4.74 8.46
N THR A 15 -7.12 5.91 9.08
CA THR A 15 -8.01 6.22 10.18
C THR A 15 -8.46 7.68 10.11
N LEU A 16 -8.68 8.14 8.89
CA LEU A 16 -9.11 9.52 8.69
C LEU A 16 -8.00 10.47 9.16
N ALA A 17 -6.83 9.90 9.38
CA ALA A 17 -5.70 10.68 9.83
C ALA A 17 -4.43 10.18 9.15
N GLU A 18 -4.10 8.92 9.40
CA GLU A 18 -2.93 8.31 8.82
C GLU A 18 -3.33 7.31 7.73
N LEU A 19 -2.39 7.04 6.83
CA LEU A 19 -2.64 6.11 5.75
C LEU A 19 -1.57 5.01 5.77
N ASP A 20 -2.04 3.78 5.90
CA ASP A 20 -1.14 2.64 5.93
C ASP A 20 -1.17 1.92 4.58
N LEU A 21 0.00 1.51 4.15
CA LEU A 21 0.13 0.81 2.87
C LEU A 21 1.17 -0.31 3.01
N ALA A 22 0.90 -1.40 2.31
CA ALA A 22 1.80 -2.55 2.34
C ALA A 22 1.81 -3.22 0.97
N VAL A 23 3.00 -3.33 0.40
CA VAL A 23 3.16 -3.94 -0.90
C VAL A 23 4.12 -5.14 -0.79
N PRO A 24 3.52 -6.36 -0.83
CA PRO A 24 4.31 -7.57 -0.72
C PRO A 24 5.04 -7.86 -2.03
N PHE A 25 6.25 -8.38 -1.90
CA PHE A 25 7.07 -8.71 -3.05
C PHE A 25 7.48 -10.18 -3.04
N ARG A 26 7.45 -10.78 -4.22
CA ARG A 26 7.81 -12.18 -4.36
C ARG A 26 9.30 -12.31 -4.69
N VAL A 27 10.10 -12.46 -3.65
CA VAL A 27 11.54 -12.60 -3.82
C VAL A 27 12.06 -13.65 -2.84
N SER A 28 13.34 -13.98 -3.00
CA SER A 28 13.97 -14.97 -2.15
C SER A 28 15.07 -14.31 -1.32
N PHE A 29 15.11 -12.99 -1.39
CA PHE A 29 16.10 -12.23 -0.64
C PHE A 29 15.45 -11.07 0.12
N ARG A 30 16.23 -10.46 0.99
CA ARG A 30 15.75 -9.34 1.78
C ARG A 30 15.83 -8.04 0.96
N LEU A 31 14.75 -7.27 1.05
CA LEU A 31 14.68 -6.01 0.33
C LEU A 31 15.43 -4.94 1.12
N LYS A 32 16.43 -4.35 0.47
CA LYS A 32 17.22 -3.32 1.10
C LYS A 32 16.58 -1.95 0.82
N GLY A 33 16.94 -0.99 1.66
CA GLY A 33 16.41 0.35 1.53
C GLY A 33 16.95 1.03 0.27
N LYS A 34 17.89 0.35 -0.37
CA LYS A 34 18.51 0.87 -1.58
C LYS A 34 18.18 -0.06 -2.76
N ASP A 35 17.15 -0.88 -2.55
CA ASP A 35 16.73 -1.81 -3.58
C ASP A 35 15.25 -1.58 -3.90
N VAL A 36 14.72 -0.51 -3.34
CA VAL A 36 13.32 -0.16 -3.56
C VAL A 36 13.23 1.30 -3.96
N VAL A 37 12.04 1.67 -4.45
CA VAL A 37 11.81 3.04 -4.88
C VAL A 37 10.50 3.54 -4.27
N VAL A 38 10.63 4.28 -3.18
CA VAL A 38 9.47 4.82 -2.50
C VAL A 38 9.54 6.35 -2.52
N ASP A 39 8.80 6.94 -3.45
CA ASP A 39 8.78 8.39 -3.58
C ASP A 39 7.54 8.93 -2.87
N ILE A 40 7.79 9.64 -1.78
CA ILE A 40 6.71 10.22 -1.01
C ILE A 40 6.61 11.72 -1.30
N GLN A 41 5.50 12.09 -1.92
CA GLN A 41 5.27 13.49 -2.27
C GLN A 41 4.12 14.06 -1.45
N ARG A 42 3.74 15.28 -1.79
CA ARG A 42 2.65 15.95 -1.11
C ARG A 42 1.32 15.28 -1.43
N ARG A 43 1.09 15.06 -2.72
CA ARG A 43 -0.13 14.42 -3.17
C ARG A 43 0.18 13.43 -4.29
N HIS A 44 1.12 12.54 -4.02
CA HIS A 44 1.52 11.54 -4.99
C HIS A 44 2.37 10.47 -4.32
N LEU A 45 2.07 9.22 -4.64
CA LEU A 45 2.80 8.10 -4.08
C LEU A 45 3.33 7.21 -5.21
N ARG A 46 4.59 6.81 -5.06
CA ARG A 46 5.22 5.97 -6.06
C ARG A 46 6.09 4.90 -5.38
N VAL A 47 5.59 3.68 -5.38
CA VAL A 47 6.31 2.58 -4.77
C VAL A 47 6.69 1.56 -5.85
N GLY A 48 7.74 0.81 -5.57
CA GLY A 48 8.21 -0.20 -6.51
C GLY A 48 9.67 -0.55 -6.24
N LEU A 49 10.11 -1.65 -6.83
CA LEU A 49 11.48 -2.10 -6.68
C LEU A 49 12.34 -1.51 -7.79
N LYS A 50 13.51 -1.02 -7.39
CA LYS A 50 14.43 -0.43 -8.35
C LYS A 50 14.56 -1.34 -9.57
N GLY A 51 14.37 -0.74 -10.73
CA GLY A 51 14.47 -1.48 -11.98
C GLY A 51 13.08 -1.96 -12.43
N GLN A 52 12.30 -2.44 -11.47
CA GLN A 52 10.97 -2.92 -11.76
C GLN A 52 9.98 -1.75 -11.78
N PRO A 53 8.74 -2.06 -12.29
CA PRO A 53 7.70 -1.05 -12.37
C PRO A 53 7.10 -0.78 -10.99
N PRO A 54 6.73 0.52 -10.77
CA PRO A 54 6.14 0.91 -9.50
C PRO A 54 4.69 0.44 -9.40
N VAL A 55 4.46 -0.48 -8.48
CA VAL A 55 3.13 -1.01 -8.27
C VAL A 55 2.17 0.13 -7.95
N VAL A 56 2.69 1.12 -7.23
CA VAL A 56 1.89 2.28 -6.85
C VAL A 56 2.42 3.50 -7.58
N ASP A 57 1.48 4.27 -8.15
CA ASP A 57 1.83 5.48 -8.87
C ASP A 57 0.57 6.19 -9.32
N GLY A 58 0.23 7.25 -8.61
CA GLY A 58 -0.96 8.03 -8.93
C GLY A 58 -1.10 9.22 -7.98
N GLU A 59 -1.93 10.17 -8.40
CA GLU A 59 -2.16 11.36 -7.61
C GLU A 59 -3.15 11.07 -6.49
N LEU A 60 -2.63 11.01 -5.28
CA LEU A 60 -3.46 10.73 -4.11
C LEU A 60 -4.76 11.54 -4.22
N TYR A 61 -5.76 11.11 -3.45
CA TYR A 61 -7.04 11.77 -3.45
C TYR A 61 -7.01 13.03 -2.57
N ASN A 62 -6.18 12.97 -1.55
CA ASN A 62 -6.04 14.09 -0.63
C ASN A 62 -4.57 14.28 -0.27
N GLU A 63 -4.15 15.52 -0.28
CA GLU A 63 -2.76 15.85 0.04
C GLU A 63 -2.32 15.10 1.29
N VAL A 64 -1.00 15.02 1.47
CA VAL A 64 -0.43 14.34 2.62
C VAL A 64 0.88 15.01 3.00
N LYS A 65 1.15 15.02 4.30
CA LYS A 65 2.37 15.62 4.81
C LYS A 65 3.55 14.72 4.49
N VAL A 66 4.44 15.22 3.66
CA VAL A 66 5.63 14.48 3.27
C VAL A 66 6.59 14.40 4.44
N GLU A 67 7.09 15.57 4.84
CA GLU A 67 8.02 15.64 5.94
C GLU A 67 7.58 14.71 7.08
N GLU A 68 6.28 14.49 7.14
CA GLU A 68 5.71 13.62 8.17
C GLU A 68 5.28 12.30 7.56
N SER A 69 6.16 11.74 6.73
CA SER A 69 5.88 10.49 6.08
C SER A 69 7.15 9.65 5.96
N SER A 70 6.98 8.34 6.06
CA SER A 70 8.11 7.43 5.97
C SER A 70 7.65 6.08 5.42
N TRP A 71 8.62 5.19 5.25
CA TRP A 71 8.33 3.87 4.73
C TRP A 71 9.41 2.90 5.24
N LEU A 72 9.07 1.63 5.24
CA LEU A 72 9.99 0.60 5.71
C LEU A 72 9.61 -0.74 5.09
N ILE A 73 10.55 -1.66 5.14
CA ILE A 73 10.34 -2.99 4.58
C ILE A 73 10.02 -3.97 5.72
N GLU A 74 8.93 -4.68 5.55
CA GLU A 74 8.50 -5.65 6.55
C GLU A 74 8.89 -7.07 6.11
N ASP A 75 9.40 -7.83 7.07
CA ASP A 75 9.82 -9.19 6.80
C ASP A 75 10.84 -9.19 5.67
N GLY A 76 11.44 -8.03 5.45
CA GLY A 76 12.44 -7.88 4.40
C GLY A 76 11.91 -8.40 3.06
N LYS A 77 10.68 -8.01 2.76
CA LYS A 77 10.05 -8.43 1.51
C LYS A 77 8.88 -7.49 1.19
N VAL A 78 8.13 -7.18 2.23
CA VAL A 78 6.98 -6.29 2.09
C VAL A 78 7.43 -4.85 2.30
N VAL A 79 6.90 -3.96 1.46
CA VAL A 79 7.22 -2.55 1.54
C VAL A 79 6.03 -1.79 2.11
N THR A 80 6.20 -1.31 3.34
CA THR A 80 5.14 -0.56 3.99
C THR A 80 5.36 0.95 3.81
N VAL A 81 4.25 1.65 3.68
CA VAL A 81 4.31 3.10 3.49
C VAL A 81 3.33 3.78 4.46
N HIS A 82 3.83 4.82 5.10
CA HIS A 82 3.02 5.56 6.05
C HIS A 82 2.78 6.98 5.55
N LEU A 83 1.53 7.26 5.21
CA LEU A 83 1.17 8.57 4.70
C LEU A 83 0.38 9.32 5.78
N GLU A 84 0.61 10.62 5.84
CA GLU A 84 -0.08 11.46 6.80
C GLU A 84 -0.93 12.52 6.09
N LYS A 85 -2.21 12.49 6.40
CA LYS A 85 -3.15 13.44 5.80
C LYS A 85 -2.77 14.86 6.22
N ILE A 86 -3.06 15.80 5.34
CA ILE A 86 -2.77 17.20 5.61
C ILE A 86 -3.84 17.77 6.53
N ASN A 87 -5.04 17.22 6.42
CA ASN A 87 -6.14 17.67 7.24
C ASN A 87 -6.35 16.68 8.39
N LYS A 88 -6.24 15.40 8.07
CA LYS A 88 -6.42 14.36 9.05
C LYS A 88 -7.87 14.37 9.55
N MET A 89 -8.78 14.52 8.61
CA MET A 89 -10.19 14.55 8.94
C MET A 89 -11.05 14.29 7.70
N GLU A 90 -10.46 13.57 6.75
CA GLU A 90 -11.16 13.25 5.51
C GLU A 90 -10.72 11.87 5.01
N TRP A 91 -11.71 11.04 4.73
CA TRP A 91 -11.45 9.68 4.25
C TRP A 91 -11.65 9.69 2.73
N TRP A 92 -10.72 9.04 2.04
CA TRP A 92 -10.77 8.96 0.60
C TRP A 92 -11.39 7.60 0.22
N ASN A 93 -11.84 7.52 -1.03
CA ASN A 93 -12.45 6.30 -1.51
C ASN A 93 -11.39 5.46 -2.23
N ARG A 94 -10.37 6.14 -2.72
CA ARG A 94 -9.29 5.48 -3.43
C ARG A 94 -7.97 6.21 -3.19
N LEU A 95 -7.00 5.47 -2.66
CA LEU A 95 -5.69 6.03 -2.38
C LEU A 95 -5.35 7.07 -3.46
N VAL A 96 -5.24 6.58 -4.69
CA VAL A 96 -4.92 7.45 -5.81
C VAL A 96 -6.18 7.68 -6.64
N THR A 97 -6.20 8.84 -7.30
CA THR A 97 -7.33 9.20 -8.13
C THR A 97 -7.40 8.29 -9.36
N SER A 98 -6.24 7.85 -9.81
CA SER A 98 -6.14 6.99 -10.96
C SER A 98 -4.87 6.14 -10.89
N ASP A 99 -5.02 4.86 -11.18
CA ASP A 99 -3.90 3.94 -11.15
C ASP A 99 -3.21 3.95 -12.52
N PRO A 100 -1.97 3.39 -12.54
CA PRO A 100 -1.20 3.32 -13.76
C PRO A 100 -1.74 2.24 -14.69
N GLU A 101 -0.82 1.60 -15.41
CA GLU A 101 -1.19 0.55 -16.33
C GLU A 101 -0.77 -0.81 -15.78
N ILE A 102 0.53 -0.95 -15.57
CA ILE A 102 1.07 -2.20 -15.05
C ILE A 102 1.33 -2.05 -13.55
N ASN A 103 1.48 -3.19 -12.88
CA ASN A 103 1.73 -3.20 -11.46
C ASN A 103 2.88 -4.16 -11.15
N THR A 104 2.68 -5.40 -11.56
CA THR A 104 3.69 -6.43 -11.34
C THR A 104 4.19 -6.99 -12.68
N LYS A 105 5.19 -7.85 -12.58
CA LYS A 105 5.76 -8.47 -13.77
C LYS A 105 5.72 -9.98 -13.62
N LYS A 106 6.18 -10.66 -14.67
CA LYS A 106 6.20 -12.12 -14.66
C LYS A 106 6.93 -12.61 -13.40
N ILE A 107 6.90 -13.91 -13.21
CA ILE A 107 7.54 -14.52 -12.06
C ILE A 107 9.05 -14.22 -12.10
N ASN A 108 9.69 -14.74 -13.13
CA ASN A 108 11.12 -14.53 -13.31
C ASN A 108 11.53 -15.02 -14.70
N PRO A 109 12.61 -14.38 -15.22
CA PRO A 109 13.12 -14.74 -16.54
C PRO A 109 13.88 -16.07 -16.50
N GLU A 110 13.26 -17.04 -15.85
CA GLU A 110 13.86 -18.36 -15.72
C GLU A 110 12.80 -19.40 -15.37
N ASN A 111 12.49 -20.23 -16.36
CA ASN A 111 11.49 -21.27 -16.18
C ASN A 111 11.47 -22.17 -17.41
N SER A 112 10.81 -23.31 -17.27
CA SER A 112 10.70 -24.27 -18.35
C SER A 112 10.32 -23.55 -19.65
N LYS A 113 11.21 -23.64 -20.63
CA LYS A 113 10.97 -23.01 -21.91
C LYS A 113 11.83 -23.68 -22.98
N LEU A 114 11.60 -23.29 -24.22
CA LEU A 114 12.35 -23.85 -25.34
C LEU A 114 13.44 -22.85 -25.77
N SER A 115 13.72 -21.92 -24.88
CA SER A 115 14.73 -20.91 -25.15
C SER A 115 15.76 -20.87 -24.03
N ASP A 116 16.65 -21.85 -24.06
CA ASP A 116 17.70 -21.95 -23.05
C ASP A 116 19.07 -21.97 -23.73
N LEU A 117 19.60 -20.77 -23.96
CA LEU A 117 20.89 -20.65 -24.61
C LEU A 117 21.95 -20.31 -23.55
N ASP A 118 23.20 -20.56 -23.91
CA ASP A 118 24.31 -20.30 -23.01
C ASP A 118 24.74 -18.84 -23.16
N SER A 119 24.79 -18.15 -22.03
CA SER A 119 25.19 -16.75 -22.03
C SER A 119 26.58 -16.61 -21.42
N GLU A 120 26.93 -17.56 -20.57
CA GLU A 120 28.23 -17.56 -19.93
C GLU A 120 28.88 -18.94 -20.04
N THR A 121 29.59 -19.31 -18.97
CA THR A 121 30.26 -20.59 -18.94
C THR A 121 30.63 -20.96 -17.50
N ARG A 122 31.06 -22.20 -17.33
CA ARG A 122 31.45 -22.69 -16.02
C ARG A 122 32.92 -22.38 -15.75
N SER A 123 33.23 -22.21 -14.47
CA SER A 123 34.59 -21.90 -14.06
C SER A 123 34.93 -22.64 -12.77
N MET A 124 36.21 -22.66 -12.46
CA MET A 124 36.68 -23.33 -11.25
C MET A 124 37.76 -22.51 -10.56
N VAL A 125 38.06 -22.89 -9.32
CA VAL A 125 39.07 -22.21 -8.55
C VAL A 125 39.68 -23.18 -7.54
N SER A 126 40.96 -23.46 -7.73
CA SER A 126 41.68 -24.37 -6.85
C SER A 126 43.18 -24.23 -7.07
N GLY A 127 43.81 -23.48 -6.19
CA GLY A 127 45.25 -23.27 -6.27
C GLY A 127 45.92 -23.45 -4.91
N PRO A 128 46.23 -24.74 -4.59
CA PRO A 128 46.86 -25.07 -3.32
C PRO A 128 48.33 -24.67 -3.34
N SER A 129 48.74 -23.96 -2.30
CA SER A 129 50.12 -23.52 -2.18
C SER A 129 51.05 -24.73 -2.14
N SER A 130 52.08 -24.68 -2.97
CA SER A 130 53.05 -25.76 -3.03
C SER A 130 54.45 -25.20 -3.24
N GLY A 131 55.44 -26.08 -3.10
CA GLY A 131 56.83 -25.68 -3.27
C GLY A 131 57.49 -26.49 -4.39
N GLY A 1 -7.64 -20.96 -10.36
CA GLY A 1 -6.61 -19.93 -10.41
C GLY A 1 -7.11 -18.62 -9.79
N SER A 2 -7.66 -17.77 -10.65
CA SER A 2 -8.17 -16.48 -10.21
C SER A 2 -9.07 -16.69 -8.98
N SER A 3 -9.33 -15.58 -8.30
CA SER A 3 -10.17 -15.61 -7.11
C SER A 3 -11.19 -14.47 -7.16
N GLY A 4 -10.67 -13.27 -7.41
CA GLY A 4 -11.52 -12.09 -7.48
C GLY A 4 -10.70 -10.82 -7.25
N SER A 5 -10.08 -10.76 -6.08
CA SER A 5 -9.26 -9.61 -5.72
C SER A 5 -10.12 -8.35 -5.67
N SER A 6 -9.70 -7.40 -4.85
CA SER A 6 -10.43 -6.16 -4.70
C SER A 6 -9.44 -5.01 -4.49
N GLY A 7 -9.79 -3.86 -5.07
CA GLY A 7 -8.96 -2.68 -4.95
C GLY A 7 -7.71 -2.80 -5.85
N PRO A 8 -6.63 -2.10 -5.42
CA PRO A 8 -5.38 -2.13 -6.18
C PRO A 8 -4.66 -3.45 -6.00
N ASN A 9 -3.37 -3.44 -6.33
CA ASN A 9 -2.55 -4.63 -6.20
C ASN A 9 -1.70 -4.54 -4.94
N TYR A 10 -2.34 -4.08 -3.88
CA TYR A 10 -1.64 -3.93 -2.60
C TYR A 10 -2.62 -3.49 -1.49
N ARG A 11 -2.25 -3.81 -0.27
CA ARG A 11 -3.08 -3.45 0.88
C ARG A 11 -2.78 -2.02 1.32
N TRP A 12 -3.84 -1.29 1.57
CA TRP A 12 -3.71 0.10 2.01
C TRP A 12 -4.86 0.41 2.97
N THR A 13 -4.52 1.10 4.05
CA THR A 13 -5.52 1.46 5.05
C THR A 13 -5.30 2.90 5.52
N GLN A 14 -5.99 3.24 6.60
CA GLN A 14 -5.88 4.58 7.15
C GLN A 14 -6.76 4.71 8.39
N THR A 15 -6.52 5.77 9.14
CA THR A 15 -7.27 6.03 10.36
C THR A 15 -7.78 7.47 10.38
N LEU A 16 -8.49 7.82 9.32
CA LEU A 16 -9.04 9.16 9.21
C LEU A 16 -7.95 10.18 9.54
N ALA A 17 -6.71 9.78 9.30
CA ALA A 17 -5.58 10.64 9.57
C ALA A 17 -4.33 10.07 8.90
N GLU A 18 -3.88 8.95 9.44
CA GLU A 18 -2.70 8.28 8.91
C GLU A 18 -3.10 7.31 7.79
N LEU A 19 -2.16 7.09 6.88
CA LEU A 19 -2.40 6.19 5.77
C LEU A 19 -1.36 5.08 5.79
N ASP A 20 -1.85 3.84 5.79
CA ASP A 20 -0.98 2.68 5.81
C ASP A 20 -1.03 1.99 4.44
N LEU A 21 0.15 1.68 3.93
CA LEU A 21 0.25 1.01 2.64
C LEU A 21 1.30 -0.10 2.73
N ALA A 22 0.95 -1.25 2.18
CA ALA A 22 1.85 -2.39 2.18
C ALA A 22 1.77 -3.10 0.83
N VAL A 23 2.95 -3.32 0.25
CA VAL A 23 3.02 -4.00 -1.03
C VAL A 23 4.08 -5.10 -0.96
N PRO A 24 3.58 -6.37 -0.90
CA PRO A 24 4.46 -7.53 -0.82
C PRO A 24 5.09 -7.81 -2.18
N PHE A 25 6.32 -8.32 -2.14
CA PHE A 25 7.04 -8.64 -3.35
C PHE A 25 7.50 -10.11 -3.35
N ARG A 26 7.96 -10.54 -4.51
CA ARG A 26 8.43 -11.92 -4.65
C ARG A 26 9.96 -11.97 -4.63
N VAL A 27 10.50 -12.12 -3.43
CA VAL A 27 11.95 -12.18 -3.27
C VAL A 27 12.30 -13.34 -2.34
N SER A 28 13.59 -13.64 -2.27
CA SER A 28 14.07 -14.72 -1.42
C SER A 28 15.01 -14.16 -0.36
N PHE A 29 15.14 -12.84 -0.36
CA PHE A 29 16.01 -12.18 0.61
C PHE A 29 15.29 -11.02 1.29
N ARG A 30 15.97 -10.41 2.24
CA ARG A 30 15.41 -9.28 2.96
C ARG A 30 15.59 -7.98 2.18
N LEU A 31 14.49 -7.51 1.61
CA LEU A 31 14.52 -6.29 0.83
C LEU A 31 14.81 -5.10 1.74
N LYS A 32 15.78 -4.29 1.33
CA LYS A 32 16.16 -3.13 2.10
C LYS A 32 15.61 -1.87 1.43
N GLY A 33 16.01 -0.73 1.96
CA GLY A 33 15.57 0.54 1.42
C GLY A 33 16.57 1.08 0.38
N LYS A 34 17.04 0.18 -0.45
CA LYS A 34 18.01 0.54 -1.48
C LYS A 34 17.56 -0.06 -2.82
N ASP A 35 17.12 -1.31 -2.75
CA ASP A 35 16.66 -2.01 -3.94
C ASP A 35 15.17 -1.74 -4.15
N VAL A 36 14.76 -0.53 -3.80
CA VAL A 36 13.37 -0.14 -3.93
C VAL A 36 13.28 1.34 -4.26
N VAL A 37 12.10 1.76 -4.68
CA VAL A 37 11.88 3.15 -5.03
C VAL A 37 10.52 3.60 -4.49
N VAL A 38 10.54 4.23 -3.32
CA VAL A 38 9.33 4.70 -2.70
C VAL A 38 9.32 6.23 -2.70
N ASP A 39 8.56 6.79 -3.64
CA ASP A 39 8.46 8.23 -3.77
C ASP A 39 7.24 8.72 -2.97
N ILE A 40 7.53 9.42 -1.89
CA ILE A 40 6.48 9.95 -1.04
C ILE A 40 6.32 11.45 -1.31
N GLN A 41 5.28 11.76 -2.08
CA GLN A 41 5.01 13.15 -2.43
C GLN A 41 3.82 13.67 -1.62
N ARG A 42 3.49 14.93 -1.85
CA ARG A 42 2.38 15.56 -1.16
C ARG A 42 1.05 14.92 -1.58
N ARG A 43 0.89 14.80 -2.89
CA ARG A 43 -0.32 14.21 -3.44
C ARG A 43 0.03 13.22 -4.55
N HIS A 44 0.89 12.27 -4.20
CA HIS A 44 1.31 11.25 -5.16
C HIS A 44 2.18 10.22 -4.45
N LEU A 45 1.94 8.96 -4.79
CA LEU A 45 2.69 7.86 -4.19
C LEU A 45 3.19 6.94 -5.30
N ARG A 46 4.50 6.80 -5.37
CA ARG A 46 5.13 5.95 -6.37
C ARG A 46 5.99 4.89 -5.69
N VAL A 47 5.57 3.64 -5.85
CA VAL A 47 6.31 2.53 -5.27
C VAL A 47 6.70 1.55 -6.38
N GLY A 48 7.84 0.91 -6.17
CA GLY A 48 8.34 -0.05 -7.14
C GLY A 48 9.83 -0.33 -6.92
N LEU A 49 10.25 -1.50 -7.37
CA LEU A 49 11.64 -1.91 -7.23
C LEU A 49 12.48 -1.21 -8.31
N LYS A 50 13.60 -0.66 -7.88
CA LYS A 50 14.49 0.03 -8.80
C LYS A 50 14.56 -0.74 -10.13
N GLY A 51 14.46 0.01 -11.21
CA GLY A 51 14.51 -0.59 -12.53
C GLY A 51 13.16 -1.21 -12.91
N GLN A 52 12.57 -1.90 -11.94
CA GLN A 52 11.28 -2.54 -12.16
C GLN A 52 10.17 -1.49 -12.23
N PRO A 53 8.96 -1.96 -12.63
CA PRO A 53 7.81 -1.07 -12.75
C PRO A 53 7.25 -0.71 -11.37
N PRO A 54 6.66 0.51 -11.31
CA PRO A 54 6.08 1.00 -10.06
C PRO A 54 4.76 0.28 -9.75
N VAL A 55 4.74 -0.42 -8.62
CA VAL A 55 3.56 -1.14 -8.21
C VAL A 55 2.55 -0.16 -7.61
N VAL A 56 2.93 1.11 -7.61
CA VAL A 56 2.07 2.15 -7.07
C VAL A 56 2.37 3.46 -7.79
N ASP A 57 1.31 4.15 -8.16
CA ASP A 57 1.43 5.43 -8.85
C ASP A 57 0.05 6.03 -9.06
N GLY A 58 -0.10 7.26 -8.59
CA GLY A 58 -1.37 7.96 -8.72
C GLY A 58 -1.43 9.15 -7.75
N GLU A 59 -2.27 10.12 -8.11
CA GLU A 59 -2.44 11.30 -7.28
C GLU A 59 -3.33 11.00 -6.08
N LEU A 60 -2.71 10.91 -4.93
CA LEU A 60 -3.44 10.62 -3.71
C LEU A 60 -4.75 11.41 -3.69
N TYR A 61 -5.66 10.99 -2.82
CA TYR A 61 -6.94 11.64 -2.71
C TYR A 61 -6.78 13.10 -2.28
N ASN A 62 -5.69 13.35 -1.55
CA ASN A 62 -5.41 14.68 -1.06
C ASN A 62 -3.94 14.77 -0.63
N GLU A 63 -3.55 15.95 -0.21
CA GLU A 63 -2.19 16.18 0.23
C GLU A 63 -1.90 15.35 1.49
N VAL A 64 -0.62 15.03 1.67
CA VAL A 64 -0.20 14.25 2.82
C VAL A 64 1.20 14.69 3.24
N LYS A 65 1.37 14.84 4.55
CA LYS A 65 2.66 15.26 5.10
C LYS A 65 3.75 14.30 4.61
N VAL A 66 4.56 14.81 3.69
CA VAL A 66 5.64 14.02 3.13
C VAL A 66 6.86 14.11 4.06
N GLU A 67 6.91 15.19 4.82
CA GLU A 67 8.01 15.40 5.75
C GLU A 67 7.92 14.40 6.91
N GLU A 68 6.68 14.12 7.31
CA GLU A 68 6.46 13.19 8.40
C GLU A 68 6.30 11.77 7.86
N SER A 69 6.09 11.68 6.55
CA SER A 69 5.92 10.39 5.91
C SER A 69 7.07 9.46 6.30
N SER A 70 6.80 8.17 6.17
CA SER A 70 7.80 7.16 6.50
C SER A 70 7.36 5.80 5.98
N TRP A 71 8.28 5.14 5.28
CA TRP A 71 8.00 3.84 4.72
C TRP A 71 9.10 2.88 5.19
N LEU A 72 8.79 1.59 5.11
CA LEU A 72 9.74 0.57 5.53
C LEU A 72 9.39 -0.75 4.84
N ILE A 73 10.18 -1.77 5.14
CA ILE A 73 9.96 -3.08 4.57
C ILE A 73 9.79 -4.11 5.69
N GLU A 74 8.55 -4.58 5.82
CA GLU A 74 8.24 -5.56 6.85
C GLU A 74 8.84 -6.93 6.49
N ASP A 75 9.52 -7.52 7.46
CA ASP A 75 10.14 -8.81 7.26
C ASP A 75 10.97 -8.78 5.98
N GLY A 76 11.34 -7.57 5.58
CA GLY A 76 12.14 -7.39 4.38
C GLY A 76 11.57 -8.20 3.22
N LYS A 77 10.30 -7.96 2.92
CA LYS A 77 9.63 -8.66 1.84
C LYS A 77 8.61 -7.73 1.19
N VAL A 78 7.80 -7.11 2.03
CA VAL A 78 6.77 -6.21 1.56
C VAL A 78 7.17 -4.77 1.93
N VAL A 79 6.89 -3.86 1.00
CA VAL A 79 7.21 -2.46 1.21
C VAL A 79 6.02 -1.76 1.87
N THR A 80 6.25 -1.31 3.09
CA THR A 80 5.20 -0.62 3.84
C THR A 80 5.43 0.89 3.82
N VAL A 81 4.35 1.61 3.53
CA VAL A 81 4.42 3.05 3.47
C VAL A 81 3.42 3.65 4.46
N HIS A 82 3.81 4.77 5.05
CA HIS A 82 2.96 5.45 6.02
C HIS A 82 2.84 6.93 5.64
N LEU A 83 1.62 7.31 5.28
CA LEU A 83 1.36 8.69 4.90
C LEU A 83 0.52 9.35 5.98
N GLU A 84 0.71 10.66 6.12
CA GLU A 84 -0.02 11.43 7.12
C GLU A 84 -0.87 12.50 6.44
N LYS A 85 -2.17 12.42 6.68
CA LYS A 85 -3.09 13.37 6.10
C LYS A 85 -2.74 14.79 6.58
N ILE A 86 -3.18 15.77 5.81
CA ILE A 86 -2.92 17.16 6.15
C ILE A 86 -4.08 17.70 6.97
N ASN A 87 -5.29 17.31 6.59
CA ASN A 87 -6.48 17.75 7.29
C ASN A 87 -6.91 16.68 8.30
N LYS A 88 -6.69 15.43 7.92
CA LYS A 88 -7.04 14.31 8.77
C LYS A 88 -8.40 14.59 9.42
N MET A 89 -9.34 14.99 8.59
CA MET A 89 -10.69 15.30 9.08
C MET A 89 -11.71 14.33 8.48
N GLU A 90 -11.62 14.17 7.16
CA GLU A 90 -12.53 13.28 6.46
C GLU A 90 -11.88 11.91 6.27
N TRP A 91 -12.55 11.09 5.47
CA TRP A 91 -12.06 9.75 5.19
C TRP A 91 -11.90 9.60 3.68
N TRP A 92 -10.70 9.19 3.28
CA TRP A 92 -10.41 9.01 1.87
C TRP A 92 -11.33 7.92 1.33
N ASN A 93 -11.83 8.16 0.12
CA ASN A 93 -12.72 7.21 -0.51
C ASN A 93 -11.90 6.13 -1.22
N ARG A 94 -10.61 6.40 -1.35
CA ARG A 94 -9.71 5.46 -1.99
C ARG A 94 -8.25 5.80 -1.63
N LEU A 95 -7.35 5.26 -2.43
CA LEU A 95 -5.93 5.48 -2.21
C LEU A 95 -5.45 6.62 -3.11
N VAL A 96 -5.78 6.49 -4.39
CA VAL A 96 -5.40 7.49 -5.37
C VAL A 96 -6.60 7.86 -6.23
N THR A 97 -6.73 9.16 -6.49
CA THR A 97 -7.84 9.65 -7.29
C THR A 97 -7.95 8.86 -8.60
N SER A 98 -6.81 8.39 -9.06
CA SER A 98 -6.76 7.62 -10.30
C SER A 98 -5.78 6.46 -10.16
N ASP A 99 -6.20 5.30 -10.63
CA ASP A 99 -5.37 4.12 -10.57
C ASP A 99 -4.19 4.27 -11.54
N PRO A 100 -3.14 3.44 -11.30
CA PRO A 100 -1.96 3.48 -12.14
C PRO A 100 -2.22 2.81 -13.49
N GLU A 101 -1.98 1.50 -13.53
CA GLU A 101 -2.20 0.74 -14.74
C GLU A 101 -3.22 -0.37 -14.51
N ILE A 102 -2.72 -1.50 -14.04
CA ILE A 102 -3.58 -2.64 -13.77
C ILE A 102 -4.43 -2.35 -12.53
N ASN A 103 -5.47 -3.15 -12.36
CA ASN A 103 -6.36 -3.00 -11.22
C ASN A 103 -6.18 -4.18 -10.27
N THR A 104 -6.20 -5.37 -10.85
CA THR A 104 -6.04 -6.58 -10.07
C THR A 104 -5.02 -7.51 -10.73
N LYS A 105 -4.05 -7.92 -9.93
CA LYS A 105 -3.00 -8.80 -10.42
C LYS A 105 -3.37 -10.26 -10.09
N LYS A 106 -2.74 -11.17 -10.81
CA LYS A 106 -2.99 -12.59 -10.61
C LYS A 106 -2.21 -13.07 -9.38
N ILE A 107 -2.81 -12.83 -8.22
CA ILE A 107 -2.18 -13.24 -6.97
C ILE A 107 -1.48 -14.59 -7.17
N ASN A 108 -2.26 -15.65 -6.99
CA ASN A 108 -1.73 -17.00 -7.15
C ASN A 108 -2.88 -18.00 -7.07
N PRO A 109 -2.55 -19.28 -7.37
CA PRO A 109 -3.55 -20.35 -7.34
C PRO A 109 -3.88 -20.74 -5.89
N GLU A 110 -2.83 -20.95 -5.11
CA GLU A 110 -3.00 -21.32 -3.72
C GLU A 110 -3.81 -22.61 -3.62
N ASN A 111 -3.13 -23.67 -3.17
CA ASN A 111 -3.78 -24.96 -3.03
C ASN A 111 -2.73 -26.00 -2.64
N SER A 112 -2.58 -26.19 -1.33
CA SER A 112 -1.62 -27.16 -0.82
C SER A 112 -1.51 -27.03 0.70
N LYS A 113 -0.88 -28.03 1.31
CA LYS A 113 -0.70 -28.04 2.75
C LYS A 113 -2.06 -27.89 3.42
N LEU A 114 -2.05 -27.99 4.74
CA LEU A 114 -3.27 -27.89 5.52
C LEU A 114 -3.11 -26.78 6.56
N SER A 115 -3.72 -25.64 6.27
CA SER A 115 -3.65 -24.50 7.17
C SER A 115 -4.40 -24.81 8.47
N ASP A 116 -3.66 -25.40 9.41
CA ASP A 116 -4.25 -25.76 10.70
C ASP A 116 -3.51 -25.01 11.80
N LEU A 117 -3.96 -23.79 12.06
CA LEU A 117 -3.36 -22.97 13.09
C LEU A 117 -3.51 -23.66 14.44
N ASP A 118 -2.57 -23.37 15.33
CA ASP A 118 -2.59 -23.96 16.66
C ASP A 118 -1.79 -23.07 17.62
N SER A 119 -2.00 -23.29 18.90
CA SER A 119 -1.31 -22.53 19.93
C SER A 119 -1.80 -22.94 21.31
N GLU A 120 -0.89 -23.48 22.10
CA GLU A 120 -1.21 -23.92 23.45
C GLU A 120 0.07 -24.21 24.23
N THR A 121 0.22 -23.50 25.34
CA THR A 121 1.39 -23.67 26.18
C THR A 121 1.12 -23.08 27.58
N ARG A 122 1.75 -23.70 28.57
CA ARG A 122 1.59 -23.26 29.94
C ARG A 122 2.57 -24.00 30.86
N SER A 123 3.04 -23.29 31.87
CA SER A 123 3.98 -23.86 32.81
C SER A 123 3.98 -23.06 34.12
N MET A 124 4.23 -23.75 35.21
CA MET A 124 4.25 -23.12 36.51
C MET A 124 4.68 -24.11 37.60
N VAL A 125 5.49 -23.62 38.52
CA VAL A 125 5.98 -24.45 39.61
C VAL A 125 6.56 -23.55 40.71
N SER A 126 5.96 -23.64 41.89
CA SER A 126 6.41 -22.84 43.02
C SER A 126 5.63 -23.24 44.27
N GLY A 127 6.35 -23.39 45.37
CA GLY A 127 5.75 -23.76 46.63
C GLY A 127 6.79 -24.34 47.60
N PRO A 128 7.28 -23.45 48.50
CA PRO A 128 8.27 -23.86 49.49
C PRO A 128 7.65 -24.71 50.59
N SER A 129 8.47 -25.06 51.56
CA SER A 129 8.01 -25.86 52.68
C SER A 129 9.02 -25.81 53.83
N SER A 130 8.61 -26.34 54.97
CA SER A 130 9.48 -26.35 56.14
C SER A 130 9.05 -27.48 57.09
N GLY A 131 9.91 -27.75 58.05
CA GLY A 131 9.65 -28.80 59.03
C GLY A 131 9.58 -30.17 58.34
N GLY A 1 -20.77 -11.28 -16.78
CA GLY A 1 -20.31 -10.23 -15.88
C GLY A 1 -21.39 -9.83 -14.89
N SER A 2 -20.95 -9.32 -13.75
CA SER A 2 -21.87 -8.89 -12.72
C SER A 2 -21.11 -8.17 -11.59
N SER A 3 -20.16 -8.89 -11.01
CA SER A 3 -19.36 -8.34 -9.94
C SER A 3 -18.55 -7.14 -10.45
N GLY A 4 -18.29 -6.21 -9.54
CA GLY A 4 -17.53 -5.02 -9.89
C GLY A 4 -16.43 -4.76 -8.86
N SER A 5 -16.42 -3.54 -8.34
CA SER A 5 -15.43 -3.15 -7.36
C SER A 5 -14.04 -3.13 -7.99
N SER A 6 -13.33 -2.05 -7.75
CA SER A 6 -11.99 -1.89 -8.29
C SER A 6 -10.97 -1.76 -7.15
N GLY A 7 -9.90 -2.53 -7.26
CA GLY A 7 -8.85 -2.51 -6.26
C GLY A 7 -7.47 -2.55 -6.90
N PRO A 8 -6.48 -1.95 -6.18
CA PRO A 8 -5.12 -1.91 -6.67
C PRO A 8 -4.44 -3.28 -6.52
N ASN A 9 -3.12 -3.26 -6.59
CA ASN A 9 -2.34 -4.48 -6.48
C ASN A 9 -1.53 -4.44 -5.18
N TYR A 10 -2.13 -3.83 -4.16
CA TYR A 10 -1.48 -3.72 -2.87
C TYR A 10 -2.49 -3.31 -1.78
N ARG A 11 -2.16 -3.68 -0.55
CA ARG A 11 -3.02 -3.36 0.57
C ARG A 11 -2.74 -1.94 1.06
N TRP A 12 -3.82 -1.24 1.40
CA TRP A 12 -3.71 0.13 1.87
C TRP A 12 -4.84 0.38 2.87
N THR A 13 -4.51 1.04 3.96
CA THR A 13 -5.50 1.35 4.98
C THR A 13 -5.29 2.77 5.51
N GLN A 14 -5.94 3.05 6.63
CA GLN A 14 -5.84 4.36 7.25
C GLN A 14 -6.66 4.41 8.53
N THR A 15 -6.87 5.62 9.03
CA THR A 15 -7.63 5.82 10.24
C THR A 15 -7.96 7.30 10.44
N LEU A 16 -8.64 7.86 9.44
CA LEU A 16 -9.02 9.26 9.48
C LEU A 16 -7.88 10.07 10.11
N ALA A 17 -6.66 9.59 9.90
CA ALA A 17 -5.49 10.26 10.43
C ALA A 17 -4.29 9.98 9.53
N GLU A 18 -3.81 8.74 9.59
CA GLU A 18 -2.68 8.34 8.77
C GLU A 18 -3.10 7.26 7.78
N LEU A 19 -2.30 7.13 6.73
CA LEU A 19 -2.57 6.15 5.69
C LEU A 19 -1.47 5.09 5.69
N ASP A 20 -1.90 3.83 5.71
CA ASP A 20 -0.97 2.72 5.71
C ASP A 20 -1.01 2.01 4.36
N LEU A 21 0.18 1.78 3.82
CA LEU A 21 0.29 1.12 2.52
C LEU A 21 1.33 0.00 2.61
N ALA A 22 0.96 -1.16 2.09
CA ALA A 22 1.85 -2.31 2.10
C ALA A 22 1.82 -2.99 0.73
N VAL A 23 3.00 -3.26 0.22
CA VAL A 23 3.12 -3.92 -1.08
C VAL A 23 4.12 -5.07 -0.97
N PRO A 24 3.55 -6.31 -0.90
CA PRO A 24 4.37 -7.50 -0.79
C PRO A 24 5.02 -7.85 -2.13
N PHE A 25 6.34 -7.96 -2.10
CA PHE A 25 7.08 -8.28 -3.31
C PHE A 25 7.62 -9.71 -3.25
N ARG A 26 7.64 -10.35 -4.40
CA ARG A 26 8.12 -11.71 -4.51
C ARG A 26 9.65 -11.74 -4.42
N VAL A 27 10.14 -11.77 -3.19
CA VAL A 27 11.58 -11.80 -2.96
C VAL A 27 11.90 -12.90 -1.95
N SER A 28 13.13 -13.41 -2.06
CA SER A 28 13.58 -14.46 -1.16
C SER A 28 14.63 -13.93 -0.19
N PHE A 29 14.71 -12.61 -0.14
CA PHE A 29 15.67 -11.95 0.74
C PHE A 29 15.08 -10.66 1.33
N ARG A 30 15.74 -10.18 2.37
CA ARG A 30 15.30 -8.97 3.04
C ARG A 30 15.67 -7.73 2.20
N LEU A 31 14.66 -7.18 1.55
CA LEU A 31 14.87 -6.01 0.72
C LEU A 31 15.32 -4.84 1.59
N LYS A 32 16.16 -3.99 1.02
CA LYS A 32 16.67 -2.84 1.74
C LYS A 32 16.07 -1.57 1.13
N GLY A 33 16.29 -0.46 1.82
CA GLY A 33 15.78 0.82 1.36
C GLY A 33 16.67 1.41 0.26
N LYS A 34 16.92 0.58 -0.74
CA LYS A 34 17.76 1.00 -1.86
C LYS A 34 17.33 0.24 -3.12
N ASP A 35 17.12 -1.06 -2.96
CA ASP A 35 16.71 -1.90 -4.07
C ASP A 35 15.26 -1.57 -4.44
N VAL A 36 14.64 -0.76 -3.61
CA VAL A 36 13.26 -0.36 -3.83
C VAL A 36 13.21 1.13 -4.16
N VAL A 37 12.06 1.55 -4.66
CA VAL A 37 11.86 2.95 -5.02
C VAL A 37 10.52 3.43 -4.47
N VAL A 38 10.58 4.15 -3.36
CA VAL A 38 9.38 4.67 -2.74
C VAL A 38 9.44 6.20 -2.73
N ASP A 39 8.62 6.79 -3.60
CA ASP A 39 8.57 8.25 -3.70
C ASP A 39 7.24 8.75 -3.13
N ILE A 40 7.32 9.31 -1.93
CA ILE A 40 6.15 9.84 -1.27
C ILE A 40 5.97 11.31 -1.64
N GLN A 41 4.97 11.57 -2.47
CA GLN A 41 4.69 12.93 -2.90
C GLN A 41 3.50 13.50 -2.12
N ARG A 42 3.51 14.81 -1.97
CA ARG A 42 2.45 15.49 -1.25
C ARG A 42 1.09 14.89 -1.63
N ARG A 43 0.88 14.73 -2.92
CA ARG A 43 -0.37 14.16 -3.42
C ARG A 43 -0.08 13.12 -4.50
N HIS A 44 0.94 12.31 -4.24
CA HIS A 44 1.33 11.27 -5.18
C HIS A 44 2.17 10.22 -4.46
N LEU A 45 1.97 8.97 -4.85
CA LEU A 45 2.69 7.86 -4.25
C LEU A 45 3.26 6.96 -5.36
N ARG A 46 4.58 6.89 -5.40
CA ARG A 46 5.25 6.07 -6.40
C ARG A 46 6.11 5.00 -5.72
N VAL A 47 5.66 3.76 -5.82
CA VAL A 47 6.37 2.65 -5.23
C VAL A 47 6.72 1.63 -6.32
N GLY A 48 7.80 0.91 -6.08
CA GLY A 48 8.26 -0.10 -7.04
C GLY A 48 9.71 -0.49 -6.77
N LEU A 49 10.08 -1.65 -7.28
CA LEU A 49 11.43 -2.15 -7.11
C LEU A 49 12.36 -1.49 -8.12
N LYS A 50 13.53 -1.09 -7.65
CA LYS A 50 14.51 -0.45 -8.51
C LYS A 50 14.60 -1.20 -9.83
N GLY A 51 14.58 -0.44 -10.91
CA GLY A 51 14.67 -1.02 -12.25
C GLY A 51 13.29 -1.49 -12.72
N GLN A 52 12.58 -2.14 -11.81
CA GLN A 52 11.25 -2.65 -12.12
C GLN A 52 10.24 -1.50 -12.18
N PRO A 53 9.01 -1.83 -12.65
CA PRO A 53 7.96 -0.84 -12.77
C PRO A 53 7.37 -0.51 -11.38
N PRO A 54 6.79 0.71 -11.29
CA PRO A 54 6.18 1.15 -10.04
C PRO A 54 4.84 0.46 -9.80
N VAL A 55 4.82 -0.35 -8.75
CA VAL A 55 3.61 -1.08 -8.40
C VAL A 55 2.59 -0.11 -7.79
N VAL A 56 3.01 1.14 -7.67
CA VAL A 56 2.16 2.16 -7.11
C VAL A 56 2.44 3.50 -7.81
N ASP A 57 1.37 4.13 -8.27
CA ASP A 57 1.50 5.41 -8.95
C ASP A 57 0.10 6.01 -9.15
N GLY A 58 -0.04 7.26 -8.73
CA GLY A 58 -1.30 7.95 -8.84
C GLY A 58 -1.39 9.11 -7.84
N GLU A 59 -2.20 10.10 -8.20
CA GLU A 59 -2.38 11.26 -7.35
C GLU A 59 -3.20 10.90 -6.11
N LEU A 60 -2.56 11.02 -4.96
CA LEU A 60 -3.22 10.70 -3.71
C LEU A 60 -4.56 11.44 -3.63
N TYR A 61 -5.38 11.03 -2.67
CA TYR A 61 -6.68 11.65 -2.49
C TYR A 61 -6.55 13.14 -2.17
N ASN A 62 -5.50 13.45 -1.41
CA ASN A 62 -5.25 14.83 -1.03
C ASN A 62 -3.81 14.95 -0.50
N GLU A 63 -3.40 16.19 -0.28
CA GLU A 63 -2.07 16.46 0.21
C GLU A 63 -1.81 15.69 1.50
N VAL A 64 -0.61 15.15 1.62
CA VAL A 64 -0.23 14.39 2.79
C VAL A 64 1.17 14.81 3.24
N LYS A 65 1.30 15.00 4.55
CA LYS A 65 2.58 15.39 5.12
C LYS A 65 3.63 14.33 4.81
N VAL A 66 4.30 14.50 3.68
CA VAL A 66 5.33 13.57 3.27
C VAL A 66 6.55 13.70 4.17
N GLU A 67 6.75 14.92 4.65
CA GLU A 67 7.87 15.21 5.53
C GLU A 67 7.80 14.34 6.79
N GLU A 68 6.58 13.90 7.09
CA GLU A 68 6.36 13.07 8.26
C GLU A 68 6.10 11.63 7.84
N SER A 69 5.93 11.44 6.54
CA SER A 69 5.68 10.12 6.00
C SER A 69 6.95 9.28 6.06
N SER A 70 6.77 8.02 6.46
CA SER A 70 7.89 7.10 6.57
C SER A 70 7.48 5.72 6.06
N TRP A 71 8.35 5.15 5.24
CA TRP A 71 8.10 3.84 4.67
C TRP A 71 9.22 2.91 5.13
N LEU A 72 8.95 1.61 5.04
CA LEU A 72 9.92 0.61 5.44
C LEU A 72 9.52 -0.74 4.85
N ILE A 73 10.45 -1.68 4.92
CA ILE A 73 10.22 -3.02 4.40
C ILE A 73 10.06 -4.00 5.56
N GLU A 74 8.84 -4.47 5.73
CA GLU A 74 8.54 -5.41 6.80
C GLU A 74 9.02 -6.82 6.41
N ASP A 75 9.51 -7.54 7.41
CA ASP A 75 9.99 -8.89 7.19
C ASP A 75 10.76 -8.94 5.87
N GLY A 76 11.35 -7.81 5.52
CA GLY A 76 12.11 -7.71 4.29
C GLY A 76 11.46 -8.53 3.18
N LYS A 77 10.18 -8.28 2.98
CA LYS A 77 9.42 -8.99 1.96
C LYS A 77 8.41 -8.02 1.32
N VAL A 78 7.71 -7.30 2.19
CA VAL A 78 6.72 -6.35 1.73
C VAL A 78 7.18 -4.93 2.09
N VAL A 79 6.79 -3.99 1.23
CA VAL A 79 7.15 -2.60 1.44
C VAL A 79 5.97 -1.86 2.06
N THR A 80 6.21 -1.31 3.25
CA THR A 80 5.18 -0.59 3.97
C THR A 80 5.42 0.92 3.86
N VAL A 81 4.34 1.65 3.63
CA VAL A 81 4.42 3.09 3.50
C VAL A 81 3.39 3.74 4.42
N HIS A 82 3.89 4.59 5.31
CA HIS A 82 3.02 5.28 6.26
C HIS A 82 2.84 6.73 5.82
N LEU A 83 1.62 7.04 5.42
CA LEU A 83 1.30 8.39 4.97
C LEU A 83 0.62 9.15 6.12
N GLU A 84 0.71 10.47 6.04
CA GLU A 84 0.10 11.32 7.06
C GLU A 84 -0.68 12.45 6.41
N LYS A 85 -1.99 12.41 6.58
CA LYS A 85 -2.87 13.41 6.01
C LYS A 85 -2.51 14.77 6.61
N ILE A 86 -2.86 15.81 5.87
CA ILE A 86 -2.58 17.18 6.31
C ILE A 86 -3.66 17.61 7.30
N ASN A 87 -4.86 17.11 7.08
CA ASN A 87 -5.98 17.42 7.95
C ASN A 87 -6.12 16.36 9.03
N LYS A 88 -5.97 15.11 8.61
CA LYS A 88 -6.07 13.98 9.53
C LYS A 88 -7.48 13.93 10.11
N MET A 89 -8.46 14.12 9.23
CA MET A 89 -9.85 14.09 9.65
C MET A 89 -10.79 13.97 8.44
N GLU A 90 -10.29 13.27 7.43
CA GLU A 90 -11.07 13.07 6.21
C GLU A 90 -11.10 11.58 5.84
N TRP A 91 -12.24 11.15 5.34
CA TRP A 91 -12.42 9.76 4.95
C TRP A 91 -12.10 9.65 3.46
N TRP A 92 -11.19 8.75 3.15
CA TRP A 92 -10.78 8.54 1.76
C TRP A 92 -11.67 7.43 1.18
N ASN A 93 -11.86 7.50 -0.12
CA ASN A 93 -12.68 6.51 -0.81
C ASN A 93 -11.83 5.82 -1.89
N ARG A 94 -10.56 6.18 -1.92
CA ARG A 94 -9.65 5.61 -2.90
C ARG A 94 -8.21 6.04 -2.59
N LEU A 95 -7.31 5.07 -2.61
CA LEU A 95 -5.92 5.34 -2.33
C LEU A 95 -5.42 6.45 -3.25
N VAL A 96 -5.67 6.28 -4.54
CA VAL A 96 -5.27 7.27 -5.52
C VAL A 96 -6.46 7.65 -6.39
N THR A 97 -6.47 8.89 -6.83
CA THR A 97 -7.54 9.39 -7.67
C THR A 97 -7.40 8.87 -9.09
N SER A 98 -6.15 8.73 -9.52
CA SER A 98 -5.87 8.24 -10.85
C SER A 98 -5.06 6.94 -10.77
N ASP A 99 -5.72 5.84 -11.08
CA ASP A 99 -5.09 4.53 -11.06
C ASP A 99 -3.76 4.62 -11.81
N PRO A 100 -2.86 3.65 -11.48
CA PRO A 100 -1.55 3.59 -12.11
C PRO A 100 -1.65 3.05 -13.54
N GLU A 101 -1.66 1.72 -13.63
CA GLU A 101 -1.76 1.07 -14.92
C GLU A 101 -2.91 0.06 -14.92
N ILE A 102 -2.63 -1.10 -14.35
CA ILE A 102 -3.62 -2.16 -14.27
C ILE A 102 -4.51 -1.93 -13.05
N ASN A 103 -5.63 -2.64 -13.04
CA ASN A 103 -6.56 -2.52 -11.93
C ASN A 103 -7.62 -3.62 -12.05
N THR A 104 -8.33 -3.60 -13.17
CA THR A 104 -9.38 -4.58 -13.42
C THR A 104 -10.29 -4.71 -12.20
N LYS A 105 -11.24 -5.62 -12.31
CA LYS A 105 -12.17 -5.87 -11.22
C LYS A 105 -11.70 -7.05 -10.39
N LYS A 106 -11.65 -6.84 -9.09
CA LYS A 106 -11.21 -7.89 -8.18
C LYS A 106 -9.76 -8.26 -8.48
N ILE A 107 -8.99 -8.42 -7.43
CA ILE A 107 -7.58 -8.77 -7.57
C ILE A 107 -7.30 -10.05 -6.75
N ASN A 108 -7.38 -9.90 -5.45
CA ASN A 108 -7.13 -11.03 -4.55
C ASN A 108 -8.00 -10.88 -3.30
N PRO A 109 -8.55 -12.02 -2.83
CA PRO A 109 -9.38 -12.03 -1.65
C PRO A 109 -8.54 -11.88 -0.37
N GLU A 110 -7.51 -12.70 -0.28
CA GLU A 110 -6.63 -12.68 0.87
C GLU A 110 -7.43 -12.43 2.15
N ASN A 111 -8.57 -13.11 2.24
CA ASN A 111 -9.42 -12.98 3.40
C ASN A 111 -9.83 -14.38 3.88
N SER A 112 -8.96 -14.98 4.69
CA SER A 112 -9.21 -16.30 5.22
C SER A 112 -8.55 -16.44 6.60
N LYS A 113 -9.07 -15.68 7.55
CA LYS A 113 -8.54 -15.72 8.90
C LYS A 113 -9.59 -15.15 9.86
N LEU A 114 -9.54 -15.66 11.09
CA LEU A 114 -10.48 -15.20 12.11
C LEU A 114 -9.71 -14.43 13.19
N SER A 115 -8.57 -13.89 12.79
CA SER A 115 -7.74 -13.13 13.71
C SER A 115 -7.66 -11.67 13.25
N ASP A 116 -8.68 -10.92 13.62
CA ASP A 116 -8.74 -9.51 13.27
C ASP A 116 -8.75 -8.67 14.54
N LEU A 117 -7.55 -8.39 15.04
CA LEU A 117 -7.40 -7.59 16.25
C LEU A 117 -6.85 -6.21 15.87
N ASP A 118 -7.36 -5.20 16.56
CA ASP A 118 -6.93 -3.84 16.31
C ASP A 118 -6.62 -3.16 17.66
N SER A 119 -5.41 -2.63 17.74
CA SER A 119 -4.98 -1.95 18.96
C SER A 119 -3.93 -0.89 18.62
N GLU A 120 -4.34 0.36 18.75
CA GLU A 120 -3.45 1.48 18.47
C GLU A 120 -4.15 2.80 18.80
N THR A 121 -3.47 3.60 19.60
CA THR A 121 -3.99 4.90 19.99
C THR A 121 -2.87 5.81 20.49
N ARG A 122 -3.15 7.11 20.47
CA ARG A 122 -2.18 8.08 20.91
C ARG A 122 -2.88 9.29 21.52
N SER A 123 -2.08 10.24 21.99
CA SER A 123 -2.61 11.45 22.60
C SER A 123 -1.48 12.46 22.83
N MET A 124 -1.89 13.68 23.11
CA MET A 124 -0.93 14.74 23.36
C MET A 124 -1.20 15.43 24.71
N VAL A 125 -0.13 15.96 25.29
CA VAL A 125 -0.25 16.65 26.57
C VAL A 125 0.85 17.70 26.67
N SER A 126 0.43 18.95 26.66
CA SER A 126 1.36 20.07 26.75
C SER A 126 2.53 19.86 25.79
N GLY A 127 3.67 20.42 26.16
CA GLY A 127 4.86 20.30 25.34
C GLY A 127 5.57 21.65 25.20
N PRO A 128 6.62 21.83 26.04
CA PRO A 128 7.38 23.07 26.02
C PRO A 128 8.32 23.11 24.81
N SER A 129 9.17 24.13 24.79
CA SER A 129 10.11 24.30 23.71
C SER A 129 10.98 25.54 23.95
N SER A 130 12.29 25.31 23.94
CA SER A 130 13.23 26.40 24.17
C SER A 130 14.50 26.16 23.35
N GLY A 131 15.30 27.20 23.23
CA GLY A 131 16.53 27.13 22.48
C GLY A 131 17.57 28.12 23.02
N GLY A 1 -21.80 -1.91 -19.54
CA GLY A 1 -21.57 -2.77 -18.39
C GLY A 1 -20.19 -2.52 -17.79
N SER A 2 -20.20 -1.95 -16.58
CA SER A 2 -18.96 -1.66 -15.89
C SER A 2 -19.24 -1.41 -14.40
N SER A 3 -19.02 -2.43 -13.61
CA SER A 3 -19.24 -2.34 -12.17
C SER A 3 -18.85 -3.65 -11.49
N GLY A 4 -18.36 -3.52 -10.27
CA GLY A 4 -17.95 -4.69 -9.50
C GLY A 4 -16.73 -4.37 -8.64
N SER A 5 -16.67 -5.01 -7.48
CA SER A 5 -15.57 -4.80 -6.56
C SER A 5 -14.25 -4.97 -7.29
N SER A 6 -13.20 -4.39 -6.72
CA SER A 6 -11.88 -4.46 -7.30
C SER A 6 -10.87 -3.74 -6.42
N GLY A 7 -9.60 -3.92 -6.75
CA GLY A 7 -8.53 -3.29 -5.99
C GLY A 7 -7.16 -3.61 -6.60
N PRO A 8 -6.12 -2.94 -6.04
CA PRO A 8 -4.76 -3.16 -6.52
C PRO A 8 -4.21 -4.50 -6.04
N ASN A 9 -2.89 -4.62 -6.12
CA ASN A 9 -2.23 -5.84 -5.70
C ASN A 9 -1.53 -5.60 -4.36
N TYR A 10 -2.14 -4.72 -3.57
CA TYR A 10 -1.59 -4.40 -2.26
C TYR A 10 -2.69 -3.94 -1.30
N ARG A 11 -2.32 -3.82 -0.04
CA ARG A 11 -3.27 -3.40 0.98
C ARG A 11 -2.94 -1.98 1.45
N TRP A 12 -3.99 -1.25 1.80
CA TRP A 12 -3.82 0.11 2.27
C TRP A 12 -4.99 0.44 3.20
N THR A 13 -4.65 1.02 4.34
CA THR A 13 -5.66 1.39 5.32
C THR A 13 -5.53 2.86 5.69
N GLN A 14 -6.23 3.24 6.76
CA GLN A 14 -6.20 4.61 7.22
C GLN A 14 -7.08 4.77 8.46
N THR A 15 -7.01 5.95 9.06
CA THR A 15 -7.79 6.24 10.24
C THR A 15 -8.41 7.64 10.14
N LEU A 16 -8.83 7.99 8.95
CA LEU A 16 -9.43 9.29 8.70
C LEU A 16 -8.39 10.38 8.95
N ALA A 17 -7.15 9.96 9.06
CA ALA A 17 -6.05 10.89 9.29
C ALA A 17 -4.79 10.39 8.59
N GLU A 18 -4.28 9.28 9.09
CA GLU A 18 -3.08 8.68 8.52
C GLU A 18 -3.46 7.62 7.48
N LEU A 19 -2.49 7.31 6.63
CA LEU A 19 -2.70 6.33 5.59
C LEU A 19 -1.62 5.24 5.68
N ASP A 20 -2.07 4.00 5.63
CA ASP A 20 -1.15 2.87 5.71
C ASP A 20 -1.20 2.10 4.39
N LEU A 21 -0.05 1.51 4.04
CA LEU A 21 0.05 0.74 2.83
C LEU A 21 1.09 -0.36 3.01
N ALA A 22 0.82 -1.49 2.36
CA ALA A 22 1.71 -2.64 2.45
C ALA A 22 1.75 -3.36 1.10
N VAL A 23 2.93 -3.38 0.50
CA VAL A 23 3.11 -4.03 -0.78
C VAL A 23 4.11 -5.17 -0.64
N PRO A 24 3.58 -6.42 -0.63
CA PRO A 24 4.41 -7.60 -0.49
C PRO A 24 5.15 -7.90 -1.79
N PHE A 25 6.28 -8.56 -1.65
CA PHE A 25 7.10 -8.91 -2.81
C PHE A 25 7.60 -10.35 -2.70
N ARG A 26 7.84 -10.95 -3.87
CA ARG A 26 8.32 -12.32 -3.92
C ARG A 26 9.83 -12.34 -4.18
N VAL A 27 10.59 -12.40 -3.10
CA VAL A 27 12.04 -12.43 -3.20
C VAL A 27 12.60 -13.45 -2.21
N SER A 28 13.78 -13.97 -2.54
CA SER A 28 14.43 -14.95 -1.70
C SER A 28 15.50 -14.29 -0.85
N PHE A 29 15.64 -12.98 -1.04
CA PHE A 29 16.63 -12.21 -0.30
C PHE A 29 15.97 -11.07 0.47
N ARG A 30 16.74 -10.49 1.38
CA ARG A 30 16.24 -9.38 2.18
C ARG A 30 16.33 -8.08 1.40
N LEU A 31 15.19 -7.68 0.84
CA LEU A 31 15.12 -6.44 0.07
C LEU A 31 15.66 -5.29 0.91
N LYS A 32 16.55 -4.52 0.31
CA LYS A 32 17.15 -3.39 0.97
C LYS A 32 16.45 -2.10 0.52
N GLY A 33 16.72 -1.02 1.25
CA GLY A 33 16.12 0.26 0.93
C GLY A 33 16.90 0.96 -0.19
N LYS A 34 17.84 0.22 -0.76
CA LYS A 34 18.66 0.76 -1.83
C LYS A 34 18.17 0.19 -3.17
N ASP A 35 17.44 -0.91 -3.07
CA ASP A 35 16.92 -1.56 -4.27
C ASP A 35 15.40 -1.32 -4.33
N VAL A 36 14.96 -0.33 -3.59
CA VAL A 36 13.54 0.01 -3.55
C VAL A 36 13.35 1.44 -4.08
N VAL A 37 12.09 1.79 -4.30
CA VAL A 37 11.76 3.11 -4.79
C VAL A 37 10.45 3.58 -4.16
N VAL A 38 10.58 4.46 -3.18
CA VAL A 38 9.42 5.00 -2.49
C VAL A 38 9.37 6.51 -2.67
N ASP A 39 8.55 6.94 -3.63
CA ASP A 39 8.40 8.35 -3.91
C ASP A 39 7.13 8.87 -3.23
N ILE A 40 7.33 9.39 -2.02
CA ILE A 40 6.22 9.93 -1.25
C ILE A 40 6.24 11.45 -1.34
N GLN A 41 5.50 11.97 -2.31
CA GLN A 41 5.42 13.41 -2.51
C GLN A 41 4.22 13.98 -1.77
N ARG A 42 4.11 15.30 -1.82
CA ARG A 42 3.01 15.99 -1.15
C ARG A 42 1.68 15.39 -1.58
N ARG A 43 1.45 15.45 -2.90
CA ARG A 43 0.21 14.93 -3.45
C ARG A 43 0.51 13.97 -4.61
N HIS A 44 1.35 12.98 -4.32
CA HIS A 44 1.73 12.00 -5.32
C HIS A 44 2.56 10.90 -4.67
N LEU A 45 1.99 9.71 -4.64
CA LEU A 45 2.65 8.57 -4.05
C LEU A 45 3.23 7.69 -5.16
N ARG A 46 4.19 6.86 -4.78
CA ARG A 46 4.84 5.97 -5.73
C ARG A 46 5.76 4.99 -5.01
N VAL A 47 5.47 3.71 -5.20
CA VAL A 47 6.26 2.66 -4.57
C VAL A 47 6.60 1.58 -5.61
N GLY A 48 7.73 0.94 -5.40
CA GLY A 48 8.18 -0.11 -6.30
C GLY A 48 9.67 -0.37 -6.14
N LEU A 49 10.10 -1.52 -6.65
CA LEU A 49 11.50 -1.91 -6.57
C LEU A 49 12.25 -1.30 -7.76
N LYS A 50 13.42 -0.75 -7.47
CA LYS A 50 14.24 -0.15 -8.50
C LYS A 50 14.21 -1.03 -9.75
N GLY A 51 13.95 -0.39 -10.88
CA GLY A 51 13.89 -1.09 -12.15
C GLY A 51 12.52 -1.73 -12.36
N GLN A 52 12.00 -2.32 -11.29
CA GLN A 52 10.70 -2.96 -11.34
C GLN A 52 9.59 -1.90 -11.46
N PRO A 53 8.36 -2.38 -11.79
CA PRO A 53 7.21 -1.50 -11.93
C PRO A 53 6.71 -1.05 -10.56
N PRO A 54 6.35 0.26 -10.48
CA PRO A 54 5.85 0.83 -9.24
C PRO A 54 4.41 0.40 -8.98
N VAL A 55 4.25 -0.46 -7.97
CA VAL A 55 2.94 -0.96 -7.61
C VAL A 55 2.01 0.23 -7.32
N VAL A 56 2.59 1.29 -6.79
CA VAL A 56 1.84 2.48 -6.46
C VAL A 56 2.37 3.66 -7.28
N ASP A 57 1.44 4.51 -7.70
CA ASP A 57 1.80 5.67 -8.50
C ASP A 57 0.53 6.42 -8.90
N GLY A 58 0.32 7.56 -8.25
CA GLY A 58 -0.84 8.38 -8.54
C GLY A 58 -0.96 9.54 -7.54
N GLU A 59 -1.79 10.50 -7.89
CA GLU A 59 -2.00 11.66 -7.05
C GLU A 59 -2.79 11.27 -5.79
N LEU A 60 -2.44 11.91 -4.68
CA LEU A 60 -3.11 11.64 -3.42
C LEU A 60 -4.43 12.39 -3.37
N TYR A 61 -5.46 11.71 -2.89
CA TYR A 61 -6.77 12.30 -2.79
C TYR A 61 -6.71 13.64 -2.05
N ASN A 62 -5.64 13.81 -1.28
CA ASN A 62 -5.45 15.03 -0.51
C ASN A 62 -3.98 15.16 -0.12
N GLU A 63 -3.43 16.32 -0.41
CA GLU A 63 -2.03 16.59 -0.09
C GLU A 63 -1.64 15.86 1.18
N VAL A 64 -0.71 14.92 1.02
CA VAL A 64 -0.23 14.15 2.16
C VAL A 64 1.15 14.67 2.59
N LYS A 65 1.27 14.92 3.88
CA LYS A 65 2.52 15.42 4.43
C LYS A 65 3.62 14.39 4.20
N VAL A 66 4.50 14.70 3.27
CA VAL A 66 5.61 13.81 2.95
C VAL A 66 6.55 13.71 4.16
N GLU A 67 6.57 14.77 4.94
CA GLU A 67 7.42 14.81 6.12
C GLU A 67 6.94 13.78 7.15
N GLU A 68 5.62 13.67 7.26
CA GLU A 68 5.04 12.74 8.20
C GLU A 68 4.92 11.35 7.56
N SER A 69 5.30 11.29 6.29
CA SER A 69 5.25 10.03 5.56
C SER A 69 6.45 9.15 5.91
N SER A 70 6.20 7.85 5.95
CA SER A 70 7.25 6.91 6.28
C SER A 70 7.00 5.59 5.54
N TRP A 71 8.03 4.75 5.55
CA TRP A 71 7.95 3.45 4.88
C TRP A 71 9.07 2.57 5.43
N LEU A 72 8.90 1.27 5.22
CA LEU A 72 9.89 0.31 5.68
C LEU A 72 9.67 -1.02 4.98
N ILE A 73 10.73 -1.82 4.93
CA ILE A 73 10.66 -3.12 4.28
C ILE A 73 10.42 -4.20 5.35
N GLU A 74 9.24 -4.80 5.28
CA GLU A 74 8.88 -5.84 6.22
C GLU A 74 9.30 -7.21 5.69
N ASP A 75 9.66 -8.08 6.62
CA ASP A 75 10.08 -9.43 6.27
C ASP A 75 11.15 -9.34 5.18
N GLY A 76 11.80 -8.20 5.13
CA GLY A 76 12.85 -7.97 4.13
C GLY A 76 12.36 -8.32 2.73
N LYS A 77 11.07 -8.07 2.51
CA LYS A 77 10.48 -8.35 1.21
C LYS A 77 9.26 -7.44 1.01
N VAL A 78 8.43 -7.38 2.05
CA VAL A 78 7.24 -6.56 1.99
C VAL A 78 7.62 -5.10 2.18
N VAL A 79 6.87 -4.23 1.52
CA VAL A 79 7.12 -2.80 1.59
C VAL A 79 5.89 -2.10 2.17
N THR A 80 6.08 -1.47 3.33
CA THR A 80 5.00 -0.77 3.99
C THR A 80 5.20 0.74 3.86
N VAL A 81 4.09 1.43 3.64
CA VAL A 81 4.13 2.88 3.50
C VAL A 81 3.09 3.51 4.44
N HIS A 82 3.50 4.61 5.06
CA HIS A 82 2.61 5.30 5.98
C HIS A 82 2.51 6.78 5.57
N LEU A 83 1.38 7.10 4.95
CA LEU A 83 1.16 8.47 4.50
C LEU A 83 0.37 9.22 5.58
N GLU A 84 0.23 10.52 5.36
CA GLU A 84 -0.49 11.37 6.30
C GLU A 84 -1.11 12.56 5.57
N LYS A 85 -2.42 12.68 5.70
CA LYS A 85 -3.14 13.77 5.07
C LYS A 85 -2.71 15.10 5.69
N ILE A 86 -2.97 16.18 4.96
CA ILE A 86 -2.61 17.50 5.42
C ILE A 86 -3.77 18.09 6.23
N ASN A 87 -4.94 17.51 6.02
CA ASN A 87 -6.14 17.96 6.72
C ASN A 87 -6.49 16.96 7.81
N LYS A 88 -6.65 15.71 7.39
CA LYS A 88 -6.99 14.65 8.32
C LYS A 88 -8.39 14.90 8.88
N MET A 89 -9.39 14.68 8.03
CA MET A 89 -10.77 14.89 8.43
C MET A 89 -11.72 14.15 7.50
N GLU A 90 -11.43 14.25 6.21
CA GLU A 90 -12.25 13.59 5.21
C GLU A 90 -11.91 12.10 5.13
N TRP A 91 -12.81 11.35 4.52
CA TRP A 91 -12.62 9.91 4.37
C TRP A 91 -12.27 9.62 2.90
N TRP A 92 -11.10 9.06 2.71
CA TRP A 92 -10.64 8.73 1.37
C TRP A 92 -11.47 7.54 0.87
N ASN A 93 -11.58 7.46 -0.45
CA ASN A 93 -12.34 6.39 -1.08
C ASN A 93 -11.38 5.46 -1.83
N ARG A 94 -10.15 5.93 -1.98
CA ARG A 94 -9.14 5.16 -2.67
C ARG A 94 -7.74 5.51 -2.15
N LEU A 95 -6.75 4.83 -2.69
CA LEU A 95 -5.37 5.06 -2.29
C LEU A 95 -4.83 6.28 -3.03
N VAL A 96 -4.89 6.20 -4.36
CA VAL A 96 -4.41 7.28 -5.20
C VAL A 96 -5.50 7.67 -6.20
N THR A 97 -5.80 8.96 -6.22
CA THR A 97 -6.83 9.47 -7.11
C THR A 97 -6.78 8.75 -8.46
N SER A 98 -5.55 8.45 -8.88
CA SER A 98 -5.35 7.75 -10.15
C SER A 98 -4.47 6.51 -9.93
N ASP A 99 -5.05 5.37 -10.25
CA ASP A 99 -4.34 4.11 -10.09
C ASP A 99 -3.00 4.19 -10.82
N PRO A 100 -2.07 3.29 -10.42
CA PRO A 100 -0.75 3.25 -11.02
C PRO A 100 -0.81 2.62 -12.42
N GLU A 101 -1.00 1.31 -12.44
CA GLU A 101 -1.06 0.59 -13.70
C GLU A 101 -2.35 -0.24 -13.76
N ILE A 102 -2.34 -1.34 -13.02
CA ILE A 102 -3.49 -2.23 -12.98
C ILE A 102 -4.48 -1.73 -11.93
N ASN A 103 -5.71 -2.21 -12.03
CA ASN A 103 -6.75 -1.83 -11.10
C ASN A 103 -7.70 -3.01 -10.88
N THR A 104 -8.19 -3.53 -12.00
CA THR A 104 -9.12 -4.66 -11.95
C THR A 104 -8.40 -5.95 -12.38
N LYS A 105 -8.31 -6.87 -11.44
CA LYS A 105 -7.66 -8.15 -11.71
C LYS A 105 -8.68 -9.27 -11.58
N LYS A 106 -8.49 -10.30 -12.38
CA LYS A 106 -9.39 -11.44 -12.37
C LYS A 106 -10.79 -10.99 -12.74
N ILE A 107 -11.53 -11.89 -13.37
CA ILE A 107 -12.89 -11.60 -13.79
C ILE A 107 -13.84 -11.84 -12.61
N ASN A 108 -14.22 -13.10 -12.45
CA ASN A 108 -15.13 -13.48 -11.38
C ASN A 108 -14.31 -13.93 -10.17
N PRO A 109 -14.91 -13.75 -8.96
CA PRO A 109 -14.25 -14.14 -7.73
C PRO A 109 -14.27 -15.66 -7.55
N GLU A 110 -15.46 -16.23 -7.73
CA GLU A 110 -15.63 -17.66 -7.59
C GLU A 110 -16.48 -18.21 -8.74
N ASN A 111 -15.80 -18.61 -9.79
CA ASN A 111 -16.48 -19.15 -10.96
C ASN A 111 -15.92 -20.54 -11.28
N SER A 112 -16.65 -21.55 -10.82
CA SER A 112 -16.23 -22.92 -11.06
C SER A 112 -17.46 -23.80 -11.34
N LYS A 113 -17.18 -25.03 -11.76
CA LYS A 113 -18.24 -25.96 -12.07
C LYS A 113 -17.64 -27.36 -12.32
N LEU A 114 -18.52 -28.31 -12.55
CA LEU A 114 -18.08 -29.68 -12.81
C LEU A 114 -18.38 -30.04 -14.27
N SER A 115 -17.40 -29.76 -15.12
CA SER A 115 -17.53 -30.05 -16.54
C SER A 115 -16.50 -31.09 -16.96
N ASP A 116 -16.82 -32.35 -16.67
CA ASP A 116 -15.94 -33.45 -17.01
C ASP A 116 -16.74 -34.52 -17.74
N LEU A 117 -16.78 -34.38 -19.06
CA LEU A 117 -17.50 -35.34 -19.90
C LEU A 117 -16.50 -36.14 -20.73
N ASP A 118 -16.92 -37.33 -21.12
CA ASP A 118 -16.08 -38.20 -21.92
C ASP A 118 -16.83 -39.50 -22.22
N SER A 119 -16.28 -40.27 -23.16
CA SER A 119 -16.89 -41.52 -23.54
C SER A 119 -15.85 -42.65 -23.46
N GLU A 120 -15.93 -43.56 -24.41
CA GLU A 120 -15.01 -44.68 -24.46
C GLU A 120 -14.29 -44.72 -25.80
N THR A 121 -13.98 -45.93 -26.24
CA THR A 121 -13.28 -46.12 -27.50
C THR A 121 -13.99 -47.20 -28.34
N ARG A 122 -13.48 -47.38 -29.54
CA ARG A 122 -14.05 -48.37 -30.45
C ARG A 122 -12.96 -49.32 -30.95
N SER A 123 -13.41 -50.49 -31.39
CA SER A 123 -12.48 -51.50 -31.90
C SER A 123 -13.24 -52.75 -32.29
N MET A 124 -12.55 -53.63 -33.01
CA MET A 124 -13.16 -54.88 -33.46
C MET A 124 -12.51 -56.08 -32.76
N VAL A 125 -13.10 -57.24 -32.98
CA VAL A 125 -12.60 -58.46 -32.39
C VAL A 125 -13.01 -59.66 -33.26
N SER A 126 -12.00 -60.30 -33.82
CA SER A 126 -12.24 -61.46 -34.67
C SER A 126 -12.05 -62.75 -33.87
N GLY A 127 -12.72 -63.80 -34.35
CA GLY A 127 -12.63 -65.08 -33.68
C GLY A 127 -11.95 -66.13 -34.58
N PRO A 128 -10.81 -66.67 -34.07
CA PRO A 128 -10.06 -67.67 -34.81
C PRO A 128 -10.77 -69.02 -34.78
N SER A 129 -10.17 -69.98 -35.47
CA SER A 129 -10.72 -71.33 -35.53
C SER A 129 -9.71 -72.33 -34.96
N SER A 130 -10.18 -73.56 -34.82
CA SER A 130 -9.33 -74.62 -34.30
C SER A 130 -9.45 -75.87 -35.17
N GLY A 131 -8.59 -76.84 -34.89
CA GLY A 131 -8.59 -78.08 -35.65
C GLY A 131 -10.01 -78.56 -35.92
N GLY A 1 -5.74 -8.84 -16.05
CA GLY A 1 -7.15 -8.87 -16.36
C GLY A 1 -7.49 -7.89 -17.49
N SER A 2 -8.70 -7.36 -17.43
CA SER A 2 -9.15 -6.41 -18.44
C SER A 2 -9.92 -5.27 -17.77
N SER A 3 -10.98 -5.65 -17.06
CA SER A 3 -11.80 -4.66 -16.38
C SER A 3 -12.88 -5.38 -15.55
N GLY A 4 -13.39 -4.66 -14.57
CA GLY A 4 -14.43 -5.20 -13.70
C GLY A 4 -14.52 -4.43 -12.39
N SER A 5 -14.69 -5.17 -11.31
CA SER A 5 -14.79 -4.56 -9.99
C SER A 5 -13.86 -5.27 -9.01
N SER A 6 -12.91 -4.51 -8.49
CA SER A 6 -11.95 -5.05 -7.54
C SER A 6 -10.98 -3.96 -7.10
N GLY A 7 -10.12 -4.32 -6.15
CA GLY A 7 -9.14 -3.38 -5.63
C GLY A 7 -7.82 -3.48 -6.41
N PRO A 8 -6.80 -2.74 -5.90
CA PRO A 8 -5.50 -2.74 -6.54
C PRO A 8 -4.74 -4.04 -6.25
N ASN A 9 -3.43 -4.00 -6.48
CA ASN A 9 -2.59 -5.16 -6.24
C ASN A 9 -1.81 -4.97 -4.94
N TYR A 10 -2.29 -4.03 -4.14
CA TYR A 10 -1.65 -3.73 -2.87
C TYR A 10 -2.69 -3.43 -1.79
N ARG A 11 -2.22 -3.42 -0.55
CA ARG A 11 -3.10 -3.14 0.58
C ARG A 11 -2.77 -1.78 1.19
N TRP A 12 -3.78 -1.17 1.80
CA TRP A 12 -3.61 0.13 2.43
C TRP A 12 -4.78 0.36 3.38
N THR A 13 -4.56 1.22 4.35
CA THR A 13 -5.59 1.54 5.32
C THR A 13 -5.43 2.99 5.80
N GLN A 14 -6.20 3.32 6.83
CA GLN A 14 -6.17 4.66 7.39
C GLN A 14 -7.15 4.76 8.57
N THR A 15 -6.82 5.67 9.48
CA THR A 15 -7.64 5.87 10.66
C THR A 15 -8.11 7.32 10.73
N LEU A 16 -8.49 7.85 9.58
CA LEU A 16 -8.97 9.22 9.49
C LEU A 16 -7.84 10.17 9.92
N ALA A 17 -6.63 9.63 9.91
CA ALA A 17 -5.46 10.41 10.29
C ALA A 17 -4.25 9.93 9.49
N GLU A 18 -3.74 8.77 9.87
CA GLU A 18 -2.59 8.19 9.21
C GLU A 18 -3.04 7.25 8.09
N LEU A 19 -2.14 7.00 7.16
CA LEU A 19 -2.43 6.13 6.04
C LEU A 19 -1.41 4.98 6.01
N ASP A 20 -1.93 3.76 5.93
CA ASP A 20 -1.07 2.59 5.89
C ASP A 20 -1.07 2.01 4.48
N LEU A 21 0.08 1.50 4.09
CA LEU A 21 0.24 0.91 2.76
C LEU A 21 1.31 -0.18 2.81
N ALA A 22 1.04 -1.25 2.08
CA ALA A 22 1.98 -2.37 2.03
C ALA A 22 1.97 -2.97 0.63
N VAL A 23 3.15 -3.09 0.06
CA VAL A 23 3.29 -3.65 -1.28
C VAL A 23 4.31 -4.78 -1.24
N PRO A 24 3.78 -6.03 -1.30
CA PRO A 24 4.63 -7.21 -1.28
C PRO A 24 5.32 -7.41 -2.62
N PHE A 25 6.49 -8.04 -2.56
CA PHE A 25 7.27 -8.30 -3.76
C PHE A 25 7.80 -9.73 -3.77
N ARG A 26 8.00 -10.24 -4.98
CA ARG A 26 8.51 -11.59 -5.14
C ARG A 26 10.04 -11.60 -5.08
N VAL A 27 10.55 -11.69 -3.85
CA VAL A 27 11.99 -11.71 -3.64
C VAL A 27 12.35 -12.88 -2.75
N SER A 28 13.63 -13.22 -2.74
CA SER A 28 14.12 -14.32 -1.92
C SER A 28 15.08 -13.80 -0.86
N PHE A 29 15.20 -12.47 -0.82
CA PHE A 29 16.09 -11.83 0.15
C PHE A 29 15.33 -10.79 0.97
N ARG A 30 16.04 -10.22 1.94
CA ARG A 30 15.45 -9.21 2.80
C ARG A 30 15.80 -7.81 2.28
N LEU A 31 14.84 -7.22 1.59
CA LEU A 31 15.03 -5.89 1.03
C LEU A 31 15.60 -4.97 2.10
N LYS A 32 16.47 -4.07 1.68
CA LYS A 32 17.09 -3.13 2.59
C LYS A 32 16.39 -1.78 2.49
N GLY A 33 16.18 -1.33 1.26
CA GLY A 33 15.52 -0.06 1.02
C GLY A 33 16.22 0.71 -0.10
N LYS A 34 17.43 0.26 -0.43
CA LYS A 34 18.20 0.90 -1.48
C LYS A 34 17.97 0.17 -2.80
N ASP A 35 17.18 -0.89 -2.73
CA ASP A 35 16.87 -1.68 -3.90
C ASP A 35 15.39 -1.53 -4.24
N VAL A 36 14.73 -0.64 -3.50
CA VAL A 36 13.31 -0.40 -3.71
C VAL A 36 13.10 1.09 -4.02
N VAL A 37 11.91 1.39 -4.53
CA VAL A 37 11.57 2.75 -4.87
C VAL A 37 10.24 3.12 -4.23
N VAL A 38 10.31 4.07 -3.30
CA VAL A 38 9.11 4.52 -2.60
C VAL A 38 9.11 6.05 -2.54
N ASP A 39 8.46 6.64 -3.52
CA ASP A 39 8.37 8.08 -3.60
C ASP A 39 7.13 8.55 -2.85
N ILE A 40 7.35 9.38 -1.84
CA ILE A 40 6.25 9.91 -1.04
C ILE A 40 6.14 11.43 -1.28
N GLN A 41 5.32 11.77 -2.25
CA GLN A 41 5.11 13.17 -2.59
C GLN A 41 3.79 13.66 -1.99
N ARG A 42 3.69 14.98 -1.89
CA ARG A 42 2.48 15.60 -1.34
C ARG A 42 1.24 14.96 -1.95
N ARG A 43 1.11 15.12 -3.26
CA ARG A 43 -0.03 14.57 -3.98
C ARG A 43 0.45 13.58 -5.05
N HIS A 44 1.34 12.69 -4.64
CA HIS A 44 1.88 11.70 -5.55
C HIS A 44 2.60 10.62 -4.76
N LEU A 45 2.27 9.38 -5.08
CA LEU A 45 2.87 8.23 -4.40
C LEU A 45 3.39 7.24 -5.45
N ARG A 46 4.71 7.11 -5.49
CA ARG A 46 5.33 6.20 -6.44
C ARG A 46 6.12 5.12 -5.68
N VAL A 47 5.48 3.96 -5.53
CA VAL A 47 6.10 2.86 -4.84
C VAL A 47 6.36 1.73 -5.84
N GLY A 48 7.64 1.43 -6.02
CA GLY A 48 8.03 0.38 -6.95
C GLY A 48 9.39 -0.22 -6.55
N LEU A 49 9.85 -1.15 -7.36
CA LEU A 49 11.12 -1.81 -7.12
C LEU A 49 12.13 -1.35 -8.16
N LYS A 50 13.29 -0.91 -7.67
CA LYS A 50 14.35 -0.44 -8.54
C LYS A 50 14.46 -1.37 -9.75
N GLY A 51 14.32 -0.77 -10.92
CA GLY A 51 14.40 -1.54 -12.16
C GLY A 51 13.03 -2.12 -12.53
N GLN A 52 12.34 -2.63 -11.52
CA GLN A 52 11.03 -3.22 -11.73
C GLN A 52 9.96 -2.12 -11.78
N PRO A 53 8.75 -2.52 -12.26
CA PRO A 53 7.65 -1.59 -12.37
C PRO A 53 7.04 -1.31 -11.00
N PRO A 54 6.65 -0.01 -10.80
CA PRO A 54 6.06 0.41 -9.53
C PRO A 54 4.62 -0.08 -9.43
N VAL A 55 4.23 -0.42 -8.21
CA VAL A 55 2.89 -0.90 -7.96
C VAL A 55 1.95 0.29 -7.73
N VAL A 56 2.52 1.34 -7.12
CA VAL A 56 1.75 2.54 -6.84
C VAL A 56 2.30 3.69 -7.69
N ASP A 57 1.39 4.30 -8.43
CA ASP A 57 1.76 5.42 -9.30
C ASP A 57 0.49 6.15 -9.74
N GLY A 58 0.05 7.07 -8.89
CA GLY A 58 -1.14 7.85 -9.18
C GLY A 58 -1.30 9.01 -8.20
N GLU A 59 -2.07 10.00 -8.61
CA GLU A 59 -2.31 11.17 -7.78
C GLU A 59 -3.13 10.77 -6.54
N LEU A 60 -2.54 11.04 -5.38
CA LEU A 60 -3.20 10.72 -4.12
C LEU A 60 -4.56 11.41 -4.08
N TYR A 61 -5.40 10.95 -3.16
CA TYR A 61 -6.73 11.51 -3.01
C TYR A 61 -6.67 12.90 -2.39
N ASN A 62 -5.73 13.07 -1.46
CA ASN A 62 -5.56 14.34 -0.78
C ASN A 62 -4.11 14.46 -0.31
N GLU A 63 -3.60 15.68 -0.40
CA GLU A 63 -2.23 15.95 0.02
C GLU A 63 -1.93 15.23 1.35
N VAL A 64 -0.68 14.84 1.49
CA VAL A 64 -0.24 14.15 2.70
C VAL A 64 1.11 14.71 3.14
N LYS A 65 1.21 14.96 4.45
CA LYS A 65 2.43 15.49 5.00
C LYS A 65 3.58 14.52 4.74
N VAL A 66 4.33 14.81 3.67
CA VAL A 66 5.46 13.97 3.30
C VAL A 66 6.58 14.14 4.32
N GLU A 67 6.65 15.34 4.88
CA GLU A 67 7.67 15.65 5.86
C GLU A 67 7.52 14.76 7.09
N GLU A 68 6.32 14.21 7.23
CA GLU A 68 6.02 13.33 8.36
C GLU A 68 5.74 11.91 7.86
N SER A 69 5.92 11.73 6.55
CA SER A 69 5.70 10.43 5.96
C SER A 69 6.95 9.55 6.09
N SER A 70 6.72 8.24 6.06
CA SER A 70 7.82 7.30 6.18
C SER A 70 7.36 5.92 5.71
N TRP A 71 8.31 5.18 5.13
CA TRP A 71 8.03 3.85 4.64
C TRP A 71 9.11 2.91 5.16
N LEU A 72 8.78 1.63 5.18
CA LEU A 72 9.72 0.62 5.66
C LEU A 72 9.40 -0.72 4.98
N ILE A 73 10.25 -1.69 5.25
CA ILE A 73 10.09 -3.02 4.67
C ILE A 73 9.79 -4.01 5.80
N GLU A 74 8.59 -4.61 5.72
CA GLU A 74 8.19 -5.58 6.72
C GLU A 74 8.70 -6.97 6.35
N ASP A 75 9.19 -7.67 7.35
CA ASP A 75 9.71 -9.02 7.15
C ASP A 75 10.60 -9.02 5.91
N GLY A 76 11.16 -7.86 5.60
CA GLY A 76 12.03 -7.72 4.45
C GLY A 76 11.48 -8.51 3.25
N LYS A 77 10.18 -8.37 3.04
CA LYS A 77 9.52 -9.06 1.94
C LYS A 77 8.56 -8.10 1.25
N VAL A 78 7.81 -7.38 2.07
CA VAL A 78 6.83 -6.42 1.55
C VAL A 78 7.24 -5.02 1.97
N VAL A 79 6.97 -4.06 1.09
CA VAL A 79 7.29 -2.68 1.37
C VAL A 79 6.07 -1.96 1.95
N THR A 80 6.27 -1.39 3.13
CA THR A 80 5.20 -0.69 3.81
C THR A 80 5.45 0.82 3.78
N VAL A 81 4.36 1.57 3.58
CA VAL A 81 4.45 3.02 3.53
C VAL A 81 3.52 3.62 4.58
N HIS A 82 3.97 4.72 5.16
CA HIS A 82 3.18 5.40 6.18
C HIS A 82 3.01 6.87 5.80
N LEU A 83 1.81 7.21 5.39
CA LEU A 83 1.51 8.57 5.00
C LEU A 83 0.80 9.30 6.16
N GLU A 84 0.77 10.62 6.06
CA GLU A 84 0.13 11.43 7.08
C GLU A 84 -0.72 12.52 6.45
N LYS A 85 -2.03 12.33 6.53
CA LYS A 85 -2.96 13.29 5.96
C LYS A 85 -2.64 14.69 6.49
N ILE A 86 -2.99 15.68 5.70
CA ILE A 86 -2.75 17.06 6.07
C ILE A 86 -3.80 17.52 7.08
N ASN A 87 -5.02 17.05 6.87
CA ASN A 87 -6.13 17.40 7.74
C ASN A 87 -6.26 16.33 8.82
N LYS A 88 -6.07 15.08 8.41
CA LYS A 88 -6.17 13.97 9.33
C LYS A 88 -7.60 13.86 9.86
N MET A 89 -8.55 14.05 8.94
CA MET A 89 -9.96 13.98 9.30
C MET A 89 -10.83 13.84 8.06
N GLU A 90 -10.74 12.66 7.45
CA GLU A 90 -11.52 12.39 6.26
C GLU A 90 -11.21 10.97 5.74
N TRP A 91 -12.27 10.27 5.36
CA TRP A 91 -12.12 8.92 4.85
C TRP A 91 -11.90 9.00 3.34
N TRP A 92 -10.75 8.53 2.91
CA TRP A 92 -10.40 8.54 1.50
C TRP A 92 -11.34 7.57 0.77
N ASN A 93 -11.44 7.76 -0.53
CA ASN A 93 -12.30 6.92 -1.35
C ASN A 93 -11.42 6.09 -2.30
N ARG A 94 -10.16 6.48 -2.39
CA ARG A 94 -9.22 5.79 -3.26
C ARG A 94 -7.82 6.38 -3.10
N LEU A 95 -6.89 5.52 -2.71
CA LEU A 95 -5.51 5.94 -2.52
C LEU A 95 -5.12 6.93 -3.62
N VAL A 96 -5.31 6.48 -4.85
CA VAL A 96 -4.98 7.31 -6.01
C VAL A 96 -6.23 7.51 -6.85
N THR A 97 -6.30 8.68 -7.48
CA THR A 97 -7.44 9.02 -8.32
C THR A 97 -7.32 8.32 -9.67
N SER A 98 -6.08 8.10 -10.08
CA SER A 98 -5.81 7.44 -11.35
C SER A 98 -4.91 6.23 -11.15
N ASP A 99 -5.51 5.05 -11.23
CA ASP A 99 -4.78 3.82 -11.05
C ASP A 99 -3.41 3.94 -11.73
N PRO A 100 -2.44 3.11 -11.25
CA PRO A 100 -1.10 3.11 -11.80
C PRO A 100 -1.07 2.42 -13.16
N GLU A 101 -1.16 1.10 -13.11
CA GLU A 101 -1.15 0.30 -14.32
C GLU A 101 -2.46 -0.48 -14.48
N ILE A 102 -2.61 -1.49 -13.64
CA ILE A 102 -3.80 -2.32 -13.67
C ILE A 102 -4.89 -1.65 -12.81
N ASN A 103 -6.10 -2.18 -12.94
CA ASN A 103 -7.23 -1.66 -12.18
C ASN A 103 -7.77 -2.75 -11.26
N THR A 104 -8.22 -3.84 -11.88
CA THR A 104 -8.76 -4.96 -11.13
C THR A 104 -8.02 -6.25 -11.48
N LYS A 105 -7.31 -6.78 -10.50
CA LYS A 105 -6.57 -8.00 -10.69
C LYS A 105 -6.94 -9.01 -9.60
N LYS A 106 -8.02 -9.73 -9.84
CA LYS A 106 -8.50 -10.72 -8.90
C LYS A 106 -9.78 -11.37 -9.44
N ILE A 107 -10.03 -12.58 -8.97
CA ILE A 107 -11.21 -13.31 -9.40
C ILE A 107 -12.26 -13.28 -8.28
N ASN A 108 -11.85 -13.72 -7.11
CA ASN A 108 -12.74 -13.74 -5.96
C ASN A 108 -12.66 -12.39 -5.24
N PRO A 109 -13.74 -12.09 -4.48
CA PRO A 109 -13.81 -10.84 -3.73
C PRO A 109 -12.90 -10.89 -2.50
N GLU A 110 -13.10 -11.92 -1.69
CA GLU A 110 -12.32 -12.09 -0.48
C GLU A 110 -12.60 -10.95 0.50
N ASN A 111 -13.15 -11.33 1.65
CA ASN A 111 -13.47 -10.35 2.67
C ASN A 111 -12.53 -10.55 3.87
N SER A 112 -12.10 -9.43 4.45
CA SER A 112 -11.21 -9.47 5.59
C SER A 112 -12.01 -9.34 6.89
N LYS A 113 -11.32 -9.54 7.99
CA LYS A 113 -11.95 -9.44 9.30
C LYS A 113 -12.13 -7.97 9.67
N LEU A 114 -12.76 -7.75 10.81
CA LEU A 114 -12.98 -6.40 11.29
C LEU A 114 -12.33 -6.23 12.66
N SER A 115 -11.21 -5.51 12.67
CA SER A 115 -10.48 -5.27 13.91
C SER A 115 -9.74 -3.93 13.82
N ASP A 116 -10.48 -2.87 14.11
CA ASP A 116 -9.92 -1.54 14.07
C ASP A 116 -9.96 -0.93 15.47
N LEU A 117 -8.90 -1.18 16.23
CA LEU A 117 -8.82 -0.66 17.59
C LEU A 117 -7.73 0.40 17.65
N ASP A 118 -8.13 1.60 18.06
CA ASP A 118 -7.20 2.71 18.17
C ASP A 118 -7.67 3.65 19.27
N SER A 119 -6.70 4.30 19.91
CA SER A 119 -7.00 5.23 20.99
C SER A 119 -5.74 6.03 21.35
N GLU A 120 -5.85 7.33 21.16
CA GLU A 120 -4.73 8.22 21.47
C GLU A 120 -5.21 9.43 22.26
N THR A 121 -4.54 10.55 22.06
CA THR A 121 -4.90 11.77 22.76
C THR A 121 -4.17 12.97 22.13
N ARG A 122 -4.62 14.15 22.50
CA ARG A 122 -4.02 15.38 21.98
C ARG A 122 -3.65 16.30 23.14
N SER A 123 -2.91 17.35 22.79
CA SER A 123 -2.48 18.32 23.78
C SER A 123 -2.21 19.67 23.12
N MET A 124 -1.99 20.67 23.96
CA MET A 124 -1.72 22.01 23.46
C MET A 124 -1.23 22.93 24.59
N VAL A 125 -0.25 23.75 24.25
CA VAL A 125 0.31 24.68 25.23
C VAL A 125 -0.24 26.08 24.97
N SER A 126 0.59 27.07 25.25
CA SER A 126 0.21 28.46 25.06
C SER A 126 1.30 29.39 25.59
N GLY A 127 1.31 30.60 25.07
CA GLY A 127 2.28 31.60 25.48
C GLY A 127 1.70 33.00 25.41
N PRO A 128 1.88 33.76 26.53
CA PRO A 128 1.38 35.12 26.60
C PRO A 128 2.25 36.07 25.79
N SER A 129 1.82 37.33 25.75
CA SER A 129 2.56 38.34 25.00
C SER A 129 2.44 39.69 25.71
N SER A 130 3.19 40.66 25.21
CA SER A 130 3.17 41.99 25.78
C SER A 130 3.26 43.04 24.67
N GLY A 131 3.06 44.29 25.06
CA GLY A 131 3.12 45.39 24.11
C GLY A 131 2.21 45.10 22.90
N GLY A 1 -1.80 -14.51 -27.98
CA GLY A 1 -0.78 -14.79 -26.98
C GLY A 1 -1.41 -15.29 -25.68
N SER A 2 -1.76 -14.34 -24.82
CA SER A 2 -2.38 -14.68 -23.56
C SER A 2 -3.20 -13.50 -23.04
N SER A 3 -3.96 -13.76 -21.99
CA SER A 3 -4.80 -12.73 -21.39
C SER A 3 -5.61 -13.31 -20.24
N GLY A 4 -6.18 -12.42 -19.44
CA GLY A 4 -6.99 -12.83 -18.30
C GLY A 4 -7.08 -11.71 -17.26
N SER A 5 -7.87 -11.98 -16.24
CA SER A 5 -8.06 -11.00 -15.18
C SER A 5 -7.29 -11.45 -13.92
N SER A 6 -7.30 -10.58 -12.92
CA SER A 6 -6.62 -10.88 -11.67
C SER A 6 -7.30 -10.14 -10.52
N GLY A 7 -6.89 -10.49 -9.31
CA GLY A 7 -7.44 -9.86 -8.12
C GLY A 7 -6.65 -8.61 -7.73
N PRO A 8 -6.42 -8.46 -6.39
CA PRO A 8 -5.69 -7.33 -5.88
C PRO A 8 -4.19 -7.48 -6.16
N ASN A 9 -3.40 -6.70 -5.42
CA ASN A 9 -1.95 -6.73 -5.58
C ASN A 9 -1.30 -6.18 -4.32
N TYR A 10 -1.84 -5.06 -3.85
CA TYR A 10 -1.32 -4.41 -2.66
C TYR A 10 -2.44 -4.03 -1.71
N ARG A 11 -2.06 -3.78 -0.46
CA ARG A 11 -3.03 -3.41 0.55
C ARG A 11 -2.74 -1.99 1.05
N TRP A 12 -3.80 -1.31 1.45
CA TRP A 12 -3.68 0.05 1.96
C TRP A 12 -4.83 0.30 2.94
N THR A 13 -4.48 0.94 4.05
CA THR A 13 -5.47 1.24 5.07
C THR A 13 -5.29 2.67 5.59
N GLN A 14 -5.92 2.95 6.71
CA GLN A 14 -5.84 4.27 7.32
C GLN A 14 -6.67 4.31 8.61
N THR A 15 -6.68 5.49 9.23
CA THR A 15 -7.42 5.68 10.46
C THR A 15 -8.05 7.07 10.49
N LEU A 16 -8.42 7.54 9.31
CA LEU A 16 -9.03 8.86 9.19
C LEU A 16 -8.00 9.93 9.55
N ALA A 17 -6.76 9.50 9.67
CA ALA A 17 -5.67 10.40 10.00
C ALA A 17 -4.43 10.03 9.21
N GLU A 18 -3.92 8.83 9.50
CA GLU A 18 -2.73 8.34 8.83
C GLU A 18 -3.12 7.32 7.75
N LEU A 19 -2.21 7.11 6.83
CA LEU A 19 -2.44 6.15 5.75
C LEU A 19 -1.38 5.04 5.82
N ASP A 20 -1.87 3.81 5.72
CA ASP A 20 -0.99 2.66 5.78
C ASP A 20 -1.02 1.93 4.43
N LEU A 21 0.17 1.66 3.91
CA LEU A 21 0.29 0.98 2.64
C LEU A 21 1.31 -0.16 2.76
N ALA A 22 1.03 -1.24 2.07
CA ALA A 22 1.92 -2.39 2.09
C ALA A 22 1.92 -3.05 0.71
N VAL A 23 3.11 -3.19 0.15
CA VAL A 23 3.27 -3.80 -1.16
C VAL A 23 4.28 -4.94 -1.06
N PRO A 24 3.74 -6.19 -1.05
CA PRO A 24 4.59 -7.37 -0.97
C PRO A 24 5.28 -7.64 -2.30
N PHE A 25 6.36 -8.42 -2.22
CA PHE A 25 7.11 -8.76 -3.41
C PHE A 25 7.63 -10.20 -3.34
N ARG A 26 7.73 -10.81 -4.51
CA ARG A 26 8.20 -12.19 -4.59
C ARG A 26 9.72 -12.22 -4.81
N VAL A 27 10.44 -12.17 -3.69
CA VAL A 27 11.89 -12.20 -3.75
C VAL A 27 12.41 -13.36 -2.90
N SER A 28 13.64 -13.76 -3.19
CA SER A 28 14.26 -14.86 -2.47
C SER A 28 15.25 -14.31 -1.43
N PHE A 29 15.20 -13.01 -1.25
CA PHE A 29 16.07 -12.35 -0.29
C PHE A 29 15.34 -11.22 0.44
N ARG A 30 15.97 -10.73 1.50
CA ARG A 30 15.40 -9.66 2.29
C ARG A 30 15.61 -8.32 1.60
N LEU A 31 14.50 -7.75 1.12
CA LEU A 31 14.56 -6.47 0.45
C LEU A 31 15.13 -5.41 1.39
N LYS A 32 16.12 -4.69 0.89
CA LYS A 32 16.77 -3.66 1.67
C LYS A 32 16.36 -2.28 1.14
N GLY A 33 16.82 -1.25 1.82
CA GLY A 33 16.51 0.11 1.42
C GLY A 33 17.51 0.63 0.37
N LYS A 34 18.14 -0.32 -0.31
CA LYS A 34 19.12 0.02 -1.33
C LYS A 34 18.67 -0.55 -2.67
N ASP A 35 17.51 -1.21 -2.64
CA ASP A 35 16.95 -1.80 -3.84
C ASP A 35 15.44 -1.62 -3.85
N VAL A 36 15.01 -0.44 -3.41
CA VAL A 36 13.59 -0.13 -3.35
C VAL A 36 13.34 1.23 -4.01
N VAL A 37 12.07 1.54 -4.18
CA VAL A 37 11.68 2.80 -4.80
C VAL A 37 10.39 3.31 -4.15
N VAL A 38 10.52 4.43 -3.45
CA VAL A 38 9.39 5.02 -2.78
C VAL A 38 9.47 6.55 -2.89
N ASP A 39 8.63 7.08 -3.77
CA ASP A 39 8.59 8.51 -3.98
C ASP A 39 7.37 9.11 -3.28
N ILE A 40 7.63 9.69 -2.11
CA ILE A 40 6.58 10.29 -1.32
C ILE A 40 6.54 11.79 -1.59
N GLN A 41 5.40 12.25 -2.11
CA GLN A 41 5.23 13.66 -2.42
C GLN A 41 4.03 14.22 -1.65
N ARG A 42 3.70 15.47 -1.96
CA ARG A 42 2.59 16.13 -1.33
C ARG A 42 1.28 15.38 -1.62
N ARG A 43 0.91 15.38 -2.88
CA ARG A 43 -0.31 14.71 -3.31
C ARG A 43 0.00 13.72 -4.44
N HIS A 44 1.05 12.93 -4.22
CA HIS A 44 1.45 11.95 -5.21
C HIS A 44 2.31 10.88 -4.54
N LEU A 45 1.84 9.65 -4.64
CA LEU A 45 2.55 8.52 -4.04
C LEU A 45 3.14 7.65 -5.15
N ARG A 46 4.28 7.04 -4.85
CA ARG A 46 4.95 6.18 -5.80
C ARG A 46 5.83 5.17 -5.08
N VAL A 47 5.51 3.89 -5.29
CA VAL A 47 6.28 2.83 -4.67
C VAL A 47 6.62 1.77 -5.71
N GLY A 48 7.64 0.98 -5.40
CA GLY A 48 8.08 -0.07 -6.31
C GLY A 48 9.52 -0.48 -6.01
N LEU A 49 9.99 -1.46 -6.78
CA LEU A 49 11.35 -1.95 -6.60
C LEU A 49 12.23 -1.42 -7.72
N LYS A 50 13.41 -0.93 -7.33
CA LYS A 50 14.35 -0.38 -8.29
C LYS A 50 14.37 -1.27 -9.55
N GLY A 51 14.19 -0.63 -10.69
CA GLY A 51 14.19 -1.35 -11.95
C GLY A 51 12.79 -1.89 -12.27
N GLN A 52 12.16 -2.41 -11.24
CA GLN A 52 10.82 -2.96 -11.40
C GLN A 52 9.78 -1.84 -11.51
N PRO A 53 8.54 -2.24 -11.90
CA PRO A 53 7.47 -1.27 -12.05
C PRO A 53 6.93 -0.84 -10.69
N PRO A 54 6.56 0.48 -10.61
CA PRO A 54 6.03 1.02 -9.37
C PRO A 54 4.59 0.56 -9.13
N VAL A 55 4.45 -0.33 -8.15
CA VAL A 55 3.13 -0.85 -7.81
C VAL A 55 2.18 0.32 -7.54
N VAL A 56 2.73 1.37 -6.96
CA VAL A 56 1.94 2.54 -6.63
C VAL A 56 2.48 3.75 -7.41
N ASP A 57 1.56 4.53 -7.95
CA ASP A 57 1.94 5.71 -8.72
C ASP A 57 0.67 6.46 -9.14
N GLY A 58 0.27 7.39 -8.29
CA GLY A 58 -0.93 8.18 -8.56
C GLY A 58 -1.08 9.31 -7.54
N GLU A 59 -1.96 10.24 -7.87
CA GLU A 59 -2.20 11.37 -6.99
C GLU A 59 -3.05 10.94 -5.79
N LEU A 60 -2.75 11.55 -4.64
CA LEU A 60 -3.48 11.23 -3.43
C LEU A 60 -4.83 11.95 -3.44
N TYR A 61 -5.81 11.31 -2.81
CA TYR A 61 -7.14 11.88 -2.75
C TYR A 61 -7.16 13.15 -1.91
N ASN A 62 -6.03 13.42 -1.27
CA ASN A 62 -5.90 14.60 -0.43
C ASN A 62 -4.42 14.82 -0.11
N GLU A 63 -3.96 16.03 -0.41
CA GLU A 63 -2.58 16.39 -0.15
C GLU A 63 -2.09 15.73 1.14
N VAL A 64 -1.10 14.87 0.98
CA VAL A 64 -0.54 14.16 2.11
C VAL A 64 0.79 14.84 2.53
N LYS A 65 0.95 14.99 3.83
CA LYS A 65 2.15 15.62 4.36
C LYS A 65 3.35 14.70 4.11
N VAL A 66 4.25 15.19 3.26
CA VAL A 66 5.44 14.43 2.92
C VAL A 66 6.35 14.33 4.16
N GLU A 67 6.82 15.49 4.60
CA GLU A 67 7.69 15.55 5.76
C GLU A 67 7.19 14.60 6.85
N GLU A 68 5.88 14.39 6.85
CA GLU A 68 5.26 13.52 7.83
C GLU A 68 4.87 12.19 7.18
N SER A 69 5.79 11.65 6.38
CA SER A 69 5.56 10.39 5.70
C SER A 69 6.87 9.63 5.57
N SER A 70 6.75 8.31 5.53
CA SER A 70 7.91 7.45 5.40
C SER A 70 7.50 6.08 4.85
N TRP A 71 8.43 5.14 4.92
CA TRP A 71 8.18 3.80 4.44
C TRP A 71 9.25 2.88 5.02
N LEU A 72 8.92 1.59 5.08
CA LEU A 72 9.84 0.61 5.61
C LEU A 72 9.55 -0.76 4.97
N ILE A 73 10.37 -1.73 5.33
CA ILE A 73 10.21 -3.07 4.79
C ILE A 73 9.90 -4.03 5.94
N GLU A 74 8.71 -4.62 5.87
CA GLU A 74 8.29 -5.56 6.89
C GLU A 74 8.79 -6.97 6.56
N ASP A 75 9.42 -7.59 7.54
CA ASP A 75 9.94 -8.93 7.37
C ASP A 75 10.84 -8.97 6.13
N GLY A 76 11.30 -7.79 5.74
CA GLY A 76 12.16 -7.67 4.57
C GLY A 76 11.61 -8.47 3.39
N LYS A 77 10.29 -8.42 3.24
CA LYS A 77 9.62 -9.14 2.17
C LYS A 77 8.62 -8.21 1.49
N VAL A 78 7.85 -7.50 2.31
CA VAL A 78 6.85 -6.58 1.80
C VAL A 78 7.25 -5.15 2.18
N VAL A 79 6.97 -4.23 1.27
CA VAL A 79 7.29 -2.83 1.50
C VAL A 79 6.07 -2.13 2.09
N THR A 80 6.32 -1.34 3.13
CA THR A 80 5.25 -0.61 3.79
C THR A 80 5.51 0.89 3.71
N VAL A 81 4.43 1.62 3.45
CA VAL A 81 4.52 3.08 3.35
C VAL A 81 3.56 3.71 4.35
N HIS A 82 4.03 4.78 4.98
CA HIS A 82 3.22 5.49 5.95
C HIS A 82 2.99 6.93 5.48
N LEU A 83 1.77 7.16 4.99
CA LEU A 83 1.40 8.48 4.51
C LEU A 83 0.59 9.21 5.58
N GLU A 84 0.56 10.53 5.45
CA GLU A 84 -0.17 11.35 6.40
C GLU A 84 -0.97 12.43 5.66
N LYS A 85 -2.22 12.58 6.06
CA LYS A 85 -3.09 13.57 5.45
C LYS A 85 -2.77 14.95 6.04
N ILE A 86 -2.60 15.91 5.14
CA ILE A 86 -2.30 17.27 5.54
C ILE A 86 -3.19 17.65 6.73
N ASN A 87 -4.35 17.02 6.78
CA ASN A 87 -5.30 17.28 7.86
C ASN A 87 -6.06 16.00 8.18
N LYS A 88 -6.45 15.88 9.44
CA LYS A 88 -7.18 14.71 9.91
C LYS A 88 -8.64 15.10 10.16
N MET A 89 -9.36 15.31 9.07
CA MET A 89 -10.77 15.68 9.17
C MET A 89 -11.51 15.37 7.87
N GLU A 90 -10.96 14.42 7.13
CA GLU A 90 -11.56 14.01 5.87
C GLU A 90 -11.26 12.54 5.58
N TRP A 91 -12.27 11.84 5.10
CA TRP A 91 -12.14 10.43 4.79
C TRP A 91 -11.80 10.31 3.30
N TRP A 92 -11.04 9.27 2.98
CA TRP A 92 -10.64 9.03 1.61
C TRP A 92 -11.63 8.05 0.99
N ASN A 93 -11.70 8.07 -0.33
CA ASN A 93 -12.60 7.19 -1.05
C ASN A 93 -11.78 6.22 -1.91
N ARG A 94 -10.49 6.52 -2.01
CA ARG A 94 -9.60 5.70 -2.80
C ARG A 94 -8.14 6.07 -2.51
N LEU A 95 -7.31 5.04 -2.40
CA LEU A 95 -5.90 5.24 -2.11
C LEU A 95 -5.40 6.47 -2.89
N VAL A 96 -5.48 6.36 -4.21
CA VAL A 96 -5.05 7.45 -5.07
C VAL A 96 -6.19 7.82 -6.03
N THR A 97 -6.18 9.08 -6.44
CA THR A 97 -7.19 9.58 -7.34
C THR A 97 -7.22 8.75 -8.63
N SER A 98 -6.02 8.40 -9.09
CA SER A 98 -5.88 7.61 -10.30
C SER A 98 -4.95 6.43 -10.06
N ASP A 99 -5.55 5.25 -9.96
CA ASP A 99 -4.79 4.03 -9.72
C ASP A 99 -4.07 3.62 -11.01
N PRO A 100 -2.83 3.11 -10.84
CA PRO A 100 -2.03 2.67 -11.99
C PRO A 100 -2.55 1.34 -12.54
N GLU A 101 -2.34 0.30 -11.76
CA GLU A 101 -2.78 -1.03 -12.16
C GLU A 101 -4.31 -1.13 -12.09
N ILE A 102 -4.88 -0.31 -11.22
CA ILE A 102 -6.33 -0.30 -11.04
C ILE A 102 -6.80 -1.71 -10.68
N ASN A 103 -8.03 -1.77 -10.19
CA ASN A 103 -8.61 -3.05 -9.79
C ASN A 103 -10.09 -2.84 -9.46
N THR A 104 -10.70 -1.92 -10.19
CA THR A 104 -12.12 -1.62 -9.99
C THR A 104 -12.89 -2.91 -9.71
N LYS A 105 -13.55 -2.91 -8.56
CA LYS A 105 -14.34 -4.07 -8.16
C LYS A 105 -15.48 -3.61 -7.25
N LYS A 106 -16.23 -4.59 -6.75
CA LYS A 106 -17.34 -4.30 -5.88
C LYS A 106 -16.93 -3.23 -4.85
N ILE A 107 -17.94 -2.62 -4.26
CA ILE A 107 -17.69 -1.58 -3.26
C ILE A 107 -16.55 -2.02 -2.34
N ASN A 108 -16.82 -3.07 -1.58
CA ASN A 108 -15.84 -3.60 -0.65
C ASN A 108 -16.32 -4.93 -0.10
N PRO A 109 -15.34 -5.81 0.24
CA PRO A 109 -15.66 -7.11 0.79
C PRO A 109 -16.12 -7.02 2.24
N GLU A 110 -17.04 -6.08 2.47
CA GLU A 110 -17.57 -5.87 3.81
C GLU A 110 -18.66 -6.88 4.11
N ASN A 111 -18.26 -8.14 4.18
CA ASN A 111 -19.19 -9.22 4.46
C ASN A 111 -19.06 -9.64 5.93
N SER A 112 -19.88 -9.00 6.76
CA SER A 112 -19.85 -9.30 8.18
C SER A 112 -19.70 -10.80 8.41
N LYS A 113 -18.91 -11.14 9.42
CA LYS A 113 -18.67 -12.53 9.74
C LYS A 113 -18.71 -12.71 11.26
N LEU A 114 -18.64 -13.97 11.68
CA LEU A 114 -18.67 -14.29 13.09
C LEU A 114 -17.37 -14.99 13.48
N SER A 115 -16.32 -14.19 13.60
CA SER A 115 -15.01 -14.70 13.97
C SER A 115 -14.13 -13.58 14.49
N ASP A 116 -14.38 -13.19 15.73
CA ASP A 116 -13.61 -12.12 16.36
C ASP A 116 -13.16 -12.57 17.75
N LEU A 117 -11.99 -13.19 17.79
CA LEU A 117 -11.45 -13.66 19.05
C LEU A 117 -10.79 -12.50 19.79
N ASP A 118 -10.36 -12.78 21.01
CA ASP A 118 -9.71 -11.77 21.84
C ASP A 118 -9.11 -12.44 23.08
N SER A 119 -8.06 -11.81 23.59
CA SER A 119 -7.39 -12.33 24.77
C SER A 119 -7.28 -11.23 25.83
N GLU A 120 -6.94 -10.04 25.38
CA GLU A 120 -6.80 -8.91 26.27
C GLU A 120 -5.58 -9.08 27.17
N THR A 121 -4.73 -8.08 27.16
CA THR A 121 -3.52 -8.10 27.97
C THR A 121 -3.56 -7.01 29.04
N ARG A 122 -2.71 -7.18 30.04
CA ARG A 122 -2.64 -6.21 31.13
C ARG A 122 -1.60 -6.65 32.16
N SER A 123 -1.07 -5.67 32.88
CA SER A 123 -0.08 -5.94 33.90
C SER A 123 -0.37 -5.10 35.15
N MET A 124 0.35 -5.43 36.22
CA MET A 124 0.18 -4.72 37.48
C MET A 124 1.34 -5.00 38.42
N VAL A 125 1.72 -3.97 39.16
CA VAL A 125 2.81 -4.09 40.11
C VAL A 125 2.26 -4.04 41.54
N SER A 126 3.01 -3.37 42.40
CA SER A 126 2.61 -3.24 43.79
C SER A 126 3.73 -2.58 44.60
N GLY A 127 3.42 -2.30 45.87
CA GLY A 127 4.38 -1.67 46.74
C GLY A 127 4.30 -2.26 48.15
N PRO A 128 5.50 -2.41 48.78
CA PRO A 128 5.57 -2.97 50.13
C PRO A 128 5.11 -1.93 51.17
N SER A 129 5.23 -2.32 52.43
CA SER A 129 4.83 -1.45 53.52
C SER A 129 5.65 -1.77 54.77
N SER A 130 5.59 -0.85 55.73
CA SER A 130 6.33 -1.02 56.97
C SER A 130 5.35 -1.29 58.12
N GLY A 131 5.91 -1.70 59.25
CA GLY A 131 5.10 -1.98 60.42
C GLY A 131 4.97 -0.75 61.32
N GLY A 1 -6.01 -3.38 -31.58
CA GLY A 1 -6.86 -2.67 -30.62
C GLY A 1 -6.66 -3.22 -29.22
N SER A 2 -6.93 -2.37 -28.23
CA SER A 2 -6.79 -2.77 -26.84
C SER A 2 -7.40 -1.69 -25.94
N SER A 3 -8.14 -2.17 -24.94
CA SER A 3 -8.78 -1.27 -24.00
C SER A 3 -9.40 -2.06 -22.85
N GLY A 4 -9.03 -1.69 -21.64
CA GLY A 4 -9.54 -2.37 -20.46
C GLY A 4 -9.12 -1.64 -19.18
N SER A 5 -9.41 -2.26 -18.05
CA SER A 5 -9.06 -1.68 -16.76
C SER A 5 -8.85 -2.79 -15.73
N SER A 6 -7.80 -2.63 -14.94
CA SER A 6 -7.49 -3.61 -13.91
C SER A 6 -7.87 -3.06 -12.53
N GLY A 7 -7.94 -3.97 -11.56
CA GLY A 7 -8.30 -3.59 -10.21
C GLY A 7 -7.05 -3.37 -9.36
N PRO A 8 -7.25 -3.38 -8.01
CA PRO A 8 -6.15 -3.18 -7.08
C PRO A 8 -5.29 -4.45 -6.98
N ASN A 9 -4.52 -4.50 -5.91
CA ASN A 9 -3.65 -5.64 -5.68
C ASN A 9 -2.99 -5.52 -4.31
N TYR A 10 -2.60 -4.28 -3.99
CA TYR A 10 -1.96 -4.02 -2.71
C TYR A 10 -2.98 -3.53 -1.68
N ARG A 11 -2.62 -3.70 -0.42
CA ARG A 11 -3.50 -3.29 0.67
C ARG A 11 -3.15 -1.87 1.11
N TRP A 12 -4.15 -1.20 1.67
CA TRP A 12 -3.96 0.17 2.14
C TRP A 12 -5.05 0.47 3.17
N THR A 13 -4.63 1.04 4.29
CA THR A 13 -5.55 1.38 5.35
C THR A 13 -5.30 2.81 5.83
N GLN A 14 -5.94 3.14 6.96
CA GLN A 14 -5.80 4.46 7.53
C GLN A 14 -6.70 4.61 8.76
N THR A 15 -6.72 5.82 9.30
CA THR A 15 -7.53 6.10 10.47
C THR A 15 -7.92 7.58 10.52
N LEU A 16 -8.57 8.02 9.45
CA LEU A 16 -9.00 9.40 9.35
C LEU A 16 -7.84 10.32 9.77
N ALA A 17 -6.63 9.83 9.55
CA ALA A 17 -5.44 10.59 9.90
C ALA A 17 -4.30 10.19 8.96
N GLU A 18 -3.60 9.15 9.36
CA GLU A 18 -2.47 8.65 8.57
C GLU A 18 -2.95 7.56 7.61
N LEU A 19 -2.17 7.38 6.55
CA LEU A 19 -2.50 6.37 5.55
C LEU A 19 -1.44 5.27 5.59
N ASP A 20 -1.92 4.03 5.67
CA ASP A 20 -1.02 2.89 5.71
C ASP A 20 -1.13 2.11 4.40
N LEU A 21 0.03 1.80 3.83
CA LEU A 21 0.07 1.06 2.58
C LEU A 21 1.09 -0.07 2.70
N ALA A 22 0.76 -1.19 2.07
CA ALA A 22 1.64 -2.35 2.10
C ALA A 22 1.63 -3.02 0.72
N VAL A 23 2.83 -3.30 0.23
CA VAL A 23 2.97 -3.95 -1.07
C VAL A 23 3.94 -5.12 -0.95
N PRO A 24 3.36 -6.35 -0.97
CA PRO A 24 4.16 -7.56 -0.87
C PRO A 24 4.90 -7.85 -2.17
N PHE A 25 6.01 -8.57 -2.04
CA PHE A 25 6.81 -8.91 -3.21
C PHE A 25 7.28 -10.37 -3.13
N ARG A 26 7.67 -10.89 -4.29
CA ARG A 26 8.14 -12.26 -4.37
C ARG A 26 9.64 -12.30 -4.70
N VAL A 27 10.44 -12.32 -3.65
CA VAL A 27 11.89 -12.35 -3.83
C VAL A 27 12.49 -13.35 -2.83
N SER A 28 13.74 -13.69 -3.07
CA SER A 28 14.44 -14.63 -2.21
C SER A 28 15.44 -13.88 -1.33
N PHE A 29 15.43 -12.56 -1.47
CA PHE A 29 16.34 -11.72 -0.69
C PHE A 29 15.55 -10.70 0.14
N ARG A 30 16.25 -10.12 1.10
CA ARG A 30 15.63 -9.13 1.97
C ARG A 30 15.78 -7.73 1.37
N LEU A 31 14.67 -7.22 0.85
CA LEU A 31 14.67 -5.91 0.24
C LEU A 31 15.34 -4.91 1.19
N LYS A 32 16.36 -4.25 0.67
CA LYS A 32 17.11 -3.27 1.45
C LYS A 32 16.64 -1.86 1.08
N GLY A 33 16.91 -0.93 1.97
CA GLY A 33 16.54 0.46 1.74
C GLY A 33 17.46 1.12 0.72
N LYS A 34 17.60 0.46 -0.42
CA LYS A 34 18.45 0.97 -1.48
C LYS A 34 17.88 0.52 -2.84
N ASP A 35 17.52 -0.74 -2.90
CA ASP A 35 16.97 -1.31 -4.11
C ASP A 35 15.46 -1.03 -4.17
N VAL A 36 15.01 -0.24 -3.21
CA VAL A 36 13.60 0.11 -3.13
C VAL A 36 13.39 1.49 -3.77
N VAL A 37 12.12 1.79 -4.02
CA VAL A 37 11.77 3.07 -4.62
C VAL A 37 10.42 3.52 -4.07
N VAL A 38 10.49 4.47 -3.15
CA VAL A 38 9.27 5.00 -2.53
C VAL A 38 9.27 6.53 -2.69
N ASP A 39 8.50 6.99 -3.67
CA ASP A 39 8.40 8.41 -3.93
C ASP A 39 7.13 8.95 -3.26
N ILE A 40 7.30 9.43 -2.04
CA ILE A 40 6.18 9.97 -1.29
C ILE A 40 6.13 11.49 -1.49
N GLN A 41 5.22 11.91 -2.36
CA GLN A 41 5.06 13.33 -2.65
C GLN A 41 3.85 13.88 -1.89
N ARG A 42 3.65 15.19 -2.05
CA ARG A 42 2.53 15.85 -1.40
C ARG A 42 1.21 15.23 -1.84
N ARG A 43 1.02 15.18 -3.16
CA ARG A 43 -0.19 14.61 -3.71
C ARG A 43 0.14 13.61 -4.82
N HIS A 44 0.98 12.64 -4.46
CA HIS A 44 1.38 11.62 -5.41
C HIS A 44 2.31 10.62 -4.71
N LEU A 45 2.01 9.34 -4.93
CA LEU A 45 2.79 8.28 -4.33
C LEU A 45 3.47 7.46 -5.44
N ARG A 46 4.44 6.66 -5.04
CA ARG A 46 5.17 5.83 -5.98
C ARG A 46 6.05 4.83 -5.23
N VAL A 47 5.58 3.60 -5.19
CA VAL A 47 6.31 2.53 -4.51
C VAL A 47 6.70 1.46 -5.53
N GLY A 48 7.85 0.85 -5.28
CA GLY A 48 8.34 -0.20 -6.17
C GLY A 48 9.84 -0.44 -5.93
N LEU A 49 10.31 -1.55 -6.49
CA LEU A 49 11.71 -1.91 -6.35
C LEU A 49 12.52 -1.24 -7.47
N LYS A 50 13.63 -0.64 -7.08
CA LYS A 50 14.49 0.04 -8.03
C LYS A 50 14.58 -0.79 -9.32
N GLY A 51 14.37 -0.10 -10.44
CA GLY A 51 14.41 -0.75 -11.73
C GLY A 51 13.07 -1.40 -12.07
N GLN A 52 12.49 -2.04 -11.05
CA GLN A 52 11.21 -2.71 -11.23
C GLN A 52 10.09 -1.68 -11.34
N PRO A 53 8.89 -2.17 -11.77
CA PRO A 53 7.74 -1.30 -11.92
C PRO A 53 7.14 -0.94 -10.56
N PRO A 54 6.73 0.35 -10.44
CA PRO A 54 6.14 0.84 -9.20
C PRO A 54 4.71 0.34 -9.04
N VAL A 55 4.55 -0.63 -8.14
CA VAL A 55 3.24 -1.20 -7.88
C VAL A 55 2.25 -0.08 -7.54
N VAL A 56 2.79 0.96 -6.91
CA VAL A 56 1.97 2.10 -6.52
C VAL A 56 2.41 3.33 -7.31
N ASP A 57 1.43 4.11 -7.73
CA ASP A 57 1.69 5.32 -8.50
C ASP A 57 0.37 5.93 -8.95
N GLY A 58 -0.19 6.76 -8.08
CA GLY A 58 -1.45 7.43 -8.37
C GLY A 58 -1.54 8.78 -7.67
N GLU A 59 -2.47 9.59 -8.13
CA GLU A 59 -2.67 10.90 -7.56
C GLU A 59 -3.55 10.82 -6.31
N LEU A 60 -2.88 10.81 -5.16
CA LEU A 60 -3.57 10.73 -3.89
C LEU A 60 -4.82 11.64 -3.93
N TYR A 61 -5.74 11.34 -3.03
CA TYR A 61 -6.97 12.13 -2.96
C TYR A 61 -6.69 13.58 -2.61
N ASN A 62 -5.76 13.76 -1.68
CA ASN A 62 -5.38 15.09 -1.25
C ASN A 62 -3.92 15.08 -0.80
N GLU A 63 -3.42 16.27 -0.46
CA GLU A 63 -2.05 16.42 -0.02
C GLU A 63 -1.81 15.59 1.24
N VAL A 64 -0.59 15.07 1.35
CA VAL A 64 -0.22 14.27 2.50
C VAL A 64 1.18 14.68 2.98
N LYS A 65 1.26 14.97 4.27
CA LYS A 65 2.53 15.37 4.86
C LYS A 65 3.59 14.33 4.52
N VAL A 66 4.45 14.69 3.57
CA VAL A 66 5.51 13.82 3.14
C VAL A 66 6.64 13.84 4.18
N GLU A 67 6.85 15.02 4.75
CA GLU A 67 7.88 15.19 5.76
C GLU A 67 7.66 14.22 6.92
N GLU A 68 6.40 13.86 7.12
CA GLU A 68 6.04 12.95 8.18
C GLU A 68 5.85 11.53 7.63
N SER A 69 5.67 11.47 6.32
CA SER A 69 5.47 10.19 5.65
C SER A 69 6.72 9.32 5.81
N SER A 70 6.49 8.05 6.07
CA SER A 70 7.58 7.10 6.24
C SER A 70 7.19 5.74 5.67
N TRP A 71 8.19 5.05 5.15
CA TRP A 71 7.97 3.73 4.57
C TRP A 71 9.07 2.79 5.09
N LEU A 72 8.77 1.50 5.05
CA LEU A 72 9.72 0.50 5.51
C LEU A 72 9.42 -0.83 4.82
N ILE A 73 10.26 -1.81 5.09
CA ILE A 73 10.11 -3.13 4.51
C ILE A 73 9.72 -4.12 5.60
N GLU A 74 8.58 -4.75 5.41
CA GLU A 74 8.08 -5.73 6.36
C GLU A 74 8.70 -7.10 6.10
N ASP A 75 9.14 -7.73 7.17
CA ASP A 75 9.75 -9.05 7.06
C ASP A 75 10.72 -9.06 5.88
N GLY A 76 11.25 -7.89 5.56
CA GLY A 76 12.18 -7.75 4.46
C GLY A 76 11.67 -8.49 3.22
N LYS A 77 10.43 -8.19 2.87
CA LYS A 77 9.81 -8.81 1.71
C LYS A 77 8.66 -7.93 1.21
N VAL A 78 7.92 -7.39 2.17
CA VAL A 78 6.79 -6.53 1.84
C VAL A 78 7.19 -5.07 2.07
N VAL A 79 6.72 -4.22 1.17
CA VAL A 79 7.02 -2.80 1.25
C VAL A 79 5.82 -2.06 1.86
N THR A 80 6.06 -1.42 2.99
CA THR A 80 5.01 -0.68 3.66
C THR A 80 5.25 0.82 3.54
N VAL A 81 4.17 1.55 3.32
CA VAL A 81 4.25 2.99 3.17
C VAL A 81 3.28 3.66 4.15
N HIS A 82 3.85 4.38 5.10
CA HIS A 82 3.05 5.06 6.11
C HIS A 82 2.91 6.53 5.73
N LEU A 83 1.82 6.83 5.03
CA LEU A 83 1.55 8.20 4.60
C LEU A 83 1.10 9.02 5.80
N GLU A 84 0.69 10.24 5.51
CA GLU A 84 0.22 11.15 6.56
C GLU A 84 -0.58 12.29 5.94
N LYS A 85 -1.84 12.40 6.39
CA LYS A 85 -2.71 13.45 5.89
C LYS A 85 -2.25 14.80 6.44
N ILE A 86 -2.16 15.76 5.54
CA ILE A 86 -1.74 17.10 5.92
C ILE A 86 -2.36 17.47 7.26
N ASN A 87 -3.68 17.28 7.34
CA ASN A 87 -4.41 17.58 8.55
C ASN A 87 -5.70 16.75 8.60
N LYS A 88 -5.51 15.43 8.55
CA LYS A 88 -6.64 14.52 8.57
C LYS A 88 -7.79 15.12 7.76
N MET A 89 -7.67 14.99 6.45
CA MET A 89 -8.69 15.51 5.55
C MET A 89 -10.07 14.92 5.89
N GLU A 90 -10.26 13.68 5.48
CA GLU A 90 -11.51 12.99 5.72
C GLU A 90 -11.34 11.48 5.56
N TRP A 91 -12.45 10.77 5.65
CA TRP A 91 -12.43 9.32 5.52
C TRP A 91 -12.36 8.98 4.03
N TRP A 92 -11.14 9.02 3.50
CA TRP A 92 -10.93 8.73 2.10
C TRP A 92 -11.80 7.52 1.74
N ASN A 93 -12.21 7.49 0.47
CA ASN A 93 -13.04 6.40 -0.01
C ASN A 93 -12.25 5.58 -1.04
N ARG A 94 -11.04 6.04 -1.30
CA ARG A 94 -10.18 5.36 -2.26
C ARG A 94 -8.71 5.71 -1.99
N LEU A 95 -7.83 4.83 -2.43
CA LEU A 95 -6.41 5.03 -2.24
C LEU A 95 -5.95 6.21 -3.10
N VAL A 96 -6.34 6.18 -4.37
CA VAL A 96 -5.99 7.24 -5.29
C VAL A 96 -7.19 7.57 -6.18
N THR A 97 -7.25 8.81 -6.61
CA THR A 97 -8.34 9.27 -7.46
C THR A 97 -8.55 8.31 -8.62
N SER A 98 -7.46 7.67 -9.03
CA SER A 98 -7.50 6.73 -10.13
C SER A 98 -6.23 5.90 -10.16
N ASP A 99 -6.37 4.65 -10.59
CA ASP A 99 -5.23 3.75 -10.68
C ASP A 99 -4.44 4.06 -11.95
N PRO A 100 -3.14 3.62 -11.94
CA PRO A 100 -2.27 3.84 -13.07
C PRO A 100 -2.61 2.90 -14.22
N GLU A 101 -2.04 1.71 -14.15
CA GLU A 101 -2.26 0.70 -15.18
C GLU A 101 -2.36 -0.69 -14.54
N ILE A 102 -1.24 -1.11 -13.96
CA ILE A 102 -1.17 -2.41 -13.32
C ILE A 102 -1.56 -3.49 -14.33
N ASN A 103 -1.23 -4.73 -13.98
CA ASN A 103 -1.53 -5.85 -14.85
C ASN A 103 -1.26 -7.16 -14.09
N THR A 104 -1.49 -7.11 -12.79
CA THR A 104 -1.28 -8.26 -11.95
C THR A 104 -2.61 -8.76 -11.38
N LYS A 105 -2.79 -10.08 -11.44
CA LYS A 105 -4.01 -10.69 -10.94
C LYS A 105 -5.22 -10.02 -11.60
N LYS A 106 -6.39 -10.57 -11.31
CA LYS A 106 -7.63 -10.03 -11.86
C LYS A 106 -8.05 -8.80 -11.05
N ILE A 107 -9.25 -8.33 -11.34
CA ILE A 107 -9.79 -7.17 -10.65
C ILE A 107 -9.63 -7.36 -9.14
N ASN A 108 -10.30 -8.37 -8.63
CA ASN A 108 -10.25 -8.67 -7.21
C ASN A 108 -8.96 -9.45 -6.91
N PRO A 109 -8.35 -9.11 -5.74
CA PRO A 109 -7.11 -9.76 -5.32
C PRO A 109 -7.39 -11.18 -4.82
N GLU A 110 -8.27 -11.27 -3.84
CA GLU A 110 -8.63 -12.56 -3.27
C GLU A 110 -7.42 -13.18 -2.56
N ASN A 111 -7.48 -13.16 -1.24
CA ASN A 111 -6.39 -13.71 -0.44
C ASN A 111 -6.69 -13.49 1.04
N SER A 112 -6.06 -14.30 1.88
CA SER A 112 -6.24 -14.19 3.31
C SER A 112 -5.34 -15.19 4.04
N LYS A 113 -4.18 -14.69 4.45
CA LYS A 113 -3.22 -15.52 5.15
C LYS A 113 -3.31 -15.25 6.65
N LEU A 114 -3.62 -16.31 7.39
CA LEU A 114 -3.75 -16.19 8.84
C LEU A 114 -2.70 -17.08 9.51
N SER A 115 -1.56 -16.47 9.79
CA SER A 115 -0.46 -17.21 10.43
C SER A 115 0.47 -16.22 11.14
N ASP A 116 1.01 -15.29 10.35
CA ASP A 116 1.92 -14.30 10.90
C ASP A 116 1.17 -13.44 11.92
N LEU A 117 1.20 -13.92 13.16
CA LEU A 117 0.54 -13.21 14.25
C LEU A 117 1.28 -11.90 14.53
N ASP A 118 0.65 -11.07 15.35
CA ASP A 118 1.24 -9.80 15.71
C ASP A 118 1.48 -9.75 17.21
N SER A 119 2.17 -8.70 17.65
CA SER A 119 2.48 -8.52 19.06
C SER A 119 2.00 -7.15 19.52
N GLU A 120 2.81 -6.55 20.39
CA GLU A 120 2.49 -5.23 20.93
C GLU A 120 3.77 -4.43 21.16
N THR A 121 4.20 -3.75 20.12
CA THR A 121 5.40 -2.93 20.21
C THR A 121 5.32 -1.74 19.26
N ARG A 122 6.00 -0.67 19.64
CA ARG A 122 5.99 0.55 18.84
C ARG A 122 7.15 1.47 19.27
N SER A 123 7.64 2.23 18.31
CA SER A 123 8.74 3.14 18.57
C SER A 123 9.94 2.37 19.11
N MET A 124 11.10 3.03 19.02
CA MET A 124 12.33 2.43 19.50
C MET A 124 13.53 3.33 19.24
N VAL A 125 13.68 4.32 20.11
CA VAL A 125 14.78 5.27 19.98
C VAL A 125 14.87 6.10 21.26
N SER A 126 16.05 6.07 21.86
CA SER A 126 16.28 6.82 23.09
C SER A 126 17.75 6.72 23.49
N GLY A 127 18.31 7.85 23.87
CA GLY A 127 19.71 7.90 24.28
C GLY A 127 20.07 9.30 24.80
N PRO A 128 19.78 9.52 26.11
CA PRO A 128 20.08 10.80 26.73
C PRO A 128 21.58 10.93 27.01
N SER A 129 21.94 12.07 27.60
CA SER A 129 23.33 12.34 27.92
C SER A 129 23.44 12.80 29.37
N SER A 130 24.64 12.60 29.92
CA SER A 130 24.89 12.98 31.30
C SER A 130 26.31 12.55 31.70
N GLY A 131 26.94 13.39 32.51
CA GLY A 131 28.28 13.11 32.98
C GLY A 131 28.49 13.60 34.41
N GLY A 1 -17.94 -16.52 -0.71
CA GLY A 1 -16.73 -16.64 0.06
C GLY A 1 -16.24 -15.27 0.55
N SER A 2 -14.92 -15.11 0.54
CA SER A 2 -14.32 -13.86 0.98
C SER A 2 -14.41 -12.83 -0.13
N SER A 3 -15.49 -12.06 -0.10
CA SER A 3 -15.71 -11.02 -1.10
C SER A 3 -14.46 -10.14 -1.22
N GLY A 4 -14.45 -9.33 -2.27
CA GLY A 4 -13.33 -8.44 -2.52
C GLY A 4 -13.81 -7.06 -2.95
N SER A 5 -12.88 -6.12 -2.96
CA SER A 5 -13.20 -4.76 -3.35
C SER A 5 -12.22 -4.27 -4.41
N SER A 6 -12.76 -3.99 -5.59
CA SER A 6 -11.93 -3.51 -6.70
C SER A 6 -10.90 -2.52 -6.19
N GLY A 7 -9.66 -3.00 -6.10
CA GLY A 7 -8.57 -2.16 -5.63
C GLY A 7 -7.27 -2.47 -6.39
N PRO A 8 -6.15 -1.91 -5.86
CA PRO A 8 -4.85 -2.12 -6.49
C PRO A 8 -4.34 -3.53 -6.20
N ASN A 9 -3.03 -3.69 -6.41
CA ASN A 9 -2.39 -4.98 -6.18
C ASN A 9 -1.69 -4.96 -4.82
N TYR A 10 -2.16 -4.06 -3.96
CA TYR A 10 -1.58 -3.93 -2.64
C TYR A 10 -2.65 -3.51 -1.61
N ARG A 11 -2.31 -3.70 -0.35
CA ARG A 11 -3.22 -3.35 0.72
C ARG A 11 -2.90 -1.96 1.27
N TRP A 12 -3.95 -1.22 1.57
CA TRP A 12 -3.80 0.12 2.10
C TRP A 12 -5.04 0.45 2.95
N THR A 13 -4.79 1.13 4.05
CA THR A 13 -5.87 1.51 4.95
C THR A 13 -5.74 2.98 5.35
N GLN A 14 -6.47 3.34 6.39
CA GLN A 14 -6.44 4.71 6.89
C GLN A 14 -7.33 4.84 8.13
N THR A 15 -6.94 5.76 9.00
CA THR A 15 -7.68 6.00 10.23
C THR A 15 -8.03 7.48 10.36
N LEU A 16 -8.77 7.96 9.37
CA LEU A 16 -9.20 9.36 9.36
C LEU A 16 -8.04 10.24 9.81
N ALA A 17 -6.83 9.76 9.51
CA ALA A 17 -5.63 10.49 9.88
C ALA A 17 -4.44 9.91 9.11
N GLU A 18 -3.86 8.86 9.68
CA GLU A 18 -2.72 8.21 9.08
C GLU A 18 -3.18 7.22 8.01
N LEU A 19 -2.29 6.95 7.07
CA LEU A 19 -2.59 6.03 5.99
C LEU A 19 -1.57 4.90 5.99
N ASP A 20 -2.08 3.67 5.98
CA ASP A 20 -1.23 2.50 5.98
C ASP A 20 -1.21 1.88 4.59
N LEU A 21 -0.05 1.37 4.21
CA LEU A 21 0.12 0.76 2.90
C LEU A 21 1.20 -0.33 2.98
N ALA A 22 0.96 -1.40 2.25
CA ALA A 22 1.90 -2.51 2.23
C ALA A 22 1.93 -3.13 0.83
N VAL A 23 3.12 -3.19 0.26
CA VAL A 23 3.29 -3.75 -1.06
C VAL A 23 4.31 -4.89 -1.00
N PRO A 24 3.78 -6.14 -1.03
CA PRO A 24 4.62 -7.32 -0.97
C PRO A 24 5.31 -7.55 -2.32
N PHE A 25 6.49 -8.15 -2.24
CA PHE A 25 7.27 -8.45 -3.43
C PHE A 25 7.81 -9.88 -3.41
N ARG A 26 7.67 -10.55 -4.54
CA ARG A 26 8.14 -11.92 -4.65
C ARG A 26 9.67 -11.96 -4.66
N VAL A 27 10.23 -11.95 -3.47
CA VAL A 27 11.68 -11.99 -3.32
C VAL A 27 12.06 -13.08 -2.33
N SER A 28 13.29 -13.56 -2.46
CA SER A 28 13.79 -14.62 -1.59
C SER A 28 14.81 -14.04 -0.62
N PHE A 29 14.89 -12.71 -0.60
CA PHE A 29 15.82 -12.03 0.28
C PHE A 29 15.21 -10.74 0.82
N ARG A 30 15.86 -10.21 1.86
CA ARG A 30 15.39 -8.98 2.48
C ARG A 30 15.74 -7.78 1.61
N LEU A 31 14.75 -7.33 0.85
CA LEU A 31 14.93 -6.19 -0.04
C LEU A 31 15.58 -5.05 0.74
N LYS A 32 16.66 -4.54 0.19
CA LYS A 32 17.39 -3.44 0.82
C LYS A 32 16.75 -2.11 0.40
N GLY A 33 17.11 -1.07 1.13
CA GLY A 33 16.59 0.26 0.84
C GLY A 33 17.29 0.88 -0.36
N LYS A 34 18.38 0.24 -0.77
CA LYS A 34 19.15 0.71 -1.90
C LYS A 34 18.71 -0.03 -3.16
N ASP A 35 17.57 -0.70 -3.05
CA ASP A 35 17.04 -1.45 -4.16
C ASP A 35 15.51 -1.30 -4.19
N VAL A 36 15.03 -0.29 -3.47
CA VAL A 36 13.61 -0.03 -3.40
C VAL A 36 13.34 1.39 -3.89
N VAL A 37 12.05 1.66 -4.13
CA VAL A 37 11.65 2.98 -4.61
C VAL A 37 10.33 3.36 -3.95
N VAL A 38 10.37 4.45 -3.20
CA VAL A 38 9.19 4.94 -2.51
C VAL A 38 9.16 6.47 -2.59
N ASP A 39 8.47 6.96 -3.61
CA ASP A 39 8.34 8.40 -3.80
C ASP A 39 7.06 8.89 -3.15
N ILE A 40 7.17 9.21 -1.86
CA ILE A 40 6.03 9.70 -1.11
C ILE A 40 5.92 11.21 -1.28
N GLN A 41 5.17 11.62 -2.29
CA GLN A 41 4.98 13.03 -2.56
C GLN A 41 3.73 13.56 -1.84
N ARG A 42 3.55 14.86 -1.90
CA ARG A 42 2.40 15.49 -1.27
C ARG A 42 1.11 15.04 -1.94
N ARG A 43 1.12 15.12 -3.27
CA ARG A 43 -0.05 14.73 -4.05
C ARG A 43 0.33 13.66 -5.08
N HIS A 44 1.17 12.74 -4.64
CA HIS A 44 1.62 11.67 -5.51
C HIS A 44 2.41 10.63 -4.70
N LEU A 45 2.26 9.38 -5.09
CA LEU A 45 2.94 8.29 -4.40
C LEU A 45 3.47 7.30 -5.43
N ARG A 46 4.78 7.13 -5.43
CA ARG A 46 5.42 6.21 -6.36
C ARG A 46 6.27 5.19 -5.59
N VAL A 47 5.62 4.09 -5.25
CA VAL A 47 6.30 3.03 -4.51
C VAL A 47 6.49 1.83 -5.44
N GLY A 48 7.75 1.41 -5.56
CA GLY A 48 8.08 0.27 -6.40
C GLY A 48 9.46 -0.29 -6.05
N LEU A 49 10.04 -1.00 -7.00
CA LEU A 49 11.34 -1.60 -6.79
C LEU A 49 12.30 -1.14 -7.90
N LYS A 50 13.45 -0.63 -7.48
CA LYS A 50 14.44 -0.15 -8.42
C LYS A 50 14.57 -1.14 -9.57
N GLY A 51 14.24 -0.66 -10.76
CA GLY A 51 14.32 -1.49 -11.95
C GLY A 51 12.96 -2.10 -12.27
N GLN A 52 12.23 -2.45 -11.23
CA GLN A 52 10.91 -3.04 -11.39
C GLN A 52 9.85 -1.95 -11.49
N PRO A 53 8.61 -2.38 -11.87
CA PRO A 53 7.51 -1.45 -12.01
C PRO A 53 6.96 -1.02 -10.64
N PRO A 54 6.52 0.25 -10.57
CA PRO A 54 5.99 0.79 -9.32
C PRO A 54 4.58 0.25 -9.06
N VAL A 55 4.40 -0.32 -7.87
CA VAL A 55 3.12 -0.87 -7.49
C VAL A 55 2.14 0.27 -7.22
N VAL A 56 2.66 1.32 -6.60
CA VAL A 56 1.85 2.48 -6.27
C VAL A 56 2.25 3.65 -7.17
N ASP A 57 1.27 4.21 -7.84
CA ASP A 57 1.50 5.33 -8.74
C ASP A 57 0.17 6.00 -9.08
N GLY A 58 0.11 7.29 -8.79
CA GLY A 58 -1.09 8.07 -9.05
C GLY A 58 -1.23 9.23 -8.06
N GLU A 59 -2.00 10.23 -8.47
CA GLU A 59 -2.22 11.39 -7.63
C GLU A 59 -3.07 11.03 -6.42
N LEU A 60 -2.47 11.14 -5.25
CA LEU A 60 -3.15 10.82 -4.01
C LEU A 60 -4.50 11.54 -3.99
N TYR A 61 -5.37 11.09 -3.09
CA TYR A 61 -6.68 11.68 -2.95
C TYR A 61 -6.59 13.15 -2.52
N ASN A 62 -5.60 13.42 -1.69
CA ASN A 62 -5.38 14.78 -1.20
C ASN A 62 -3.97 14.90 -0.65
N GLU A 63 -3.52 16.14 -0.53
CA GLU A 63 -2.18 16.41 -0.03
C GLU A 63 -1.95 15.66 1.28
N VAL A 64 -0.73 15.16 1.45
CA VAL A 64 -0.37 14.43 2.64
C VAL A 64 1.03 14.85 3.09
N LYS A 65 1.17 15.03 4.40
CA LYS A 65 2.45 15.43 4.96
C LYS A 65 3.50 14.38 4.63
N VAL A 66 4.32 14.70 3.63
CA VAL A 66 5.37 13.78 3.21
C VAL A 66 6.51 13.82 4.22
N GLU A 67 6.76 15.02 4.74
CA GLU A 67 7.82 15.19 5.72
C GLU A 67 7.56 14.31 6.95
N GLU A 68 6.33 13.83 7.05
CA GLU A 68 5.95 12.98 8.15
C GLU A 68 5.82 11.53 7.69
N SER A 69 5.83 11.36 6.38
CA SER A 69 5.71 10.03 5.79
C SER A 69 6.83 9.13 6.31
N SER A 70 6.72 7.85 5.97
CA SER A 70 7.72 6.88 6.39
C SER A 70 7.37 5.50 5.84
N TRP A 71 8.38 4.84 5.29
CA TRP A 71 8.20 3.52 4.71
C TRP A 71 9.28 2.60 5.28
N LEU A 72 9.01 1.31 5.22
CA LEU A 72 9.95 0.32 5.71
C LEU A 72 9.63 -1.04 5.09
N ILE A 73 10.67 -1.85 4.94
CA ILE A 73 10.52 -3.16 4.37
C ILE A 73 10.27 -4.18 5.48
N GLU A 74 9.03 -4.64 5.57
CA GLU A 74 8.65 -5.61 6.58
C GLU A 74 9.18 -6.99 6.21
N ASP A 75 9.81 -7.64 7.18
CA ASP A 75 10.36 -8.96 6.97
C ASP A 75 11.08 -9.01 5.63
N GLY A 76 11.56 -7.84 5.21
CA GLY A 76 12.28 -7.73 3.95
C GLY A 76 11.56 -8.52 2.85
N LYS A 77 10.25 -8.52 2.93
CA LYS A 77 9.44 -9.24 1.95
C LYS A 77 8.42 -8.27 1.34
N VAL A 78 7.88 -7.42 2.19
CA VAL A 78 6.89 -6.44 1.76
C VAL A 78 7.32 -5.04 2.20
N VAL A 79 6.90 -4.06 1.43
CA VAL A 79 7.24 -2.67 1.73
C VAL A 79 6.01 -1.97 2.29
N THR A 80 6.20 -1.33 3.44
CA THR A 80 5.13 -0.62 4.10
C THR A 80 5.32 0.90 3.96
N VAL A 81 4.21 1.61 3.83
CA VAL A 81 4.25 3.05 3.69
C VAL A 81 3.26 3.68 4.67
N HIS A 82 3.65 4.81 5.22
CA HIS A 82 2.82 5.53 6.16
C HIS A 82 2.65 6.98 5.71
N LEU A 83 1.44 7.29 5.25
CA LEU A 83 1.14 8.64 4.79
C LEU A 83 0.40 9.40 5.89
N GLU A 84 0.50 10.71 5.81
CA GLU A 84 -0.15 11.57 6.80
C GLU A 84 -1.03 12.60 6.11
N LYS A 85 -2.31 12.58 6.48
CA LYS A 85 -3.26 13.51 5.90
C LYS A 85 -2.99 14.92 6.43
N ILE A 86 -3.30 15.90 5.60
CA ILE A 86 -3.09 17.29 5.97
C ILE A 86 -4.26 17.77 6.84
N ASN A 87 -5.46 17.34 6.44
CA ASN A 87 -6.66 17.71 7.17
C ASN A 87 -7.04 16.59 8.14
N LYS A 88 -6.65 15.38 7.76
CA LYS A 88 -6.93 14.21 8.58
C LYS A 88 -8.34 14.34 9.17
N MET A 89 -9.33 14.38 8.28
CA MET A 89 -10.71 14.51 8.70
C MET A 89 -11.66 14.13 7.57
N GLU A 90 -11.17 13.26 6.69
CA GLU A 90 -11.96 12.81 5.56
C GLU A 90 -11.59 11.37 5.20
N TRP A 91 -12.62 10.58 4.91
CA TRP A 91 -12.41 9.19 4.54
C TRP A 91 -12.06 9.14 3.07
N TRP A 92 -11.03 8.35 2.76
CA TRP A 92 -10.58 8.21 1.38
C TRP A 92 -11.34 7.04 0.76
N ASN A 93 -11.70 7.21 -0.50
CA ASN A 93 -12.42 6.19 -1.23
C ASN A 93 -11.49 5.52 -2.24
N ARG A 94 -10.23 5.94 -2.20
CA ARG A 94 -9.24 5.39 -3.10
C ARG A 94 -7.86 5.97 -2.77
N LEU A 95 -6.88 5.06 -2.68
CA LEU A 95 -5.52 5.45 -2.37
C LEU A 95 -5.08 6.56 -3.34
N VAL A 96 -5.26 6.27 -4.62
CA VAL A 96 -4.88 7.23 -5.65
C VAL A 96 -6.09 7.50 -6.55
N THR A 97 -6.08 8.66 -7.18
CA THR A 97 -7.15 9.06 -8.06
C THR A 97 -6.92 8.50 -9.47
N SER A 98 -5.64 8.38 -9.82
CA SER A 98 -5.28 7.87 -11.12
C SER A 98 -4.49 6.56 -10.97
N ASP A 99 -5.23 5.45 -11.04
CA ASP A 99 -4.62 4.14 -10.90
C ASP A 99 -3.37 4.08 -11.78
N PRO A 100 -2.56 3.01 -11.54
CA PRO A 100 -1.34 2.81 -12.30
C PRO A 100 -1.64 2.31 -13.71
N GLU A 101 -0.77 1.44 -14.19
CA GLU A 101 -0.92 0.88 -15.52
C GLU A 101 -1.30 -0.61 -15.43
N ILE A 102 -0.68 -1.28 -14.47
CA ILE A 102 -0.94 -2.70 -14.26
C ILE A 102 -2.45 -2.96 -14.43
N ASN A 103 -2.74 -4.09 -15.04
CA ASN A 103 -4.13 -4.47 -15.26
C ASN A 103 -4.61 -5.35 -14.11
N THR A 104 -3.71 -6.20 -13.64
CA THR A 104 -4.03 -7.10 -12.54
C THR A 104 -5.44 -7.67 -12.70
N LYS A 105 -5.95 -8.21 -11.61
CA LYS A 105 -7.28 -8.78 -11.61
C LYS A 105 -8.31 -7.69 -11.90
N LYS A 106 -9.18 -7.98 -12.87
CA LYS A 106 -10.22 -7.02 -13.24
C LYS A 106 -11.55 -7.76 -13.40
N ILE A 107 -12.11 -8.16 -12.27
CA ILE A 107 -13.37 -8.86 -12.27
C ILE A 107 -14.25 -8.33 -13.41
N ASN A 108 -14.76 -7.13 -13.20
CA ASN A 108 -15.62 -6.50 -14.20
C ASN A 108 -15.34 -5.00 -14.22
N PRO A 109 -15.78 -4.36 -15.34
CA PRO A 109 -15.57 -2.92 -15.50
C PRO A 109 -16.55 -2.13 -14.62
N GLU A 110 -17.81 -2.53 -14.69
CA GLU A 110 -18.85 -1.87 -13.92
C GLU A 110 -19.50 -2.86 -12.94
N ASN A 111 -20.81 -2.79 -12.87
CA ASN A 111 -21.56 -3.67 -11.98
C ASN A 111 -22.38 -4.65 -12.83
N SER A 112 -21.75 -5.77 -13.13
CA SER A 112 -22.40 -6.81 -13.93
C SER A 112 -22.31 -8.15 -13.21
N LYS A 113 -23.30 -9.00 -13.49
CA LYS A 113 -23.34 -10.32 -12.88
C LYS A 113 -22.03 -11.05 -13.16
N LEU A 114 -21.88 -12.21 -12.52
CA LEU A 114 -20.68 -13.01 -12.70
C LEU A 114 -21.08 -14.48 -12.90
N SER A 115 -20.89 -14.94 -14.13
CA SER A 115 -21.23 -16.32 -14.46
C SER A 115 -19.95 -17.13 -14.65
N ASP A 116 -19.56 -17.82 -13.57
CA ASP A 116 -18.37 -18.64 -13.60
C ASP A 116 -18.52 -19.79 -12.60
N LEU A 117 -19.21 -20.83 -13.06
CA LEU A 117 -19.45 -21.99 -12.22
C LEU A 117 -18.39 -23.06 -12.54
N ASP A 118 -17.81 -23.60 -11.48
CA ASP A 118 -16.78 -24.62 -11.63
C ASP A 118 -17.39 -25.84 -12.32
N SER A 119 -16.58 -26.50 -13.12
CA SER A 119 -17.01 -27.69 -13.85
C SER A 119 -16.08 -27.95 -15.03
N GLU A 120 -15.48 -26.87 -15.53
CA GLU A 120 -14.56 -26.99 -16.65
C GLU A 120 -15.26 -27.66 -17.83
N THR A 121 -14.88 -27.21 -19.03
CA THR A 121 -15.45 -27.76 -20.24
C THR A 121 -14.53 -27.50 -21.44
N ARG A 122 -14.55 -28.43 -22.38
CA ARG A 122 -13.72 -28.32 -23.56
C ARG A 122 -14.28 -29.19 -24.69
N SER A 123 -14.95 -28.53 -25.62
CA SER A 123 -15.54 -29.23 -26.75
C SER A 123 -15.14 -28.56 -28.06
N MET A 124 -15.39 -29.25 -29.16
CA MET A 124 -15.05 -28.73 -30.47
C MET A 124 -16.20 -28.97 -31.46
N VAL A 125 -16.26 -28.09 -32.46
CA VAL A 125 -17.30 -28.20 -33.47
C VAL A 125 -16.65 -28.19 -34.86
N SER A 126 -16.51 -29.38 -35.42
CA SER A 126 -15.92 -29.52 -36.75
C SER A 126 -16.93 -30.13 -37.71
N GLY A 127 -16.74 -29.81 -38.99
CA GLY A 127 -17.63 -30.31 -40.03
C GLY A 127 -16.86 -30.56 -41.33
N PRO A 128 -16.83 -31.86 -41.73
CA PRO A 128 -16.13 -32.25 -42.95
C PRO A 128 -16.94 -31.86 -44.19
N SER A 129 -16.41 -32.21 -45.34
CA SER A 129 -17.06 -31.91 -46.60
C SER A 129 -16.69 -32.94 -47.66
N SER A 130 -17.26 -32.77 -48.84
CA SER A 130 -16.99 -33.68 -49.94
C SER A 130 -17.40 -35.10 -49.56
N GLY A 131 -17.67 -35.90 -50.59
CA GLY A 131 -18.08 -37.28 -50.37
C GLY A 131 -17.60 -38.17 -51.51
N GLY A 1 -14.49 -8.97 -26.31
CA GLY A 1 -13.90 -9.15 -24.99
C GLY A 1 -14.98 -9.34 -23.93
N SER A 2 -14.54 -9.79 -22.75
CA SER A 2 -15.45 -10.02 -21.65
C SER A 2 -14.70 -9.95 -20.32
N SER A 3 -14.60 -8.74 -19.81
CA SER A 3 -13.91 -8.51 -18.55
C SER A 3 -14.84 -7.80 -17.56
N GLY A 4 -14.76 -8.23 -16.31
CA GLY A 4 -15.58 -7.65 -15.27
C GLY A 4 -14.96 -7.88 -13.88
N SER A 5 -15.14 -6.90 -13.02
CA SER A 5 -14.61 -7.00 -11.67
C SER A 5 -13.07 -7.07 -11.71
N SER A 6 -12.45 -6.01 -11.23
CA SER A 6 -11.00 -5.94 -11.21
C SER A 6 -10.47 -6.53 -9.89
N GLY A 7 -9.15 -6.63 -9.82
CA GLY A 7 -8.51 -7.18 -8.65
C GLY A 7 -7.47 -6.20 -8.07
N PRO A 8 -7.26 -6.31 -6.74
CA PRO A 8 -6.30 -5.44 -6.07
C PRO A 8 -4.87 -5.86 -6.37
N ASN A 9 -3.94 -5.39 -5.54
CA ASN A 9 -2.54 -5.71 -5.72
C ASN A 9 -1.78 -5.41 -4.42
N TYR A 10 -2.11 -4.26 -3.84
CA TYR A 10 -1.48 -3.84 -2.59
C TYR A 10 -2.52 -3.46 -1.55
N ARG A 11 -2.12 -3.57 -0.29
CA ARG A 11 -3.01 -3.24 0.80
C ARG A 11 -2.68 -1.84 1.35
N TRP A 12 -3.74 -1.17 1.81
CA TRP A 12 -3.58 0.17 2.35
C TRP A 12 -4.72 0.41 3.34
N THR A 13 -4.41 1.18 4.37
CA THR A 13 -5.39 1.48 5.40
C THR A 13 -5.23 2.93 5.86
N GLN A 14 -5.98 3.27 6.91
CA GLN A 14 -5.93 4.61 7.46
C GLN A 14 -6.86 4.73 8.67
N THR A 15 -6.54 5.68 9.54
CA THR A 15 -7.34 5.89 10.73
C THR A 15 -7.87 7.32 10.76
N LEU A 16 -8.25 7.81 9.59
CA LEU A 16 -8.78 9.16 9.48
C LEU A 16 -7.68 10.16 9.84
N ALA A 17 -6.46 9.66 9.90
CA ALA A 17 -5.33 10.50 10.23
C ALA A 17 -4.12 10.10 9.36
N GLU A 18 -3.63 8.90 9.62
CA GLU A 18 -2.48 8.39 8.89
C GLU A 18 -2.94 7.35 7.85
N LEU A 19 -2.12 7.19 6.82
CA LEU A 19 -2.42 6.25 5.77
C LEU A 19 -1.34 5.17 5.73
N ASP A 20 -1.77 3.94 5.94
CA ASP A 20 -0.85 2.81 5.94
C ASP A 20 -0.91 2.12 4.57
N LEU A 21 0.26 1.69 4.10
CA LEU A 21 0.35 1.02 2.82
C LEU A 21 1.33 -0.15 2.93
N ALA A 22 0.98 -1.24 2.25
CA ALA A 22 1.80 -2.43 2.27
C ALA A 22 1.73 -3.12 0.91
N VAL A 23 2.89 -3.26 0.28
CA VAL A 23 2.97 -3.90 -1.01
C VAL A 23 3.96 -5.05 -0.95
N PRO A 24 3.40 -6.30 -0.89
CA PRO A 24 4.23 -7.49 -0.83
C PRO A 24 4.84 -7.80 -2.19
N PHE A 25 6.12 -8.19 -2.16
CA PHE A 25 6.82 -8.52 -3.38
C PHE A 25 7.30 -9.97 -3.36
N ARG A 26 7.30 -10.58 -4.54
CA ARG A 26 7.74 -11.96 -4.67
C ARG A 26 9.25 -12.03 -4.85
N VAL A 27 9.96 -12.02 -3.73
CA VAL A 27 11.41 -12.08 -3.75
C VAL A 27 11.87 -13.25 -2.89
N SER A 28 13.12 -13.65 -3.12
CA SER A 28 13.69 -14.76 -2.38
C SER A 28 14.74 -14.23 -1.39
N PHE A 29 14.73 -12.92 -1.20
CA PHE A 29 15.66 -12.27 -0.29
C PHE A 29 14.98 -11.15 0.48
N ARG A 30 15.65 -10.71 1.55
CA ARG A 30 15.14 -9.64 2.37
C ARG A 30 15.39 -8.29 1.72
N LEU A 31 14.35 -7.76 1.08
CA LEU A 31 14.46 -6.49 0.41
C LEU A 31 14.97 -5.43 1.39
N LYS A 32 15.91 -4.63 0.91
CA LYS A 32 16.50 -3.59 1.72
C LYS A 32 16.01 -2.23 1.24
N GLY A 33 16.39 -1.20 1.98
CA GLY A 33 16.00 0.17 1.64
C GLY A 33 16.98 0.78 0.63
N LYS A 34 17.84 -0.08 0.10
CA LYS A 34 18.82 0.37 -0.88
C LYS A 34 18.50 -0.24 -2.24
N ASP A 35 17.36 -0.93 -2.30
CA ASP A 35 16.93 -1.56 -3.54
C ASP A 35 15.42 -1.38 -3.69
N VAL A 36 14.93 -0.24 -3.20
CA VAL A 36 13.51 0.06 -3.29
C VAL A 36 13.33 1.45 -3.89
N VAL A 37 12.07 1.76 -4.21
CA VAL A 37 11.75 3.05 -4.79
C VAL A 37 10.40 3.52 -4.26
N VAL A 38 10.45 4.43 -3.30
CA VAL A 38 9.24 4.97 -2.71
C VAL A 38 9.28 6.50 -2.76
N ASP A 39 8.48 7.04 -3.68
CA ASP A 39 8.42 8.49 -3.85
C ASP A 39 7.21 9.03 -3.09
N ILE A 40 7.47 9.53 -1.89
CA ILE A 40 6.42 10.08 -1.06
C ILE A 40 6.26 11.57 -1.37
N GLN A 41 5.12 11.91 -1.94
CA GLN A 41 4.83 13.30 -2.28
C GLN A 41 3.65 13.81 -1.47
N ARG A 42 3.22 15.01 -1.81
CA ARG A 42 2.10 15.63 -1.13
C ARG A 42 0.77 15.05 -1.63
N ARG A 43 0.73 14.81 -2.93
CA ARG A 43 -0.46 14.26 -3.55
C ARG A 43 -0.07 13.26 -4.65
N HIS A 44 0.71 12.27 -4.25
CA HIS A 44 1.16 11.25 -5.18
C HIS A 44 1.99 10.21 -4.44
N LEU A 45 1.78 8.95 -4.82
CA LEU A 45 2.50 7.85 -4.19
C LEU A 45 3.11 6.97 -5.28
N ARG A 46 4.44 6.84 -5.24
CA ARG A 46 5.14 6.03 -6.21
C ARG A 46 5.98 4.96 -5.50
N VAL A 47 5.59 3.71 -5.71
CA VAL A 47 6.30 2.60 -5.10
C VAL A 47 6.75 1.63 -6.19
N GLY A 48 7.81 0.90 -5.89
CA GLY A 48 8.36 -0.07 -6.83
C GLY A 48 9.77 -0.48 -6.44
N LEU A 49 10.19 -1.62 -6.96
CA LEU A 49 11.52 -2.13 -6.67
C LEU A 49 12.53 -1.47 -7.60
N LYS A 50 13.67 -1.10 -7.04
CA LYS A 50 14.72 -0.46 -7.81
C LYS A 50 14.90 -1.20 -9.13
N GLY A 51 14.96 -0.42 -10.20
CA GLY A 51 15.13 -0.99 -11.52
C GLY A 51 13.79 -1.46 -12.10
N GLN A 52 13.02 -2.10 -11.24
CA GLN A 52 11.72 -2.61 -11.64
C GLN A 52 10.71 -1.46 -11.76
N PRO A 53 9.52 -1.79 -12.33
CA PRO A 53 8.47 -0.80 -12.50
C PRO A 53 7.80 -0.47 -11.17
N PRO A 54 7.17 0.73 -11.12
CA PRO A 54 6.48 1.17 -9.93
C PRO A 54 5.15 0.43 -9.75
N VAL A 55 5.05 -0.31 -8.66
CA VAL A 55 3.84 -1.06 -8.36
C VAL A 55 2.77 -0.11 -7.82
N VAL A 56 3.14 1.17 -7.76
CA VAL A 56 2.22 2.18 -7.26
C VAL A 56 2.54 3.51 -7.94
N ASP A 57 1.49 4.14 -8.45
CA ASP A 57 1.63 5.42 -9.12
C ASP A 57 0.25 6.00 -9.42
N GLY A 58 -0.05 7.10 -8.73
CA GLY A 58 -1.34 7.75 -8.91
C GLY A 58 -1.50 8.92 -7.94
N GLU A 59 -2.35 9.87 -8.33
CA GLU A 59 -2.59 11.03 -7.50
C GLU A 59 -3.47 10.66 -6.30
N LEU A 60 -2.85 10.69 -5.12
CA LEU A 60 -3.56 10.35 -3.90
C LEU A 60 -4.94 11.02 -3.92
N TYR A 61 -5.81 10.53 -3.04
CA TYR A 61 -7.15 11.06 -2.94
C TYR A 61 -7.14 12.49 -2.37
N ASN A 62 -6.16 12.74 -1.52
CA ASN A 62 -6.02 14.06 -0.91
C ASN A 62 -4.56 14.29 -0.54
N GLU A 63 -4.24 15.55 -0.29
CA GLU A 63 -2.88 15.93 0.07
C GLU A 63 -2.44 15.17 1.33
N VAL A 64 -1.13 15.09 1.50
CA VAL A 64 -0.58 14.41 2.65
C VAL A 64 0.78 15.03 3.01
N LYS A 65 1.06 15.05 4.30
CA LYS A 65 2.32 15.62 4.78
C LYS A 65 3.47 14.69 4.39
N VAL A 66 4.36 15.22 3.55
CA VAL A 66 5.50 14.45 3.11
C VAL A 66 6.55 14.40 4.21
N GLU A 67 7.08 15.58 4.54
CA GLU A 67 8.08 15.69 5.58
C GLU A 67 7.72 14.80 6.77
N GLU A 68 6.42 14.58 6.93
CA GLU A 68 5.92 13.75 8.01
C GLU A 68 5.46 12.40 7.48
N SER A 69 6.29 11.82 6.62
CA SER A 69 5.98 10.53 6.04
C SER A 69 7.27 9.71 5.88
N SER A 70 7.08 8.40 5.74
CA SER A 70 8.21 7.50 5.58
C SER A 70 7.73 6.17 5.01
N TRP A 71 8.67 5.24 4.88
CA TRP A 71 8.37 3.93 4.35
C TRP A 71 9.44 2.95 4.85
N LEU A 72 9.10 1.67 4.78
CA LEU A 72 10.02 0.63 5.22
C LEU A 72 9.59 -0.71 4.62
N ILE A 73 10.39 -1.73 4.92
CA ILE A 73 10.10 -3.06 4.42
C ILE A 73 9.81 -4.00 5.60
N GLU A 74 8.62 -4.58 5.56
CA GLU A 74 8.21 -5.49 6.62
C GLU A 74 8.67 -6.91 6.31
N ASP A 75 9.22 -7.55 7.32
CA ASP A 75 9.71 -8.92 7.16
C ASP A 75 10.54 -9.01 5.89
N GLY A 76 11.08 -7.87 5.48
CA GLY A 76 11.91 -7.81 4.29
C GLY A 76 11.28 -8.64 3.15
N LYS A 77 10.06 -8.27 2.80
CA LYS A 77 9.35 -8.96 1.75
C LYS A 77 8.33 -8.01 1.12
N VAL A 78 7.64 -7.27 1.98
CA VAL A 78 6.65 -6.32 1.53
C VAL A 78 7.09 -4.90 1.89
N VAL A 79 6.76 -3.97 1.00
CA VAL A 79 7.12 -2.58 1.21
C VAL A 79 5.97 -1.87 1.94
N THR A 80 6.33 -1.15 2.99
CA THR A 80 5.34 -0.43 3.77
C THR A 80 5.61 1.08 3.70
N VAL A 81 4.52 1.84 3.60
CA VAL A 81 4.62 3.29 3.52
C VAL A 81 3.71 3.91 4.57
N HIS A 82 4.15 5.07 5.06
CA HIS A 82 3.39 5.78 6.08
C HIS A 82 3.05 7.18 5.57
N LEU A 83 1.78 7.38 5.25
CA LEU A 83 1.31 8.66 4.76
C LEU A 83 0.58 9.39 5.87
N GLU A 84 0.79 10.70 5.92
CA GLU A 84 0.16 11.53 6.93
C GLU A 84 -0.78 12.54 6.27
N LYS A 85 -2.05 12.45 6.66
CA LYS A 85 -3.06 13.35 6.11
C LYS A 85 -2.76 14.78 6.57
N ILE A 86 -3.26 15.73 5.80
CA ILE A 86 -3.06 17.14 6.12
C ILE A 86 -4.15 17.60 7.09
N ASN A 87 -5.38 17.26 6.74
CA ASN A 87 -6.52 17.63 7.56
C ASN A 87 -6.83 16.49 8.54
N LYS A 88 -6.44 15.29 8.13
CA LYS A 88 -6.67 14.11 8.95
C LYS A 88 -8.07 14.20 9.57
N MET A 89 -9.07 13.94 8.73
CA MET A 89 -10.45 13.99 9.18
C MET A 89 -11.38 13.33 8.16
N GLU A 90 -11.10 13.60 6.90
CA GLU A 90 -11.89 13.04 5.81
C GLU A 90 -11.39 11.64 5.45
N TRP A 91 -12.35 10.73 5.25
CA TRP A 91 -12.01 9.37 4.90
C TRP A 91 -11.85 9.29 3.38
N TRP A 92 -10.79 8.63 2.96
CA TRP A 92 -10.51 8.48 1.54
C TRP A 92 -11.38 7.35 1.01
N ASN A 93 -11.67 7.43 -0.29
CA ASN A 93 -12.50 6.43 -0.93
C ASN A 93 -11.62 5.51 -1.78
N ARG A 94 -10.41 5.99 -2.04
CA ARG A 94 -9.46 5.23 -2.83
C ARG A 94 -8.04 5.78 -2.63
N LEU A 95 -7.13 4.85 -2.36
CA LEU A 95 -5.74 5.22 -2.14
C LEU A 95 -5.34 6.29 -3.14
N VAL A 96 -5.47 5.95 -4.42
CA VAL A 96 -5.13 6.87 -5.49
C VAL A 96 -6.35 7.07 -6.39
N THR A 97 -6.45 8.28 -6.92
CA THR A 97 -7.56 8.62 -7.80
C THR A 97 -7.41 7.90 -9.14
N SER A 98 -6.17 7.75 -9.57
CA SER A 98 -5.88 7.09 -10.83
C SER A 98 -4.88 5.95 -10.61
N ASP A 99 -5.38 4.74 -10.72
CA ASP A 99 -4.54 3.56 -10.52
C ASP A 99 -3.83 3.24 -11.84
N PRO A 100 -2.73 2.45 -11.72
CA PRO A 100 -1.94 2.06 -12.88
C PRO A 100 -2.67 0.98 -13.68
N GLU A 101 -1.87 0.07 -14.22
CA GLU A 101 -2.42 -1.03 -15.02
C GLU A 101 -1.85 -2.37 -14.54
N ILE A 102 -0.65 -2.67 -15.02
CA ILE A 102 0.00 -3.91 -14.65
C ILE A 102 0.56 -3.79 -13.23
N ASN A 103 0.82 -4.94 -12.62
CA ASN A 103 1.35 -4.97 -11.28
C ASN A 103 2.83 -5.36 -11.33
N THR A 104 3.10 -6.38 -12.13
CA THR A 104 4.47 -6.86 -12.28
C THR A 104 4.56 -7.86 -13.43
N LYS A 105 5.71 -8.52 -13.51
CA LYS A 105 5.93 -9.50 -14.56
C LYS A 105 6.78 -10.65 -14.00
N LYS A 106 7.14 -11.56 -14.89
CA LYS A 106 7.95 -12.71 -14.51
C LYS A 106 9.42 -12.30 -14.50
N ILE A 107 9.81 -11.60 -13.44
CA ILE A 107 11.19 -11.15 -13.31
C ILE A 107 12.13 -12.22 -13.86
N ASN A 108 12.40 -13.22 -13.03
CA ASN A 108 13.27 -14.31 -13.43
C ASN A 108 13.37 -15.31 -12.28
N PRO A 109 13.72 -16.58 -12.66
CA PRO A 109 13.85 -17.64 -11.67
C PRO A 109 15.15 -17.49 -10.88
N GLU A 110 16.24 -17.36 -11.61
CA GLU A 110 17.54 -17.22 -10.99
C GLU A 110 18.40 -16.22 -11.78
N ASN A 111 18.34 -14.97 -11.36
CA ASN A 111 19.09 -13.92 -12.01
C ASN A 111 20.26 -13.50 -11.12
N SER A 112 19.99 -13.51 -9.82
CA SER A 112 21.01 -13.13 -8.85
C SER A 112 21.56 -11.74 -9.17
N LYS A 113 22.30 -11.20 -8.23
CA LYS A 113 22.89 -9.87 -8.39
C LYS A 113 24.25 -9.84 -7.71
N LEU A 114 25.14 -9.02 -8.27
CA LEU A 114 26.47 -8.88 -7.73
C LEU A 114 26.82 -7.40 -7.59
N SER A 115 26.52 -6.86 -6.42
CA SER A 115 26.78 -5.46 -6.15
C SER A 115 27.40 -5.30 -4.76
N ASP A 116 28.68 -5.61 -4.67
CA ASP A 116 29.39 -5.51 -3.42
C ASP A 116 30.68 -4.72 -3.63
N LEU A 117 30.55 -3.39 -3.51
CA LEU A 117 31.69 -2.51 -3.69
C LEU A 117 32.50 -2.47 -2.39
N ASP A 118 33.57 -1.69 -2.42
CA ASP A 118 34.44 -1.55 -1.27
C ASP A 118 33.58 -1.34 -0.02
N SER A 119 33.71 -2.26 0.92
CA SER A 119 32.96 -2.18 2.16
C SER A 119 33.91 -2.29 3.35
N GLU A 120 33.43 -2.97 4.39
CA GLU A 120 34.22 -3.16 5.60
C GLU A 120 34.46 -4.65 5.85
N THR A 121 34.61 -4.99 7.12
CA THR A 121 34.86 -6.37 7.50
C THR A 121 33.72 -6.88 8.38
N ARG A 122 33.58 -8.20 8.42
CA ARG A 122 32.54 -8.83 9.20
C ARG A 122 32.91 -10.28 9.50
N SER A 123 32.15 -10.88 10.40
CA SER A 123 32.37 -12.27 10.78
C SER A 123 31.05 -12.95 11.10
N MET A 124 31.11 -14.27 11.25
CA MET A 124 29.92 -15.04 11.55
C MET A 124 30.27 -16.24 12.43
N VAL A 125 29.28 -17.10 12.63
CA VAL A 125 29.47 -18.29 13.45
C VAL A 125 28.28 -19.25 13.23
N SER A 126 28.56 -20.32 12.51
CA SER A 126 27.54 -21.31 12.22
C SER A 126 28.10 -22.71 12.45
N GLY A 127 27.38 -23.48 13.25
CA GLY A 127 27.78 -24.83 13.55
C GLY A 127 26.63 -25.82 13.35
N PRO A 128 26.85 -26.78 12.41
CA PRO A 128 25.84 -27.78 12.11
C PRO A 128 25.75 -28.82 13.22
N SER A 129 24.82 -29.76 13.05
CA SER A 129 24.63 -30.82 14.02
C SER A 129 24.52 -32.17 13.32
N SER A 130 24.69 -33.22 14.10
CA SER A 130 24.61 -34.57 13.55
C SER A 130 23.81 -35.47 14.50
N GLY A 131 23.52 -36.67 14.03
CA GLY A 131 22.77 -37.63 14.82
C GLY A 131 22.70 -38.98 14.12
N GLY A 1 7.59 -22.39 -5.09
CA GLY A 1 6.59 -21.35 -4.98
C GLY A 1 5.75 -21.25 -6.25
N SER A 2 4.62 -20.58 -6.13
CA SER A 2 3.72 -20.41 -7.25
C SER A 2 2.64 -19.38 -6.92
N SER A 3 2.00 -18.87 -7.96
CA SER A 3 0.94 -17.89 -7.78
C SER A 3 0.37 -17.49 -9.15
N GLY A 4 -0.79 -16.86 -9.10
CA GLY A 4 -1.45 -16.41 -10.32
C GLY A 4 -1.36 -14.90 -10.47
N SER A 5 -2.30 -14.35 -11.23
CA SER A 5 -2.34 -12.91 -11.46
C SER A 5 -3.79 -12.46 -11.66
N SER A 6 -4.36 -11.96 -10.58
CA SER A 6 -5.74 -11.48 -10.61
C SER A 6 -6.15 -10.96 -9.23
N GLY A 7 -7.02 -9.96 -9.24
CA GLY A 7 -7.49 -9.37 -8.00
C GLY A 7 -6.80 -8.02 -7.74
N PRO A 8 -6.51 -7.78 -6.44
CA PRO A 8 -5.86 -6.54 -6.03
C PRO A 8 -4.37 -6.57 -6.40
N ASN A 9 -3.63 -5.67 -5.78
CA ASN A 9 -2.20 -5.58 -6.02
C ASN A 9 -1.48 -5.30 -4.70
N TYR A 10 -2.01 -4.35 -3.96
CA TYR A 10 -1.43 -3.98 -2.68
C TYR A 10 -2.51 -3.53 -1.69
N ARG A 11 -2.15 -3.57 -0.41
CA ARG A 11 -3.08 -3.18 0.64
C ARG A 11 -2.76 -1.76 1.12
N TRP A 12 -3.79 -1.09 1.60
CA TRP A 12 -3.64 0.27 2.09
C TRP A 12 -4.82 0.58 3.02
N THR A 13 -4.50 1.11 4.18
CA THR A 13 -5.52 1.45 5.16
C THR A 13 -5.33 2.88 5.66
N GLN A 14 -6.01 3.19 6.75
CA GLN A 14 -5.92 4.52 7.35
C GLN A 14 -6.78 4.59 8.61
N THR A 15 -6.59 5.68 9.35
CA THR A 15 -7.34 5.88 10.58
C THR A 15 -7.76 7.35 10.70
N LEU A 16 -8.54 7.79 9.72
CA LEU A 16 -9.03 9.17 9.72
C LEU A 16 -7.88 10.10 10.12
N ALA A 17 -6.67 9.68 9.80
CA ALA A 17 -5.49 10.47 10.11
C ALA A 17 -4.30 9.92 9.34
N GLU A 18 -3.68 8.89 9.90
CA GLU A 18 -2.52 8.27 9.26
C GLU A 18 -2.97 7.28 8.19
N LEU A 19 -2.08 7.04 7.24
CA LEU A 19 -2.38 6.12 6.16
C LEU A 19 -1.33 5.00 6.16
N ASP A 20 -1.82 3.77 6.15
CA ASP A 20 -0.94 2.61 6.14
C ASP A 20 -0.99 1.94 4.76
N LEU A 21 0.15 1.41 4.35
CA LEU A 21 0.23 0.74 3.06
C LEU A 21 1.29 -0.36 3.14
N ALA A 22 1.04 -1.44 2.41
CA ALA A 22 1.96 -2.57 2.39
C ALA A 22 1.95 -3.19 0.99
N VAL A 23 3.13 -3.16 0.36
CA VAL A 23 3.27 -3.72 -0.97
C VAL A 23 4.16 -4.96 -0.91
N PRO A 24 3.50 -6.15 -0.91
CA PRO A 24 4.23 -7.40 -0.85
C PRO A 24 4.88 -7.72 -2.20
N PHE A 25 6.20 -7.89 -2.16
CA PHE A 25 6.96 -8.20 -3.36
C PHE A 25 7.46 -9.64 -3.33
N ARG A 26 7.35 -10.29 -4.48
CA ARG A 26 7.80 -11.67 -4.61
C ARG A 26 9.32 -11.73 -4.75
N VAL A 27 9.99 -11.69 -3.61
CA VAL A 27 11.44 -11.73 -3.59
C VAL A 27 11.90 -12.87 -2.67
N SER A 28 13.10 -13.36 -2.96
CA SER A 28 13.66 -14.45 -2.18
C SER A 28 14.72 -13.90 -1.21
N PHE A 29 14.76 -12.58 -1.10
CA PHE A 29 15.72 -11.93 -0.23
C PHE A 29 15.06 -10.76 0.51
N ARG A 30 15.77 -10.27 1.52
CA ARG A 30 15.28 -9.16 2.32
C ARG A 30 15.52 -7.83 1.58
N LEU A 31 14.43 -7.22 1.16
CA LEU A 31 14.52 -5.96 0.45
C LEU A 31 14.96 -4.85 1.42
N LYS A 32 16.15 -4.33 1.17
CA LYS A 32 16.69 -3.28 2.02
C LYS A 32 16.19 -1.93 1.53
N GLY A 33 16.24 -0.94 2.41
CA GLY A 33 15.80 0.40 2.09
C GLY A 33 16.82 1.11 1.20
N LYS A 34 17.21 0.43 0.14
CA LYS A 34 18.18 0.99 -0.79
C LYS A 34 17.83 0.56 -2.22
N ASP A 35 17.49 -0.70 -2.35
CA ASP A 35 17.11 -1.24 -3.65
C ASP A 35 15.61 -1.07 -3.86
N VAL A 36 15.03 -0.21 -3.05
CA VAL A 36 13.60 0.06 -3.13
C VAL A 36 13.39 1.48 -3.63
N VAL A 37 12.14 1.78 -3.98
CA VAL A 37 11.79 3.10 -4.46
C VAL A 37 10.38 3.45 -4.00
N VAL A 38 10.29 4.56 -3.26
CA VAL A 38 9.02 5.02 -2.75
C VAL A 38 9.01 6.55 -2.70
N ASP A 39 8.51 7.14 -3.77
CA ASP A 39 8.45 8.59 -3.87
C ASP A 39 7.19 9.09 -3.14
N ILE A 40 7.40 9.55 -1.91
CA ILE A 40 6.30 10.05 -1.11
C ILE A 40 6.14 11.56 -1.35
N GLN A 41 5.28 11.88 -2.32
CA GLN A 41 5.03 13.27 -2.65
C GLN A 41 3.78 13.78 -1.94
N ARG A 42 3.57 15.08 -2.02
CA ARG A 42 2.42 15.70 -1.40
C ARG A 42 1.15 14.89 -1.70
N ARG A 43 0.90 14.70 -2.98
CA ARG A 43 -0.26 13.94 -3.41
C ARG A 43 0.12 12.98 -4.53
N HIS A 44 1.15 12.20 -4.28
CA HIS A 44 1.63 11.24 -5.26
C HIS A 44 2.48 10.17 -4.57
N LEU A 45 2.19 8.92 -4.90
CA LEU A 45 2.91 7.80 -4.32
C LEU A 45 3.42 6.89 -5.44
N ARG A 46 4.74 6.88 -5.60
CA ARG A 46 5.36 6.07 -6.63
C ARG A 46 6.27 5.02 -5.98
N VAL A 47 5.93 3.77 -6.21
CA VAL A 47 6.70 2.67 -5.67
C VAL A 47 6.91 1.61 -6.76
N GLY A 48 8.18 1.30 -7.00
CA GLY A 48 8.52 0.31 -8.00
C GLY A 48 9.95 -0.21 -7.79
N LEU A 49 10.04 -1.26 -6.99
CA LEU A 49 11.33 -1.86 -6.70
C LEU A 49 12.35 -1.44 -7.77
N LYS A 50 13.43 -0.85 -7.30
CA LYS A 50 14.49 -0.39 -8.20
C LYS A 50 14.69 -1.43 -9.31
N GLY A 51 14.51 -0.98 -10.54
CA GLY A 51 14.68 -1.85 -11.69
C GLY A 51 13.33 -2.42 -12.14
N GLN A 52 12.48 -2.68 -11.16
CA GLN A 52 11.16 -3.22 -11.44
C GLN A 52 10.16 -2.09 -11.70
N PRO A 53 8.96 -2.48 -12.20
CA PRO A 53 7.91 -1.52 -12.49
C PRO A 53 7.25 -1.02 -11.20
N PRO A 54 6.76 0.24 -11.25
CA PRO A 54 6.10 0.83 -10.10
C PRO A 54 4.70 0.26 -9.91
N VAL A 55 4.56 -0.56 -8.88
CA VAL A 55 3.28 -1.18 -8.59
C VAL A 55 2.33 -0.15 -8.00
N VAL A 56 2.88 1.05 -7.78
CA VAL A 56 2.10 2.13 -7.22
C VAL A 56 2.47 3.44 -7.93
N ASP A 57 1.50 4.00 -8.63
CA ASP A 57 1.70 5.24 -9.35
C ASP A 57 0.35 5.88 -9.66
N GLY A 58 -0.05 6.78 -8.78
CA GLY A 58 -1.31 7.47 -8.93
C GLY A 58 -1.43 8.64 -7.95
N GLU A 59 -2.12 9.68 -8.40
CA GLU A 59 -2.30 10.86 -7.58
C GLU A 59 -3.14 10.53 -6.34
N LEU A 60 -2.54 10.73 -5.18
CA LEU A 60 -3.22 10.45 -3.93
C LEU A 60 -4.59 11.16 -3.93
N TYR A 61 -5.44 10.71 -3.02
CA TYR A 61 -6.77 11.28 -2.89
C TYR A 61 -6.71 12.70 -2.32
N ASN A 62 -5.76 12.90 -1.42
CA ASN A 62 -5.59 14.20 -0.79
C ASN A 62 -4.14 14.34 -0.32
N GLU A 63 -3.68 15.59 -0.28
CA GLU A 63 -2.33 15.88 0.14
C GLU A 63 -2.00 15.13 1.44
N VAL A 64 -0.72 14.89 1.64
CA VAL A 64 -0.27 14.19 2.84
C VAL A 64 1.10 14.73 3.25
N LYS A 65 1.21 15.08 4.53
CA LYS A 65 2.45 15.61 5.05
C LYS A 65 3.59 14.63 4.73
N VAL A 66 4.34 14.96 3.69
CA VAL A 66 5.45 14.13 3.27
C VAL A 66 6.62 14.32 4.25
N GLU A 67 6.59 15.45 4.93
CA GLU A 67 7.64 15.76 5.89
C GLU A 67 7.50 14.87 7.13
N GLU A 68 6.37 14.19 7.21
CA GLU A 68 6.12 13.29 8.33
C GLU A 68 5.88 11.88 7.83
N SER A 69 5.88 11.73 6.51
CA SER A 69 5.67 10.43 5.90
C SER A 69 6.96 9.60 5.97
N SER A 70 6.78 8.29 6.04
CA SER A 70 7.91 7.38 6.12
C SER A 70 7.49 5.98 5.67
N TRP A 71 8.33 5.38 4.84
CA TRP A 71 8.05 4.04 4.33
C TRP A 71 9.17 3.12 4.82
N LEU A 72 8.85 1.83 4.85
CA LEU A 72 9.81 0.83 5.30
C LEU A 72 9.45 -0.52 4.69
N ILE A 73 10.24 -1.51 5.03
CA ILE A 73 10.02 -2.87 4.53
C ILE A 73 9.74 -3.80 5.70
N GLU A 74 8.65 -4.54 5.57
CA GLU A 74 8.26 -5.48 6.60
C GLU A 74 8.62 -6.91 6.20
N ASP A 75 9.24 -7.62 7.13
CA ASP A 75 9.65 -8.99 6.89
C ASP A 75 10.54 -9.04 5.64
N GLY A 76 11.04 -7.86 5.27
CA GLY A 76 11.91 -7.76 4.11
C GLY A 76 11.30 -8.49 2.90
N LYS A 77 9.99 -8.33 2.75
CA LYS A 77 9.29 -8.97 1.66
C LYS A 77 8.29 -7.97 1.06
N VAL A 78 7.60 -7.26 1.95
CA VAL A 78 6.62 -6.28 1.52
C VAL A 78 7.08 -4.88 1.94
N VAL A 79 6.83 -3.92 1.08
CA VAL A 79 7.21 -2.54 1.34
C VAL A 79 6.02 -1.79 1.95
N THR A 80 6.25 -1.25 3.13
CA THR A 80 5.21 -0.50 3.83
C THR A 80 5.43 1.00 3.66
N VAL A 81 4.33 1.73 3.66
CA VAL A 81 4.39 3.18 3.51
C VAL A 81 3.47 3.83 4.55
N HIS A 82 4.01 4.88 5.17
CA HIS A 82 3.25 5.59 6.20
C HIS A 82 2.99 7.03 5.72
N LEU A 83 1.80 7.23 5.20
CA LEU A 83 1.40 8.55 4.71
C LEU A 83 0.74 9.34 5.85
N GLU A 84 1.00 10.63 5.86
CA GLU A 84 0.44 11.50 6.88
C GLU A 84 -0.55 12.48 6.25
N LYS A 85 -1.76 12.49 6.80
CA LYS A 85 -2.81 13.37 6.30
C LYS A 85 -2.50 14.80 6.74
N ILE A 86 -2.61 15.72 5.78
CA ILE A 86 -2.36 17.12 6.06
C ILE A 86 -3.29 17.60 7.18
N ASN A 87 -4.58 17.48 6.93
CA ASN A 87 -5.58 17.89 7.90
C ASN A 87 -5.93 16.70 8.80
N LYS A 88 -5.62 15.51 8.29
CA LYS A 88 -5.90 14.29 9.04
C LYS A 88 -7.28 14.39 9.68
N MET A 89 -8.30 14.32 8.84
CA MET A 89 -9.67 14.39 9.30
C MET A 89 -10.66 14.08 8.18
N GLU A 90 -10.32 13.04 7.42
CA GLU A 90 -11.16 12.63 6.32
C GLU A 90 -10.71 11.26 5.78
N TRP A 91 -11.69 10.40 5.52
CA TRP A 91 -11.40 9.08 5.01
C TRP A 91 -11.21 9.18 3.49
N TRP A 92 -10.28 8.37 2.99
CA TRP A 92 -9.99 8.36 1.57
C TRP A 92 -10.89 7.31 0.91
N ASN A 93 -11.43 7.67 -0.24
CA ASN A 93 -12.29 6.77 -0.98
C ASN A 93 -11.45 5.92 -1.94
N ARG A 94 -10.21 6.35 -2.10
CA ARG A 94 -9.28 5.64 -2.98
C ARG A 94 -7.88 6.22 -2.85
N LEU A 95 -6.97 5.39 -2.36
CA LEU A 95 -5.59 5.79 -2.18
C LEU A 95 -5.17 6.69 -3.34
N VAL A 96 -5.30 6.16 -4.55
CA VAL A 96 -4.95 6.90 -5.75
C VAL A 96 -6.18 7.03 -6.65
N THR A 97 -6.19 8.10 -7.43
CA THR A 97 -7.29 8.35 -8.34
C THR A 97 -7.15 7.51 -9.61
N SER A 98 -5.90 7.21 -9.94
CA SER A 98 -5.61 6.41 -11.12
C SER A 98 -4.47 5.44 -10.83
N ASP A 99 -4.83 4.17 -10.69
CA ASP A 99 -3.85 3.14 -10.41
C ASP A 99 -3.14 2.75 -11.71
N PRO A 100 -1.93 2.15 -11.53
CA PRO A 100 -1.14 1.73 -12.68
C PRO A 100 -1.72 0.47 -13.32
N GLU A 101 -1.51 -0.65 -12.62
CA GLU A 101 -2.01 -1.92 -13.11
C GLU A 101 -3.41 -1.77 -13.70
N ILE A 102 -4.34 -1.37 -12.84
CA ILE A 102 -5.72 -1.18 -13.26
C ILE A 102 -6.00 0.32 -13.35
N ASN A 103 -7.10 0.64 -14.03
CA ASN A 103 -7.50 2.02 -14.20
C ASN A 103 -8.78 2.27 -13.42
N THR A 104 -9.79 1.47 -13.70
CA THR A 104 -11.07 1.59 -13.04
C THR A 104 -11.52 3.06 -13.00
N LYS A 105 -12.51 3.32 -12.17
CA LYS A 105 -13.04 4.66 -12.04
C LYS A 105 -13.10 5.32 -13.42
N LYS A 106 -14.10 4.91 -14.19
CA LYS A 106 -14.28 5.45 -15.52
C LYS A 106 -14.15 6.98 -15.48
N ILE A 107 -13.98 7.56 -16.65
CA ILE A 107 -13.85 9.01 -16.76
C ILE A 107 -14.94 9.68 -15.94
N ASN A 108 -16.17 9.53 -16.40
CA ASN A 108 -17.31 10.12 -15.73
C ASN A 108 -17.64 9.28 -14.48
N PRO A 109 -18.22 9.98 -13.46
CA PRO A 109 -18.57 9.31 -12.21
C PRO A 109 -19.83 8.47 -12.41
N GLU A 110 -20.88 9.12 -12.89
CA GLU A 110 -22.15 8.45 -13.11
C GLU A 110 -22.58 8.61 -14.58
N ASN A 111 -23.87 8.85 -14.75
CA ASN A 111 -24.42 9.02 -16.09
C ASN A 111 -25.39 10.20 -16.09
N SER A 112 -25.71 10.67 -17.29
CA SER A 112 -26.62 11.79 -17.44
C SER A 112 -28.06 11.32 -17.30
N LYS A 113 -28.98 12.28 -17.29
CA LYS A 113 -30.39 11.97 -17.17
C LYS A 113 -31.21 13.04 -17.88
N LEU A 114 -32.51 12.79 -17.99
CA LEU A 114 -33.40 13.72 -18.64
C LEU A 114 -34.73 13.76 -17.89
N SER A 115 -34.91 14.85 -17.13
CA SER A 115 -36.12 15.02 -16.36
C SER A 115 -37.10 15.93 -17.11
N ASP A 116 -37.78 15.33 -18.08
CA ASP A 116 -38.74 16.08 -18.87
C ASP A 116 -40.06 15.29 -18.94
N LEU A 117 -40.90 15.52 -17.95
CA LEU A 117 -42.18 14.84 -17.87
C LEU A 117 -43.30 15.88 -17.98
N ASP A 118 -44.12 15.71 -19.01
CA ASP A 118 -45.24 16.61 -19.24
C ASP A 118 -45.99 16.19 -20.49
N SER A 119 -47.24 16.62 -20.57
CA SER A 119 -48.08 16.29 -21.71
C SER A 119 -49.41 17.02 -21.61
N GLU A 120 -49.52 18.10 -22.37
CA GLU A 120 -50.74 18.90 -22.38
C GLU A 120 -50.94 19.55 -23.74
N THR A 121 -51.96 19.07 -24.45
CA THR A 121 -52.27 19.59 -25.76
C THR A 121 -53.64 20.27 -25.76
N ARG A 122 -53.73 21.37 -26.49
CA ARG A 122 -54.97 22.11 -26.58
C ARG A 122 -55.09 22.79 -27.95
N SER A 123 -56.31 22.80 -28.46
CA SER A 123 -56.56 23.41 -29.76
C SER A 123 -57.89 24.17 -29.72
N MET A 124 -58.03 25.08 -30.67
CA MET A 124 -59.24 25.88 -30.76
C MET A 124 -59.21 26.79 -31.99
N VAL A 125 -60.40 27.27 -32.37
CA VAL A 125 -60.52 28.14 -33.52
C VAL A 125 -61.93 28.72 -33.57
N SER A 126 -62.00 30.05 -33.54
CA SER A 126 -63.28 30.73 -33.58
C SER A 126 -63.13 32.07 -34.30
N GLY A 127 -64.25 32.57 -34.82
CA GLY A 127 -64.25 33.83 -35.52
C GLY A 127 -65.35 34.75 -34.99
N PRO A 128 -65.04 36.07 -34.97
CA PRO A 128 -65.99 37.06 -34.49
C PRO A 128 -67.09 37.30 -35.52
N SER A 129 -67.90 38.31 -35.24
CA SER A 129 -69.01 38.66 -36.12
C SER A 129 -69.49 40.08 -35.83
N SER A 130 -70.18 40.64 -36.81
CA SER A 130 -70.71 41.99 -36.67
C SER A 130 -72.07 42.10 -37.35
N GLY A 131 -72.73 43.21 -37.11
CA GLY A 131 -74.05 43.46 -37.69
C GLY A 131 -74.00 44.61 -38.70
N GLY A 1 1.36 -14.70 -20.41
CA GLY A 1 0.63 -13.44 -20.48
C GLY A 1 -0.18 -13.21 -19.19
N SER A 2 -0.94 -12.12 -19.20
CA SER A 2 -1.75 -11.78 -18.05
C SER A 2 -3.04 -11.08 -18.51
N SER A 3 -3.96 -10.94 -17.57
CA SER A 3 -5.23 -10.29 -17.87
C SER A 3 -5.25 -8.88 -17.29
N GLY A 4 -6.29 -8.14 -17.65
CA GLY A 4 -6.43 -6.76 -17.17
C GLY A 4 -7.67 -6.62 -16.30
N SER A 5 -7.62 -5.64 -15.42
CA SER A 5 -8.74 -5.37 -14.52
C SER A 5 -8.42 -4.19 -13.62
N SER A 6 -9.29 -3.97 -12.64
CA SER A 6 -9.12 -2.88 -11.70
C SER A 6 -8.64 -3.41 -10.35
N GLY A 7 -7.45 -2.96 -9.95
CA GLY A 7 -6.87 -3.39 -8.69
C GLY A 7 -5.55 -2.69 -8.43
N PRO A 8 -5.30 -2.37 -7.14
CA PRO A 8 -4.07 -1.70 -6.75
C PRO A 8 -2.89 -2.68 -6.76
N ASN A 9 -3.21 -3.94 -6.53
CA ASN A 9 -2.18 -4.97 -6.50
C ASN A 9 -1.45 -4.94 -5.16
N TYR A 10 -2.09 -4.28 -4.20
CA TYR A 10 -1.49 -4.16 -2.88
C TYR A 10 -2.56 -3.78 -1.85
N ARG A 11 -2.19 -3.92 -0.58
CA ARG A 11 -3.10 -3.59 0.51
C ARG A 11 -2.73 -2.23 1.12
N TRP A 12 -3.73 -1.59 1.70
CA TRP A 12 -3.52 -0.29 2.31
C TRP A 12 -4.65 -0.07 3.33
N THR A 13 -4.35 0.77 4.31
CA THR A 13 -5.33 1.07 5.35
C THR A 13 -5.14 2.51 5.83
N GLN A 14 -5.63 2.76 7.05
CA GLN A 14 -5.54 4.09 7.63
C GLN A 14 -6.38 4.15 8.91
N THR A 15 -6.34 5.32 9.55
CA THR A 15 -7.08 5.53 10.78
C THR A 15 -7.64 6.95 10.82
N LEU A 16 -8.28 7.33 9.71
CA LEU A 16 -8.87 8.66 9.61
C LEU A 16 -7.86 9.71 10.10
N ALA A 17 -6.59 9.35 9.99
CA ALA A 17 -5.52 10.24 10.41
C ALA A 17 -4.30 10.02 9.53
N GLU A 18 -3.74 8.81 9.63
CA GLU A 18 -2.57 8.46 8.85
C GLU A 18 -2.93 7.42 7.80
N LEU A 19 -2.03 7.25 6.83
CA LEU A 19 -2.24 6.30 5.76
C LEU A 19 -1.36 5.07 6.01
N ASP A 20 -1.77 3.96 5.39
CA ASP A 20 -1.04 2.72 5.54
C ASP A 20 -1.08 1.95 4.21
N LEU A 21 0.12 1.66 3.71
CA LEU A 21 0.23 0.94 2.45
C LEU A 21 1.27 -0.18 2.60
N ALA A 22 1.03 -1.27 1.89
CA ALA A 22 1.93 -2.41 1.94
C ALA A 22 1.98 -3.07 0.56
N VAL A 23 3.20 -3.30 0.10
CA VAL A 23 3.40 -3.92 -1.20
C VAL A 23 4.32 -5.13 -1.04
N PRO A 24 3.69 -6.34 -1.01
CA PRO A 24 4.44 -7.57 -0.86
C PRO A 24 5.16 -7.94 -2.17
N PHE A 25 6.47 -8.02 -2.08
CA PHE A 25 7.28 -8.36 -3.24
C PHE A 25 7.73 -9.82 -3.18
N ARG A 26 7.29 -10.58 -4.18
CA ARG A 26 7.64 -11.99 -4.26
C ARG A 26 9.16 -12.16 -4.44
N VAL A 27 9.85 -12.16 -3.32
CA VAL A 27 11.30 -12.31 -3.34
C VAL A 27 11.71 -13.40 -2.34
N SER A 28 13.01 -13.61 -2.24
CA SER A 28 13.55 -14.61 -1.33
C SER A 28 14.57 -13.97 -0.39
N PHE A 29 14.74 -12.66 -0.55
CA PHE A 29 15.68 -11.92 0.28
C PHE A 29 14.99 -10.76 0.99
N ARG A 30 15.77 -10.04 1.77
CA ARG A 30 15.25 -8.90 2.52
C ARG A 30 15.55 -7.60 1.77
N LEU A 31 14.52 -7.08 1.13
CA LEU A 31 14.66 -5.84 0.38
C LEU A 31 15.29 -4.77 1.27
N LYS A 32 16.42 -4.25 0.81
CA LYS A 32 17.13 -3.23 1.55
C LYS A 32 16.64 -1.85 1.11
N GLY A 33 17.00 -0.85 1.90
CA GLY A 33 16.60 0.52 1.61
C GLY A 33 17.50 1.14 0.54
N LYS A 34 17.72 0.38 -0.52
CA LYS A 34 18.56 0.84 -1.61
C LYS A 34 17.94 0.41 -2.94
N ASP A 35 17.53 -0.85 -2.98
CA ASP A 35 16.92 -1.40 -4.19
C ASP A 35 15.40 -1.25 -4.10
N VAL A 36 14.99 -0.15 -3.49
CA VAL A 36 13.57 0.14 -3.34
C VAL A 36 13.27 1.53 -3.89
N VAL A 37 11.99 1.82 -4.03
CA VAL A 37 11.55 3.11 -4.54
C VAL A 37 10.24 3.52 -3.85
N VAL A 38 10.30 4.66 -3.19
CA VAL A 38 9.12 5.17 -2.49
C VAL A 38 9.11 6.69 -2.58
N ASP A 39 8.43 7.19 -3.61
CA ASP A 39 8.33 8.62 -3.81
C ASP A 39 7.09 9.16 -3.08
N ILE A 40 7.29 9.49 -1.82
CA ILE A 40 6.21 10.01 -1.00
C ILE A 40 6.08 11.52 -1.24
N GLN A 41 5.27 11.86 -2.24
CA GLN A 41 5.05 13.25 -2.57
C GLN A 41 3.80 13.78 -1.87
N ARG A 42 3.61 15.09 -1.96
CA ARG A 42 2.47 15.73 -1.33
C ARG A 42 1.19 14.99 -1.71
N ARG A 43 1.05 14.73 -3.00
CA ARG A 43 -0.13 14.03 -3.50
C ARG A 43 0.27 13.06 -4.61
N HIS A 44 1.26 12.23 -4.30
CA HIS A 44 1.74 11.25 -5.26
C HIS A 44 2.55 10.17 -4.52
N LEU A 45 2.26 8.92 -4.86
CA LEU A 45 2.96 7.81 -4.24
C LEU A 45 3.45 6.86 -5.34
N ARG A 46 4.76 6.87 -5.54
CA ARG A 46 5.37 6.01 -6.54
C ARG A 46 6.26 4.95 -5.88
N VAL A 47 5.66 3.80 -5.64
CA VAL A 47 6.38 2.70 -5.02
C VAL A 47 6.72 1.65 -6.08
N GLY A 48 7.63 0.76 -5.70
CA GLY A 48 8.05 -0.30 -6.61
C GLY A 48 9.52 -0.65 -6.39
N LEU A 49 9.90 -1.82 -6.89
CA LEU A 49 11.28 -2.28 -6.76
C LEU A 49 12.15 -1.54 -7.77
N LYS A 50 13.24 -0.96 -7.26
CA LYS A 50 14.16 -0.23 -8.11
C LYS A 50 14.32 -0.97 -9.44
N GLY A 51 14.29 -0.18 -10.51
CA GLY A 51 14.43 -0.75 -11.85
C GLY A 51 13.10 -1.31 -12.35
N GLN A 52 12.43 -2.03 -11.45
CA GLN A 52 11.15 -2.63 -11.79
C GLN A 52 10.06 -1.55 -11.87
N PRO A 53 8.86 -1.98 -12.35
CA PRO A 53 7.74 -1.07 -12.48
C PRO A 53 7.11 -0.78 -11.11
N PRO A 54 6.64 0.49 -10.95
CA PRO A 54 6.02 0.91 -9.71
C PRO A 54 4.61 0.33 -9.57
N VAL A 55 4.46 -0.59 -8.62
CA VAL A 55 3.19 -1.22 -8.38
C VAL A 55 2.22 -0.20 -7.77
N VAL A 56 2.76 0.96 -7.45
CA VAL A 56 1.97 2.03 -6.86
C VAL A 56 2.32 3.35 -7.54
N ASP A 57 1.33 3.93 -8.20
CA ASP A 57 1.53 5.19 -8.89
C ASP A 57 0.17 5.87 -9.10
N GLY A 58 0.17 7.18 -8.88
CA GLY A 58 -1.05 7.96 -9.04
C GLY A 58 -1.11 9.09 -8.01
N GLU A 59 -1.90 10.10 -8.34
CA GLU A 59 -2.06 11.25 -7.45
C GLU A 59 -2.92 10.87 -6.25
N LEU A 60 -2.29 10.88 -5.08
CA LEU A 60 -2.98 10.54 -3.84
C LEU A 60 -4.32 11.25 -3.81
N TYR A 61 -5.19 10.80 -2.91
CA TYR A 61 -6.51 11.38 -2.77
C TYR A 61 -6.41 12.87 -2.42
N ASN A 62 -5.42 13.20 -1.60
CA ASN A 62 -5.22 14.57 -1.19
C ASN A 62 -3.79 14.73 -0.67
N GLU A 63 -3.42 15.98 -0.41
CA GLU A 63 -2.09 16.27 0.10
C GLU A 63 -1.82 15.49 1.38
N VAL A 64 -0.57 15.09 1.53
CA VAL A 64 -0.17 14.32 2.71
C VAL A 64 1.22 14.78 3.15
N LYS A 65 1.33 15.08 4.43
CA LYS A 65 2.60 15.52 4.99
C LYS A 65 3.69 14.52 4.63
N VAL A 66 4.47 14.88 3.62
CA VAL A 66 5.55 14.02 3.17
C VAL A 66 6.71 14.10 4.17
N GLU A 67 6.73 15.19 4.92
CA GLU A 67 7.77 15.39 5.91
C GLU A 67 7.54 14.48 7.12
N GLU A 68 6.33 13.97 7.22
CA GLU A 68 5.97 13.09 8.31
C GLU A 68 5.77 11.66 7.80
N SER A 69 5.71 11.54 6.49
CA SER A 69 5.53 10.24 5.85
C SER A 69 6.75 9.35 6.13
N SER A 70 6.49 8.05 6.15
CA SER A 70 7.54 7.09 6.41
C SER A 70 7.21 5.75 5.75
N TRP A 71 8.20 5.18 5.09
CA TRP A 71 8.02 3.90 4.42
C TRP A 71 9.11 2.94 4.92
N LEU A 72 8.76 1.67 4.93
CA LEU A 72 9.69 0.64 5.38
C LEU A 72 9.31 -0.71 4.75
N ILE A 73 10.23 -1.65 4.84
CA ILE A 73 10.00 -2.97 4.30
C ILE A 73 9.63 -3.93 5.42
N GLU A 74 8.34 -4.23 5.50
CA GLU A 74 7.84 -5.13 6.53
C GLU A 74 8.32 -6.57 6.25
N ASP A 75 8.75 -7.22 7.32
CA ASP A 75 9.23 -8.59 7.20
C ASP A 75 10.22 -8.68 6.03
N GLY A 76 10.81 -7.55 5.71
CA GLY A 76 11.78 -7.48 4.63
C GLY A 76 11.30 -8.30 3.43
N LYS A 77 10.11 -7.96 2.96
CA LYS A 77 9.53 -8.66 1.82
C LYS A 77 8.49 -7.76 1.15
N VAL A 78 7.74 -7.05 1.99
CA VAL A 78 6.71 -6.16 1.49
C VAL A 78 7.10 -4.72 1.81
N VAL A 79 6.93 -3.85 0.83
CA VAL A 79 7.26 -2.44 1.00
C VAL A 79 6.06 -1.71 1.58
N THR A 80 6.19 -1.33 2.84
CA THR A 80 5.13 -0.62 3.52
C THR A 80 5.34 0.89 3.43
N VAL A 81 4.24 1.62 3.34
CA VAL A 81 4.30 3.06 3.24
C VAL A 81 3.25 3.67 4.18
N HIS A 82 3.57 4.84 4.70
CA HIS A 82 2.67 5.54 5.60
C HIS A 82 2.62 7.03 5.23
N LEU A 83 1.43 7.46 4.86
CA LEU A 83 1.24 8.86 4.48
C LEU A 83 0.49 9.59 5.60
N GLU A 84 0.91 10.82 5.84
CA GLU A 84 0.29 11.63 6.88
C GLU A 84 -0.68 12.64 6.26
N LYS A 85 -1.95 12.48 6.60
CA LYS A 85 -2.98 13.36 6.08
C LYS A 85 -2.70 14.79 6.55
N ILE A 86 -3.00 15.73 5.66
CA ILE A 86 -2.79 17.14 5.98
C ILE A 86 -3.86 17.62 6.95
N ASN A 87 -5.03 16.97 6.85
CA ASN A 87 -6.15 17.32 7.72
C ASN A 87 -6.35 16.20 8.74
N LYS A 88 -6.07 14.99 8.31
CA LYS A 88 -6.22 13.83 9.18
C LYS A 88 -7.51 13.97 9.99
N MET A 89 -8.63 13.80 9.31
CA MET A 89 -9.92 13.90 9.96
C MET A 89 -10.97 13.07 9.23
N GLU A 90 -10.94 13.15 7.91
CA GLU A 90 -11.88 12.41 7.09
C GLU A 90 -11.31 11.03 6.75
N TRP A 91 -11.98 10.36 5.82
CA TRP A 91 -11.56 9.04 5.40
C TRP A 91 -11.38 9.07 3.88
N TRP A 92 -10.28 8.48 3.44
CA TRP A 92 -9.97 8.43 2.02
C TRP A 92 -10.76 7.27 1.40
N ASN A 93 -11.62 7.62 0.46
CA ASN A 93 -12.43 6.62 -0.21
C ASN A 93 -11.53 5.69 -1.03
N ARG A 94 -10.28 6.09 -1.14
CA ARG A 94 -9.30 5.30 -1.88
C ARG A 94 -7.88 5.67 -1.45
N LEU A 95 -6.95 5.42 -2.36
CA LEU A 95 -5.55 5.72 -2.08
C LEU A 95 -5.06 6.79 -3.07
N VAL A 96 -5.32 6.53 -4.35
CA VAL A 96 -4.92 7.45 -5.39
C VAL A 96 -6.12 7.78 -6.28
N THR A 97 -6.32 9.06 -6.50
CA THR A 97 -7.43 9.51 -7.33
C THR A 97 -7.61 8.59 -8.52
N SER A 98 -6.50 8.02 -8.98
CA SER A 98 -6.54 7.11 -10.12
C SER A 98 -5.12 6.95 -10.69
N ASP A 99 -4.86 5.75 -11.18
CA ASP A 99 -3.56 5.45 -11.76
C ASP A 99 -3.16 6.58 -12.71
N PRO A 100 -1.85 6.59 -13.08
CA PRO A 100 -1.32 7.60 -13.97
C PRO A 100 -1.76 7.34 -15.41
N GLU A 101 -0.99 6.51 -16.10
CA GLU A 101 -1.29 6.17 -17.47
C GLU A 101 -1.94 4.79 -17.55
N ILE A 102 -1.15 3.81 -17.94
CA ILE A 102 -1.64 2.45 -18.06
C ILE A 102 -0.87 1.54 -17.09
N ASN A 103 -1.50 0.43 -16.75
CA ASN A 103 -0.89 -0.53 -15.84
C ASN A 103 -1.89 -1.64 -15.52
N THR A 104 -1.49 -2.86 -15.82
CA THR A 104 -2.33 -4.02 -15.57
C THR A 104 -1.86 -4.77 -14.33
N LYS A 105 -2.83 -5.30 -13.59
CA LYS A 105 -2.53 -6.04 -12.38
C LYS A 105 -2.42 -7.54 -12.71
N LYS A 106 -2.28 -8.33 -11.66
CA LYS A 106 -2.17 -9.76 -11.83
C LYS A 106 -3.55 -10.41 -11.61
N ILE A 107 -3.55 -11.73 -11.65
CA ILE A 107 -4.79 -12.48 -11.46
C ILE A 107 -5.57 -11.88 -10.29
N ASN A 108 -4.82 -11.52 -9.25
CA ASN A 108 -5.43 -10.94 -8.06
C ASN A 108 -4.35 -10.74 -6.99
N PRO A 109 -4.58 -9.71 -6.14
CA PRO A 109 -3.64 -9.41 -5.07
C PRO A 109 -3.76 -10.43 -3.94
N GLU A 110 -5.00 -10.79 -3.63
CA GLU A 110 -5.26 -11.74 -2.57
C GLU A 110 -4.28 -11.54 -1.41
N ASN A 111 -4.68 -10.66 -0.49
CA ASN A 111 -3.84 -10.37 0.66
C ASN A 111 -4.50 -9.26 1.48
N SER A 112 -4.48 -9.45 2.80
CA SER A 112 -5.06 -8.48 3.71
C SER A 112 -4.64 -8.77 5.14
N LYS A 113 -3.33 -8.90 5.32
CA LYS A 113 -2.79 -9.18 6.64
C LYS A 113 -3.10 -8.02 7.59
N LEU A 114 -2.50 -8.08 8.77
CA LEU A 114 -2.71 -7.04 9.76
C LEU A 114 -1.46 -6.92 10.63
N SER A 115 -0.76 -5.80 10.45
CA SER A 115 0.45 -5.54 11.20
C SER A 115 0.28 -4.28 12.05
N ASP A 116 -0.05 -4.50 13.31
CA ASP A 116 -0.25 -3.39 14.24
C ASP A 116 0.38 -3.74 15.59
N LEU A 117 1.68 -3.48 15.67
CA LEU A 117 2.41 -3.76 16.90
C LEU A 117 1.89 -2.85 18.02
N ASP A 118 1.07 -3.44 18.87
CA ASP A 118 0.50 -2.71 19.98
C ASP A 118 -0.25 -3.67 20.90
N SER A 119 -0.21 -3.36 22.19
CA SER A 119 -0.88 -4.20 23.18
C SER A 119 -2.32 -3.71 23.39
N GLU A 120 -3.15 -4.00 22.41
CA GLU A 120 -4.56 -3.60 22.48
C GLU A 120 -5.46 -4.82 22.38
N THR A 121 -5.92 -5.26 23.55
CA THR A 121 -6.80 -6.43 23.61
C THR A 121 -8.12 -6.05 24.28
N ARG A 122 -9.17 -6.75 23.88
CA ARG A 122 -10.49 -6.51 24.43
C ARG A 122 -10.93 -7.69 25.30
N SER A 123 -11.02 -7.44 26.59
CA SER A 123 -11.43 -8.47 27.53
C SER A 123 -12.74 -8.07 28.19
N MET A 124 -13.54 -9.10 28.49
CA MET A 124 -14.84 -8.87 29.12
C MET A 124 -15.19 -10.03 30.06
N VAL A 125 -14.75 -9.90 31.30
CA VAL A 125 -15.01 -10.92 32.30
C VAL A 125 -14.48 -10.44 33.66
N SER A 126 -15.38 -10.42 34.63
CA SER A 126 -15.01 -9.99 35.98
C SER A 126 -15.14 -11.16 36.95
N GLY A 127 -14.11 -11.32 37.77
CA GLY A 127 -14.10 -12.39 38.75
C GLY A 127 -12.84 -12.30 39.62
N PRO A 128 -13.04 -11.81 40.88
CA PRO A 128 -11.95 -11.68 41.82
C PRO A 128 -11.55 -13.04 42.38
N SER A 129 -10.51 -13.02 43.22
CA SER A 129 -10.01 -14.24 43.83
C SER A 129 -9.17 -13.89 45.07
N SER A 130 -9.19 -14.82 46.02
CA SER A 130 -8.44 -14.63 47.25
C SER A 130 -8.16 -15.99 47.90
N GLY A 131 -7.29 -15.96 48.89
CA GLY A 131 -6.92 -17.17 49.61
C GLY A 131 -5.49 -17.10 50.12
N GLY A 1 2.54 -15.45 -19.06
CA GLY A 1 1.31 -14.82 -19.50
C GLY A 1 0.14 -15.81 -19.47
N SER A 2 -0.94 -15.37 -18.84
CA SER A 2 -2.12 -16.21 -18.72
C SER A 2 -3.10 -15.60 -17.71
N SER A 3 -4.33 -16.09 -17.77
CA SER A 3 -5.37 -15.61 -16.87
C SER A 3 -5.76 -14.18 -17.24
N GLY A 4 -6.85 -13.72 -16.65
CA GLY A 4 -7.35 -12.38 -16.91
C GLY A 4 -6.85 -11.40 -15.84
N SER A 5 -7.78 -10.58 -15.36
CA SER A 5 -7.46 -9.59 -14.34
C SER A 5 -8.74 -9.03 -13.74
N SER A 6 -8.74 -8.94 -12.42
CA SER A 6 -9.90 -8.42 -11.71
C SER A 6 -9.64 -8.45 -10.20
N GLY A 7 -9.05 -7.37 -9.71
CA GLY A 7 -8.75 -7.26 -8.29
C GLY A 7 -7.54 -6.35 -8.06
N PRO A 8 -7.31 -6.01 -6.76
CA PRO A 8 -6.21 -5.15 -6.39
C PRO A 8 -4.87 -5.91 -6.46
N ASN A 9 -3.87 -5.35 -5.80
CA ASN A 9 -2.56 -5.95 -5.77
C ASN A 9 -1.91 -5.69 -4.42
N TYR A 10 -1.97 -4.44 -4.00
CA TYR A 10 -1.39 -4.04 -2.73
C TYR A 10 -2.48 -3.64 -1.73
N ARG A 11 -2.12 -3.68 -0.46
CA ARG A 11 -3.06 -3.33 0.60
C ARG A 11 -2.79 -1.90 1.09
N TRP A 12 -3.87 -1.25 1.52
CA TRP A 12 -3.76 0.12 2.01
C TRP A 12 -4.97 0.39 2.91
N THR A 13 -4.69 0.96 4.07
CA THR A 13 -5.73 1.27 5.03
C THR A 13 -5.62 2.73 5.48
N GLN A 14 -6.40 3.05 6.52
CA GLN A 14 -6.39 4.40 7.05
C GLN A 14 -7.37 4.51 8.22
N THR A 15 -7.04 5.38 9.15
CA THR A 15 -7.88 5.59 10.33
C THR A 15 -8.52 6.98 10.28
N LEU A 16 -8.76 7.44 9.05
CA LEU A 16 -9.37 8.75 8.86
C LEU A 16 -8.39 9.83 9.29
N ALA A 17 -7.15 9.41 9.54
CA ALA A 17 -6.12 10.33 9.96
C ALA A 17 -4.81 9.97 9.25
N GLU A 18 -4.47 8.70 9.32
CA GLU A 18 -3.25 8.21 8.70
C GLU A 18 -3.58 7.22 7.58
N LEU A 19 -2.62 7.03 6.69
CA LEU A 19 -2.80 6.11 5.58
C LEU A 19 -1.69 5.06 5.61
N ASP A 20 -2.11 3.81 5.64
CA ASP A 20 -1.18 2.70 5.67
C ASP A 20 -1.15 2.02 4.29
N LEU A 21 0.01 1.46 3.97
CA LEU A 21 0.18 0.78 2.69
C LEU A 21 1.25 -0.30 2.84
N ALA A 22 1.01 -1.42 2.18
CA ALA A 22 1.96 -2.53 2.22
C ALA A 22 1.97 -3.24 0.86
N VAL A 23 3.15 -3.28 0.26
CA VAL A 23 3.31 -3.91 -1.04
C VAL A 23 4.33 -5.04 -0.91
N PRO A 24 3.80 -6.30 -0.86
CA PRO A 24 4.65 -7.47 -0.74
C PRO A 24 5.32 -7.79 -2.08
N PHE A 25 6.60 -8.17 -1.98
CA PHE A 25 7.37 -8.50 -3.16
C PHE A 25 7.91 -9.93 -3.08
N ARG A 26 7.84 -10.62 -4.21
CA ARG A 26 8.33 -11.99 -4.27
C ARG A 26 9.86 -12.01 -4.39
N VAL A 27 10.51 -11.91 -3.24
CA VAL A 27 11.97 -11.91 -3.21
C VAL A 27 12.44 -13.01 -2.26
N SER A 28 13.70 -13.40 -2.44
CA SER A 28 14.29 -14.44 -1.61
C SER A 28 15.32 -13.83 -0.67
N PHE A 29 15.33 -12.51 -0.62
CA PHE A 29 16.26 -11.80 0.23
C PHE A 29 15.57 -10.62 0.93
N ARG A 30 16.24 -10.11 1.97
CA ARG A 30 15.71 -8.99 2.72
C ARG A 30 15.86 -7.69 1.92
N LEU A 31 14.84 -7.40 1.12
CA LEU A 31 14.86 -6.19 0.31
C LEU A 31 15.41 -5.03 1.13
N LYS A 32 16.28 -4.25 0.50
CA LYS A 32 16.88 -3.11 1.16
C LYS A 32 16.11 -1.85 0.79
N GLY A 33 16.69 -0.71 1.15
CA GLY A 33 16.06 0.57 0.87
C GLY A 33 16.75 1.26 -0.31
N LYS A 34 17.16 0.46 -1.27
CA LYS A 34 17.83 0.98 -2.45
C LYS A 34 17.25 0.30 -3.70
N ASP A 35 17.15 -1.01 -3.63
CA ASP A 35 16.63 -1.79 -4.74
C ASP A 35 15.15 -1.45 -4.93
N VAL A 36 14.61 -0.70 -3.97
CA VAL A 36 13.21 -0.31 -4.02
C VAL A 36 13.13 1.18 -4.33
N VAL A 37 11.93 1.61 -4.72
CA VAL A 37 11.72 3.01 -5.04
C VAL A 37 10.40 3.47 -4.40
N VAL A 38 10.54 4.13 -3.28
CA VAL A 38 9.37 4.64 -2.56
C VAL A 38 9.43 6.16 -2.49
N ASP A 39 8.79 6.80 -3.46
CA ASP A 39 8.77 8.24 -3.52
C ASP A 39 7.45 8.75 -2.93
N ILE A 40 7.57 9.38 -1.77
CA ILE A 40 6.39 9.92 -1.09
C ILE A 40 6.40 11.44 -1.22
N GLN A 41 5.63 11.93 -2.18
CA GLN A 41 5.53 13.36 -2.41
C GLN A 41 4.30 13.92 -1.70
N ARG A 42 4.21 15.25 -1.71
CA ARG A 42 3.10 15.93 -1.07
C ARG A 42 1.77 15.34 -1.55
N ARG A 43 1.59 15.38 -2.87
CA ARG A 43 0.37 14.85 -3.46
C ARG A 43 0.71 13.84 -4.57
N HIS A 44 1.54 12.87 -4.20
CA HIS A 44 1.95 11.84 -5.14
C HIS A 44 2.73 10.76 -4.40
N LEU A 45 2.20 9.54 -4.48
CA LEU A 45 2.84 8.41 -3.82
C LEU A 45 3.30 7.41 -4.89
N ARG A 46 4.55 6.99 -4.75
CA ARG A 46 5.12 6.04 -5.68
C ARG A 46 5.99 5.01 -4.94
N VAL A 47 5.66 3.75 -5.13
CA VAL A 47 6.39 2.68 -4.49
C VAL A 47 6.54 1.52 -5.47
N GLY A 48 7.77 1.32 -5.91
CA GLY A 48 8.07 0.24 -6.85
C GLY A 48 9.48 -0.30 -6.63
N LEU A 49 9.82 -1.32 -7.42
CA LEU A 49 11.13 -1.94 -7.32
C LEU A 49 12.00 -1.47 -8.49
N LYS A 50 13.03 -0.71 -8.15
CA LYS A 50 13.94 -0.19 -9.15
C LYS A 50 14.13 -1.24 -10.25
N GLY A 51 13.86 -0.82 -11.48
CA GLY A 51 14.00 -1.71 -12.62
C GLY A 51 12.69 -2.47 -12.88
N GLN A 52 11.94 -2.68 -11.81
CA GLN A 52 10.68 -3.39 -11.91
C GLN A 52 9.51 -2.40 -11.93
N PRO A 53 8.30 -2.95 -12.20
CA PRO A 53 7.10 -2.13 -12.25
C PRO A 53 6.65 -1.73 -10.85
N PRO A 54 6.35 -0.41 -10.69
CA PRO A 54 5.90 0.11 -9.41
C PRO A 54 4.45 -0.29 -9.14
N VAL A 55 4.17 -0.53 -7.86
CA VAL A 55 2.82 -0.91 -7.46
C VAL A 55 2.00 0.34 -7.16
N VAL A 56 2.68 1.35 -6.63
CA VAL A 56 2.03 2.60 -6.31
C VAL A 56 2.60 3.71 -7.20
N ASP A 57 1.69 4.51 -7.73
CA ASP A 57 2.07 5.61 -8.60
C ASP A 57 0.82 6.41 -9.00
N GLY A 58 0.57 7.47 -8.25
CA GLY A 58 -0.57 8.31 -8.53
C GLY A 58 -0.70 9.42 -7.47
N GLU A 59 -1.41 10.48 -7.86
CA GLU A 59 -1.60 11.60 -6.97
C GLU A 59 -2.51 11.21 -5.81
N LEU A 60 -2.20 11.76 -4.64
CA LEU A 60 -2.98 11.48 -3.45
C LEU A 60 -4.28 12.26 -3.50
N TYR A 61 -5.34 11.65 -2.97
CA TYR A 61 -6.64 12.28 -2.95
C TYR A 61 -6.62 13.56 -2.10
N ASN A 62 -5.51 13.76 -1.42
CA ASN A 62 -5.35 14.93 -0.58
C ASN A 62 -3.89 15.06 -0.16
N GLU A 63 -3.32 16.22 -0.44
CA GLU A 63 -1.93 16.49 -0.10
C GLU A 63 -1.56 15.78 1.20
N VAL A 64 -0.61 14.85 1.09
CA VAL A 64 -0.17 14.10 2.25
C VAL A 64 1.20 14.63 2.70
N LYS A 65 1.29 14.95 3.98
CA LYS A 65 2.52 15.47 4.54
C LYS A 65 3.63 14.42 4.37
N VAL A 66 4.53 14.71 3.45
CA VAL A 66 5.63 13.81 3.18
C VAL A 66 6.58 13.78 4.38
N GLU A 67 6.63 14.91 5.07
CA GLU A 67 7.48 15.04 6.24
C GLU A 67 7.03 14.06 7.33
N GLU A 68 5.73 13.78 7.34
CA GLU A 68 5.17 12.87 8.30
C GLU A 68 5.00 11.47 7.70
N SER A 69 5.45 11.35 6.45
CA SER A 69 5.35 10.09 5.74
C SER A 69 6.62 9.27 5.96
N SER A 70 6.44 7.98 6.18
CA SER A 70 7.55 7.08 6.41
C SER A 70 7.20 5.67 5.93
N TRP A 71 8.13 5.06 5.21
CA TRP A 71 7.93 3.72 4.70
C TRP A 71 9.04 2.83 5.27
N LEU A 72 8.80 1.53 5.18
CA LEU A 72 9.77 0.56 5.68
C LEU A 72 9.49 -0.80 5.06
N ILE A 73 10.49 -1.67 5.12
CA ILE A 73 10.36 -3.00 4.56
C ILE A 73 10.21 -4.02 5.70
N GLU A 74 8.98 -4.49 5.86
CA GLU A 74 8.70 -5.46 6.90
C GLU A 74 9.28 -6.83 6.54
N ASP A 75 9.89 -7.46 7.53
CA ASP A 75 10.48 -8.77 7.34
C ASP A 75 11.23 -8.78 6.00
N GLY A 76 11.70 -7.60 5.61
CA GLY A 76 12.42 -7.46 4.36
C GLY A 76 11.80 -8.31 3.26
N LYS A 77 10.49 -8.15 3.12
CA LYS A 77 9.75 -8.89 2.10
C LYS A 77 8.70 -7.98 1.47
N VAL A 78 7.98 -7.29 2.33
CA VAL A 78 6.94 -6.37 1.87
C VAL A 78 7.31 -4.94 2.25
N VAL A 79 6.96 -4.01 1.37
CA VAL A 79 7.26 -2.61 1.61
C VAL A 79 6.03 -1.93 2.20
N THR A 80 6.21 -1.40 3.40
CA THR A 80 5.13 -0.72 4.09
C THR A 80 5.32 0.79 4.01
N VAL A 81 4.23 1.48 3.68
CA VAL A 81 4.27 2.93 3.58
C VAL A 81 3.23 3.54 4.53
N HIS A 82 3.59 4.68 5.09
CA HIS A 82 2.70 5.38 6.01
C HIS A 82 2.56 6.83 5.59
N LEU A 83 1.41 7.14 5.01
CA LEU A 83 1.14 8.49 4.56
C LEU A 83 0.44 9.26 5.67
N GLU A 84 0.49 10.59 5.56
CA GLU A 84 -0.14 11.45 6.55
C GLU A 84 -0.87 12.60 5.86
N LYS A 85 -2.19 12.53 5.91
CA LYS A 85 -3.01 13.57 5.30
C LYS A 85 -2.69 14.92 5.95
N ILE A 86 -2.77 15.96 5.12
CA ILE A 86 -2.49 17.31 5.60
C ILE A 86 -3.64 17.77 6.49
N ASN A 87 -4.83 17.26 6.20
CA ASN A 87 -6.01 17.62 6.96
C ASN A 87 -6.34 16.49 7.94
N LYS A 88 -5.97 15.27 7.54
CA LYS A 88 -6.22 14.11 8.37
C LYS A 88 -7.51 14.32 9.16
N MET A 89 -8.63 14.27 8.44
CA MET A 89 -9.93 14.44 9.06
C MET A 89 -11.02 13.81 8.20
N GLU A 90 -10.93 14.05 6.91
CA GLU A 90 -11.91 13.53 5.97
C GLU A 90 -11.58 12.08 5.62
N TRP A 91 -12.47 11.47 4.84
CA TRP A 91 -12.28 10.09 4.43
C TRP A 91 -11.98 10.09 2.93
N TRP A 92 -10.89 9.41 2.59
CA TRP A 92 -10.48 9.32 1.19
C TRP A 92 -11.48 8.42 0.46
N ASN A 93 -11.42 8.46 -0.86
CA ASN A 93 -12.31 7.65 -1.68
C ASN A 93 -11.48 6.62 -2.45
N ARG A 94 -10.19 6.89 -2.56
CA ARG A 94 -9.29 6.00 -3.25
C ARG A 94 -7.83 6.30 -2.88
N LEU A 95 -7.09 5.25 -2.59
CA LEU A 95 -5.69 5.40 -2.23
C LEU A 95 -5.09 6.57 -3.00
N VAL A 96 -5.10 6.44 -4.31
CA VAL A 96 -4.55 7.47 -5.17
C VAL A 96 -5.64 7.94 -6.14
N THR A 97 -5.36 9.07 -6.78
CA THR A 97 -6.31 9.63 -7.74
C THR A 97 -6.08 9.05 -9.13
N SER A 98 -4.81 8.77 -9.42
CA SER A 98 -4.44 8.21 -10.70
C SER A 98 -3.56 6.97 -10.50
N ASP A 99 -4.23 5.83 -10.32
CA ASP A 99 -3.52 4.58 -10.13
C ASP A 99 -3.25 3.93 -11.48
N PRO A 100 -2.11 3.19 -11.55
CA PRO A 100 -1.72 2.51 -12.77
C PRO A 100 -2.58 1.27 -13.01
N GLU A 101 -2.42 0.30 -12.11
CA GLU A 101 -3.18 -0.94 -12.21
C GLU A 101 -2.64 -1.79 -13.37
N ILE A 102 -2.30 -3.02 -13.03
CA ILE A 102 -1.78 -3.94 -14.04
C ILE A 102 -2.89 -4.90 -14.47
N ASN A 103 -2.58 -5.71 -15.47
CA ASN A 103 -3.53 -6.67 -15.98
C ASN A 103 -3.26 -8.04 -15.36
N THR A 104 -2.86 -8.01 -14.10
CA THR A 104 -2.56 -9.25 -13.37
C THR A 104 -3.77 -9.69 -12.55
N LYS A 105 -3.73 -10.94 -12.12
CA LYS A 105 -4.81 -11.50 -11.32
C LYS A 105 -4.47 -11.36 -9.84
N LYS A 106 -5.47 -11.64 -9.01
CA LYS A 106 -5.28 -11.55 -7.57
C LYS A 106 -4.71 -12.87 -7.06
N ILE A 107 -3.41 -13.03 -7.24
CA ILE A 107 -2.73 -14.24 -6.80
C ILE A 107 -3.36 -14.72 -5.49
N ASN A 108 -2.96 -14.07 -4.41
CA ASN A 108 -3.46 -14.43 -3.09
C ASN A 108 -3.17 -13.27 -2.11
N PRO A 109 -4.20 -12.96 -1.29
CA PRO A 109 -4.07 -11.89 -0.31
C PRO A 109 -3.20 -12.33 0.88
N GLU A 110 -3.73 -13.28 1.63
CA GLU A 110 -3.02 -13.80 2.79
C GLU A 110 -2.84 -12.70 3.85
N ASN A 111 -3.50 -12.92 4.99
CA ASN A 111 -3.42 -11.97 6.08
C ASN A 111 -3.36 -12.72 7.40
N SER A 112 -2.75 -12.07 8.39
CA SER A 112 -2.62 -12.67 9.71
C SER A 112 -2.19 -11.60 10.71
N LYS A 113 -2.67 -11.77 11.94
CA LYS A 113 -2.34 -10.84 13.01
C LYS A 113 -2.32 -11.57 14.34
N LEU A 114 -1.37 -11.19 15.18
CA LEU A 114 -1.22 -11.81 16.49
C LEU A 114 -0.87 -10.74 17.52
N SER A 115 -1.91 -10.15 18.10
CA SER A 115 -1.72 -9.12 19.10
C SER A 115 -0.92 -9.68 20.28
N ASP A 116 -1.53 -10.64 20.97
CA ASP A 116 -0.89 -11.26 22.11
C ASP A 116 -0.66 -10.20 23.20
N LEU A 117 -1.51 -9.17 23.17
CA LEU A 117 -1.40 -8.10 24.13
C LEU A 117 -1.84 -8.62 25.50
N ASP A 118 -1.43 -7.88 26.53
CA ASP A 118 -1.77 -8.25 27.90
C ASP A 118 -2.22 -7.00 28.65
N SER A 119 -2.13 -7.08 29.97
CA SER A 119 -2.51 -5.97 30.83
C SER A 119 -2.34 -6.36 32.30
N GLU A 120 -1.66 -5.49 33.04
CA GLU A 120 -1.43 -5.72 34.45
C GLU A 120 -2.76 -5.74 35.21
N THR A 121 -2.70 -5.25 36.44
CA THR A 121 -3.88 -5.20 37.28
C THR A 121 -3.69 -4.19 38.42
N ARG A 122 -4.64 -4.20 39.33
CA ARG A 122 -4.57 -3.29 40.48
C ARG A 122 -5.42 -3.84 41.63
N SER A 123 -5.45 -3.07 42.72
CA SER A 123 -6.20 -3.47 43.89
C SER A 123 -6.52 -2.24 44.75
N MET A 124 -7.47 -2.42 45.66
CA MET A 124 -7.87 -1.34 46.54
C MET A 124 -8.94 -1.81 47.53
N VAL A 125 -9.00 -1.12 48.66
CA VAL A 125 -9.98 -1.45 49.68
C VAL A 125 -10.91 -0.26 49.90
N SER A 126 -11.36 -0.12 51.13
CA SER A 126 -12.26 0.97 51.49
C SER A 126 -12.54 0.95 52.99
N GLY A 127 -12.21 2.06 53.64
CA GLY A 127 -12.42 2.18 55.07
C GLY A 127 -13.27 3.40 55.40
N PRO A 128 -14.61 3.15 55.56
CA PRO A 128 -15.54 4.22 55.87
C PRO A 128 -15.40 4.65 57.34
N SER A 129 -16.27 5.56 57.73
CA SER A 129 -16.27 6.07 59.09
C SER A 129 -17.68 6.51 59.49
N SER A 130 -17.79 6.94 60.75
CA SER A 130 -19.07 7.39 61.27
C SER A 130 -18.87 8.13 62.58
N GLY A 131 -19.47 9.31 62.65
CA GLY A 131 -19.36 10.15 63.84
C GLY A 131 -20.60 10.01 64.72
#